data_1S6I
#
_entry.id   1S6I
#
loop_
_entity.id
_entity.type
_entity.pdbx_description
1 polymer 'Calcium-dependent protein kinase SK5'
2 non-polymer 'CALCIUM ION'
#
_entity_poly.entity_id   1
_entity_poly.type   'polypeptide(L)'
_entity_poly.pdbx_seq_one_letter_code
;AERLSEEEIGGLKELFKMIDTDNSGTITFDELKDGLKRVGSELMESEIKDLMDAADIDKSGTIDYGEFIAATVHLNKLER
EENLVSAFSYFDKDGSGYITLDEIQQACKDFGLDDIHIDDMIKEIDQDNDGQIDYGEFAAMMRKRKGNGGIGRRTMRKTL
NLRDALGLVDNGSNQVIEGYFKHHHHHH
;
_entity_poly.pdbx_strand_id   A
#
loop_
_chem_comp.id
_chem_comp.type
_chem_comp.name
_chem_comp.formula
CA non-polymer 'CALCIUM ION' 'Ca 2'
#
# COMPACT_ATOMS: atom_id res chain seq x y z
N ALA A 1 12.92 -8.58 -13.95
CA ALA A 1 13.85 -7.60 -13.35
C ALA A 1 14.42 -8.11 -12.03
N GLU A 2 15.44 -7.42 -11.53
CA GLU A 2 16.08 -7.81 -10.27
C GLU A 2 16.12 -6.64 -9.30
N ARG A 3 15.81 -5.45 -9.78
CA ARG A 3 15.80 -4.25 -8.96
C ARG A 3 15.01 -3.13 -9.62
N LEU A 4 13.92 -2.73 -8.98
CA LEU A 4 13.06 -1.68 -9.51
C LEU A 4 12.20 -1.06 -8.41
N SER A 5 11.65 -1.92 -7.55
CA SER A 5 10.81 -1.48 -6.45
C SER A 5 11.62 -1.35 -5.17
N GLU A 6 10.96 -0.93 -4.09
CA GLU A 6 11.63 -0.78 -2.80
C GLU A 6 11.18 -1.86 -1.82
N GLU A 7 11.07 -3.08 -2.31
CA GLU A 7 10.64 -4.22 -1.48
C GLU A 7 11.67 -4.49 -0.38
N GLU A 8 12.87 -3.95 -0.56
CA GLU A 8 13.94 -4.12 0.41
C GLU A 8 13.57 -3.54 1.77
N ILE A 9 12.97 -2.35 1.76
CA ILE A 9 12.56 -1.68 2.99
C ILE A 9 11.43 -2.44 3.68
N GLY A 10 10.27 -2.41 3.06
CA GLY A 10 9.11 -3.08 3.61
C GLY A 10 8.00 -3.21 2.60
N GLY A 11 7.01 -4.05 2.87
CA GLY A 11 5.90 -4.21 1.96
C GLY A 11 5.12 -2.91 1.79
N LEU A 12 5.67 -2.00 1.00
CA LEU A 12 5.04 -0.71 0.76
C LEU A 12 4.08 -0.79 -0.42
N LYS A 13 4.52 -1.40 -1.51
CA LYS A 13 3.66 -1.56 -2.67
C LYS A 13 2.40 -2.27 -2.25
N GLU A 14 2.53 -3.13 -1.25
CA GLU A 14 1.41 -3.85 -0.69
C GLU A 14 0.61 -2.91 0.20
N LEU A 15 1.33 -2.07 0.93
CA LEU A 15 0.70 -1.09 1.80
C LEU A 15 -0.28 -0.25 1.01
N PHE A 16 0.00 -0.10 -0.27
CA PHE A 16 -0.84 0.67 -1.16
C PHE A 16 -2.15 -0.06 -1.41
N LYS A 17 -2.07 -1.36 -1.68
CA LYS A 17 -3.27 -2.16 -1.92
C LYS A 17 -3.86 -2.55 -0.58
N MET A 18 -3.05 -2.32 0.44
CA MET A 18 -3.43 -2.61 1.80
C MET A 18 -4.62 -1.73 2.15
N ILE A 19 -4.71 -0.60 1.45
CA ILE A 19 -5.79 0.35 1.64
C ILE A 19 -6.99 -0.01 0.79
N ASP A 20 -6.78 -0.08 -0.52
CA ASP A 20 -7.84 -0.43 -1.47
C ASP A 20 -7.98 -1.94 -1.57
N THR A 21 -8.23 -2.55 -0.42
CA THR A 21 -8.36 -4.00 -0.32
C THR A 21 -9.74 -4.48 -0.74
N ASP A 22 -10.65 -3.55 -0.99
CA ASP A 22 -12.01 -3.92 -1.37
C ASP A 22 -12.47 -3.19 -2.63
N ASN A 23 -11.74 -2.14 -3.03
CA ASN A 23 -12.12 -1.38 -4.20
C ASN A 23 -11.79 -2.15 -5.49
N SER A 24 -10.56 -1.99 -5.95
CA SER A 24 -10.12 -2.65 -7.18
C SER A 24 -8.65 -2.37 -7.44
N GLY A 25 -8.00 -1.71 -6.49
CA GLY A 25 -6.61 -1.34 -6.64
C GLY A 25 -6.46 0.16 -6.77
N THR A 26 -7.37 0.89 -6.11
CA THR A 26 -7.36 2.34 -6.10
C THR A 26 -7.94 2.86 -4.79
N ILE A 27 -7.42 3.97 -4.32
CA ILE A 27 -7.84 4.53 -3.05
C ILE A 27 -8.77 5.71 -3.19
N THR A 28 -10.05 5.47 -2.96
CA THR A 28 -11.01 6.54 -3.05
C THR A 28 -11.42 7.01 -1.66
N PHE A 29 -12.05 8.17 -1.61
CA PHE A 29 -12.47 8.81 -0.35
C PHE A 29 -12.89 7.78 0.71
N ASP A 30 -13.53 6.70 0.29
CA ASP A 30 -13.98 5.67 1.22
C ASP A 30 -12.82 4.79 1.69
N GLU A 31 -12.02 4.29 0.75
CA GLU A 31 -10.88 3.45 1.09
C GLU A 31 -9.74 4.28 1.64
N LEU A 32 -9.77 5.58 1.35
CA LEU A 32 -8.75 6.49 1.84
C LEU A 32 -8.51 6.22 3.31
N LYS A 33 -9.62 6.12 4.02
CA LYS A 33 -9.63 5.85 5.45
C LYS A 33 -9.56 4.34 5.74
N ASP A 34 -10.46 3.59 5.11
CA ASP A 34 -10.54 2.14 5.29
C ASP A 34 -9.15 1.50 5.46
N GLY A 35 -8.18 2.02 4.73
CA GLY A 35 -6.84 1.48 4.80
C GLY A 35 -6.12 1.70 6.13
N LEU A 36 -5.96 2.94 6.58
CA LEU A 36 -5.23 3.20 7.83
C LEU A 36 -6.04 2.80 9.05
N LYS A 37 -7.36 2.86 8.94
CA LYS A 37 -8.20 2.47 10.06
C LYS A 37 -8.06 0.99 10.34
N ARG A 38 -7.29 0.29 9.49
CA ARG A 38 -7.06 -1.14 9.63
C ARG A 38 -5.87 -1.40 10.55
N VAL A 39 -4.80 -0.64 10.39
CA VAL A 39 -3.59 -0.81 11.20
C VAL A 39 -3.78 -0.29 12.62
N GLY A 40 -4.97 0.22 12.92
CA GLY A 40 -5.24 0.73 14.25
C GLY A 40 -5.49 2.23 14.25
N SER A 41 -4.75 2.95 13.41
CA SER A 41 -4.89 4.40 13.29
C SER A 41 -6.35 4.78 13.06
N GLU A 42 -6.72 5.99 13.48
CA GLU A 42 -8.11 6.44 13.30
C GLU A 42 -8.19 7.92 12.97
N LEU A 43 -8.45 8.22 11.70
CA LEU A 43 -8.57 9.57 11.20
C LEU A 43 -10.04 9.92 10.93
N MET A 44 -10.32 11.20 10.72
CA MET A 44 -11.67 11.67 10.43
C MET A 44 -11.79 11.98 8.96
N GLU A 45 -13.03 12.14 8.48
CA GLU A 45 -13.25 12.44 7.07
C GLU A 45 -12.36 13.59 6.64
N SER A 46 -12.48 14.76 7.27
CA SER A 46 -11.67 15.92 6.93
C SER A 46 -10.23 15.55 6.61
N GLU A 47 -9.69 14.55 7.31
CA GLU A 47 -8.32 14.10 7.07
C GLU A 47 -8.20 13.49 5.69
N ILE A 48 -9.21 12.70 5.31
CA ILE A 48 -9.26 12.06 4.01
C ILE A 48 -9.16 13.09 2.89
N LYS A 49 -10.13 13.99 2.86
CA LYS A 49 -10.16 15.03 1.83
C LYS A 49 -8.96 15.95 1.97
N ASP A 50 -8.42 16.03 3.19
CA ASP A 50 -7.26 16.86 3.45
C ASP A 50 -6.03 16.24 2.80
N LEU A 51 -5.97 14.92 2.85
CA LEU A 51 -4.86 14.19 2.28
C LEU A 51 -5.00 14.14 0.76
N MET A 52 -6.23 14.30 0.28
CA MET A 52 -6.48 14.30 -1.15
C MET A 52 -5.96 15.56 -1.83
N ASP A 53 -6.22 16.70 -1.22
CA ASP A 53 -5.78 17.96 -1.80
C ASP A 53 -4.36 18.33 -1.37
N ALA A 54 -3.98 17.90 -0.18
CA ALA A 54 -2.65 18.21 0.34
C ALA A 54 -1.61 17.14 0.01
N ALA A 55 -2.06 15.92 -0.34
CA ALA A 55 -1.12 14.84 -0.64
C ALA A 55 -1.39 14.18 -2.00
N ASP A 56 -2.65 13.90 -2.30
CA ASP A 56 -2.98 13.27 -3.57
C ASP A 56 -2.56 14.17 -4.72
N ILE A 57 -1.37 13.89 -5.26
CA ILE A 57 -0.79 14.67 -6.35
C ILE A 57 -1.78 14.89 -7.49
N ASP A 58 -2.78 14.01 -7.57
CA ASP A 58 -3.80 14.10 -8.63
C ASP A 58 -5.20 14.06 -8.03
N LYS A 59 -5.41 14.80 -6.95
CA LYS A 59 -6.66 14.83 -6.23
C LYS A 59 -7.87 14.62 -7.14
N SER A 60 -8.23 13.36 -7.30
CA SER A 60 -9.37 12.96 -8.10
C SER A 60 -10.25 12.06 -7.25
N GLY A 61 -10.04 12.14 -5.94
CA GLY A 61 -10.77 11.34 -4.99
C GLY A 61 -10.36 9.88 -5.06
N THR A 62 -9.19 9.64 -5.67
CA THR A 62 -8.66 8.29 -5.83
C THR A 62 -7.13 8.32 -5.86
N ILE A 63 -6.50 7.51 -5.01
CA ILE A 63 -5.05 7.47 -4.92
C ILE A 63 -4.52 6.17 -5.51
N ASP A 64 -3.55 6.30 -6.41
CA ASP A 64 -2.93 5.15 -7.03
C ASP A 64 -1.55 4.91 -6.44
N TYR A 65 -0.98 3.73 -6.73
CA TYR A 65 0.33 3.36 -6.22
C TYR A 65 1.25 4.57 -6.13
N GLY A 66 1.28 5.38 -7.18
CA GLY A 66 2.13 6.55 -7.19
C GLY A 66 1.72 7.56 -6.13
N GLU A 67 0.52 8.11 -6.28
CA GLU A 67 0.00 9.09 -5.33
C GLU A 67 0.11 8.57 -3.89
N PHE A 68 0.11 7.24 -3.74
CA PHE A 68 0.21 6.63 -2.43
C PHE A 68 1.54 6.93 -1.78
N ILE A 69 2.59 6.43 -2.42
CA ILE A 69 3.94 6.60 -1.93
C ILE A 69 4.27 8.07 -1.66
N ALA A 70 3.82 8.95 -2.55
CA ALA A 70 4.06 10.38 -2.38
C ALA A 70 3.30 10.92 -1.18
N ALA A 71 2.21 10.24 -0.84
CA ALA A 71 1.37 10.64 0.29
C ALA A 71 1.76 9.86 1.55
N THR A 72 2.56 8.82 1.38
CA THR A 72 3.01 7.99 2.48
C THR A 72 4.28 8.56 3.12
N VAL A 73 5.22 8.97 2.27
CA VAL A 73 6.47 9.54 2.73
C VAL A 73 6.23 10.89 3.42
N HIS A 74 5.07 11.47 3.16
CA HIS A 74 4.69 12.73 3.76
C HIS A 74 4.40 12.51 5.23
N LEU A 75 3.61 11.48 5.49
CA LEU A 75 3.27 11.11 6.84
C LEU A 75 4.40 10.29 7.44
N ASN A 76 5.45 10.09 6.65
CA ASN A 76 6.60 9.33 7.08
C ASN A 76 7.76 10.24 7.46
N LYS A 77 7.65 10.86 8.63
CA LYS A 77 8.68 11.76 9.13
C LYS A 77 8.33 12.24 10.55
N LEU A 78 8.87 13.38 10.93
CA LEU A 78 8.60 13.93 12.25
C LEU A 78 7.52 15.02 12.17
N GLU A 79 6.34 14.64 11.69
CA GLU A 79 5.24 15.60 11.55
C GLU A 79 4.20 15.39 12.65
N ARG A 80 3.53 16.48 13.03
CA ARG A 80 2.50 16.43 14.05
C ARG A 80 1.30 17.29 13.67
N GLU A 81 0.25 16.64 13.17
CA GLU A 81 -0.96 17.36 12.76
C GLU A 81 -2.13 16.39 12.55
N GLU A 82 -2.22 15.39 13.43
CA GLU A 82 -3.29 14.40 13.34
C GLU A 82 -4.50 14.83 14.16
N ASN A 83 -4.61 16.13 14.42
CA ASN A 83 -5.72 16.67 15.19
C ASN A 83 -6.67 17.45 14.31
N LEU A 84 -7.42 18.38 14.91
CA LEU A 84 -8.37 19.21 14.19
C LEU A 84 -7.71 19.98 13.07
N VAL A 85 -6.42 20.31 13.26
CA VAL A 85 -5.67 21.06 12.27
C VAL A 85 -5.90 20.53 10.84
N SER A 86 -6.21 19.24 10.74
CA SER A 86 -6.46 18.62 9.45
C SER A 86 -7.49 19.43 8.67
N ALA A 87 -8.64 19.66 9.29
CA ALA A 87 -9.70 20.45 8.67
C ALA A 87 -9.40 21.93 8.85
N PHE A 88 -8.92 22.29 10.02
CA PHE A 88 -8.56 23.68 10.34
C PHE A 88 -7.77 24.28 9.19
N SER A 89 -7.15 23.42 8.41
CA SER A 89 -6.37 23.85 7.27
C SER A 89 -7.24 23.94 6.02
N TYR A 90 -8.08 22.93 5.79
CA TYR A 90 -8.95 22.91 4.64
C TYR A 90 -10.28 23.59 4.98
N PHE A 91 -11.02 23.00 5.92
CA PHE A 91 -12.30 23.58 6.36
C PHE A 91 -12.05 25.03 6.74
N ASP A 92 -11.20 25.24 7.75
CA ASP A 92 -10.81 26.58 8.17
C ASP A 92 -9.81 27.10 7.15
N LYS A 93 -10.22 27.09 5.89
CA LYS A 93 -9.37 27.51 4.77
C LYS A 93 -8.61 28.79 5.07
N ASP A 94 -9.32 29.83 5.48
CA ASP A 94 -8.68 31.10 5.78
C ASP A 94 -7.81 30.97 7.03
N GLY A 95 -8.12 29.97 7.85
CA GLY A 95 -7.37 29.75 9.07
C GLY A 95 -7.20 31.04 9.82
N SER A 96 -8.32 31.52 10.33
CA SER A 96 -8.36 32.72 11.13
C SER A 96 -8.81 32.30 12.50
N GLY A 97 -9.48 31.15 12.51
CA GLY A 97 -9.95 30.55 13.71
C GLY A 97 -11.41 30.15 13.64
N TYR A 98 -12.05 30.48 12.51
CA TYR A 98 -13.45 30.13 12.30
C TYR A 98 -13.79 29.90 10.83
N ILE A 99 -14.92 29.22 10.62
CA ILE A 99 -15.40 28.88 9.29
C ILE A 99 -16.87 29.20 9.12
N THR A 100 -17.18 30.26 8.41
CA THR A 100 -18.58 30.61 8.17
C THR A 100 -19.16 29.61 7.17
N LEU A 101 -20.45 29.28 7.31
CA LEU A 101 -21.09 28.29 6.42
C LEU A 101 -20.53 28.34 5.01
N ASP A 102 -20.15 29.52 4.55
CA ASP A 102 -19.57 29.67 3.22
C ASP A 102 -18.37 28.74 3.07
N GLU A 103 -17.40 28.86 3.97
CA GLU A 103 -16.21 28.03 3.94
C GLU A 103 -16.52 26.59 4.35
N ILE A 104 -17.51 26.42 5.23
CA ILE A 104 -17.92 25.08 5.68
C ILE A 104 -18.51 24.29 4.51
N GLN A 105 -19.65 24.76 4.03
CA GLN A 105 -20.35 24.13 2.92
C GLN A 105 -19.47 24.03 1.68
N GLN A 106 -18.67 25.06 1.41
CA GLN A 106 -17.79 25.07 0.25
C GLN A 106 -16.80 23.90 0.33
N ALA A 107 -16.24 23.70 1.52
CA ALA A 107 -15.28 22.62 1.75
C ALA A 107 -15.93 21.26 1.55
N CYS A 108 -17.22 21.26 1.26
CA CYS A 108 -17.96 20.03 1.03
C CYS A 108 -18.45 19.96 -0.42
N LYS A 109 -17.58 20.31 -1.35
CA LYS A 109 -17.91 20.27 -2.78
C LYS A 109 -18.32 18.87 -3.21
N ASP A 110 -17.65 17.87 -2.65
CA ASP A 110 -17.93 16.48 -2.96
C ASP A 110 -19.24 16.05 -2.29
N PHE A 111 -19.61 16.76 -1.23
CA PHE A 111 -20.83 16.46 -0.50
C PHE A 111 -22.06 16.95 -1.26
N GLY A 112 -21.84 17.65 -2.37
CA GLY A 112 -22.96 18.15 -3.14
C GLY A 112 -23.78 19.13 -2.32
N LEU A 113 -23.09 19.96 -1.54
CA LEU A 113 -23.74 20.92 -0.64
C LEU A 113 -25.05 21.43 -1.24
N ASP A 114 -26.09 21.43 -0.42
CA ASP A 114 -27.41 21.87 -0.86
C ASP A 114 -28.05 22.77 0.18
N ASP A 115 -29.13 23.42 -0.22
CA ASP A 115 -29.87 24.30 0.66
C ASP A 115 -30.83 23.49 1.52
N ILE A 116 -30.96 22.20 1.21
CA ILE A 116 -31.85 21.32 1.94
C ILE A 116 -31.14 20.60 3.09
N HIS A 117 -30.16 19.76 2.76
CA HIS A 117 -29.42 19.00 3.77
C HIS A 117 -28.20 19.74 4.29
N ILE A 118 -27.18 19.90 3.45
CA ILE A 118 -25.95 20.58 3.85
C ILE A 118 -26.25 21.95 4.44
N ASP A 119 -27.43 22.48 4.15
CA ASP A 119 -27.84 23.77 4.69
C ASP A 119 -28.11 23.61 6.18
N ASP A 120 -28.86 22.57 6.53
CA ASP A 120 -29.17 22.28 7.93
C ASP A 120 -27.85 22.00 8.64
N MET A 121 -26.89 21.53 7.87
CA MET A 121 -25.56 21.20 8.34
C MET A 121 -24.88 22.44 8.91
N ILE A 122 -25.25 23.60 8.38
CA ILE A 122 -24.72 24.86 8.89
C ILE A 122 -25.09 24.94 10.34
N LYS A 123 -26.32 24.56 10.60
CA LYS A 123 -26.87 24.53 11.93
C LYS A 123 -26.56 23.20 12.60
N GLU A 124 -26.13 22.23 11.79
CA GLU A 124 -25.80 20.89 12.28
C GLU A 124 -24.37 20.84 12.80
N ILE A 125 -23.57 21.75 12.31
CA ILE A 125 -22.17 21.86 12.69
C ILE A 125 -22.00 23.07 13.58
N ASP A 126 -22.95 24.00 13.45
CA ASP A 126 -22.95 25.22 14.25
C ASP A 126 -23.12 24.85 15.71
N GLN A 127 -22.01 24.80 16.43
CA GLN A 127 -22.03 24.44 17.83
C GLN A 127 -22.29 25.63 18.75
N ASP A 128 -22.17 26.87 18.24
CA ASP A 128 -22.40 28.01 19.13
C ASP A 128 -23.43 29.03 18.60
N ASN A 129 -23.53 29.27 17.28
CA ASN A 129 -24.53 30.24 16.79
C ASN A 129 -24.61 30.48 15.27
N ASP A 130 -23.60 31.16 14.75
CA ASP A 130 -23.54 31.61 13.35
C ASP A 130 -23.49 30.54 12.25
N GLY A 131 -23.86 29.29 12.50
CA GLY A 131 -23.80 28.32 11.43
C GLY A 131 -22.42 28.27 10.85
N GLN A 132 -21.47 28.37 11.75
CA GLN A 132 -20.09 28.39 11.41
C GLN A 132 -19.31 27.47 12.30
N ILE A 133 -18.07 27.26 11.96
CA ILE A 133 -17.22 26.40 12.72
C ILE A 133 -15.89 27.06 12.98
N ASP A 134 -15.57 27.18 14.24
CA ASP A 134 -14.31 27.75 14.65
C ASP A 134 -13.48 26.67 15.32
N TYR A 135 -12.18 26.90 15.42
CA TYR A 135 -11.29 25.95 16.07
C TYR A 135 -11.97 25.32 17.29
N GLY A 136 -12.84 26.08 17.92
CA GLY A 136 -13.56 25.59 19.05
C GLY A 136 -14.80 24.81 18.65
N GLU A 137 -15.56 25.36 17.69
CA GLU A 137 -16.75 24.68 17.21
C GLU A 137 -16.36 23.36 16.56
N PHE A 138 -15.39 23.42 15.63
CA PHE A 138 -14.95 22.20 14.98
C PHE A 138 -14.47 21.22 16.03
N ALA A 139 -14.19 21.75 17.21
CA ALA A 139 -13.73 20.94 18.32
C ALA A 139 -14.91 20.35 19.10
N ALA A 140 -15.95 21.14 19.31
CA ALA A 140 -17.13 20.70 20.03
C ALA A 140 -18.14 20.00 19.13
N MET A 141 -17.95 20.11 17.82
CA MET A 141 -18.85 19.51 16.85
C MET A 141 -18.72 18.00 16.81
N MET A 142 -17.73 17.47 17.53
CA MET A 142 -17.50 16.04 17.57
C MET A 142 -17.25 15.57 18.99
N ARG A 143 -16.66 16.44 19.81
CA ARG A 143 -16.37 16.11 21.19
C ARG A 143 -17.24 16.94 22.14
N LYS A 144 -16.64 17.45 23.22
CA LYS A 144 -17.38 18.26 24.18
C LYS A 144 -16.61 19.54 24.50
N ARG A 145 -17.13 20.33 25.44
CA ARG A 145 -16.50 21.58 25.83
C ARG A 145 -15.72 21.44 27.13
N LYS A 146 -14.52 20.85 27.03
CA LYS A 146 -13.66 20.65 28.21
C LYS A 146 -13.43 21.97 28.94
N GLY A 147 -13.12 21.89 30.23
CA GLY A 147 -12.88 23.07 31.02
C GLY A 147 -11.45 23.56 30.94
N ASN A 148 -10.60 22.81 30.24
CA ASN A 148 -9.20 23.16 30.09
C ASN A 148 -9.02 24.22 29.00
N GLY A 149 -7.87 24.89 29.02
CA GLY A 149 -7.58 25.93 28.05
C GLY A 149 -7.88 25.50 26.62
N GLY A 150 -7.86 24.19 26.38
CA GLY A 150 -8.13 23.66 25.05
C GLY A 150 -9.29 24.35 24.35
N ILE A 151 -10.21 24.91 25.14
CA ILE A 151 -11.36 25.62 24.60
C ILE A 151 -10.94 26.61 23.53
N GLY A 152 -11.82 26.84 22.56
CA GLY A 152 -11.51 27.78 21.50
C GLY A 152 -12.76 28.27 20.81
N ARG A 153 -13.91 27.71 21.21
CA ARG A 153 -15.19 28.10 20.62
C ARG A 153 -15.38 29.62 20.72
N ARG A 154 -16.39 30.13 20.06
CA ARG A 154 -16.65 31.57 20.05
C ARG A 154 -17.14 32.05 21.40
N THR A 155 -16.80 33.29 21.74
CA THR A 155 -17.19 33.90 23.02
C THR A 155 -18.69 33.73 23.28
N MET A 156 -19.05 32.55 23.75
CA MET A 156 -20.44 32.22 24.05
C MET A 156 -20.50 30.82 24.66
N ARG A 157 -19.42 30.06 24.45
CA ARG A 157 -19.31 28.71 24.95
C ARG A 157 -19.32 28.69 26.48
N LYS A 158 -19.10 29.85 27.09
CA LYS A 158 -19.08 29.98 28.54
C LYS A 158 -19.27 31.44 28.96
N THR A 159 -18.16 32.17 29.05
CA THR A 159 -18.19 33.58 29.44
C THR A 159 -16.90 34.28 29.05
N LEU A 160 -15.78 33.57 29.16
CA LEU A 160 -14.48 34.13 28.82
C LEU A 160 -14.27 34.13 27.31
N ASN A 161 -13.11 34.62 26.88
CA ASN A 161 -12.80 34.69 25.45
C ASN A 161 -11.80 33.59 25.07
N LEU A 162 -10.53 33.95 24.93
CA LEU A 162 -9.49 33.00 24.57
C LEU A 162 -8.11 33.65 24.60
N ARG A 163 -7.08 32.85 24.81
CA ARG A 163 -5.71 33.35 24.87
C ARG A 163 -5.08 33.34 23.49
N ASP A 164 -4.34 34.39 23.16
CA ASP A 164 -3.68 34.50 21.86
C ASP A 164 -2.42 33.64 21.83
N ALA A 165 -2.12 33.07 20.65
CA ALA A 165 -0.94 32.24 20.49
C ALA A 165 0.34 33.04 20.67
N LEU A 166 1.45 32.34 20.83
CA LEU A 166 2.75 32.99 21.02
C LEU A 166 3.50 33.11 19.70
N GLY A 167 2.98 32.45 18.67
CA GLY A 167 3.61 32.49 17.36
C GLY A 167 3.45 31.19 16.59
N LEU A 168 3.41 31.30 15.27
CA LEU A 168 3.27 30.12 14.41
C LEU A 168 4.61 29.69 13.84
N VAL A 169 4.84 28.39 13.80
CA VAL A 169 6.08 27.83 13.28
C VAL A 169 5.84 27.08 11.98
N ASP A 170 6.84 27.07 11.10
CA ASP A 170 6.73 26.38 9.82
C ASP A 170 8.10 26.02 9.27
N ASN A 171 8.14 25.01 8.41
CA ASN A 171 9.39 24.56 7.81
C ASN A 171 9.52 25.11 6.38
N GLY A 172 8.47 24.95 5.59
CA GLY A 172 8.50 25.43 4.21
C GLY A 172 8.89 24.36 3.23
N SER A 173 9.05 24.75 1.96
CA SER A 173 9.42 23.80 0.92
C SER A 173 10.01 24.54 -0.29
N ASN A 174 10.49 23.76 -1.26
CA ASN A 174 11.09 24.34 -2.46
C ASN A 174 10.32 23.92 -3.71
N GLN A 175 10.84 24.29 -4.87
CA GLN A 175 10.21 23.95 -6.14
C GLN A 175 10.93 22.78 -6.81
N VAL A 176 10.28 21.62 -6.80
CA VAL A 176 10.86 20.41 -7.40
C VAL A 176 9.89 19.76 -8.38
N ILE A 177 10.43 19.26 -9.49
CA ILE A 177 9.62 18.61 -10.50
C ILE A 177 10.10 17.19 -10.77
N GLU A 178 9.19 16.23 -10.75
CA GLU A 178 9.53 14.84 -10.98
C GLU A 178 8.57 14.20 -11.99
N GLY A 179 9.11 13.36 -12.85
CA GLY A 179 8.29 12.69 -13.85
C GLY A 179 9.04 11.63 -14.60
N TYR A 180 10.05 12.04 -15.38
CA TYR A 180 10.85 11.11 -16.15
C TYR A 180 12.14 10.76 -15.41
N PHE A 181 12.44 11.53 -14.37
CA PHE A 181 13.65 11.31 -13.58
C PHE A 181 13.28 10.79 -12.18
N LYS A 182 14.03 9.79 -11.71
CA LYS A 182 13.80 9.21 -10.40
C LYS A 182 15.09 8.71 -9.79
CA CA B . -10.04 1.03 -2.49
CA CA C . -5.87 10.12 -9.13
CA CA D . -11.68 31.43 8.36
CA CA E . -21.30 29.08 14.37
N ALA A 1 -10.30 -29.24 -29.38
CA ALA A 1 -11.26 -30.32 -29.70
C ALA A 1 -12.68 -29.78 -29.80
N GLU A 2 -13.19 -29.24 -28.70
CA GLU A 2 -14.53 -28.69 -28.67
C GLU A 2 -14.52 -27.23 -28.18
N ARG A 3 -13.58 -26.92 -27.30
CA ARG A 3 -13.45 -25.57 -26.76
C ARG A 3 -12.04 -25.32 -26.25
N LEU A 4 -11.75 -24.07 -25.94
CA LEU A 4 -10.42 -23.69 -25.44
C LEU A 4 -10.52 -23.15 -24.01
N SER A 5 -9.96 -23.90 -23.07
CA SER A 5 -9.97 -23.52 -21.67
C SER A 5 -8.93 -22.44 -21.38
N GLU A 6 -8.00 -22.27 -22.32
CA GLU A 6 -6.95 -21.28 -22.18
C GLU A 6 -7.42 -19.90 -22.63
N GLU A 7 -8.73 -19.72 -22.71
CA GLU A 7 -9.30 -18.45 -23.13
C GLU A 7 -9.05 -17.37 -22.09
N GLU A 8 -8.83 -17.79 -20.84
CA GLU A 8 -8.56 -16.85 -19.76
C GLU A 8 -7.24 -16.12 -19.97
N ILE A 9 -6.31 -16.78 -20.66
CA ILE A 9 -5.00 -16.20 -20.95
C ILE A 9 -5.12 -15.06 -21.95
N GLY A 10 -6.22 -15.05 -22.69
CA GLY A 10 -6.44 -14.01 -23.68
C GLY A 10 -7.47 -12.98 -23.23
N GLY A 11 -7.16 -11.71 -23.44
CA GLY A 11 -8.06 -10.65 -23.03
C GLY A 11 -7.43 -9.71 -22.02
N LEU A 12 -6.67 -10.28 -21.08
CA LEU A 12 -6.01 -9.50 -20.05
C LEU A 12 -4.85 -8.71 -20.65
N LYS A 13 -4.25 -9.24 -21.71
CA LYS A 13 -3.15 -8.55 -22.38
C LYS A 13 -3.64 -7.20 -22.83
N GLU A 14 -4.95 -7.11 -23.04
CA GLU A 14 -5.60 -5.86 -23.42
C GLU A 14 -5.79 -5.04 -22.17
N LEU A 15 -6.40 -5.64 -21.16
CA LEU A 15 -6.64 -4.98 -19.89
C LEU A 15 -5.39 -4.27 -19.39
N PHE A 16 -4.22 -4.80 -19.74
CA PHE A 16 -2.97 -4.19 -19.36
C PHE A 16 -2.80 -2.85 -20.04
N LYS A 17 -2.94 -2.86 -21.36
CA LYS A 17 -2.81 -1.65 -22.15
C LYS A 17 -4.05 -0.82 -21.97
N MET A 18 -5.06 -1.47 -21.40
CA MET A 18 -6.31 -0.82 -21.12
C MET A 18 -6.10 0.16 -19.97
N ILE A 19 -5.04 -0.09 -19.19
CA ILE A 19 -4.69 0.76 -18.08
C ILE A 19 -3.99 2.00 -18.61
N ASP A 20 -2.85 1.78 -19.28
CA ASP A 20 -2.07 2.85 -19.86
C ASP A 20 -2.67 3.28 -21.20
N THR A 21 -3.84 3.85 -21.13
CA THR A 21 -4.55 4.32 -22.32
C THR A 21 -4.06 5.69 -22.76
N ASP A 22 -3.20 6.30 -21.96
CA ASP A 22 -2.70 7.62 -22.29
C ASP A 22 -1.17 7.74 -22.18
N ASN A 23 -0.55 6.93 -21.32
CA ASN A 23 0.89 7.03 -21.15
C ASN A 23 1.68 6.55 -22.36
N SER A 24 1.87 5.24 -22.48
CA SER A 24 2.63 4.69 -23.62
C SER A 24 2.66 3.16 -23.62
N GLY A 25 1.92 2.56 -22.70
CA GLY A 25 1.91 1.11 -22.60
C GLY A 25 2.60 0.64 -21.33
N THR A 26 2.56 1.51 -20.34
CA THR A 26 3.13 1.23 -19.02
C THR A 26 2.25 1.86 -17.96
N ILE A 27 2.21 1.23 -16.79
CA ILE A 27 1.36 1.71 -15.73
C ILE A 27 2.10 2.45 -14.64
N THR A 28 2.00 3.77 -14.67
CA THR A 28 2.64 4.57 -13.66
C THR A 28 1.61 5.08 -12.66
N PHE A 29 2.10 5.51 -11.51
CA PHE A 29 1.25 5.99 -10.42
C PHE A 29 -0.01 6.72 -10.91
N ASP A 30 0.04 7.31 -12.09
CA ASP A 30 -1.12 8.02 -12.64
C ASP A 30 -2.08 7.04 -13.32
N GLU A 31 -1.53 6.14 -14.13
CA GLU A 31 -2.35 5.15 -14.81
C GLU A 31 -2.65 3.97 -13.91
N LEU A 32 -1.91 3.86 -12.81
CA LEU A 32 -2.12 2.79 -11.86
C LEU A 32 -3.59 2.78 -11.46
N LYS A 33 -4.06 3.96 -11.09
CA LYS A 33 -5.44 4.15 -10.68
C LYS A 33 -6.35 4.32 -11.90
N ASP A 34 -5.92 5.17 -12.84
CA ASP A 34 -6.70 5.43 -14.05
C ASP A 34 -7.30 4.16 -14.63
N GLY A 35 -6.45 3.26 -15.09
CA GLY A 35 -6.90 2.01 -15.70
C GLY A 35 -7.98 1.31 -14.88
N LEU A 36 -7.98 1.51 -13.57
CA LEU A 36 -8.96 0.88 -12.70
C LEU A 36 -10.20 1.76 -12.54
N LYS A 37 -10.00 2.98 -12.03
CA LYS A 37 -11.07 3.93 -11.84
C LYS A 37 -11.75 4.27 -13.16
N ARG A 38 -11.15 3.83 -14.26
CA ARG A 38 -11.68 4.10 -15.59
C ARG A 38 -12.98 3.33 -15.81
N VAL A 39 -13.07 2.13 -15.24
CA VAL A 39 -14.27 1.31 -15.38
C VAL A 39 -15.37 1.75 -14.42
N GLY A 40 -15.02 2.65 -13.49
CA GLY A 40 -16.00 3.14 -12.53
C GLY A 40 -15.51 3.07 -11.10
N SER A 41 -14.46 2.28 -10.88
CA SER A 41 -13.88 2.12 -9.55
C SER A 41 -13.31 3.43 -9.03
N GLU A 42 -12.97 3.46 -7.74
CA GLU A 42 -12.41 4.65 -7.13
C GLU A 42 -11.42 4.30 -6.02
N LEU A 43 -10.14 4.58 -6.26
CA LEU A 43 -9.08 4.30 -5.30
C LEU A 43 -8.36 5.59 -4.93
N MET A 44 -7.58 5.54 -3.86
CA MET A 44 -6.81 6.70 -3.42
C MET A 44 -5.33 6.40 -3.58
N GLU A 45 -4.49 7.44 -3.57
CA GLU A 45 -3.06 7.24 -3.74
C GLU A 45 -2.51 6.13 -2.86
N SER A 46 -2.54 6.31 -1.53
CA SER A 46 -2.03 5.30 -0.60
C SER A 46 -2.40 3.87 -1.00
N GLU A 47 -3.42 3.73 -1.86
CA GLU A 47 -3.83 2.42 -2.33
C GLU A 47 -3.06 2.06 -3.59
N ILE A 48 -3.01 3.01 -4.51
CA ILE A 48 -2.28 2.85 -5.75
C ILE A 48 -0.84 2.45 -5.43
N LYS A 49 -0.19 3.34 -4.70
CA LYS A 49 1.17 3.15 -4.26
C LYS A 49 1.30 1.82 -3.50
N ASP A 50 0.20 1.40 -2.90
CA ASP A 50 0.17 0.16 -2.14
C ASP A 50 0.29 -1.03 -3.10
N LEU A 51 -0.47 -0.99 -4.19
CA LEU A 51 -0.44 -2.05 -5.17
C LEU A 51 0.90 -2.06 -5.89
N MET A 52 1.59 -0.93 -5.85
CA MET A 52 2.89 -0.80 -6.48
C MET A 52 3.95 -1.57 -5.69
N ASP A 53 3.92 -1.44 -4.38
CA ASP A 53 4.90 -2.12 -3.55
C ASP A 53 4.41 -3.53 -3.20
N ALA A 54 3.13 -3.75 -3.37
CA ALA A 54 2.53 -5.05 -3.07
C ALA A 54 2.50 -5.98 -4.28
N ALA A 55 2.14 -5.46 -5.44
CA ALA A 55 2.03 -6.27 -6.65
C ALA A 55 3.12 -5.99 -7.68
N ASP A 56 3.41 -4.71 -7.92
CA ASP A 56 4.42 -4.36 -8.91
C ASP A 56 5.69 -5.17 -8.68
N ILE A 57 5.83 -6.26 -9.43
CA ILE A 57 6.97 -7.16 -9.31
C ILE A 57 8.28 -6.40 -9.48
N ASP A 58 8.19 -5.20 -10.05
CA ASP A 58 9.37 -4.38 -10.29
C ASP A 58 9.13 -2.94 -9.81
N LYS A 59 8.54 -2.82 -8.61
CA LYS A 59 8.18 -1.54 -8.02
C LYS A 59 9.11 -0.40 -8.44
N SER A 60 8.76 0.21 -9.56
CA SER A 60 9.48 1.35 -10.11
C SER A 60 8.49 2.46 -10.39
N GLY A 61 7.32 2.36 -9.75
CA GLY A 61 6.27 3.33 -9.96
C GLY A 61 5.66 3.16 -11.33
N THR A 62 5.93 2.00 -11.93
CA THR A 62 5.45 1.67 -13.27
C THR A 62 5.26 0.17 -13.42
N ILE A 63 4.07 -0.25 -13.87
CA ILE A 63 3.77 -1.65 -14.06
C ILE A 63 3.78 -2.01 -15.54
N ASP A 64 4.44 -3.10 -15.87
CA ASP A 64 4.52 -3.54 -17.25
C ASP A 64 3.62 -4.73 -17.51
N TYR A 65 3.44 -5.04 -18.80
CA TYR A 65 2.58 -6.15 -19.21
C TYR A 65 2.66 -7.31 -18.25
N GLY A 66 3.88 -7.68 -17.87
CA GLY A 66 4.05 -8.78 -16.96
C GLY A 66 3.65 -8.43 -15.55
N GLU A 67 4.22 -7.35 -15.02
CA GLU A 67 3.90 -6.92 -13.66
C GLU A 67 2.39 -6.75 -13.49
N PHE A 68 1.71 -6.53 -14.62
CA PHE A 68 0.25 -6.37 -14.61
C PHE A 68 -0.43 -7.67 -14.24
N ILE A 69 -0.17 -8.68 -15.07
CA ILE A 69 -0.76 -9.99 -14.88
C ILE A 69 -0.57 -10.45 -13.44
N ALA A 70 0.66 -10.35 -12.94
CA ALA A 70 0.94 -10.75 -11.57
C ALA A 70 0.10 -9.93 -10.61
N ALA A 71 0.07 -8.61 -10.83
CA ALA A 71 -0.68 -7.69 -10.00
C ALA A 71 -2.09 -8.19 -9.69
N THR A 72 -2.65 -9.01 -10.58
CA THR A 72 -3.99 -9.56 -10.38
C THR A 72 -3.91 -10.91 -9.65
N VAL A 73 -3.08 -11.80 -10.15
CA VAL A 73 -2.89 -13.11 -9.55
C VAL A 73 -2.33 -12.97 -8.14
N HIS A 74 -1.84 -11.77 -7.87
CA HIS A 74 -1.26 -11.43 -6.59
C HIS A 74 -2.39 -11.21 -5.59
N LEU A 75 -3.34 -10.39 -5.97
CA LEU A 75 -4.49 -10.12 -5.14
C LEU A 75 -5.21 -11.44 -4.91
N ASN A 76 -4.87 -12.42 -5.75
CA ASN A 76 -5.45 -13.74 -5.66
C ASN A 76 -4.36 -14.80 -5.47
N LYS A 77 -3.82 -14.85 -4.25
CA LYS A 77 -2.77 -15.81 -3.90
C LYS A 77 -2.45 -15.72 -2.41
N LEU A 78 -1.23 -16.09 -2.06
CA LEU A 78 -0.79 -16.04 -0.67
C LEU A 78 0.05 -14.80 -0.40
N GLU A 79 -0.55 -13.63 -0.58
CA GLU A 79 0.15 -12.36 -0.38
C GLU A 79 0.99 -12.38 0.89
N ARG A 80 2.30 -12.37 0.72
CA ARG A 80 3.23 -12.39 1.86
C ARG A 80 4.40 -11.45 1.59
N GLU A 81 4.57 -10.45 2.45
CA GLU A 81 5.66 -9.48 2.29
C GLU A 81 6.57 -9.48 3.51
N GLU A 82 7.88 -9.51 3.26
CA GLU A 82 8.86 -9.51 4.33
C GLU A 82 10.27 -9.42 3.74
N ASN A 83 10.77 -8.21 3.56
CA ASN A 83 12.09 -8.00 2.99
C ASN A 83 12.69 -6.68 3.48
N LEU A 84 14.01 -6.53 3.31
CA LEU A 84 14.71 -5.32 3.73
C LEU A 84 14.34 -4.13 2.84
N VAL A 85 14.68 -4.23 1.56
CA VAL A 85 14.40 -3.17 0.61
C VAL A 85 12.90 -2.95 0.43
N SER A 86 12.11 -4.00 0.63
CA SER A 86 10.66 -3.89 0.50
C SER A 86 10.13 -2.75 1.35
N ALA A 87 10.77 -2.54 2.49
CA ALA A 87 10.39 -1.46 3.40
C ALA A 87 11.02 -0.15 2.95
N PHE A 88 12.34 -0.18 2.75
CA PHE A 88 13.07 1.01 2.29
C PHE A 88 12.32 1.69 1.16
N SER A 89 11.53 0.91 0.43
CA SER A 89 10.73 1.42 -0.67
C SER A 89 9.36 1.88 -0.17
N TYR A 90 8.71 1.01 0.63
CA TYR A 90 7.40 1.32 1.17
C TYR A 90 7.52 2.19 2.42
N PHE A 91 8.16 1.66 3.46
CA PHE A 91 8.35 2.44 4.69
C PHE A 91 9.09 3.73 4.34
N ASP A 92 10.33 3.60 3.87
CA ASP A 92 11.11 4.76 3.46
C ASP A 92 10.59 5.20 2.10
N LYS A 93 9.38 5.72 2.10
CA LYS A 93 8.70 6.14 0.90
C LYS A 93 9.59 6.93 -0.06
N ASP A 94 10.41 7.82 0.49
CA ASP A 94 11.28 8.63 -0.35
C ASP A 94 12.51 7.87 -0.83
N GLY A 95 12.86 6.79 -0.12
CA GLY A 95 14.02 6.00 -0.50
C GLY A 95 15.32 6.78 -0.37
N SER A 96 15.21 8.08 -0.11
CA SER A 96 16.35 8.96 0.02
C SER A 96 17.32 8.45 1.07
N GLY A 97 16.89 7.43 1.82
CA GLY A 97 17.74 6.86 2.84
C GLY A 97 17.29 7.22 4.24
N TYR A 98 16.29 8.09 4.34
CA TYR A 98 15.77 8.54 5.62
C TYR A 98 14.25 8.38 5.71
N ILE A 99 13.78 8.07 6.92
CA ILE A 99 12.35 7.92 7.19
C ILE A 99 12.00 8.71 8.44
N THR A 100 11.40 9.87 8.32
CA THR A 100 11.04 10.64 9.50
C THR A 100 9.81 10.04 10.16
N LEU A 101 9.68 10.23 11.48
CA LEU A 101 8.54 9.69 12.22
C LEU A 101 7.27 9.70 11.39
N ASP A 102 7.09 10.78 10.62
CA ASP A 102 5.92 10.90 9.76
C ASP A 102 5.77 9.65 8.90
N GLU A 103 6.81 9.32 8.14
CA GLU A 103 6.80 8.15 7.28
C GLU A 103 6.69 6.85 8.08
N ILE A 104 7.26 6.85 9.29
CA ILE A 104 7.23 5.66 10.14
C ILE A 104 5.81 5.40 10.67
N GLN A 105 5.33 6.32 11.50
CA GLN A 105 4.01 6.21 12.09
C GLN A 105 2.93 6.08 11.00
N GLN A 106 3.13 6.78 9.88
CA GLN A 106 2.17 6.72 8.79
C GLN A 106 1.94 5.29 8.35
N ALA A 107 3.02 4.51 8.30
CA ALA A 107 2.93 3.11 7.90
C ALA A 107 1.95 2.37 8.81
N CYS A 108 2.32 2.27 10.09
CA CYS A 108 1.50 1.57 11.08
C CYS A 108 0.17 2.28 11.29
N LYS A 109 -0.75 2.11 10.34
CA LYS A 109 -2.07 2.72 10.42
C LYS A 109 -3.05 1.82 11.17
N ASP A 110 -3.01 0.53 10.84
CA ASP A 110 -3.89 -0.45 11.47
C ASP A 110 -3.45 -0.72 12.90
N PHE A 111 -2.34 -0.12 13.29
CA PHE A 111 -1.80 -0.29 14.64
C PHE A 111 -2.51 0.64 15.62
N GLY A 112 -3.44 1.44 15.11
CA GLY A 112 -4.14 2.36 15.98
C GLY A 112 -3.18 3.35 16.59
N LEU A 113 -2.19 3.76 15.79
CA LEU A 113 -1.15 4.68 16.25
C LEU A 113 -1.66 5.71 17.24
N ASP A 114 -0.80 6.03 18.20
CA ASP A 114 -1.13 7.00 19.23
C ASP A 114 0.14 7.56 19.88
N ASP A 115 -0.03 8.19 21.03
CA ASP A 115 1.09 8.80 21.74
C ASP A 115 1.77 7.80 22.68
N ILE A 116 1.20 6.62 22.84
CA ILE A 116 1.76 5.62 23.73
C ILE A 116 2.76 4.69 23.04
N HIS A 117 2.30 3.89 22.08
CA HIS A 117 3.18 2.93 21.39
C HIS A 117 3.82 3.50 20.12
N ILE A 118 3.01 3.74 19.10
CA ILE A 118 3.50 4.24 17.83
C ILE A 118 4.28 5.54 17.99
N ASP A 119 4.04 6.24 19.08
CA ASP A 119 4.74 7.50 19.34
C ASP A 119 6.13 7.21 19.87
N ASP A 120 6.18 6.50 21.01
CA ASP A 120 7.46 6.12 21.59
C ASP A 120 8.21 5.28 20.57
N MET A 121 7.45 4.79 19.59
CA MET A 121 7.96 4.00 18.49
C MET A 121 9.00 4.79 17.72
N ILE A 122 8.72 6.08 17.56
CA ILE A 122 9.62 7.02 16.90
C ILE A 122 10.95 6.95 17.60
N LYS A 123 10.86 6.95 18.92
CA LYS A 123 12.02 6.86 19.76
C LYS A 123 12.43 5.41 19.95
N GLU A 124 11.52 4.51 19.57
CA GLU A 124 11.76 3.07 19.69
C GLU A 124 12.65 2.56 18.58
N ILE A 125 12.61 3.26 17.45
CA ILE A 125 13.42 2.90 16.29
C ILE A 125 14.52 3.93 16.09
N ASP A 126 14.44 5.00 16.87
CA ASP A 126 15.42 6.06 16.80
C ASP A 126 16.73 5.64 17.43
N GLN A 127 17.53 4.92 16.67
CA GLN A 127 18.81 4.47 17.17
C GLN A 127 19.90 5.51 16.92
N ASP A 128 19.59 6.55 16.15
CA ASP A 128 20.61 7.55 15.85
C ASP A 128 20.29 8.98 16.32
N ASN A 129 19.01 9.42 16.27
CA ASN A 129 18.74 10.81 16.71
C ASN A 129 17.28 11.32 16.67
N ASP A 130 16.90 11.74 15.46
CA ASP A 130 15.64 12.41 15.15
C ASP A 130 14.32 11.67 15.36
N GLY A 131 14.31 10.36 15.48
CA GLY A 131 13.03 9.70 15.59
C GLY A 131 12.59 9.33 14.20
N GLN A 132 13.59 8.94 13.44
CA GLN A 132 13.46 8.58 12.07
C GLN A 132 14.30 7.37 11.79
N ILE A 133 14.09 6.75 10.65
CA ILE A 133 14.83 5.59 10.29
C ILE A 133 15.51 5.80 8.95
N ASP A 134 16.79 5.55 8.94
CA ASP A 134 17.58 5.64 7.73
C ASP A 134 17.85 4.25 7.22
N TYR A 135 18.14 4.14 5.94
CA TYR A 135 18.42 2.85 5.33
C TYR A 135 19.24 1.95 6.25
N GLY A 136 20.29 2.52 6.84
CA GLY A 136 21.09 1.77 7.73
C GLY A 136 20.34 1.44 9.00
N GLU A 137 19.63 2.43 9.52
CA GLU A 137 18.86 2.26 10.73
C GLU A 137 17.88 1.11 10.58
N PHE A 138 16.96 1.24 9.62
CA PHE A 138 15.98 0.17 9.41
C PHE A 138 16.68 -1.15 9.17
N ALA A 139 17.86 -1.08 8.58
CA ALA A 139 18.60 -2.28 8.25
C ALA A 139 19.23 -2.90 9.50
N ALA A 140 19.49 -2.08 10.51
CA ALA A 140 20.07 -2.54 11.76
C ALA A 140 19.00 -2.97 12.77
N MET A 141 18.03 -2.09 13.00
CA MET A 141 16.95 -2.34 13.94
C MET A 141 16.17 -3.61 13.59
N MET A 142 16.39 -4.13 12.39
CA MET A 142 15.72 -5.34 11.95
C MET A 142 16.69 -6.50 11.84
N ARG A 143 17.95 -6.19 11.52
CA ARG A 143 18.98 -7.21 11.38
C ARG A 143 19.24 -7.87 12.74
N LYS A 144 19.65 -7.05 13.70
CA LYS A 144 19.93 -7.52 15.04
C LYS A 144 19.18 -6.66 16.07
N ARG A 145 19.71 -6.58 17.28
CA ARG A 145 19.08 -5.79 18.33
C ARG A 145 19.29 -4.30 18.08
N LYS A 146 20.49 -3.95 17.60
CA LYS A 146 20.83 -2.56 17.31
C LYS A 146 22.21 -2.47 16.68
N GLY A 147 22.49 -1.37 16.00
CA GLY A 147 23.79 -1.20 15.36
C GLY A 147 24.91 -1.09 16.37
N ASN A 148 24.89 -0.02 17.16
CA ASN A 148 25.91 0.19 18.19
C ASN A 148 25.33 1.00 19.34
N GLY A 149 25.85 0.77 20.55
CA GLY A 149 25.36 1.49 21.71
C GLY A 149 25.09 2.95 21.41
N GLY A 150 26.14 3.68 21.08
CA GLY A 150 26.00 5.09 20.77
C GLY A 150 24.99 5.36 19.67
N ILE A 151 25.28 4.88 18.45
CA ILE A 151 24.39 5.09 17.31
C ILE A 151 24.09 3.80 16.57
N GLY A 152 22.90 3.74 15.98
CA GLY A 152 22.50 2.57 15.22
C GLY A 152 23.29 2.46 13.92
N ARG A 153 22.61 2.55 12.78
CA ARG A 153 23.29 2.46 11.50
C ARG A 153 22.88 3.62 10.58
N ARG A 154 23.53 4.77 10.76
CA ARG A 154 23.26 5.94 9.94
C ARG A 154 24.15 5.94 8.70
N THR A 155 23.64 6.49 7.60
CA THR A 155 24.39 6.55 6.36
C THR A 155 25.59 7.49 6.48
N MET A 156 25.54 8.40 7.46
CA MET A 156 26.62 9.35 7.68
C MET A 156 27.03 9.42 9.14
N ARG A 157 27.37 8.26 9.71
CA ARG A 157 27.79 8.20 11.11
C ARG A 157 28.61 6.95 11.38
N LYS A 158 29.86 7.15 11.78
CA LYS A 158 30.76 6.04 12.08
C LYS A 158 31.98 6.50 12.87
N THR A 159 32.58 7.61 12.43
CA THR A 159 33.76 8.14 13.10
C THR A 159 33.84 9.66 12.92
N LEU A 160 32.84 10.23 12.26
CA LEU A 160 32.81 11.66 12.01
C LEU A 160 32.41 12.42 13.28
N ASN A 161 32.62 13.74 13.27
CA ASN A 161 32.28 14.58 14.41
C ASN A 161 30.80 14.49 14.74
N LEU A 162 30.49 14.38 16.03
CA LEU A 162 29.10 14.29 16.48
C LEU A 162 28.41 15.65 16.40
N ARG A 163 29.18 16.68 16.06
CA ARG A 163 28.65 18.03 15.95
C ARG A 163 28.28 18.36 14.51
N ASP A 164 27.52 19.43 14.32
CA ASP A 164 27.12 19.85 12.98
C ASP A 164 27.94 21.03 12.50
N ALA A 165 28.35 20.99 11.23
CA ALA A 165 29.15 22.06 10.65
C ALA A 165 28.29 22.97 9.78
N LEU A 166 28.75 24.21 9.60
CA LEU A 166 28.03 25.18 8.79
C LEU A 166 28.33 24.97 7.30
N GLY A 167 29.48 24.39 7.01
CA GLY A 167 29.88 24.15 5.64
C GLY A 167 31.34 24.45 5.40
N LEU A 168 31.61 25.28 4.39
CA LEU A 168 32.98 25.65 4.05
C LEU A 168 33.36 26.99 4.67
N VAL A 169 34.24 26.95 5.67
CA VAL A 169 34.68 28.16 6.36
C VAL A 169 35.60 28.98 5.47
N ASP A 170 35.46 30.31 5.54
CA ASP A 170 36.28 31.21 4.75
C ASP A 170 36.76 32.39 5.60
N ASN A 171 37.80 33.07 5.12
CA ASN A 171 38.36 34.22 5.83
C ASN A 171 37.95 35.52 5.16
N GLY A 172 38.00 35.55 3.83
CA GLY A 172 37.64 36.73 3.09
C GLY A 172 38.84 37.40 2.45
N SER A 173 38.64 38.63 1.97
CA SER A 173 39.71 39.39 1.33
C SER A 173 39.50 40.89 1.51
N ASN A 174 38.24 41.31 1.50
CA ASN A 174 37.90 42.71 1.68
C ASN A 174 37.51 43.01 3.12
N GLN A 175 37.20 41.95 3.87
CA GLN A 175 36.81 42.10 5.26
C GLN A 175 38.00 41.82 6.18
N VAL A 176 38.66 42.89 6.63
CA VAL A 176 39.82 42.75 7.50
C VAL A 176 39.41 42.20 8.87
N ILE A 177 40.23 41.29 9.39
CA ILE A 177 39.97 40.69 10.69
C ILE A 177 41.03 41.08 11.71
N GLU A 178 40.59 41.61 12.85
CA GLU A 178 41.50 42.03 13.90
C GLU A 178 42.05 40.83 14.67
N GLY A 179 43.34 40.56 14.49
CA GLY A 179 43.95 39.43 15.17
C GLY A 179 44.23 39.73 16.64
N TYR A 180 44.49 38.68 17.41
CA TYR A 180 44.77 38.83 18.83
C TYR A 180 45.39 37.56 19.41
N PHE A 181 45.87 36.69 18.53
CA PHE A 181 46.48 35.43 18.94
C PHE A 181 47.65 35.06 18.03
N LYS A 182 47.75 35.75 16.89
CA LYS A 182 48.82 35.50 15.93
C LYS A 182 48.81 34.04 15.48
CA CA B . 0.00 4.54 -18.74
CA CA C . 8.38 -1.68 -13.60
CA CA D . 12.72 10.16 3.05
CA CA E . 17.03 9.04 13.18
N ALA A 1 -31.47 -16.21 -16.18
CA ALA A 1 -30.60 -16.33 -17.37
C ALA A 1 -30.00 -14.97 -17.74
N GLU A 2 -28.69 -14.83 -17.55
CA GLU A 2 -27.99 -13.60 -17.87
C GLU A 2 -26.48 -13.83 -17.89
N ARG A 3 -25.91 -13.88 -19.08
CA ARG A 3 -24.48 -14.09 -19.24
C ARG A 3 -23.78 -12.81 -19.65
N LEU A 4 -22.67 -12.51 -18.99
CA LEU A 4 -21.90 -11.31 -19.29
C LEU A 4 -20.61 -11.66 -20.03
N SER A 5 -19.54 -11.88 -19.28
CA SER A 5 -18.25 -12.22 -19.88
C SER A 5 -17.21 -12.55 -18.81
N GLU A 6 -16.19 -13.30 -19.19
CA GLU A 6 -15.13 -13.68 -18.27
C GLU A 6 -13.91 -12.78 -18.47
N GLU A 7 -14.17 -11.50 -18.65
CA GLU A 7 -13.10 -10.52 -18.85
C GLU A 7 -12.26 -10.34 -17.59
N GLU A 8 -12.74 -10.88 -16.48
CA GLU A 8 -12.02 -10.78 -15.21
C GLU A 8 -10.65 -11.43 -15.30
N ILE A 9 -10.63 -12.75 -15.41
CA ILE A 9 -9.37 -13.49 -15.50
C ILE A 9 -8.85 -13.54 -16.93
N GLY A 10 -9.70 -13.19 -17.89
CA GLY A 10 -9.30 -13.21 -19.28
C GLY A 10 -9.13 -11.82 -19.86
N GLY A 11 -8.48 -11.74 -21.03
CA GLY A 11 -8.26 -10.45 -21.67
C GLY A 11 -7.41 -9.54 -20.82
N LEU A 12 -6.43 -10.12 -20.14
CA LEU A 12 -5.53 -9.37 -19.28
C LEU A 12 -4.43 -8.68 -20.09
N LYS A 13 -4.01 -9.31 -21.18
CA LYS A 13 -2.98 -8.73 -22.03
C LYS A 13 -3.45 -7.37 -22.51
N GLU A 14 -4.71 -7.31 -22.91
CA GLU A 14 -5.31 -6.05 -23.33
C GLU A 14 -5.52 -5.19 -22.11
N LEU A 15 -6.10 -5.79 -21.08
CA LEU A 15 -6.35 -5.10 -19.82
C LEU A 15 -5.10 -4.37 -19.35
N PHE A 16 -3.93 -4.90 -19.72
CA PHE A 16 -2.68 -4.29 -19.36
C PHE A 16 -2.54 -2.92 -20.02
N LYS A 17 -2.73 -2.90 -21.32
CA LYS A 17 -2.63 -1.67 -22.08
C LYS A 17 -3.88 -0.84 -21.88
N MET A 18 -4.88 -1.50 -21.31
CA MET A 18 -6.13 -0.87 -21.01
C MET A 18 -5.93 0.16 -19.91
N ILE A 19 -4.89 -0.04 -19.12
CA ILE A 19 -4.56 0.87 -18.02
C ILE A 19 -3.75 2.07 -18.52
N ASP A 20 -2.67 1.78 -19.24
CA ASP A 20 -1.80 2.83 -19.76
C ASP A 20 -2.33 3.45 -21.03
N THR A 21 -3.57 3.87 -20.97
CA THR A 21 -4.23 4.51 -22.09
C THR A 21 -3.80 5.96 -22.18
N ASP A 22 -3.04 6.40 -21.18
CA ASP A 22 -2.57 7.77 -21.11
C ASP A 22 -1.06 7.88 -21.31
N ASN A 23 -0.30 6.84 -20.96
CA ASN A 23 1.15 6.89 -21.10
C ASN A 23 1.59 6.45 -22.49
N SER A 24 1.88 5.16 -22.64
CA SER A 24 2.33 4.60 -23.91
C SER A 24 2.49 3.08 -23.83
N GLY A 25 1.81 2.48 -22.88
CA GLY A 25 1.92 1.04 -22.68
C GLY A 25 2.63 0.71 -21.39
N THR A 26 2.57 1.65 -20.45
CA THR A 26 3.17 1.47 -19.13
C THR A 26 2.27 2.05 -18.05
N ILE A 27 2.21 1.37 -16.93
CA ILE A 27 1.35 1.77 -15.84
C ILE A 27 2.11 2.46 -14.71
N THR A 28 2.00 3.76 -14.65
CA THR A 28 2.67 4.50 -13.60
C THR A 28 1.67 4.93 -12.55
N PHE A 29 2.18 5.34 -11.39
CA PHE A 29 1.36 5.75 -10.26
C PHE A 29 0.08 6.47 -10.72
N ASP A 30 0.18 7.20 -11.83
CA ASP A 30 -0.99 7.91 -12.37
C ASP A 30 -1.92 6.94 -13.09
N GLU A 31 -1.35 6.10 -13.95
CA GLU A 31 -2.12 5.11 -14.69
C GLU A 31 -2.57 3.97 -13.79
N LEU A 32 -1.84 3.76 -12.71
CA LEU A 32 -2.16 2.71 -11.76
C LEU A 32 -3.63 2.76 -11.40
N LYS A 33 -4.06 3.96 -11.00
CA LYS A 33 -5.45 4.19 -10.63
C LYS A 33 -6.31 4.44 -11.86
N ASP A 34 -5.75 5.18 -12.81
CA ASP A 34 -6.45 5.53 -14.04
C ASP A 34 -7.28 4.36 -14.58
N GLY A 35 -6.61 3.27 -14.92
CA GLY A 35 -7.29 2.10 -15.47
C GLY A 35 -8.48 1.64 -14.63
N LEU A 36 -8.37 1.73 -13.31
CA LEU A 36 -9.46 1.30 -12.44
C LEU A 36 -10.56 2.35 -12.34
N LYS A 37 -10.21 3.56 -11.90
CA LYS A 37 -11.18 4.63 -11.79
C LYS A 37 -11.86 4.84 -13.14
N ARG A 38 -11.24 4.32 -14.19
CA ARG A 38 -11.76 4.39 -15.54
C ARG A 38 -12.87 3.36 -15.71
N VAL A 39 -12.63 2.16 -15.19
CA VAL A 39 -13.58 1.07 -15.26
C VAL A 39 -14.80 1.33 -14.37
N GLY A 40 -14.77 2.45 -13.65
CA GLY A 40 -15.87 2.79 -12.77
C GLY A 40 -15.50 2.64 -11.30
N SER A 41 -14.23 2.34 -11.05
CA SER A 41 -13.75 2.16 -9.68
C SER A 41 -13.44 3.50 -9.03
N GLU A 42 -13.25 3.48 -7.72
CA GLU A 42 -12.95 4.70 -6.97
C GLU A 42 -11.88 4.44 -5.91
N LEU A 43 -10.67 4.90 -6.18
CA LEU A 43 -9.55 4.70 -5.27
C LEU A 43 -8.83 6.01 -4.97
N MET A 44 -7.99 5.99 -3.94
CA MET A 44 -7.20 7.14 -3.57
C MET A 44 -5.75 6.90 -3.95
N GLU A 45 -4.95 7.95 -4.03
CA GLU A 45 -3.55 7.78 -4.39
C GLU A 45 -2.85 6.81 -3.45
N SER A 46 -2.81 7.12 -2.15
CA SER A 46 -2.14 6.26 -1.17
C SER A 46 -2.45 4.78 -1.37
N GLU A 47 -3.62 4.47 -1.92
CA GLU A 47 -4.01 3.09 -2.16
C GLU A 47 -3.21 2.53 -3.34
N ILE A 48 -3.07 3.35 -4.37
CA ILE A 48 -2.32 2.97 -5.56
C ILE A 48 -0.91 2.56 -5.20
N LYS A 49 -0.21 3.46 -4.53
CA LYS A 49 1.16 3.21 -4.10
C LYS A 49 1.27 1.86 -3.42
N ASP A 50 0.16 1.42 -2.82
CA ASP A 50 0.13 0.13 -2.13
C ASP A 50 0.07 -1.02 -3.14
N LEU A 51 -0.91 -0.97 -4.02
CA LEU A 51 -1.08 -2.00 -5.04
C LEU A 51 0.20 -2.19 -5.84
N MET A 52 0.87 -1.07 -6.10
CA MET A 52 2.09 -1.08 -6.89
C MET A 52 3.28 -1.63 -6.11
N ASP A 53 3.70 -0.94 -5.07
CA ASP A 53 4.84 -1.38 -4.28
C ASP A 53 4.66 -2.81 -3.77
N ALA A 54 3.41 -3.23 -3.62
CA ALA A 54 3.12 -4.56 -3.12
C ALA A 54 3.12 -5.63 -4.21
N ALA A 55 2.55 -5.31 -5.37
CA ALA A 55 2.46 -6.28 -6.46
C ALA A 55 3.53 -6.06 -7.52
N ASP A 56 3.77 -4.80 -7.88
CA ASP A 56 4.76 -4.47 -8.90
C ASP A 56 6.06 -5.22 -8.61
N ILE A 57 6.26 -6.33 -9.31
CA ILE A 57 7.45 -7.16 -9.13
C ILE A 57 8.72 -6.33 -9.30
N ASP A 58 8.59 -5.19 -9.96
CA ASP A 58 9.72 -4.31 -10.19
C ASP A 58 9.39 -2.88 -9.81
N LYS A 59 8.76 -2.71 -8.65
CA LYS A 59 8.33 -1.42 -8.16
C LYS A 59 9.25 -0.28 -8.58
N SER A 60 8.89 0.32 -9.70
CA SER A 60 9.61 1.45 -10.26
C SER A 60 8.61 2.57 -10.54
N GLY A 61 7.45 2.45 -9.89
CA GLY A 61 6.39 3.41 -10.09
C GLY A 61 5.79 3.27 -11.46
N THR A 62 5.95 2.07 -12.04
CA THR A 62 5.46 1.77 -13.37
C THR A 62 5.33 0.25 -13.56
N ILE A 63 4.16 -0.19 -14.05
CA ILE A 63 3.91 -1.60 -14.26
C ILE A 63 3.89 -1.94 -15.74
N ASP A 64 4.63 -2.98 -16.11
CA ASP A 64 4.69 -3.41 -17.49
C ASP A 64 3.88 -4.69 -17.67
N TYR A 65 3.63 -5.07 -18.92
CA TYR A 65 2.84 -6.25 -19.23
C TYR A 65 3.07 -7.37 -18.23
N GLY A 66 4.34 -7.64 -17.92
CA GLY A 66 4.64 -8.68 -16.97
C GLY A 66 4.22 -8.33 -15.56
N GLU A 67 4.69 -7.19 -15.06
CA GLU A 67 4.35 -6.73 -13.73
C GLU A 67 2.84 -6.64 -13.56
N PHE A 68 2.14 -6.52 -14.68
CA PHE A 68 0.68 -6.42 -14.68
C PHE A 68 0.06 -7.74 -14.26
N ILE A 69 0.28 -8.74 -15.08
CA ILE A 69 -0.26 -10.08 -14.85
C ILE A 69 0.06 -10.57 -13.45
N ALA A 70 1.29 -10.34 -13.00
CA ALA A 70 1.72 -10.78 -11.67
C ALA A 70 0.80 -10.20 -10.60
N ALA A 71 0.30 -9.01 -10.85
CA ALA A 71 -0.60 -8.32 -9.91
C ALA A 71 -2.01 -8.90 -9.99
N THR A 72 -2.37 -9.42 -11.16
CA THR A 72 -3.69 -10.00 -11.36
C THR A 72 -3.70 -11.51 -11.16
N VAL A 73 -2.53 -12.11 -11.00
CA VAL A 73 -2.45 -13.55 -10.81
C VAL A 73 -2.37 -13.89 -9.33
N HIS A 74 -2.06 -12.88 -8.52
CA HIS A 74 -1.96 -13.06 -7.08
C HIS A 74 -3.36 -13.16 -6.48
N LEU A 75 -4.23 -12.24 -6.89
CA LEU A 75 -5.60 -12.23 -6.42
C LEU A 75 -6.35 -13.39 -7.09
N ASN A 76 -5.72 -13.92 -8.15
CA ASN A 76 -6.29 -15.02 -8.90
C ASN A 76 -6.09 -16.35 -8.18
N LYS A 77 -6.94 -16.62 -7.19
CA LYS A 77 -6.85 -17.85 -6.42
C LYS A 77 -8.24 -18.44 -6.20
N LEU A 78 -9.19 -17.57 -5.88
CA LEU A 78 -10.56 -18.00 -5.64
C LEU A 78 -11.50 -16.79 -5.63
N GLU A 79 -11.26 -15.88 -4.68
CA GLU A 79 -12.07 -14.67 -4.55
C GLU A 79 -11.22 -13.50 -4.08
N ARG A 80 -11.72 -12.28 -4.31
CA ARG A 80 -11.00 -11.08 -3.90
C ARG A 80 -10.87 -11.00 -2.38
N GLU A 81 -9.63 -10.83 -1.92
CA GLU A 81 -9.36 -10.73 -0.49
C GLU A 81 -8.60 -9.46 -0.16
N GLU A 82 -8.50 -8.56 -1.13
CA GLU A 82 -7.80 -7.29 -0.93
C GLU A 82 -8.73 -6.25 -0.33
N ASN A 83 -8.45 -5.86 0.91
CA ASN A 83 -9.27 -4.88 1.61
C ASN A 83 -8.40 -3.81 2.29
N LEU A 84 -8.94 -3.20 3.34
CA LEU A 84 -8.23 -2.15 4.07
C LEU A 84 -6.91 -2.67 4.64
N VAL A 85 -6.91 -3.92 5.09
CA VAL A 85 -5.72 -4.53 5.68
C VAL A 85 -4.51 -4.35 4.77
N SER A 86 -4.76 -4.19 3.46
CA SER A 86 -3.69 -4.01 2.49
C SER A 86 -2.63 -3.04 3.01
N ALA A 87 -3.07 -1.93 3.59
CA ALA A 87 -2.16 -0.94 4.13
C ALA A 87 -1.86 -1.23 5.60
N PHE A 88 -2.89 -1.68 6.33
CA PHE A 88 -2.74 -2.02 7.75
C PHE A 88 -1.48 -2.83 7.96
N SER A 89 -1.03 -3.49 6.90
CA SER A 89 0.19 -4.29 6.97
C SER A 89 1.41 -3.44 6.62
N TYR A 90 1.31 -2.64 5.57
CA TYR A 90 2.41 -1.79 5.13
C TYR A 90 2.45 -0.51 5.97
N PHE A 91 1.40 0.31 5.87
CA PHE A 91 1.32 1.54 6.65
C PHE A 91 1.45 1.21 8.12
N ASP A 92 0.47 0.47 8.65
CA ASP A 92 0.53 0.05 10.04
C ASP A 92 1.52 -1.10 10.15
N LYS A 93 2.78 -0.77 9.92
CA LYS A 93 3.85 -1.75 9.94
C LYS A 93 3.89 -2.51 11.26
N ASP A 94 3.39 -1.87 12.30
CA ASP A 94 3.37 -2.49 13.62
C ASP A 94 2.13 -3.37 13.77
N GLY A 95 1.12 -3.12 12.94
CA GLY A 95 -0.10 -3.90 12.99
C GLY A 95 -0.50 -4.23 14.41
N SER A 96 -0.86 -3.18 15.12
CA SER A 96 -1.33 -3.27 16.49
C SER A 96 -2.71 -2.66 16.53
N GLY A 97 -2.96 -1.86 15.50
CA GLY A 97 -4.22 -1.20 15.33
C GLY A 97 -4.07 0.31 15.21
N TYR A 98 -2.83 0.78 15.35
CA TYR A 98 -2.56 2.21 15.25
C TYR A 98 -1.32 2.49 14.41
N ILE A 99 -1.31 3.66 13.79
CA ILE A 99 -0.20 4.11 12.98
C ILE A 99 0.18 5.53 13.40
N THR A 100 1.24 5.66 14.16
CA THR A 100 1.67 6.97 14.60
C THR A 100 2.43 7.65 13.46
N LEU A 101 2.39 8.97 13.43
CA LEU A 101 3.04 9.74 12.37
C LEU A 101 4.33 9.08 11.90
N ASP A 102 5.07 8.44 12.80
CA ASP A 102 6.30 7.76 12.43
C ASP A 102 6.06 6.78 11.29
N GLU A 103 5.10 5.87 11.51
CA GLU A 103 4.75 4.87 10.50
C GLU A 103 4.14 5.52 9.26
N ILE A 104 3.48 6.67 9.46
CA ILE A 104 2.85 7.39 8.36
C ILE A 104 3.91 8.05 7.46
N GLN A 105 4.62 9.01 8.03
CA GLN A 105 5.66 9.74 7.30
C GLN A 105 6.58 8.78 6.56
N GLN A 106 7.00 7.72 7.23
CA GLN A 106 7.89 6.73 6.63
C GLN A 106 7.22 6.02 5.46
N ALA A 107 5.95 5.66 5.64
CA ALA A 107 5.19 4.95 4.61
C ALA A 107 4.81 5.86 3.44
N CYS A 108 5.12 7.14 3.55
CA CYS A 108 4.79 8.09 2.49
C CYS A 108 6.04 8.84 2.01
N LYS A 109 6.69 8.29 0.99
CA LYS A 109 7.88 8.90 0.43
C LYS A 109 7.54 9.91 -0.67
N ASP A 110 6.71 9.48 -1.63
CA ASP A 110 6.30 10.33 -2.74
C ASP A 110 5.36 11.44 -2.28
N PHE A 111 4.77 11.25 -1.11
CA PHE A 111 3.84 12.24 -0.56
C PHE A 111 4.53 13.57 -0.28
N GLY A 112 5.84 13.57 -0.34
CA GLY A 112 6.59 14.78 -0.06
C GLY A 112 6.75 15.00 1.43
N LEU A 113 6.90 13.90 2.15
CA LEU A 113 7.06 13.92 3.60
C LEU A 113 7.87 15.14 4.06
N ASP A 114 7.19 16.07 4.71
CA ASP A 114 7.84 17.27 5.21
C ASP A 114 6.99 17.94 6.30
N ASP A 115 7.66 18.42 7.35
CA ASP A 115 7.01 19.07 8.48
C ASP A 115 6.05 20.18 8.05
N ILE A 116 6.07 20.55 6.77
CA ILE A 116 5.20 21.59 6.26
C ILE A 116 3.86 21.04 5.79
N HIS A 117 3.90 20.13 4.81
CA HIS A 117 2.69 19.54 4.27
C HIS A 117 2.30 18.27 5.00
N ILE A 118 3.21 17.29 4.98
CA ILE A 118 2.97 16.00 5.61
C ILE A 118 2.44 16.16 7.03
N ASP A 119 2.80 17.26 7.68
CA ASP A 119 2.37 17.54 9.04
C ASP A 119 0.87 17.76 9.07
N ASP A 120 0.38 18.63 8.21
CA ASP A 120 -1.05 18.90 8.11
C ASP A 120 -1.76 17.58 7.84
N MET A 121 -1.04 16.69 7.16
CA MET A 121 -1.51 15.36 6.81
C MET A 121 -1.70 14.51 8.07
N ILE A 122 -0.78 14.64 9.01
CA ILE A 122 -0.87 13.94 10.29
C ILE A 122 -2.18 14.31 10.93
N LYS A 123 -2.44 15.59 10.84
CA LYS A 123 -3.67 16.16 11.36
C LYS A 123 -4.78 15.99 10.33
N GLU A 124 -4.38 15.64 9.12
CA GLU A 124 -5.30 15.46 8.01
C GLU A 124 -5.85 14.03 7.96
N ILE A 125 -5.17 13.12 8.65
CA ILE A 125 -5.57 11.74 8.67
C ILE A 125 -5.98 11.33 10.07
N ASP A 126 -5.35 11.92 11.07
CA ASP A 126 -5.69 11.63 12.43
C ASP A 126 -6.98 12.33 12.78
N GLN A 127 -8.07 11.61 12.58
CA GLN A 127 -9.38 12.15 12.85
C GLN A 127 -9.76 11.98 14.31
N ASP A 128 -8.97 11.23 15.08
CA ASP A 128 -9.32 11.00 16.47
C ASP A 128 -8.38 11.66 17.49
N ASN A 129 -7.06 11.80 17.22
CA ASN A 129 -6.21 12.44 18.24
C ASN A 129 -4.70 12.59 17.90
N ASP A 130 -3.96 11.53 18.23
CA ASP A 130 -2.48 11.46 18.17
C ASP A 130 -1.80 11.59 16.79
N GLY A 131 -2.39 12.22 15.80
CA GLY A 131 -1.68 12.31 14.53
C GLY A 131 -1.32 10.93 14.07
N GLN A 132 -2.24 10.02 14.32
CA GLN A 132 -2.06 8.63 14.00
C GLN A 132 -3.31 8.07 13.37
N ILE A 133 -3.18 6.88 12.85
CA ILE A 133 -4.27 6.21 12.22
C ILE A 133 -4.51 4.88 12.86
N ASP A 134 -5.74 4.65 13.21
CA ASP A 134 -6.15 3.41 13.82
C ASP A 134 -6.82 2.57 12.76
N TYR A 135 -6.88 1.27 12.98
CA TYR A 135 -7.49 0.37 12.01
C TYR A 135 -8.82 0.95 11.53
N GLY A 136 -9.50 1.65 12.41
CA GLY A 136 -10.76 2.26 12.03
C GLY A 136 -10.51 3.55 11.28
N GLU A 137 -9.50 4.30 11.72
CA GLU A 137 -9.15 5.55 11.08
C GLU A 137 -8.77 5.33 9.63
N PHE A 138 -7.77 4.48 9.37
CA PHE A 138 -7.35 4.25 8.00
C PHE A 138 -8.50 3.71 7.15
N ALA A 139 -9.43 3.04 7.79
CA ALA A 139 -10.55 2.47 7.08
C ALA A 139 -11.61 3.54 6.78
N ALA A 140 -11.78 4.46 7.72
CA ALA A 140 -12.75 5.55 7.57
C ALA A 140 -12.13 6.78 6.91
N MET A 141 -10.80 6.83 6.83
CA MET A 141 -10.10 7.95 6.21
C MET A 141 -10.60 8.11 4.78
N MET A 142 -11.20 7.04 4.29
CA MET A 142 -11.80 7.00 2.95
C MET A 142 -13.23 6.50 3.10
N ARG A 143 -13.96 7.13 4.03
CA ARG A 143 -15.34 6.78 4.33
C ARG A 143 -16.11 6.31 3.10
N LYS A 144 -16.87 5.24 3.29
CA LYS A 144 -17.64 4.66 2.21
C LYS A 144 -19.13 4.58 2.57
N ARG A 145 -19.43 3.93 3.69
CA ARG A 145 -20.82 3.79 4.11
C ARG A 145 -20.96 3.69 5.63
N LYS A 146 -20.16 4.48 6.35
CA LYS A 146 -20.22 4.49 7.82
C LYS A 146 -21.67 4.49 8.29
N GLY A 147 -22.13 3.35 8.77
CA GLY A 147 -23.51 3.23 9.22
C GLY A 147 -23.73 3.43 10.71
N ASN A 148 -22.80 2.94 11.53
CA ASN A 148 -22.94 3.07 12.98
C ASN A 148 -21.59 3.16 13.66
N GLY A 149 -21.60 3.64 14.91
CA GLY A 149 -20.37 3.79 15.69
C GLY A 149 -19.34 2.70 15.46
N GLY A 150 -19.78 1.54 14.99
CA GLY A 150 -18.88 0.44 14.72
C GLY A 150 -17.83 0.82 13.68
N ILE A 151 -17.96 2.03 13.13
CA ILE A 151 -17.04 2.56 12.12
C ILE A 151 -15.61 2.15 12.41
N GLY A 152 -14.96 2.94 13.26
CA GLY A 152 -13.59 2.66 13.62
C GLY A 152 -12.88 3.86 14.22
N ARG A 153 -12.74 4.93 13.43
CA ARG A 153 -12.07 6.14 13.91
C ARG A 153 -12.99 6.93 14.84
N ARG A 154 -13.04 6.51 16.09
CA ARG A 154 -13.88 7.18 17.08
C ARG A 154 -13.10 7.50 18.35
N THR A 155 -13.47 8.59 19.01
CA THR A 155 -12.81 8.98 20.25
C THR A 155 -13.19 7.98 21.35
N MET A 156 -14.24 7.21 21.08
CA MET A 156 -14.73 6.21 22.02
C MET A 156 -15.12 4.93 21.27
N ARG A 157 -14.38 4.62 20.20
CA ARG A 157 -14.64 3.44 19.39
C ARG A 157 -14.59 2.16 20.22
N LYS A 158 -14.07 2.28 21.46
CA LYS A 158 -13.94 1.14 22.35
C LYS A 158 -15.30 0.45 22.55
N THR A 159 -16.07 0.94 23.52
CA THR A 159 -17.37 0.36 23.82
C THR A 159 -18.38 1.45 24.21
N LEU A 160 -18.21 2.00 25.41
CA LEU A 160 -19.11 3.05 25.90
C LEU A 160 -18.44 3.81 27.03
N ASN A 161 -18.33 5.13 26.86
CA ASN A 161 -17.71 5.98 27.88
C ASN A 161 -18.75 6.91 28.52
N LEU A 162 -18.44 7.38 29.72
CA LEU A 162 -19.34 8.29 30.43
C LEU A 162 -19.13 9.73 29.99
N ARG A 163 -18.11 10.38 30.55
CA ARG A 163 -17.80 11.76 30.20
C ARG A 163 -16.61 11.83 29.26
N ASP A 164 -16.88 12.20 28.01
CA ASP A 164 -15.83 12.32 27.00
C ASP A 164 -15.15 13.67 27.07
N ALA A 165 -13.87 13.70 26.71
CA ALA A 165 -13.10 14.93 26.74
C ALA A 165 -12.63 15.32 25.34
N LEU A 166 -12.56 16.62 25.08
CA LEU A 166 -12.14 17.12 23.78
C LEU A 166 -10.75 17.76 23.86
N GLY A 167 -10.33 18.07 25.08
CA GLY A 167 -9.02 18.68 25.27
C GLY A 167 -9.06 20.19 25.13
N LEU A 168 -8.34 20.71 24.13
CA LEU A 168 -8.30 22.15 23.88
C LEU A 168 -9.70 22.66 23.55
N VAL A 169 -10.25 23.51 24.41
CA VAL A 169 -11.57 24.07 24.21
C VAL A 169 -11.59 25.03 23.02
N ASP A 170 -12.53 24.79 22.10
CA ASP A 170 -12.66 25.63 20.91
C ASP A 170 -14.11 25.64 20.42
N ASN A 171 -14.68 24.45 20.25
CA ASN A 171 -16.05 24.32 19.80
C ASN A 171 -17.03 24.83 20.84
N GLY A 172 -16.66 24.67 22.11
CA GLY A 172 -17.51 25.13 23.19
C GLY A 172 -16.71 25.65 24.38
N SER A 173 -17.22 26.71 25.00
CA SER A 173 -16.54 27.32 26.15
C SER A 173 -17.54 27.68 27.24
N ASN A 174 -17.76 26.75 28.16
CA ASN A 174 -18.69 26.96 29.27
C ASN A 174 -18.13 26.37 30.56
N GLN A 175 -18.47 25.10 30.82
CA GLN A 175 -18.00 24.41 32.02
C GLN A 175 -17.57 22.99 31.69
N VAL A 176 -16.26 22.73 31.76
CA VAL A 176 -15.73 21.42 31.47
C VAL A 176 -15.03 20.81 32.68
N ILE A 177 -15.70 19.87 33.33
CA ILE A 177 -15.15 19.21 34.51
C ILE A 177 -14.37 17.96 34.11
N GLU A 178 -13.17 17.83 34.64
CA GLU A 178 -12.31 16.68 34.35
C GLU A 178 -12.22 15.76 35.55
N GLY A 179 -12.65 14.51 35.36
CA GLY A 179 -12.60 13.53 36.43
C GLY A 179 -11.50 12.51 36.24
N TYR A 180 -10.39 12.70 36.96
CA TYR A 180 -9.26 11.78 36.86
C TYR A 180 -9.61 10.41 37.44
N PHE A 181 -8.87 9.39 37.00
CA PHE A 181 -9.09 8.03 37.47
C PHE A 181 -8.00 7.09 36.97
N LYS A 182 -8.08 6.73 35.69
CA LYS A 182 -7.11 5.84 35.07
C LYS A 182 -7.16 5.93 33.55
CA CA B . -0.31 4.98 -19.39
CA CA C . 8.95 -1.10 -12.67
CA CA D . 1.51 0.54 15.81
CA CA E . -5.28 8.91 16.08
N ALA A 1 -14.10 -10.33 -38.72
CA ALA A 1 -13.79 -10.26 -37.27
C ALA A 1 -14.90 -10.90 -36.44
N GLU A 2 -15.01 -12.22 -36.55
CA GLU A 2 -16.03 -12.96 -35.81
C GLU A 2 -15.44 -13.58 -34.54
N ARG A 3 -16.04 -13.25 -33.40
CA ARG A 3 -15.57 -13.76 -32.12
C ARG A 3 -16.62 -13.54 -31.03
N LEU A 4 -16.47 -14.24 -29.92
CA LEU A 4 -17.41 -14.12 -28.80
C LEU A 4 -16.82 -14.75 -27.54
N SER A 5 -16.12 -13.95 -26.75
CA SER A 5 -15.51 -14.42 -25.52
C SER A 5 -15.86 -13.51 -24.35
N GLU A 6 -15.49 -13.93 -23.13
CA GLU A 6 -15.77 -13.16 -21.93
C GLU A 6 -14.98 -11.85 -21.94
N GLU A 7 -15.55 -10.82 -21.32
CA GLU A 7 -14.91 -9.50 -21.26
C GLU A 7 -14.02 -9.40 -20.02
N GLU A 8 -14.53 -9.88 -18.89
CA GLU A 8 -13.78 -9.83 -17.64
C GLU A 8 -12.70 -10.90 -17.62
N ILE A 9 -13.05 -12.10 -18.06
CA ILE A 9 -12.11 -13.22 -18.09
C ILE A 9 -11.10 -13.05 -19.22
N GLY A 10 -11.58 -12.64 -20.39
CA GLY A 10 -10.71 -12.44 -21.53
C GLY A 10 -10.53 -10.98 -21.87
N GLY A 11 -9.30 -10.49 -21.72
CA GLY A 11 -9.02 -9.10 -22.03
C GLY A 11 -8.12 -8.46 -20.99
N LEU A 12 -7.31 -9.28 -20.32
CA LEU A 12 -6.39 -8.78 -19.29
C LEU A 12 -5.07 -8.34 -19.92
N LYS A 13 -4.60 -9.10 -20.92
CA LYS A 13 -3.37 -8.75 -21.61
C LYS A 13 -3.61 -7.45 -22.34
N GLU A 14 -4.85 -7.28 -22.77
CA GLU A 14 -5.27 -6.07 -23.44
C GLU A 14 -5.50 -5.02 -22.37
N LEU A 15 -6.01 -5.47 -21.22
CA LEU A 15 -6.26 -4.60 -20.09
C LEU A 15 -4.97 -3.86 -19.74
N PHE A 16 -3.86 -4.61 -19.77
CA PHE A 16 -2.56 -4.04 -19.45
C PHE A 16 -2.28 -2.80 -20.28
N LYS A 17 -2.58 -2.86 -21.57
CA LYS A 17 -2.35 -1.73 -22.45
C LYS A 17 -3.56 -0.82 -22.37
N MET A 18 -4.60 -1.35 -21.77
CA MET A 18 -5.83 -0.62 -21.58
C MET A 18 -5.75 0.22 -20.31
N ILE A 19 -4.74 -0.07 -19.48
CA ILE A 19 -4.50 0.68 -18.25
C ILE A 19 -3.90 2.02 -18.59
N ASP A 20 -2.82 1.97 -19.36
CA ASP A 20 -2.11 3.17 -19.79
C ASP A 20 -2.81 3.78 -21.00
N THR A 21 -4.10 3.95 -20.83
CA THR A 21 -4.95 4.52 -21.86
C THR A 21 -4.52 5.93 -22.21
N ASP A 22 -3.57 6.46 -21.43
CA ASP A 22 -3.10 7.81 -21.65
C ASP A 22 -1.57 7.88 -21.61
N ASN A 23 -0.92 6.80 -21.19
CA ASN A 23 0.52 6.81 -21.09
C ASN A 23 1.21 6.43 -22.39
N SER A 24 1.57 5.14 -22.52
CA SER A 24 2.27 4.68 -23.73
C SER A 24 2.55 3.17 -23.71
N GLY A 25 1.93 2.45 -22.79
CA GLY A 25 2.17 1.02 -22.69
C GLY A 25 2.92 0.66 -21.42
N THR A 26 2.78 1.53 -20.42
CA THR A 26 3.39 1.32 -19.11
C THR A 26 2.48 1.92 -18.05
N ILE A 27 2.43 1.28 -16.91
CA ILE A 27 1.55 1.72 -15.83
C ILE A 27 2.27 2.42 -14.71
N THR A 28 2.13 3.72 -14.66
CA THR A 28 2.75 4.49 -13.61
C THR A 28 1.71 4.87 -12.57
N PHE A 29 2.19 5.27 -11.40
CA PHE A 29 1.33 5.61 -10.27
C PHE A 29 0.01 6.27 -10.69
N ASP A 30 0.04 7.10 -11.72
CA ASP A 30 -1.17 7.78 -12.19
C ASP A 30 -2.07 6.81 -12.96
N GLU A 31 -1.47 6.03 -13.86
CA GLU A 31 -2.23 5.05 -14.65
C GLU A 31 -2.52 3.81 -13.83
N LEU A 32 -1.83 3.69 -12.69
CA LEU A 32 -2.02 2.57 -11.81
C LEU A 32 -3.49 2.45 -11.48
N LYS A 33 -4.06 3.59 -11.10
CA LYS A 33 -5.48 3.68 -10.77
C LYS A 33 -6.31 3.90 -12.01
N ASP A 34 -5.80 4.74 -12.90
CA ASP A 34 -6.48 5.06 -14.15
C ASP A 34 -6.99 3.82 -14.88
N GLY A 35 -6.28 2.70 -14.71
CA GLY A 35 -6.66 1.46 -15.37
C GLY A 35 -7.99 0.91 -14.89
N LEU A 36 -8.25 1.00 -13.59
CA LEU A 36 -9.49 0.51 -13.03
C LEU A 36 -10.52 1.63 -12.98
N LYS A 37 -10.03 2.84 -12.76
CA LYS A 37 -10.87 4.02 -12.69
C LYS A 37 -11.62 4.26 -13.98
N ARG A 38 -10.91 4.15 -15.10
CA ARG A 38 -11.51 4.39 -16.40
C ARG A 38 -12.49 3.28 -16.76
N VAL A 39 -12.13 2.04 -16.46
CA VAL A 39 -12.97 0.90 -16.78
C VAL A 39 -14.23 0.83 -15.92
N GLY A 40 -14.25 1.60 -14.84
CA GLY A 40 -15.41 1.61 -13.96
C GLY A 40 -15.10 1.12 -12.55
N SER A 41 -14.11 1.75 -11.92
CA SER A 41 -13.73 1.38 -10.56
C SER A 41 -13.27 2.61 -9.79
N GLU A 42 -13.15 2.47 -8.46
CA GLU A 42 -12.71 3.58 -7.63
C GLU A 42 -11.70 3.13 -6.58
N LEU A 43 -10.49 3.64 -6.70
CA LEU A 43 -9.41 3.30 -5.77
C LEU A 43 -8.82 4.57 -5.17
N MET A 44 -8.05 4.41 -4.10
CA MET A 44 -7.40 5.53 -3.45
C MET A 44 -5.90 5.41 -3.63
N GLU A 45 -5.16 6.49 -3.39
CA GLU A 45 -3.72 6.42 -3.56
C GLU A 45 -3.11 5.28 -2.76
N SER A 46 -3.20 5.34 -1.43
CA SER A 46 -2.65 4.30 -0.56
C SER A 46 -2.87 2.90 -1.13
N GLU A 47 -3.93 2.72 -1.92
CA GLU A 47 -4.22 1.43 -2.53
C GLU A 47 -3.32 1.23 -3.73
N ILE A 48 -3.29 2.25 -4.59
CA ILE A 48 -2.47 2.25 -5.78
C ILE A 48 -1.02 1.94 -5.43
N LYS A 49 -0.44 2.80 -4.61
CA LYS A 49 0.93 2.65 -4.16
C LYS A 49 1.14 1.31 -3.49
N ASP A 50 0.05 0.73 -2.99
CA ASP A 50 0.12 -0.56 -2.32
C ASP A 50 0.25 -1.70 -3.33
N LEU A 51 -0.53 -1.62 -4.39
CA LEU A 51 -0.50 -2.63 -5.44
C LEU A 51 0.85 -2.65 -6.13
N MET A 52 1.34 -1.48 -6.43
CA MET A 52 2.59 -1.32 -7.13
C MET A 52 3.77 -1.77 -6.30
N ASP A 53 4.00 -1.09 -5.20
CA ASP A 53 5.13 -1.43 -4.33
C ASP A 53 5.10 -2.89 -3.89
N ALA A 54 3.90 -3.46 -3.78
CA ALA A 54 3.75 -4.84 -3.34
C ALA A 54 3.82 -5.87 -4.47
N ALA A 55 3.27 -5.53 -5.64
CA ALA A 55 3.25 -6.46 -6.75
C ALA A 55 4.30 -6.13 -7.81
N ASP A 56 4.45 -4.85 -8.11
CA ASP A 56 5.42 -4.42 -9.11
C ASP A 56 6.78 -5.03 -8.82
N ILE A 57 7.07 -6.15 -9.48
CA ILE A 57 8.33 -6.86 -9.31
C ILE A 57 9.53 -5.94 -9.46
N ASP A 58 9.30 -4.79 -10.09
CA ASP A 58 10.36 -3.82 -10.32
C ASP A 58 9.93 -2.41 -9.89
N LYS A 59 9.29 -2.34 -8.73
CA LYS A 59 8.76 -1.08 -8.19
C LYS A 59 9.60 0.14 -8.57
N SER A 60 9.24 0.71 -9.70
CA SER A 60 9.89 1.92 -10.22
C SER A 60 8.82 2.96 -10.53
N GLY A 61 7.64 2.75 -9.95
CA GLY A 61 6.53 3.65 -10.18
C GLY A 61 5.91 3.41 -11.53
N THR A 62 6.12 2.19 -12.05
CA THR A 62 5.62 1.78 -13.35
C THR A 62 5.31 0.29 -13.32
N ILE A 63 4.39 -0.14 -14.17
CA ILE A 63 4.01 -1.54 -14.24
C ILE A 63 3.92 -2.01 -15.69
N ASP A 64 4.61 -3.10 -15.99
CA ASP A 64 4.60 -3.66 -17.32
C ASP A 64 3.74 -4.90 -17.37
N TYR A 65 3.44 -5.36 -18.60
CA TYR A 65 2.59 -6.53 -18.80
C TYR A 65 2.81 -7.58 -17.72
N GLY A 66 4.07 -7.84 -17.39
CA GLY A 66 4.37 -8.81 -16.38
C GLY A 66 3.93 -8.35 -15.00
N GLU A 67 4.50 -7.24 -14.54
CA GLU A 67 4.16 -6.68 -13.24
C GLU A 67 2.65 -6.48 -13.10
N PHE A 68 1.97 -6.39 -14.23
CA PHE A 68 0.53 -6.21 -14.26
C PHE A 68 -0.19 -7.43 -13.74
N ILE A 69 -0.05 -8.52 -14.48
CA ILE A 69 -0.67 -9.78 -14.15
C ILE A 69 -0.37 -10.19 -12.71
N ALA A 70 0.88 -10.04 -12.29
CA ALA A 70 1.27 -10.39 -10.93
C ALA A 70 0.42 -9.64 -9.92
N ALA A 71 0.14 -8.37 -10.22
CA ALA A 71 -0.66 -7.53 -9.35
C ALA A 71 -2.10 -8.06 -9.23
N THR A 72 -2.71 -8.35 -10.38
CA THR A 72 -4.09 -8.85 -10.40
C THR A 72 -4.22 -10.12 -9.55
N VAL A 73 -3.21 -10.97 -9.59
CA VAL A 73 -3.23 -12.22 -8.83
C VAL A 73 -2.81 -11.97 -7.37
N HIS A 74 -2.19 -10.82 -7.15
CA HIS A 74 -1.77 -10.43 -5.81
C HIS A 74 -2.96 -9.86 -5.06
N LEU A 75 -3.90 -9.34 -5.85
CA LEU A 75 -5.12 -8.79 -5.32
C LEU A 75 -6.22 -9.83 -5.44
N ASN A 76 -5.86 -10.96 -6.05
CA ASN A 76 -6.79 -12.05 -6.24
C ASN A 76 -6.56 -13.16 -5.20
N LYS A 77 -7.01 -12.90 -3.97
CA LYS A 77 -6.84 -13.88 -2.89
C LYS A 77 -7.54 -13.40 -1.62
N LEU A 78 -7.15 -13.98 -0.49
CA LEU A 78 -7.74 -13.62 0.80
C LEU A 78 -7.13 -12.33 1.33
N GLU A 79 -6.31 -11.68 0.52
CA GLU A 79 -5.66 -10.44 0.91
C GLU A 79 -6.71 -9.38 1.29
N ARG A 80 -6.28 -8.40 2.09
CA ARG A 80 -7.17 -7.34 2.54
C ARG A 80 -7.90 -6.70 1.35
N GLU A 81 -9.16 -6.33 1.57
CA GLU A 81 -9.97 -5.72 0.53
C GLU A 81 -9.35 -4.42 0.04
N GLU A 82 -9.50 -3.36 0.83
CA GLU A 82 -8.95 -2.06 0.47
C GLU A 82 -8.84 -1.15 1.69
N ASN A 83 -8.60 -1.76 2.85
CA ASN A 83 -8.46 -1.01 4.09
C ASN A 83 -7.38 0.07 3.98
N LEU A 84 -7.71 1.27 4.43
CA LEU A 84 -6.78 2.40 4.39
C LEU A 84 -5.49 2.08 5.15
N VAL A 85 -5.54 1.06 5.99
CA VAL A 85 -4.39 0.66 6.80
C VAL A 85 -3.12 0.52 5.95
N SER A 86 -3.29 0.39 4.63
CA SER A 86 -2.17 0.27 3.71
C SER A 86 -1.01 1.17 4.12
N ALA A 87 -1.32 2.44 4.40
CA ALA A 87 -0.30 3.39 4.82
C ALA A 87 0.16 3.10 6.23
N PHE A 88 -0.82 2.95 7.13
CA PHE A 88 -0.56 2.65 8.54
C PHE A 88 0.64 1.70 8.67
N SER A 89 0.78 0.82 7.69
CA SER A 89 1.88 -0.13 7.67
C SER A 89 3.11 0.44 6.96
N TYR A 90 2.91 0.95 5.74
CA TYR A 90 4.01 1.51 4.96
C TYR A 90 4.36 2.93 5.41
N PHE A 91 3.42 3.85 5.24
CA PHE A 91 3.65 5.24 5.66
C PHE A 91 3.95 5.27 7.15
N ASP A 92 2.99 4.80 7.95
CA ASP A 92 3.17 4.70 9.39
C ASP A 92 4.09 3.52 9.69
N LYS A 93 5.29 3.56 9.12
CA LYS A 93 6.26 2.49 9.28
C LYS A 93 6.50 2.15 10.74
N ASP A 94 6.58 3.17 11.59
CA ASP A 94 6.79 2.95 13.00
C ASP A 94 5.56 2.27 13.62
N GLY A 95 4.43 2.41 12.93
CA GLY A 95 3.20 1.81 13.39
C GLY A 95 3.00 1.96 14.88
N SER A 96 2.85 3.21 15.29
CA SER A 96 2.59 3.55 16.66
C SER A 96 1.27 4.27 16.68
N GLY A 97 1.07 5.02 15.61
CA GLY A 97 -0.15 5.75 15.40
C GLY A 97 0.06 7.10 14.75
N TYR A 98 1.31 7.38 14.38
CA TYR A 98 1.64 8.64 13.73
C TYR A 98 2.87 8.52 12.83
N ILE A 99 3.04 9.52 11.98
CA ILE A 99 4.14 9.57 11.02
C ILE A 99 4.83 10.93 11.06
N THR A 100 6.00 11.00 11.66
CA THR A 100 6.73 12.25 11.71
C THR A 100 7.36 12.50 10.35
N LEU A 101 7.51 13.76 9.98
CA LEU A 101 8.08 14.12 8.68
C LEU A 101 9.16 13.14 8.23
N ASP A 102 9.91 12.59 9.17
CA ASP A 102 10.96 11.63 8.83
C ASP A 102 10.36 10.44 8.08
N GLU A 103 9.33 9.85 8.67
CA GLU A 103 8.65 8.71 8.06
C GLU A 103 7.91 9.14 6.79
N ILE A 104 7.49 10.41 6.75
CA ILE A 104 6.79 10.95 5.59
C ILE A 104 7.74 11.10 4.40
N GLN A 105 8.78 11.92 4.56
CA GLN A 105 9.75 12.15 3.51
C GLN A 105 10.33 10.81 3.03
N GLN A 106 10.55 9.90 3.97
CA GLN A 106 11.09 8.58 3.66
C GLN A 106 10.16 7.81 2.73
N ALA A 107 8.93 7.59 3.18
CA ALA A 107 7.94 6.87 2.39
C ALA A 107 7.63 7.63 1.10
N CYS A 108 8.11 8.86 1.04
CA CYS A 108 7.91 9.73 -0.11
C CYS A 108 9.17 9.73 -0.97
N LYS A 109 9.51 8.57 -1.53
CA LYS A 109 10.71 8.42 -2.35
C LYS A 109 10.46 8.77 -3.82
N ASP A 110 9.57 8.05 -4.47
CA ASP A 110 9.27 8.28 -5.88
C ASP A 110 8.81 9.71 -6.16
N PHE A 111 8.64 10.50 -5.10
CA PHE A 111 8.20 11.88 -5.23
C PHE A 111 9.39 12.84 -5.35
N GLY A 112 10.59 12.29 -5.47
CA GLY A 112 11.75 13.15 -5.57
C GLY A 112 11.91 13.97 -4.30
N LEU A 113 11.60 13.34 -3.18
CA LEU A 113 11.65 13.98 -1.86
C LEU A 113 12.79 14.99 -1.76
N ASP A 114 12.43 16.22 -1.37
CA ASP A 114 13.39 17.29 -1.24
C ASP A 114 12.83 18.41 -0.35
N ASP A 115 13.73 19.23 0.19
CA ASP A 115 13.34 20.33 1.07
C ASP A 115 12.68 21.45 0.32
N ILE A 116 12.67 21.35 -0.99
CA ILE A 116 12.05 22.37 -1.81
C ILE A 116 10.53 22.26 -1.83
N HIS A 117 10.01 21.17 -2.39
CA HIS A 117 8.55 20.97 -2.46
C HIS A 117 8.03 20.21 -1.25
N ILE A 118 8.51 18.98 -1.12
CA ILE A 118 8.09 18.09 -0.03
C ILE A 118 8.06 18.81 1.32
N ASP A 119 9.00 19.71 1.52
CA ASP A 119 9.07 20.46 2.78
C ASP A 119 7.70 21.08 3.09
N ASP A 120 7.13 21.73 2.08
CA ASP A 120 5.81 22.35 2.24
C ASP A 120 4.75 21.27 2.42
N MET A 121 5.04 20.10 1.85
CA MET A 121 4.17 18.94 1.93
C MET A 121 4.01 18.48 3.37
N ILE A 122 5.10 18.52 4.12
CA ILE A 122 5.10 18.17 5.53
C ILE A 122 4.04 19.01 6.20
N LYS A 123 4.05 20.28 5.83
CA LYS A 123 3.08 21.22 6.34
C LYS A 123 1.81 21.17 5.51
N GLU A 124 1.90 20.52 4.36
CA GLU A 124 0.75 20.37 3.45
C GLU A 124 -0.05 19.13 3.81
N ILE A 125 0.54 18.30 4.64
CA ILE A 125 -0.09 17.07 5.08
C ILE A 125 -0.28 17.14 6.59
N ASP A 126 0.54 17.98 7.24
CA ASP A 126 0.44 18.18 8.68
C ASP A 126 -0.89 18.83 9.04
N GLN A 127 -1.81 18.03 9.52
CA GLN A 127 -3.12 18.54 9.88
C GLN A 127 -3.20 19.04 11.33
N ASP A 128 -2.25 18.66 12.19
CA ASP A 128 -2.35 19.12 13.57
C ASP A 128 -1.15 19.95 14.04
N ASN A 129 0.08 19.67 13.58
CA ASN A 129 1.22 20.48 14.05
C ASN A 129 2.60 20.09 13.50
N ASP A 130 3.09 18.97 14.04
CA ASP A 130 4.45 18.47 13.80
C ASP A 130 4.82 18.04 12.38
N GLY A 131 4.13 18.49 11.33
CA GLY A 131 4.55 18.04 10.02
C GLY A 131 4.57 16.54 10.01
N GLN A 132 3.58 16.00 10.70
CA GLN A 132 3.44 14.59 10.88
C GLN A 132 2.03 14.18 10.55
N ILE A 133 1.83 12.90 10.43
CA ILE A 133 0.55 12.38 10.12
C ILE A 133 0.23 11.21 10.99
N ASP A 134 -0.88 11.30 11.67
CA ASP A 134 -1.30 10.21 12.53
C ASP A 134 -2.37 9.44 11.82
N TYR A 135 -2.58 8.22 12.27
CA TYR A 135 -3.60 7.36 11.67
C TYR A 135 -4.84 8.15 11.34
N GLY A 136 -5.15 9.16 12.16
CA GLY A 136 -6.29 9.97 11.88
C GLY A 136 -6.01 10.94 10.77
N GLU A 137 -4.86 11.59 10.86
CA GLU A 137 -4.43 12.53 9.84
C GLU A 137 -4.43 11.90 8.47
N PHE A 138 -3.65 10.83 8.28
CA PHE A 138 -3.61 10.20 6.97
C PHE A 138 -4.98 9.75 6.53
N ALA A 139 -5.83 9.42 7.50
CA ALA A 139 -7.17 8.96 7.22
C ALA A 139 -8.10 10.14 6.90
N ALA A 140 -7.70 11.34 7.34
CA ALA A 140 -8.49 12.54 7.12
C ALA A 140 -8.12 13.24 5.79
N MET A 141 -6.82 13.44 5.57
CA MET A 141 -6.32 14.08 4.36
C MET A 141 -6.83 13.39 3.10
N MET A 142 -7.31 12.17 3.26
CA MET A 142 -7.83 11.40 2.14
C MET A 142 -9.36 11.46 2.09
N ARG A 143 -9.97 11.70 3.25
CA ARG A 143 -11.42 11.80 3.35
C ARG A 143 -11.86 13.23 3.66
N LYS A 144 -12.14 13.52 4.94
CA LYS A 144 -12.55 14.85 5.36
C LYS A 144 -11.94 15.20 6.70
N ARG A 145 -12.49 16.21 7.36
CA ARG A 145 -11.99 16.63 8.65
C ARG A 145 -12.69 15.88 9.79
N LYS A 146 -13.88 15.38 9.49
CA LYS A 146 -14.66 14.63 10.49
C LYS A 146 -15.95 14.07 9.87
N GLY A 147 -15.84 12.90 9.25
CA GLY A 147 -17.00 12.29 8.64
C GLY A 147 -17.75 11.37 9.58
N ASN A 148 -17.01 10.66 10.42
CA ASN A 148 -17.60 9.73 11.38
C ASN A 148 -16.74 9.63 12.64
N GLY A 149 -17.34 9.13 13.72
CA GLY A 149 -16.62 8.98 14.98
C GLY A 149 -15.29 8.25 14.82
N GLY A 150 -15.12 7.60 13.67
CA GLY A 150 -13.89 6.88 13.41
C GLY A 150 -12.70 7.81 13.29
N ILE A 151 -12.96 9.11 13.36
CA ILE A 151 -11.92 10.13 13.24
C ILE A 151 -10.69 9.77 14.07
N GLY A 152 -9.54 10.32 13.67
CA GLY A 152 -8.31 10.07 14.38
C GLY A 152 -7.55 11.36 14.60
N ARG A 153 -7.43 12.16 13.54
CA ARG A 153 -6.73 13.43 13.64
C ARG A 153 -7.60 14.44 14.36
N ARG A 154 -7.06 14.93 15.45
CA ARG A 154 -7.75 15.92 16.27
C ARG A 154 -6.86 17.10 16.62
N THR A 155 -7.46 18.28 16.74
CA THR A 155 -6.71 19.47 17.10
C THR A 155 -6.02 19.24 18.45
N MET A 156 -6.49 18.22 19.15
CA MET A 156 -5.95 17.83 20.45
C MET A 156 -6.37 16.40 20.78
N ARG A 157 -5.98 15.47 19.92
CA ARG A 157 -6.33 14.06 20.11
C ARG A 157 -5.71 13.50 21.39
N LYS A 158 -5.83 12.18 21.58
CA LYS A 158 -5.28 11.52 22.76
C LYS A 158 -5.24 10.01 22.56
N THR A 159 -4.04 9.44 22.66
CA THR A 159 -3.85 8.01 22.49
C THR A 159 -2.49 7.57 23.01
N LEU A 160 -2.35 6.27 23.27
CA LEU A 160 -1.10 5.71 23.77
C LEU A 160 -0.08 5.58 22.65
N ASN A 161 1.19 5.59 23.01
CA ASN A 161 2.27 5.46 22.03
C ASN A 161 2.92 4.09 22.09
N LEU A 162 3.78 3.80 21.11
CA LEU A 162 4.47 2.53 21.05
C LEU A 162 5.93 2.68 21.49
N ARG A 163 6.42 1.69 22.23
CA ARG A 163 7.79 1.72 22.72
C ARG A 163 8.49 0.38 22.48
N ASP A 164 8.06 -0.65 23.21
CA ASP A 164 8.63 -1.98 23.08
C ASP A 164 8.36 -2.55 21.69
N ALA A 165 9.35 -3.27 21.15
CA ALA A 165 9.23 -3.87 19.83
C ALA A 165 8.26 -5.05 19.84
N LEU A 166 7.32 -5.06 18.90
CA LEU A 166 6.34 -6.13 18.81
C LEU A 166 6.95 -7.37 18.14
N GLY A 167 8.10 -7.19 17.50
CA GLY A 167 8.76 -8.29 16.84
C GLY A 167 9.98 -8.78 17.58
N LEU A 168 10.92 -9.38 16.86
CA LEU A 168 12.15 -9.89 17.45
C LEU A 168 13.35 -9.06 17.00
N VAL A 169 14.53 -9.46 17.47
CA VAL A 169 15.76 -8.76 17.11
C VAL A 169 16.13 -9.01 15.65
N ASP A 170 16.05 -7.97 14.82
CA ASP A 170 16.37 -8.09 13.41
C ASP A 170 17.86 -8.33 13.20
N ASN A 171 18.24 -9.61 13.17
CA ASN A 171 19.64 -9.99 12.97
C ASN A 171 19.95 -10.16 11.48
N GLY A 172 19.03 -9.72 10.63
CA GLY A 172 19.22 -9.84 9.20
C GLY A 172 20.35 -8.97 8.70
N SER A 173 21.31 -9.58 8.03
CA SER A 173 22.47 -8.85 7.49
C SER A 173 22.24 -8.47 6.03
N ASN A 174 21.08 -7.88 5.75
CA ASN A 174 20.74 -7.47 4.40
C ASN A 174 20.17 -6.06 4.38
N GLN A 175 20.86 -5.13 5.04
CA GLN A 175 20.42 -3.74 5.11
C GLN A 175 20.76 -3.01 3.81
N VAL A 176 19.74 -2.75 3.00
CA VAL A 176 19.91 -2.05 1.74
C VAL A 176 20.20 -0.57 1.96
N ILE A 177 21.17 -0.04 1.21
CA ILE A 177 21.54 1.36 1.34
C ILE A 177 21.38 2.11 0.01
N GLU A 178 21.06 3.39 0.09
CA GLU A 178 20.88 4.21 -1.10
C GLU A 178 21.76 5.46 -1.04
N GLY A 179 22.42 5.76 -2.15
CA GLY A 179 23.28 6.93 -2.21
C GLY A 179 24.01 7.06 -3.52
N TYR A 180 23.28 6.89 -4.62
CA TYR A 180 23.87 6.99 -5.95
C TYR A 180 24.06 8.46 -6.35
N PHE A 181 24.83 8.68 -7.42
CA PHE A 181 25.09 10.03 -7.90
C PHE A 181 23.96 10.51 -8.81
N LYS A 182 23.49 11.73 -8.57
CA LYS A 182 22.42 12.31 -9.38
C LYS A 182 22.96 13.38 -10.32
CA CA B . 0.57 5.10 -17.68
CA CA C . 8.50 -1.08 -12.87
CA CA D . 4.95 6.01 13.83
CA CA E . 1.01 16.64 12.85
N ALA A 1 -5.84 -25.30 -6.26
CA ALA A 1 -5.59 -25.17 -7.71
C ALA A 1 -6.57 -26.01 -8.51
N GLU A 2 -7.79 -26.16 -7.99
CA GLU A 2 -8.82 -26.94 -8.64
C GLU A 2 -10.02 -26.07 -9.02
N ARG A 3 -10.01 -24.82 -8.56
CA ARG A 3 -11.09 -23.89 -8.85
C ARG A 3 -10.58 -22.70 -9.65
N LEU A 4 -10.42 -22.88 -10.96
CA LEU A 4 -9.95 -21.82 -11.83
C LEU A 4 -11.03 -21.41 -12.82
N SER A 5 -10.69 -20.48 -13.72
CA SER A 5 -11.63 -20.00 -14.72
C SER A 5 -10.96 -19.85 -16.08
N GLU A 6 -11.77 -19.64 -17.11
CA GLU A 6 -11.27 -19.49 -18.47
C GLU A 6 -11.40 -18.05 -18.94
N GLU A 7 -12.15 -17.25 -18.18
CA GLU A 7 -12.37 -15.85 -18.52
C GLU A 7 -11.29 -14.96 -17.89
N GLU A 8 -10.62 -15.48 -16.86
CA GLU A 8 -9.57 -14.74 -16.18
C GLU A 8 -8.31 -14.64 -17.02
N ILE A 9 -8.02 -15.72 -17.76
CA ILE A 9 -6.83 -15.77 -18.60
C ILE A 9 -6.92 -14.76 -19.75
N GLY A 10 -8.14 -14.51 -20.22
CA GLY A 10 -8.33 -13.58 -21.31
C GLY A 10 -8.94 -12.26 -20.86
N GLY A 11 -8.61 -11.19 -21.58
CA GLY A 11 -9.13 -9.88 -21.24
C GLY A 11 -8.20 -9.10 -20.32
N LEU A 12 -7.19 -9.79 -19.78
CA LEU A 12 -6.23 -9.17 -18.89
C LEU A 12 -5.09 -8.54 -19.67
N LYS A 13 -4.65 -9.21 -20.73
CA LYS A 13 -3.58 -8.69 -21.57
C LYS A 13 -3.97 -7.32 -22.09
N GLU A 14 -5.20 -7.23 -22.58
CA GLU A 14 -5.73 -5.96 -23.07
C GLU A 14 -5.92 -5.03 -21.89
N LEU A 15 -6.29 -5.62 -20.75
CA LEU A 15 -6.50 -4.85 -19.53
C LEU A 15 -5.21 -4.13 -19.15
N PHE A 16 -4.06 -4.72 -19.51
CA PHE A 16 -2.78 -4.10 -19.21
C PHE A 16 -2.59 -2.81 -19.99
N LYS A 17 -3.04 -2.82 -21.24
CA LYS A 17 -2.92 -1.63 -22.08
C LYS A 17 -4.11 -0.76 -21.82
N MET A 18 -5.14 -1.40 -21.29
CA MET A 18 -6.35 -0.72 -20.90
C MET A 18 -6.00 0.26 -19.81
N ILE A 19 -4.93 -0.07 -19.08
CA ILE A 19 -4.42 0.78 -18.03
C ILE A 19 -3.79 2.00 -18.67
N ASP A 20 -2.79 1.73 -19.50
CA ASP A 20 -2.10 2.77 -20.24
C ASP A 20 -2.94 3.19 -21.43
N THR A 21 -3.80 4.16 -21.21
CA THR A 21 -4.68 4.65 -22.24
C THR A 21 -4.01 5.76 -23.06
N ASP A 22 -3.20 6.58 -22.41
CA ASP A 22 -2.55 7.69 -23.10
C ASP A 22 -1.10 7.92 -22.68
N ASN A 23 -0.45 6.95 -22.03
CA ASN A 23 0.92 7.15 -21.61
C ASN A 23 1.93 6.65 -22.65
N SER A 24 2.33 5.38 -22.56
CA SER A 24 3.32 4.85 -23.50
C SER A 24 3.36 3.33 -23.51
N GLY A 25 2.56 2.70 -22.68
CA GLY A 25 2.58 1.25 -22.59
C GLY A 25 3.14 0.78 -21.27
N THR A 26 3.12 1.69 -20.31
CA THR A 26 3.60 1.43 -18.96
C THR A 26 2.51 1.85 -17.99
N ILE A 27 2.63 1.45 -16.73
CA ILE A 27 1.61 1.79 -15.75
C ILE A 27 2.19 2.53 -14.57
N THR A 28 2.02 3.83 -14.54
CA THR A 28 2.53 4.60 -13.44
C THR A 28 1.41 5.00 -12.51
N PHE A 29 1.79 5.44 -11.32
CA PHE A 29 0.83 5.83 -10.28
C PHE A 29 -0.43 6.47 -10.87
N ASP A 30 -0.27 7.28 -11.91
CA ASP A 30 -1.42 7.93 -12.56
C ASP A 30 -2.23 6.93 -13.38
N GLU A 31 -1.53 6.07 -14.14
CA GLU A 31 -2.19 5.04 -14.94
C GLU A 31 -2.67 3.91 -14.05
N LEU A 32 -2.05 3.78 -12.89
CA LEU A 32 -2.40 2.75 -11.95
C LEU A 32 -3.89 2.81 -11.63
N LYS A 33 -4.33 3.99 -11.22
CA LYS A 33 -5.74 4.23 -10.90
C LYS A 33 -6.55 4.37 -12.18
N ASP A 34 -6.23 5.39 -12.98
CA ASP A 34 -6.93 5.64 -14.23
C ASP A 34 -7.30 4.35 -14.95
N GLY A 35 -6.33 3.47 -15.08
CA GLY A 35 -6.55 2.20 -15.76
C GLY A 35 -7.79 1.45 -15.30
N LEU A 36 -7.91 1.21 -13.99
CA LEU A 36 -9.06 0.51 -13.44
C LEU A 36 -10.16 1.48 -13.08
N LYS A 37 -9.76 2.56 -12.42
CA LYS A 37 -10.67 3.61 -12.01
C LYS A 37 -11.51 4.08 -13.21
N ARG A 38 -11.03 3.74 -14.40
CA ARG A 38 -11.69 4.09 -15.65
C ARG A 38 -13.11 3.52 -15.72
N VAL A 39 -13.25 2.26 -15.31
CA VAL A 39 -14.55 1.58 -15.35
C VAL A 39 -15.45 2.00 -14.19
N GLY A 40 -15.30 3.23 -13.74
CA GLY A 40 -16.12 3.73 -12.65
C GLY A 40 -15.49 3.48 -11.28
N SER A 41 -14.61 2.49 -11.22
CA SER A 41 -13.93 2.15 -9.98
C SER A 41 -13.27 3.38 -9.37
N GLU A 42 -13.09 3.37 -8.06
CA GLU A 42 -12.48 4.50 -7.38
C GLU A 42 -11.60 4.03 -6.21
N LEU A 43 -10.30 4.34 -6.31
CA LEU A 43 -9.35 3.97 -5.29
C LEU A 43 -8.68 5.20 -4.70
N MET A 44 -8.01 5.04 -3.56
CA MET A 44 -7.31 6.13 -2.93
C MET A 44 -5.81 5.97 -3.17
N GLU A 45 -5.09 7.08 -3.17
CA GLU A 45 -3.65 7.05 -3.45
C GLU A 45 -2.89 5.91 -2.76
N SER A 46 -2.98 5.77 -1.43
CA SER A 46 -2.25 4.71 -0.75
C SER A 46 -2.60 3.33 -1.33
N GLU A 47 -3.74 3.22 -2.00
CA GLU A 47 -4.12 1.96 -2.62
C GLU A 47 -3.29 1.76 -3.87
N ILE A 48 -3.16 2.83 -4.64
CA ILE A 48 -2.36 2.80 -5.86
C ILE A 48 -0.94 2.42 -5.50
N LYS A 49 -0.37 3.15 -4.55
CA LYS A 49 0.98 2.90 -4.08
C LYS A 49 1.13 1.44 -3.66
N ASP A 50 0.03 0.85 -3.20
CA ASP A 50 0.04 -0.54 -2.75
C ASP A 50 0.38 -1.46 -3.90
N LEU A 51 -0.32 -1.28 -5.02
CA LEU A 51 -0.09 -2.10 -6.21
C LEU A 51 1.35 -1.91 -6.70
N MET A 52 2.01 -0.87 -6.21
CA MET A 52 3.38 -0.57 -6.62
C MET A 52 4.44 -1.29 -5.79
N ASP A 53 4.53 -0.94 -4.51
CA ASP A 53 5.55 -1.56 -3.66
C ASP A 53 5.13 -2.95 -3.20
N ALA A 54 3.83 -3.14 -3.03
CA ALA A 54 3.31 -4.42 -2.57
C ALA A 54 3.03 -5.39 -3.71
N ALA A 55 2.92 -4.88 -4.94
CA ALA A 55 2.63 -5.74 -6.09
C ALA A 55 3.61 -5.59 -7.23
N ASP A 56 3.99 -4.36 -7.58
CA ASP A 56 4.92 -4.15 -8.68
C ASP A 56 6.24 -4.85 -8.38
N ILE A 57 6.38 -6.06 -8.91
CA ILE A 57 7.57 -6.88 -8.70
C ILE A 57 8.86 -6.08 -8.89
N ASP A 58 8.78 -5.02 -9.68
CA ASP A 58 9.92 -4.17 -9.96
C ASP A 58 9.60 -2.70 -9.73
N LYS A 59 8.91 -2.42 -8.62
CA LYS A 59 8.50 -1.07 -8.28
C LYS A 59 9.49 0.00 -8.74
N SER A 60 9.13 0.60 -9.85
CA SER A 60 9.91 1.68 -10.44
C SER A 60 8.99 2.88 -10.68
N GLY A 61 7.78 2.77 -10.14
CA GLY A 61 6.78 3.81 -10.29
C GLY A 61 5.81 3.49 -11.41
N THR A 62 6.09 2.40 -12.12
CA THR A 62 5.26 1.95 -13.22
C THR A 62 5.15 0.44 -13.24
N ILE A 63 4.18 -0.06 -13.99
CA ILE A 63 3.96 -1.49 -14.10
C ILE A 63 3.96 -1.91 -15.56
N ASP A 64 4.64 -3.01 -15.87
CA ASP A 64 4.71 -3.51 -17.23
C ASP A 64 3.84 -4.74 -17.39
N TYR A 65 3.59 -5.11 -18.65
CA TYR A 65 2.77 -6.26 -18.97
C TYR A 65 2.96 -7.40 -17.97
N GLY A 66 4.22 -7.70 -17.65
CA GLY A 66 4.49 -8.77 -16.72
C GLY A 66 3.98 -8.46 -15.32
N GLU A 67 4.52 -7.42 -14.71
CA GLU A 67 4.12 -7.00 -13.36
C GLU A 67 2.60 -6.89 -13.25
N PHE A 68 1.94 -6.57 -14.37
CA PHE A 68 0.49 -6.42 -14.39
C PHE A 68 -0.20 -7.75 -14.12
N ILE A 69 0.04 -8.69 -15.02
CA ILE A 69 -0.56 -10.01 -14.94
C ILE A 69 -0.31 -10.66 -13.57
N ALA A 70 0.95 -10.63 -13.14
CA ALA A 70 1.31 -11.21 -11.85
C ALA A 70 0.53 -10.57 -10.71
N ALA A 71 0.37 -9.26 -10.78
CA ALA A 71 -0.35 -8.51 -9.77
C ALA A 71 -1.79 -9.01 -9.62
N THR A 72 -2.53 -9.02 -10.73
CA THR A 72 -3.91 -9.47 -10.74
C THR A 72 -4.02 -10.92 -10.26
N VAL A 73 -3.31 -11.82 -10.93
CA VAL A 73 -3.35 -13.24 -10.58
C VAL A 73 -2.96 -13.47 -9.12
N HIS A 74 -2.24 -12.51 -8.55
CA HIS A 74 -1.82 -12.59 -7.16
C HIS A 74 -3.05 -12.48 -6.28
N LEU A 75 -3.81 -11.42 -6.53
CA LEU A 75 -5.04 -11.17 -5.80
C LEU A 75 -6.12 -12.14 -6.29
N ASN A 76 -5.80 -12.84 -7.38
CA ASN A 76 -6.72 -13.80 -7.97
C ASN A 76 -6.51 -15.19 -7.40
N LYS A 77 -7.04 -15.42 -6.20
CA LYS A 77 -6.90 -16.71 -5.54
C LYS A 77 -7.86 -16.82 -4.36
N LEU A 78 -8.24 -15.66 -3.81
CA LEU A 78 -9.15 -15.61 -2.68
C LEU A 78 -10.15 -14.47 -2.85
N GLU A 79 -9.76 -13.27 -2.44
CA GLU A 79 -10.62 -12.10 -2.55
C GLU A 79 -9.88 -10.85 -2.11
N ARG A 80 -10.06 -9.77 -2.86
CA ARG A 80 -9.41 -8.50 -2.54
C ARG A 80 -10.43 -7.44 -2.14
N GLU A 81 -10.17 -6.77 -1.03
CA GLU A 81 -11.06 -5.73 -0.53
C GLU A 81 -10.28 -4.68 0.27
N GLU A 82 -8.95 -4.78 0.20
CA GLU A 82 -8.08 -3.85 0.91
C GLU A 82 -8.29 -2.42 0.43
N ASN A 83 -9.16 -1.69 1.12
CA ASN A 83 -9.45 -0.31 0.77
C ASN A 83 -8.64 0.65 1.63
N LEU A 84 -9.17 1.00 2.79
CA LEU A 84 -8.49 1.91 3.70
C LEU A 84 -7.34 1.20 4.39
N VAL A 85 -7.55 -0.08 4.70
CA VAL A 85 -6.53 -0.89 5.37
C VAL A 85 -5.22 -0.92 4.56
N SER A 86 -5.32 -0.59 3.28
CA SER A 86 -4.15 -0.58 2.39
C SER A 86 -2.94 0.04 3.09
N ALA A 87 -3.05 1.31 3.46
CA ALA A 87 -1.96 2.00 4.13
C ALA A 87 -1.84 1.52 5.58
N PHE A 88 -2.99 1.24 6.20
CA PHE A 88 -3.02 0.74 7.58
C PHE A 88 -1.99 -0.36 7.74
N SER A 89 -1.67 -1.02 6.64
CA SER A 89 -0.68 -2.09 6.64
C SER A 89 0.71 -1.52 6.38
N TYR A 90 0.82 -0.61 5.41
CA TYR A 90 2.11 -0.01 5.06
C TYR A 90 2.38 1.22 5.93
N PHE A 91 1.56 2.26 5.80
CA PHE A 91 1.70 3.46 6.60
C PHE A 91 1.66 3.07 8.07
N ASP A 92 0.54 2.47 8.48
CA ASP A 92 0.39 1.98 9.84
C ASP A 92 1.14 0.65 9.95
N LYS A 93 2.43 0.70 9.60
CA LYS A 93 3.28 -0.47 9.58
C LYS A 93 3.20 -1.24 10.90
N ASP A 94 3.20 -0.51 12.01
CA ASP A 94 3.10 -1.13 13.32
C ASP A 94 1.73 -1.78 13.47
N GLY A 95 0.80 -1.28 12.64
CA GLY A 95 -0.55 -1.79 12.64
C GLY A 95 -1.10 -2.00 14.02
N SER A 96 -1.23 -0.89 14.71
CA SER A 96 -1.81 -0.85 16.04
C SER A 96 -3.02 0.03 15.92
N GLY A 97 -2.87 1.01 15.04
CA GLY A 97 -3.92 1.94 14.74
C GLY A 97 -3.38 3.31 14.38
N TYR A 98 -2.32 3.71 15.05
CA TYR A 98 -1.71 5.01 14.79
C TYR A 98 -0.36 4.91 14.11
N ILE A 99 0.09 6.04 13.57
CA ILE A 99 1.36 6.13 12.87
C ILE A 99 2.16 7.34 13.34
N THR A 100 3.17 7.13 14.16
CA THR A 100 3.98 8.22 14.63
C THR A 100 4.87 8.71 13.48
N LEU A 101 5.13 10.02 13.43
CA LEU A 101 5.94 10.59 12.36
C LEU A 101 7.05 9.66 11.89
N ASP A 102 7.58 8.85 12.81
CA ASP A 102 8.62 7.90 12.46
C ASP A 102 8.14 7.00 11.32
N GLU A 103 7.01 6.34 11.56
CA GLU A 103 6.41 5.46 10.57
C GLU A 103 5.92 6.25 9.36
N ILE A 104 5.56 7.52 9.58
CA ILE A 104 5.08 8.38 8.51
C ILE A 104 6.21 8.73 7.53
N GLN A 105 7.18 9.46 8.04
CA GLN A 105 8.32 9.90 7.24
C GLN A 105 8.95 8.74 6.47
N GLN A 106 9.28 7.65 7.17
CA GLN A 106 9.89 6.49 6.54
C GLN A 106 8.95 5.82 5.53
N ALA A 107 7.65 6.00 5.71
CA ALA A 107 6.67 5.40 4.80
C ALA A 107 6.52 6.21 3.52
N CYS A 108 7.16 7.37 3.47
CA CYS A 108 7.08 8.23 2.30
C CYS A 108 8.47 8.55 1.75
N LYS A 109 9.13 7.53 1.20
CA LYS A 109 10.45 7.70 0.62
C LYS A 109 10.36 8.21 -0.82
N ASP A 110 9.30 7.81 -1.50
CA ASP A 110 9.07 8.21 -2.88
C ASP A 110 8.41 9.59 -2.93
N PHE A 111 8.07 10.11 -1.76
CA PHE A 111 7.43 11.42 -1.66
C PHE A 111 8.48 12.50 -1.42
N GLY A 112 9.74 12.16 -1.70
CA GLY A 112 10.81 13.12 -1.50
C GLY A 112 11.13 13.30 -0.03
N LEU A 113 11.06 12.21 0.72
CA LEU A 113 11.33 12.21 2.15
C LEU A 113 12.42 13.22 2.51
N ASP A 114 12.02 14.29 3.18
CA ASP A 114 12.97 15.33 3.58
C ASP A 114 12.42 16.20 4.72
N ASP A 115 13.17 17.22 5.09
CA ASP A 115 12.80 18.11 6.18
C ASP A 115 11.97 19.30 5.71
N ILE A 116 11.85 19.48 4.39
CA ILE A 116 11.08 20.60 3.86
C ILE A 116 9.58 20.30 3.83
N HIS A 117 9.18 19.32 3.04
CA HIS A 117 7.76 18.96 2.91
C HIS A 117 7.35 17.87 3.89
N ILE A 118 7.86 16.67 3.66
CA ILE A 118 7.53 15.51 4.49
C ILE A 118 7.44 15.84 5.98
N ASP A 119 8.32 16.73 6.47
CA ASP A 119 8.31 17.11 7.88
C ASP A 119 7.09 17.95 8.20
N ASP A 120 6.89 19.02 7.44
CA ASP A 120 5.73 19.88 7.65
C ASP A 120 4.47 19.06 7.53
N MET A 121 4.59 17.94 6.81
CA MET A 121 3.52 17.00 6.59
C MET A 121 3.10 16.33 7.90
N ILE A 122 4.07 16.08 8.76
CA ILE A 122 3.81 15.50 10.07
C ILE A 122 2.83 16.40 10.79
N LYS A 123 3.14 17.68 10.71
CA LYS A 123 2.31 18.69 11.32
C LYS A 123 1.16 19.04 10.37
N GLU A 124 1.29 18.60 9.12
CA GLU A 124 0.29 18.86 8.10
C GLU A 124 -0.83 17.82 8.08
N ILE A 125 -0.57 16.65 8.66
CA ILE A 125 -1.58 15.60 8.67
C ILE A 125 -2.19 15.41 10.04
N ASP A 126 -1.34 15.26 11.05
CA ASP A 126 -1.80 15.07 12.40
C ASP A 126 -2.90 16.05 12.74
N GLN A 127 -4.13 15.57 12.68
CA GLN A 127 -5.28 16.39 12.95
C GLN A 127 -5.60 16.39 14.44
N ASP A 128 -4.96 15.53 15.22
CA ASP A 128 -5.27 15.48 16.64
C ASP A 128 -4.11 15.85 17.57
N ASN A 129 -2.84 15.53 17.22
CA ASN A 129 -1.75 15.92 18.15
C ASN A 129 -0.30 15.56 17.73
N ASP A 130 0.05 14.29 17.99
CA ASP A 130 1.41 13.76 17.84
C ASP A 130 2.05 13.70 16.45
N GLY A 131 1.64 14.49 15.46
CA GLY A 131 2.34 14.36 14.18
C GLY A 131 2.26 12.93 13.71
N GLN A 132 1.10 12.33 13.95
CA GLN A 132 0.87 10.95 13.64
C GLN A 132 -0.44 10.75 12.91
N ILE A 133 -0.60 9.56 12.35
CA ILE A 133 -1.79 9.19 11.64
C ILE A 133 -2.36 7.91 12.24
N ASP A 134 -3.55 8.03 12.80
CA ASP A 134 -4.24 6.91 13.39
C ASP A 134 -5.36 6.48 12.48
N TYR A 135 -5.87 5.26 12.69
CA TYR A 135 -6.95 4.73 11.88
C TYR A 135 -8.00 5.80 11.60
N GLY A 136 -8.16 6.72 12.56
CA GLY A 136 -9.11 7.80 12.39
C GLY A 136 -8.47 8.93 11.59
N GLU A 137 -7.22 9.22 11.90
CA GLU A 137 -6.48 10.27 11.20
C GLU A 137 -6.33 9.92 9.73
N PHE A 138 -5.82 8.72 9.45
CA PHE A 138 -5.67 8.27 8.08
C PHE A 138 -6.99 8.42 7.34
N ALA A 139 -8.07 8.26 8.08
CA ALA A 139 -9.41 8.37 7.53
C ALA A 139 -9.71 9.80 7.10
N ALA A 140 -9.02 10.75 7.71
CA ALA A 140 -9.18 12.17 7.40
C ALA A 140 -8.25 12.60 6.27
N MET A 141 -6.96 12.31 6.42
CA MET A 141 -5.98 12.67 5.42
C MET A 141 -6.41 12.19 4.04
N MET A 142 -7.28 11.18 4.02
CA MET A 142 -7.81 10.64 2.78
C MET A 142 -9.13 11.33 2.43
N ARG A 143 -10.15 11.07 3.24
CA ARG A 143 -11.46 11.67 3.05
C ARG A 143 -11.47 13.07 3.67
N LYS A 144 -12.61 13.49 4.24
CA LYS A 144 -12.70 14.80 4.86
C LYS A 144 -13.68 14.77 6.04
N ARG A 145 -13.54 13.77 6.90
CA ARG A 145 -14.41 13.63 8.06
C ARG A 145 -13.90 14.50 9.21
N LYS A 146 -13.71 15.78 8.92
CA LYS A 146 -13.21 16.74 9.91
C LYS A 146 -14.05 16.71 11.19
N GLY A 147 -15.05 17.59 11.27
CA GLY A 147 -15.90 17.64 12.43
C GLY A 147 -17.04 16.65 12.38
N ASN A 148 -17.19 15.96 11.26
CA ASN A 148 -18.25 14.96 11.09
C ASN A 148 -18.25 13.96 12.24
N GLY A 149 -19.40 13.33 12.45
CA GLY A 149 -19.52 12.35 13.52
C GLY A 149 -18.63 11.13 13.34
N GLY A 150 -18.01 11.01 12.18
CA GLY A 150 -17.14 9.88 11.90
C GLY A 150 -15.69 10.19 12.17
N ILE A 151 -15.40 11.44 12.54
CA ILE A 151 -14.05 11.90 12.80
C ILE A 151 -13.15 10.81 13.39
N GLY A 152 -13.19 10.63 14.71
CA GLY A 152 -12.35 9.61 15.33
C GLY A 152 -10.95 10.11 15.63
N ARG A 153 -10.32 10.76 14.65
CA ARG A 153 -8.96 11.29 14.82
C ARG A 153 -8.92 12.27 16.00
N ARG A 154 -8.78 11.72 17.19
CA ARG A 154 -8.73 12.53 18.41
C ARG A 154 -7.56 12.15 19.30
N THR A 155 -7.04 13.13 20.05
CA THR A 155 -5.94 12.90 20.96
C THR A 155 -6.31 11.79 21.95
N MET A 156 -7.53 11.86 22.45
CA MET A 156 -8.05 10.87 23.39
C MET A 156 -9.44 10.42 22.97
N ARG A 157 -9.50 9.62 21.91
CA ARG A 157 -10.76 9.12 21.37
C ARG A 157 -11.65 8.53 22.47
N LYS A 158 -12.96 8.52 22.21
CA LYS A 158 -13.94 7.99 23.15
C LYS A 158 -15.26 7.69 22.45
N THR A 159 -16.01 6.73 22.98
CA THR A 159 -17.28 6.34 22.40
C THR A 159 -18.44 6.73 23.32
N LEU A 160 -19.66 6.41 22.88
CA LEU A 160 -20.85 6.73 23.67
C LEU A 160 -21.51 5.45 24.20
N ASN A 161 -22.75 5.57 24.67
CA ASN A 161 -23.48 4.44 25.20
C ASN A 161 -24.89 4.37 24.61
N LEU A 162 -25.20 3.24 23.97
CA LEU A 162 -26.51 3.05 23.35
C LEU A 162 -27.11 1.69 23.73
N ARG A 163 -26.61 1.12 24.83
CA ARG A 163 -27.10 -0.17 25.30
C ARG A 163 -28.56 -0.08 25.76
N ASP A 164 -28.79 0.69 26.81
CA ASP A 164 -30.14 0.86 27.34
C ASP A 164 -31.04 1.57 26.33
N ALA A 165 -32.31 1.20 26.30
CA ALA A 165 -33.28 1.81 25.39
C ALA A 165 -33.55 3.26 25.77
N LEU A 166 -33.55 4.14 24.78
CA LEU A 166 -33.80 5.56 25.01
C LEU A 166 -35.29 5.84 25.10
N GLY A 167 -36.10 4.94 24.55
CA GLY A 167 -37.54 5.11 24.57
C GLY A 167 -38.00 6.25 23.68
N LEU A 168 -38.63 5.91 22.56
CA LEU A 168 -39.11 6.90 21.61
C LEU A 168 -40.48 7.43 22.03
N VAL A 169 -40.73 8.71 21.73
CA VAL A 169 -41.99 9.34 22.08
C VAL A 169 -42.90 9.47 20.85
N ASP A 170 -44.09 8.91 20.94
CA ASP A 170 -45.04 8.95 19.83
C ASP A 170 -45.91 10.20 19.93
N ASN A 171 -46.95 10.14 20.76
CA ASN A 171 -47.85 11.27 20.94
C ASN A 171 -47.73 11.83 22.35
N GLY A 172 -46.49 12.02 22.80
CA GLY A 172 -46.25 12.55 24.13
C GLY A 172 -46.16 11.46 25.18
N SER A 173 -45.10 11.52 25.99
CA SER A 173 -44.89 10.52 27.04
C SER A 173 -44.27 11.16 28.28
N ASN A 174 -43.90 12.43 28.16
CA ASN A 174 -43.29 13.16 29.26
C ASN A 174 -44.18 14.33 29.71
N GLN A 175 -44.94 14.88 28.76
CA GLN A 175 -45.83 15.99 29.06
C GLN A 175 -47.28 15.54 29.02
N VAL A 176 -47.95 15.59 30.16
CA VAL A 176 -49.34 15.17 30.27
C VAL A 176 -50.27 16.26 29.73
N ILE A 177 -51.32 15.83 29.03
CA ILE A 177 -52.28 16.77 28.45
C ILE A 177 -53.41 17.05 29.43
N GLU A 178 -53.42 18.27 29.99
CA GLU A 178 -54.45 18.67 30.95
C GLU A 178 -54.93 20.08 30.65
N GLY A 179 -56.24 20.23 30.53
CA GLY A 179 -56.82 21.54 30.25
C GLY A 179 -56.51 22.04 28.85
N TYR A 180 -56.02 23.26 28.76
CA TYR A 180 -55.68 23.85 27.47
C TYR A 180 -54.86 25.13 27.65
N PHE A 181 -54.70 25.56 28.90
CA PHE A 181 -53.95 26.78 29.19
C PHE A 181 -52.51 26.43 29.60
N LYS A 182 -51.65 27.45 29.61
CA LYS A 182 -50.25 27.26 29.97
C LYS A 182 -49.57 26.28 29.02
CA CA B . 2.68 4.32 -20.29
CA CA C . 8.34 -1.67 -12.87
CA CA D . 1.41 1.91 14.57
CA CA E . -1.05 12.98 15.35
N ALA A 1 2.93 -17.75 -34.14
CA ALA A 1 2.65 -18.75 -33.09
C ALA A 1 1.16 -19.11 -33.04
N GLU A 2 0.83 -20.16 -32.30
CA GLU A 2 -0.56 -20.60 -32.19
C GLU A 2 -0.97 -20.72 -30.72
N ARG A 3 0.00 -20.63 -29.82
CA ARG A 3 -0.26 -20.72 -28.39
C ARG A 3 0.91 -20.17 -27.60
N LEU A 4 0.66 -19.09 -26.86
CA LEU A 4 1.70 -18.46 -26.06
C LEU A 4 1.08 -17.59 -24.96
N SER A 5 0.05 -16.83 -25.33
CA SER A 5 -0.64 -15.96 -24.39
C SER A 5 -1.88 -16.65 -23.80
N GLU A 6 -2.58 -15.95 -22.93
CA GLU A 6 -3.78 -16.50 -22.30
C GLU A 6 -5.03 -15.79 -22.82
N GLU A 7 -5.07 -15.55 -24.13
CA GLU A 7 -6.21 -14.90 -24.76
C GLU A 7 -7.47 -15.76 -24.64
N GLU A 8 -7.27 -17.04 -24.33
CA GLU A 8 -8.38 -17.97 -24.19
C GLU A 8 -9.31 -17.55 -23.05
N ILE A 9 -8.72 -17.14 -21.93
CA ILE A 9 -9.51 -16.72 -20.77
C ILE A 9 -10.27 -15.43 -21.06
N GLY A 10 -9.51 -14.34 -21.19
CA GLY A 10 -10.12 -13.04 -21.47
C GLY A 10 -9.08 -12.04 -21.90
N GLY A 11 -9.52 -10.92 -22.46
CA GLY A 11 -8.59 -9.88 -22.88
C GLY A 11 -7.80 -9.33 -21.72
N LEU A 12 -6.80 -10.08 -21.27
CA LEU A 12 -5.97 -9.67 -20.14
C LEU A 12 -4.79 -8.83 -20.63
N LYS A 13 -4.12 -9.28 -21.68
CA LYS A 13 -3.00 -8.53 -22.22
C LYS A 13 -3.48 -7.14 -22.58
N GLU A 14 -4.76 -7.05 -22.94
CA GLU A 14 -5.37 -5.77 -23.25
C GLU A 14 -5.68 -5.05 -21.96
N LEU A 15 -6.10 -5.81 -20.95
CA LEU A 15 -6.41 -5.24 -19.64
C LEU A 15 -5.20 -4.47 -19.13
N PHE A 16 -4.02 -4.91 -19.57
CA PHE A 16 -2.78 -4.28 -19.17
C PHE A 16 -2.65 -2.90 -19.81
N LYS A 17 -2.95 -2.82 -21.10
CA LYS A 17 -2.87 -1.54 -21.81
C LYS A 17 -4.14 -0.78 -21.55
N MET A 18 -5.10 -1.51 -20.99
CA MET A 18 -6.38 -0.95 -20.65
C MET A 18 -6.17 0.13 -19.60
N ILE A 19 -5.07 -0.02 -18.86
CA ILE A 19 -4.69 0.92 -17.82
C ILE A 19 -3.89 2.07 -18.41
N ASP A 20 -2.75 1.74 -19.03
CA ASP A 20 -1.89 2.74 -19.65
C ASP A 20 -2.39 3.09 -21.03
N THR A 21 -3.63 3.54 -21.09
CA THR A 21 -4.29 3.89 -22.34
C THR A 21 -3.89 5.27 -22.83
N ASP A 22 -3.15 6.02 -22.01
CA ASP A 22 -2.75 7.37 -22.38
C ASP A 22 -1.25 7.59 -22.21
N ASN A 23 -0.58 6.68 -21.50
CA ASN A 23 0.84 6.82 -21.27
C ASN A 23 1.64 6.48 -22.52
N SER A 24 1.94 5.19 -22.69
CA SER A 24 2.71 4.73 -23.85
C SER A 24 2.84 3.21 -23.83
N GLY A 25 2.15 2.58 -22.90
CA GLY A 25 2.23 1.14 -22.76
C GLY A 25 2.93 0.77 -21.47
N THR A 26 2.76 1.62 -20.46
CA THR A 26 3.34 1.40 -19.13
C THR A 26 2.45 2.03 -18.07
N ILE A 27 2.39 1.40 -16.91
CA ILE A 27 1.54 1.86 -15.83
C ILE A 27 2.29 2.59 -14.74
N THR A 28 2.18 3.91 -14.74
CA THR A 28 2.84 4.69 -13.72
C THR A 28 1.83 5.16 -12.68
N PHE A 29 2.35 5.61 -11.55
CA PHE A 29 1.54 6.07 -10.42
C PHE A 29 0.23 6.74 -10.86
N ASP A 30 0.27 7.48 -11.95
CA ASP A 30 -0.92 8.16 -12.46
C ASP A 30 -1.88 7.19 -13.16
N GLU A 31 -1.35 6.39 -14.08
CA GLU A 31 -2.17 5.42 -14.79
C GLU A 31 -2.51 4.24 -13.92
N LEU A 32 -1.72 4.04 -12.86
CA LEU A 32 -1.94 2.96 -11.93
C LEU A 32 -3.42 2.92 -11.58
N LYS A 33 -3.93 4.09 -11.27
CA LYS A 33 -5.33 4.27 -10.92
C LYS A 33 -6.20 4.46 -12.17
N ASP A 34 -5.80 5.40 -13.02
CA ASP A 34 -6.55 5.69 -14.25
C ASP A 34 -7.17 4.45 -14.88
N GLY A 35 -6.44 3.34 -14.80
CA GLY A 35 -6.93 2.10 -15.38
C GLY A 35 -8.15 1.49 -14.70
N LEU A 36 -8.07 1.21 -13.40
CA LEU A 36 -9.20 0.58 -12.71
C LEU A 36 -10.35 1.55 -12.49
N LYS A 37 -10.03 2.83 -12.35
CA LYS A 37 -11.06 3.83 -12.16
C LYS A 37 -11.93 3.94 -13.41
N ARG A 38 -11.55 3.19 -14.45
CA ARG A 38 -12.31 3.19 -15.70
C ARG A 38 -13.43 2.15 -15.66
N VAL A 39 -13.14 0.97 -15.14
CA VAL A 39 -14.11 -0.11 -15.06
C VAL A 39 -15.16 0.15 -13.99
N GLY A 40 -15.04 1.26 -13.29
CA GLY A 40 -16.00 1.59 -12.24
C GLY A 40 -15.36 1.61 -10.86
N SER A 41 -14.41 0.70 -10.64
CA SER A 41 -13.70 0.61 -9.37
C SER A 41 -13.12 1.97 -8.99
N GLU A 42 -12.95 2.21 -7.68
CA GLU A 42 -12.41 3.48 -7.22
C GLU A 42 -11.49 3.31 -6.00
N LEU A 43 -10.19 3.39 -6.27
CA LEU A 43 -9.17 3.27 -5.24
C LEU A 43 -8.56 4.64 -4.90
N MET A 44 -7.81 4.69 -3.80
CA MET A 44 -7.16 5.93 -3.38
C MET A 44 -5.68 5.87 -3.71
N GLU A 45 -5.00 7.00 -3.66
CA GLU A 45 -3.58 7.05 -3.94
C GLU A 45 -2.86 5.94 -3.18
N SER A 46 -2.94 5.97 -1.85
CA SER A 46 -2.28 4.97 -1.01
C SER A 46 -2.37 3.57 -1.62
N GLU A 47 -3.48 3.25 -2.27
CA GLU A 47 -3.66 1.95 -2.90
C GLU A 47 -2.68 1.78 -4.05
N ILE A 48 -2.50 2.85 -4.82
CA ILE A 48 -1.57 2.86 -5.94
C ILE A 48 -0.17 2.50 -5.49
N LYS A 49 0.37 3.32 -4.60
CA LYS A 49 1.72 3.10 -4.09
C LYS A 49 1.79 1.80 -3.31
N ASP A 50 0.64 1.38 -2.78
CA ASP A 50 0.57 0.14 -2.02
C ASP A 50 0.71 -1.05 -2.96
N LEU A 51 0.13 -0.91 -4.14
CA LEU A 51 0.17 -1.95 -5.15
C LEU A 51 1.55 -1.96 -5.81
N MET A 52 2.24 -0.83 -5.75
CA MET A 52 3.56 -0.71 -6.34
C MET A 52 4.60 -1.47 -5.54
N ASP A 53 4.56 -1.33 -4.22
CA ASP A 53 5.52 -2.01 -3.37
C ASP A 53 5.07 -3.41 -2.99
N ALA A 54 3.75 -3.61 -2.90
CA ALA A 54 3.21 -4.91 -2.53
C ALA A 54 2.93 -5.81 -3.74
N ALA A 55 2.81 -5.22 -4.93
CA ALA A 55 2.51 -6.03 -6.12
C ALA A 55 3.51 -5.79 -7.26
N ASP A 56 3.86 -4.54 -7.53
CA ASP A 56 4.81 -4.25 -8.59
C ASP A 56 6.14 -4.92 -8.31
N ILE A 57 6.33 -6.10 -8.89
CA ILE A 57 7.54 -6.89 -8.70
C ILE A 57 8.80 -6.06 -8.89
N ASP A 58 8.69 -4.95 -9.62
CA ASP A 58 9.82 -4.08 -9.89
C ASP A 58 9.48 -2.63 -9.56
N LYS A 59 8.83 -2.43 -8.40
CA LYS A 59 8.38 -1.11 -7.97
C LYS A 59 9.32 0.00 -8.43
N SER A 60 9.00 0.52 -9.60
CA SER A 60 9.72 1.64 -10.20
C SER A 60 8.73 2.72 -10.57
N GLY A 61 7.55 2.61 -9.96
CA GLY A 61 6.48 3.56 -10.23
C GLY A 61 5.89 3.36 -11.61
N THR A 62 6.17 2.18 -12.19
CA THR A 62 5.69 1.83 -13.53
C THR A 62 5.50 0.32 -13.64
N ILE A 63 4.31 -0.09 -14.08
CA ILE A 63 3.99 -1.50 -14.22
C ILE A 63 3.92 -1.90 -15.69
N ASP A 64 4.62 -2.97 -16.03
CA ASP A 64 4.63 -3.46 -17.39
C ASP A 64 3.80 -4.73 -17.49
N TYR A 65 3.51 -5.14 -18.72
CA TYR A 65 2.69 -6.33 -18.96
C TYR A 65 2.95 -7.41 -17.91
N GLY A 66 4.23 -7.65 -17.63
CA GLY A 66 4.57 -8.66 -16.65
C GLY A 66 4.09 -8.30 -15.26
N GLU A 67 4.63 -7.21 -14.72
CA GLU A 67 4.24 -6.76 -13.39
C GLU A 67 2.73 -6.64 -13.26
N PHE A 68 2.06 -6.42 -14.40
CA PHE A 68 0.61 -6.30 -14.42
C PHE A 68 -0.06 -7.60 -13.99
N ILE A 69 0.15 -8.62 -14.80
CA ILE A 69 -0.43 -9.92 -14.56
C ILE A 69 -0.13 -10.43 -13.16
N ALA A 70 1.09 -10.21 -12.69
CA ALA A 70 1.49 -10.64 -11.36
C ALA A 70 0.74 -9.85 -10.30
N ALA A 71 0.32 -8.64 -10.67
CA ALA A 71 -0.41 -7.77 -9.75
C ALA A 71 -1.92 -7.91 -9.96
N THR A 72 -2.30 -8.57 -11.05
CA THR A 72 -3.71 -8.76 -11.38
C THR A 72 -4.23 -10.03 -10.71
N VAL A 73 -3.45 -11.11 -10.78
CA VAL A 73 -3.83 -12.38 -10.19
C VAL A 73 -3.86 -12.27 -8.66
N HIS A 74 -3.22 -11.24 -8.14
CA HIS A 74 -3.19 -10.99 -6.71
C HIS A 74 -4.56 -10.53 -6.26
N LEU A 75 -5.09 -9.57 -7.02
CA LEU A 75 -6.42 -9.04 -6.76
C LEU A 75 -7.46 -9.97 -7.35
N ASN A 76 -6.99 -11.06 -7.95
CA ASN A 76 -7.85 -12.04 -8.57
C ASN A 76 -8.00 -13.27 -7.69
N LYS A 77 -8.80 -13.14 -6.63
CA LYS A 77 -9.04 -14.23 -5.70
C LYS A 77 -10.07 -13.82 -4.65
N LEU A 78 -10.04 -14.48 -3.50
CA LEU A 78 -10.97 -14.15 -2.42
C LEU A 78 -10.29 -13.27 -1.38
N GLU A 79 -9.83 -12.09 -1.81
CA GLU A 79 -9.15 -11.16 -0.92
C GLU A 79 -10.06 -10.00 -0.54
N ARG A 80 -9.87 -9.46 0.66
CA ARG A 80 -10.66 -8.33 1.14
C ARG A 80 -9.79 -7.32 1.86
N GLU A 81 -9.43 -6.25 1.17
CA GLU A 81 -8.60 -5.20 1.76
C GLU A 81 -8.62 -3.93 0.91
N GLU A 82 -9.80 -3.61 0.38
CA GLU A 82 -9.96 -2.42 -0.45
C GLU A 82 -10.34 -1.21 0.39
N ASN A 83 -10.03 -1.26 1.67
CA ASN A 83 -10.35 -0.17 2.58
C ASN A 83 -9.07 0.56 3.01
N LEU A 84 -9.14 1.22 4.17
CA LEU A 84 -8.01 1.97 4.70
C LEU A 84 -6.79 1.09 4.86
N VAL A 85 -7.02 -0.20 5.12
CA VAL A 85 -5.94 -1.15 5.32
C VAL A 85 -4.84 -1.00 4.27
N SER A 86 -5.22 -0.51 3.08
CA SER A 86 -4.26 -0.30 2.01
C SER A 86 -3.07 0.51 2.52
N ALA A 87 -3.36 1.68 3.08
CA ALA A 87 -2.33 2.54 3.63
C ALA A 87 -1.93 2.05 5.01
N PHE A 88 -2.93 1.63 5.79
CA PHE A 88 -2.70 1.12 7.14
C PHE A 88 -1.54 0.13 7.13
N SER A 89 -1.28 -0.44 5.96
CA SER A 89 -0.20 -1.37 5.80
C SER A 89 1.10 -0.65 5.45
N TYR A 90 1.02 0.29 4.52
CA TYR A 90 2.19 1.04 4.10
C TYR A 90 2.36 2.28 4.97
N PHE A 91 1.39 3.20 4.90
CA PHE A 91 1.41 4.41 5.72
C PHE A 91 1.62 3.99 7.18
N ASP A 92 0.66 3.23 7.71
CA ASP A 92 0.78 2.69 9.06
C ASP A 92 1.75 1.52 9.02
N LYS A 93 2.94 1.80 8.51
CA LYS A 93 3.98 0.80 8.33
C LYS A 93 4.12 -0.11 9.56
N ASP A 94 4.28 0.48 10.73
CA ASP A 94 4.42 -0.31 11.95
C ASP A 94 3.11 -1.02 12.28
N GLY A 95 2.01 -0.48 11.74
CA GLY A 95 0.71 -1.07 11.98
C GLY A 95 0.53 -1.35 13.45
N SER A 96 0.43 -0.28 14.20
CA SER A 96 0.20 -0.31 15.63
C SER A 96 -1.15 0.32 15.86
N GLY A 97 -1.50 1.14 14.89
CA GLY A 97 -2.77 1.82 14.90
C GLY A 97 -2.63 3.30 14.63
N TYR A 98 -1.39 3.77 14.52
CA TYR A 98 -1.12 5.19 14.25
C TYR A 98 0.16 5.41 13.44
N ILE A 99 0.25 6.60 12.86
CA ILE A 99 1.38 6.98 12.02
C ILE A 99 1.89 8.37 12.38
N THR A 100 3.00 8.45 13.07
CA THR A 100 3.57 9.75 13.40
C THR A 100 4.16 10.37 12.14
N LEU A 101 4.11 11.69 12.01
CA LEU A 101 4.60 12.38 10.81
C LEU A 101 5.80 11.67 10.21
N ASP A 102 6.63 11.09 11.05
CA ASP A 102 7.80 10.37 10.57
C ASP A 102 7.39 9.30 9.56
N GLU A 103 6.48 8.41 9.96
CA GLU A 103 5.98 7.36 9.08
C GLU A 103 5.09 7.93 7.99
N ILE A 104 4.37 9.01 8.30
CA ILE A 104 3.49 9.65 7.31
C ILE A 104 4.31 10.23 6.16
N GLN A 105 5.11 11.24 6.49
CA GLN A 105 5.96 11.91 5.51
C GLN A 105 6.92 10.93 4.82
N GLN A 106 7.45 9.97 5.58
CA GLN A 106 8.36 8.98 5.00
C GLN A 106 7.67 8.19 3.89
N ALA A 107 6.44 7.78 4.17
CA ALA A 107 5.64 7.02 3.21
C ALA A 107 5.37 7.84 1.94
N CYS A 108 5.83 9.08 1.94
CA CYS A 108 5.66 9.97 0.81
C CYS A 108 7.01 10.33 0.18
N LYS A 109 7.86 9.32 0.01
CA LYS A 109 9.17 9.51 -0.58
C LYS A 109 9.06 10.06 -1.99
N ASP A 110 8.04 9.60 -2.72
CA ASP A 110 7.82 10.06 -4.08
C ASP A 110 7.24 11.47 -4.07
N PHE A 111 6.62 11.84 -2.96
CA PHE A 111 6.02 13.16 -2.81
C PHE A 111 7.10 14.22 -2.57
N GLY A 112 8.35 13.79 -2.42
CA GLY A 112 9.41 14.74 -2.19
C GLY A 112 9.19 15.48 -0.88
N LEU A 113 8.72 14.77 0.13
CA LEU A 113 8.40 15.36 1.43
C LEU A 113 9.34 16.51 1.76
N ASP A 114 8.75 17.61 2.20
CA ASP A 114 9.53 18.80 2.53
C ASP A 114 9.06 19.41 3.83
N ASP A 115 9.85 20.34 4.36
CA ASP A 115 9.52 21.02 5.59
C ASP A 115 8.56 22.18 5.31
N ILE A 116 8.34 22.46 4.03
CA ILE A 116 7.45 23.54 3.62
C ILE A 116 6.02 23.06 3.39
N HIS A 117 5.84 22.19 2.39
CA HIS A 117 4.50 21.67 2.07
C HIS A 117 4.15 20.41 2.84
N ILE A 118 4.82 19.31 2.54
CA ILE A 118 4.55 18.03 3.20
C ILE A 118 4.61 18.19 4.72
N ASP A 119 5.26 19.25 5.19
CA ASP A 119 5.35 19.51 6.62
C ASP A 119 3.98 19.95 7.12
N ASP A 120 3.36 20.88 6.40
CA ASP A 120 2.04 21.35 6.75
C ASP A 120 1.07 20.18 6.67
N MET A 121 1.44 19.22 5.83
CA MET A 121 0.68 18.01 5.62
C MET A 121 0.57 17.22 6.92
N ILE A 122 1.56 17.35 7.77
CA ILE A 122 1.53 16.70 9.08
C ILE A 122 0.31 17.20 9.79
N LYS A 123 0.12 18.49 9.68
CA LYS A 123 -1.01 19.17 10.26
C LYS A 123 -2.21 19.12 9.30
N GLU A 124 -1.92 18.76 8.04
CA GLU A 124 -2.96 18.68 7.01
C GLU A 124 -3.67 17.34 7.06
N ILE A 125 -2.98 16.36 7.60
CA ILE A 125 -3.50 15.02 7.72
C ILE A 125 -3.83 14.75 9.18
N ASP A 126 -3.19 15.54 10.06
CA ASP A 126 -3.44 15.44 11.49
C ASP A 126 -4.87 15.81 11.78
N GLN A 127 -5.70 14.80 11.94
CA GLN A 127 -7.11 15.02 12.19
C GLN A 127 -7.41 15.18 13.69
N ASP A 128 -6.48 14.84 14.58
CA ASP A 128 -6.78 15.00 16.00
C ASP A 128 -5.74 15.79 16.80
N ASN A 129 -4.43 15.73 16.48
CA ASN A 129 -3.46 16.53 17.24
C ASN A 129 -1.97 16.41 16.81
N ASP A 130 -1.38 15.26 17.12
CA ASP A 130 0.06 15.00 16.93
C ASP A 130 0.61 14.99 15.50
N GLY A 131 -0.07 15.57 14.52
CA GLY A 131 0.51 15.55 13.19
C GLY A 131 0.78 14.14 12.77
N GLN A 132 -0.12 13.27 13.15
CA GLN A 132 -0.01 11.87 12.91
C GLN A 132 -1.31 11.34 12.38
N ILE A 133 -1.28 10.11 11.92
CA ILE A 133 -2.44 9.48 11.39
C ILE A 133 -2.61 8.10 11.97
N ASP A 134 -3.74 7.90 12.58
CA ASP A 134 -4.07 6.60 13.15
C ASP A 134 -5.23 6.02 12.38
N TYR A 135 -5.44 4.71 12.52
CA TYR A 135 -6.55 4.05 11.84
C TYR A 135 -7.79 4.93 11.84
N GLY A 136 -7.92 5.73 12.88
CA GLY A 136 -9.04 6.63 12.98
C GLY A 136 -8.80 7.92 12.22
N GLU A 137 -7.60 8.49 12.38
CA GLU A 137 -7.26 9.72 11.67
C GLU A 137 -7.26 9.46 10.19
N PHE A 138 -6.54 8.41 9.76
CA PHE A 138 -6.51 8.08 8.34
C PHE A 138 -7.93 7.86 7.85
N ALA A 139 -8.83 7.63 8.80
CA ALA A 139 -10.24 7.41 8.49
C ALA A 139 -10.99 8.72 8.39
N ALA A 140 -10.68 9.66 9.29
CA ALA A 140 -11.36 10.96 9.29
C ALA A 140 -10.65 11.96 8.38
N MET A 141 -9.46 11.62 7.91
CA MET A 141 -8.69 12.51 7.05
C MET A 141 -9.29 12.59 5.65
N MET A 142 -10.30 11.77 5.39
CA MET A 142 -10.95 11.75 4.10
C MET A 142 -12.46 11.72 4.24
N ARG A 143 -12.94 11.09 5.32
CA ARG A 143 -14.37 10.99 5.57
C ARG A 143 -14.75 11.82 6.80
N LYS A 144 -15.62 11.28 7.65
CA LYS A 144 -16.05 11.97 8.86
C LYS A 144 -15.93 11.06 10.08
N ARG A 145 -16.38 11.55 11.23
CA ARG A 145 -16.32 10.78 12.46
C ARG A 145 -17.68 10.16 12.82
N LYS A 146 -18.01 9.07 12.13
CA LYS A 146 -19.27 8.37 12.37
C LYS A 146 -19.43 8.02 13.85
N GLY A 147 -20.68 7.86 14.28
CA GLY A 147 -20.95 7.53 15.67
C GLY A 147 -20.89 6.04 15.94
N ASN A 148 -20.70 5.25 14.88
CA ASN A 148 -20.63 3.80 15.01
C ASN A 148 -19.25 3.35 15.50
N GLY A 149 -19.17 2.13 16.02
CA GLY A 149 -17.91 1.60 16.51
C GLY A 149 -16.76 1.81 15.55
N GLY A 150 -17.08 1.97 14.27
CA GLY A 150 -16.05 2.18 13.26
C GLY A 150 -14.97 3.14 13.69
N ILE A 151 -15.32 4.04 14.62
CA ILE A 151 -14.36 5.02 15.13
C ILE A 151 -13.06 4.35 15.55
N GLY A 152 -11.96 5.09 15.41
CA GLY A 152 -10.68 4.54 15.79
C GLY A 152 -9.66 5.63 16.07
N ARG A 153 -10.07 6.88 15.83
CA ARG A 153 -9.19 8.03 16.06
C ARG A 153 -8.64 7.99 17.47
N ARG A 154 -7.67 8.86 17.76
CA ARG A 154 -7.06 8.90 19.08
C ARG A 154 -8.01 9.45 20.13
N THR A 155 -7.86 8.97 21.36
CA THR A 155 -8.70 9.39 22.48
C THR A 155 -8.79 10.91 22.57
N MET A 156 -9.63 11.49 21.74
CA MET A 156 -9.83 12.93 21.69
C MET A 156 -10.93 13.25 20.69
N ARG A 157 -11.21 12.29 19.82
CA ARG A 157 -12.23 12.43 18.79
C ARG A 157 -13.61 12.59 19.41
N LYS A 158 -13.72 12.26 20.71
CA LYS A 158 -14.98 12.38 21.43
C LYS A 158 -14.75 12.38 22.94
N THR A 159 -14.70 11.19 23.53
CA THR A 159 -14.48 11.07 24.97
C THR A 159 -14.04 9.64 25.33
N LEU A 160 -14.60 8.67 24.63
CA LEU A 160 -14.27 7.26 24.87
C LEU A 160 -12.93 6.91 24.22
N ASN A 161 -12.51 5.66 24.38
CA ASN A 161 -11.26 5.19 23.80
C ASN A 161 -11.50 4.34 22.57
N LEU A 162 -11.42 3.01 22.72
CA LEU A 162 -11.64 2.09 21.61
C LEU A 162 -11.62 0.65 22.09
N ARG A 163 -12.29 -0.23 21.36
CA ARG A 163 -12.35 -1.64 21.71
C ARG A 163 -11.19 -2.41 21.06
N ASP A 164 -10.59 -3.32 21.81
CA ASP A 164 -9.48 -4.12 21.29
C ASP A 164 -9.98 -5.23 20.40
N ALA A 165 -9.20 -5.56 19.37
CA ALA A 165 -9.56 -6.62 18.43
C ALA A 165 -9.59 -7.98 19.12
N LEU A 166 -10.20 -8.95 18.46
CA LEU A 166 -10.30 -10.30 19.00
C LEU A 166 -9.17 -11.19 18.48
N GLY A 167 -8.43 -10.68 17.50
CA GLY A 167 -7.33 -11.44 16.93
C GLY A 167 -7.13 -11.18 15.46
N LEU A 168 -5.89 -11.28 15.00
CA LEU A 168 -5.58 -11.05 13.59
C LEU A 168 -5.43 -12.38 12.84
N VAL A 169 -5.97 -12.41 11.62
CA VAL A 169 -5.90 -13.61 10.79
C VAL A 169 -4.99 -13.39 9.59
N ASP A 170 -4.35 -14.46 9.12
CA ASP A 170 -3.46 -14.39 7.97
C ASP A 170 -3.32 -15.74 7.29
N ASN A 171 -2.96 -15.71 6.01
CA ASN A 171 -2.78 -16.93 5.24
C ASN A 171 -1.30 -17.29 5.13
N GLY A 172 -0.48 -16.31 4.75
CA GLY A 172 0.94 -16.55 4.61
C GLY A 172 1.34 -16.87 3.18
N SER A 173 2.61 -17.21 2.99
CA SER A 173 3.12 -17.54 1.67
C SER A 173 4.41 -18.36 1.77
N ASN A 174 4.91 -18.81 0.63
CA ASN A 174 6.13 -19.60 0.58
C ASN A 174 7.20 -18.91 -0.25
N GLN A 175 8.33 -19.60 -0.46
CA GLN A 175 9.42 -19.05 -1.24
C GLN A 175 9.44 -19.66 -2.64
N VAL A 176 9.06 -18.85 -3.63
CA VAL A 176 9.04 -19.30 -5.01
C VAL A 176 9.81 -18.35 -5.92
N ILE A 177 10.52 -18.92 -6.89
CA ILE A 177 11.30 -18.12 -7.84
C ILE A 177 10.90 -18.43 -9.27
N GLU A 178 10.63 -17.38 -10.04
CA GLU A 178 10.22 -17.53 -11.43
C GLU A 178 11.02 -16.59 -12.34
N GLY A 179 11.38 -17.09 -13.52
CA GLY A 179 12.13 -16.29 -14.46
C GLY A 179 12.27 -16.95 -15.81
N TYR A 180 12.98 -18.08 -15.85
CA TYR A 180 13.18 -18.82 -17.10
C TYR A 180 12.17 -19.96 -17.21
N PHE A 181 11.50 -20.26 -16.11
CA PHE A 181 10.51 -21.32 -16.09
C PHE A 181 9.10 -20.76 -15.93
N LYS A 182 8.16 -21.31 -16.70
CA LYS A 182 6.77 -20.86 -16.66
C LYS A 182 5.82 -22.00 -16.97
CA CA B . -0.05 4.60 -18.55
CA CA C . 8.98 -1.50 -13.52
CA CA D . 2.68 2.85 13.60
CA CA E . -2.23 13.27 14.87
N ALA A 1 -20.28 -10.63 -33.56
CA ALA A 1 -19.06 -10.88 -32.74
C ALA A 1 -18.90 -12.36 -32.43
N GLU A 2 -17.90 -12.99 -33.04
CA GLU A 2 -17.65 -14.41 -32.83
C GLU A 2 -16.83 -14.64 -31.56
N ARG A 3 -17.37 -15.44 -30.65
CA ARG A 3 -16.69 -15.74 -29.40
C ARG A 3 -16.40 -17.22 -29.27
N LEU A 4 -15.67 -17.59 -28.22
CA LEU A 4 -15.31 -18.99 -27.98
C LEU A 4 -15.51 -19.36 -26.51
N SER A 5 -14.52 -19.05 -25.69
CA SER A 5 -14.58 -19.34 -24.26
C SER A 5 -13.40 -18.73 -23.52
N GLU A 6 -12.71 -17.79 -24.18
CA GLU A 6 -11.56 -17.13 -23.59
C GLU A 6 -11.95 -15.78 -22.97
N GLU A 7 -12.99 -15.80 -22.15
CA GLU A 7 -13.46 -14.59 -21.50
C GLU A 7 -12.76 -14.38 -20.16
N GLU A 8 -12.32 -15.48 -19.54
CA GLU A 8 -11.64 -15.42 -18.26
C GLU A 8 -10.14 -15.27 -18.46
N ILE A 9 -9.53 -16.36 -18.93
CA ILE A 9 -8.11 -16.40 -19.16
C ILE A 9 -7.64 -15.27 -20.10
N GLY A 10 -8.57 -14.78 -20.91
CA GLY A 10 -8.24 -13.71 -21.84
C GLY A 10 -8.86 -12.40 -21.43
N GLY A 11 -8.37 -11.30 -22.01
CA GLY A 11 -8.88 -9.99 -21.69
C GLY A 11 -7.95 -9.22 -20.77
N LEU A 12 -6.98 -9.92 -20.21
CA LEU A 12 -6.01 -9.30 -19.31
C LEU A 12 -4.98 -8.50 -20.10
N LYS A 13 -4.52 -9.05 -21.22
CA LYS A 13 -3.55 -8.36 -22.05
C LYS A 13 -4.08 -6.99 -22.43
N GLU A 14 -5.40 -6.92 -22.60
CA GLU A 14 -6.05 -5.66 -22.91
C GLU A 14 -6.25 -4.87 -21.63
N LEU A 15 -6.57 -5.58 -20.55
CA LEU A 15 -6.76 -4.96 -19.25
C LEU A 15 -5.49 -4.25 -18.82
N PHE A 16 -4.36 -4.71 -19.33
CA PHE A 16 -3.07 -4.10 -19.03
C PHE A 16 -2.95 -2.74 -19.68
N LYS A 17 -3.44 -2.66 -20.91
CA LYS A 17 -3.39 -1.40 -21.64
C LYS A 17 -4.61 -0.59 -21.29
N MET A 18 -5.54 -1.27 -20.63
CA MET A 18 -6.76 -0.65 -20.16
C MET A 18 -6.36 0.47 -19.22
N ILE A 19 -5.28 0.23 -18.50
CA ILE A 19 -4.71 1.20 -17.59
C ILE A 19 -3.87 2.18 -18.37
N ASP A 20 -2.83 1.67 -19.01
CA ASP A 20 -1.93 2.47 -19.83
C ASP A 20 -2.53 2.62 -21.22
N THR A 21 -3.63 3.33 -21.26
CA THR A 21 -4.35 3.57 -22.51
C THR A 21 -3.83 4.83 -23.19
N ASP A 22 -3.21 5.71 -22.42
CA ASP A 22 -2.74 6.97 -22.97
C ASP A 22 -1.35 7.39 -22.47
N ASN A 23 -0.61 6.54 -21.75
CA ASN A 23 0.71 6.94 -21.29
C ASN A 23 1.75 6.74 -22.37
N SER A 24 2.25 5.52 -22.50
CA SER A 24 3.27 5.23 -23.51
C SER A 24 3.63 3.75 -23.55
N GLY A 25 2.79 2.91 -22.94
CA GLY A 25 3.07 1.50 -22.91
C GLY A 25 3.46 1.03 -21.53
N THR A 26 3.14 1.84 -20.52
CA THR A 26 3.47 1.52 -19.14
C THR A 26 2.44 2.07 -18.16
N ILE A 27 2.45 1.51 -16.97
CA ILE A 27 1.53 1.92 -15.92
C ILE A 27 2.25 2.62 -14.79
N THR A 28 2.14 3.93 -14.73
CA THR A 28 2.79 4.68 -13.66
C THR A 28 1.76 5.29 -12.75
N PHE A 29 2.18 5.60 -11.52
CA PHE A 29 1.30 6.19 -10.50
C PHE A 29 0.23 7.14 -11.09
N ASP A 30 0.49 7.62 -12.30
CA ASP A 30 -0.45 8.50 -13.01
C ASP A 30 -1.49 7.69 -13.79
N GLU A 31 -1.06 6.59 -14.39
CA GLU A 31 -1.95 5.69 -15.13
C GLU A 31 -2.50 4.58 -14.23
N LEU A 32 -1.71 4.17 -13.25
CA LEU A 32 -2.09 3.11 -12.33
C LEU A 32 -3.55 3.25 -11.94
N LYS A 33 -3.90 4.45 -11.50
CA LYS A 33 -5.27 4.75 -11.09
C LYS A 33 -6.20 4.83 -12.29
N ASP A 34 -5.70 5.40 -13.39
CA ASP A 34 -6.49 5.53 -14.61
C ASP A 34 -7.25 4.25 -14.93
N GLY A 35 -6.55 3.12 -14.86
CA GLY A 35 -7.16 1.83 -15.15
C GLY A 35 -8.51 1.61 -14.50
N LEU A 36 -8.63 1.91 -13.21
CA LEU A 36 -9.90 1.69 -12.51
C LEU A 36 -10.75 2.96 -12.46
N LYS A 37 -10.14 4.09 -12.17
CA LYS A 37 -10.90 5.34 -12.11
C LYS A 37 -11.61 5.55 -13.45
N ARG A 38 -11.12 4.85 -14.48
CA ARG A 38 -11.70 4.91 -15.82
C ARG A 38 -12.78 3.85 -16.01
N VAL A 39 -12.69 2.76 -15.24
CA VAL A 39 -13.65 1.67 -15.36
C VAL A 39 -14.95 1.97 -14.63
N GLY A 40 -14.83 2.63 -13.46
CA GLY A 40 -16.01 2.96 -12.69
C GLY A 40 -15.71 3.11 -11.22
N SER A 41 -14.89 2.21 -10.68
CA SER A 41 -14.52 2.25 -9.28
C SER A 41 -13.76 3.54 -8.95
N GLU A 42 -13.41 3.71 -7.68
CA GLU A 42 -12.68 4.88 -7.24
C GLU A 42 -11.63 4.51 -6.20
N LEU A 43 -10.36 4.63 -6.58
CA LEU A 43 -9.25 4.31 -5.69
C LEU A 43 -8.56 5.59 -5.23
N MET A 44 -7.73 5.47 -4.19
CA MET A 44 -6.99 6.60 -3.68
C MET A 44 -5.50 6.42 -3.93
N GLU A 45 -4.74 7.51 -3.86
CA GLU A 45 -3.31 7.46 -4.12
C GLU A 45 -2.56 6.55 -3.17
N SER A 46 -3.18 6.14 -2.07
CA SER A 46 -2.53 5.24 -1.11
C SER A 46 -2.78 3.80 -1.52
N GLU A 47 -3.76 3.60 -2.39
CA GLU A 47 -4.12 2.29 -2.90
C GLU A 47 -3.34 2.01 -4.18
N ILE A 48 -3.32 2.99 -5.07
CA ILE A 48 -2.58 2.89 -6.32
C ILE A 48 -1.17 2.45 -6.02
N LYS A 49 -0.58 3.17 -5.10
CA LYS A 49 0.76 2.93 -4.63
C LYS A 49 0.84 1.57 -3.95
N ASP A 50 -0.27 1.16 -3.34
CA ASP A 50 -0.33 -0.12 -2.65
C ASP A 50 -0.14 -1.27 -3.62
N LEU A 51 -0.87 -1.24 -4.73
CA LEU A 51 -0.78 -2.27 -5.74
C LEU A 51 0.64 -2.36 -6.32
N MET A 52 1.44 -1.33 -6.08
CA MET A 52 2.80 -1.33 -6.60
C MET A 52 3.80 -2.00 -5.65
N ASP A 53 3.99 -1.41 -4.49
CA ASP A 53 4.92 -1.95 -3.52
C ASP A 53 4.46 -3.29 -2.99
N ALA A 54 3.15 -3.52 -3.01
CA ALA A 54 2.58 -4.76 -2.51
C ALA A 54 2.46 -5.82 -3.59
N ALA A 55 2.28 -5.41 -4.85
CA ALA A 55 2.12 -6.37 -5.94
C ALA A 55 3.12 -6.16 -7.08
N ASP A 56 3.34 -4.91 -7.50
CA ASP A 56 4.27 -4.64 -8.59
C ASP A 56 5.61 -5.32 -8.32
N ILE A 57 5.83 -6.44 -9.00
CA ILE A 57 7.05 -7.25 -8.84
C ILE A 57 8.31 -6.40 -8.85
N ASP A 58 8.25 -5.24 -9.49
CA ASP A 58 9.41 -4.36 -9.57
C ASP A 58 9.04 -2.92 -9.26
N LYS A 59 8.25 -2.73 -8.21
CA LYS A 59 7.76 -1.41 -7.81
C LYS A 59 8.74 -0.30 -8.12
N SER A 60 8.56 0.27 -9.32
CA SER A 60 9.36 1.37 -9.80
C SER A 60 8.41 2.49 -10.22
N GLY A 61 7.19 2.39 -9.70
CA GLY A 61 6.16 3.35 -10.01
C GLY A 61 5.66 3.17 -11.42
N THR A 62 5.98 2.01 -12.01
CA THR A 62 5.58 1.69 -13.37
C THR A 62 5.34 0.19 -13.51
N ILE A 63 4.18 -0.18 -14.05
CA ILE A 63 3.84 -1.59 -14.23
C ILE A 63 3.75 -1.94 -15.71
N ASP A 64 4.43 -3.02 -16.07
CA ASP A 64 4.45 -3.48 -17.45
C ASP A 64 3.55 -4.71 -17.59
N TYR A 65 3.28 -5.09 -18.83
CA TYR A 65 2.42 -6.24 -19.11
C TYR A 65 2.76 -7.39 -18.17
N GLY A 66 3.99 -7.42 -17.70
CA GLY A 66 4.40 -8.45 -16.79
C GLY A 66 3.98 -8.16 -15.36
N GLU A 67 4.45 -7.02 -14.83
CA GLU A 67 4.09 -6.61 -13.47
C GLU A 67 2.58 -6.53 -13.30
N PHE A 68 1.86 -6.36 -14.41
CA PHE A 68 0.41 -6.28 -14.39
C PHE A 68 -0.19 -7.61 -14.01
N ILE A 69 0.02 -8.57 -14.91
CA ILE A 69 -0.48 -9.91 -14.73
C ILE A 69 -0.17 -10.39 -13.32
N ALA A 70 1.11 -10.42 -12.97
CA ALA A 70 1.55 -10.83 -11.65
C ALA A 70 0.68 -10.20 -10.57
N ALA A 71 0.55 -8.87 -10.61
CA ALA A 71 -0.23 -8.13 -9.62
C ALA A 71 -1.62 -8.74 -9.39
N THR A 72 -2.26 -9.24 -10.45
CA THR A 72 -3.60 -9.83 -10.32
C THR A 72 -3.56 -11.35 -10.15
N VAL A 73 -2.50 -11.97 -10.66
CA VAL A 73 -2.33 -13.42 -10.57
C VAL A 73 -1.66 -13.80 -9.26
N HIS A 74 -1.10 -12.81 -8.59
CA HIS A 74 -0.43 -12.99 -7.31
C HIS A 74 -1.46 -13.38 -6.27
N LEU A 75 -2.56 -12.64 -6.29
CA LEU A 75 -3.67 -12.90 -5.40
C LEU A 75 -4.27 -14.24 -5.80
N ASN A 76 -3.85 -14.73 -6.96
CA ASN A 76 -4.34 -15.99 -7.47
C ASN A 76 -3.19 -16.96 -7.75
N LYS A 77 -2.60 -17.51 -6.68
CA LYS A 77 -1.49 -18.46 -6.77
C LYS A 77 -1.29 -19.17 -5.44
N LEU A 78 -0.59 -18.50 -4.53
CA LEU A 78 -0.32 -19.03 -3.21
C LEU A 78 -0.06 -17.90 -2.22
N GLU A 79 -1.13 -17.44 -1.57
CA GLU A 79 -1.06 -16.35 -0.60
C GLU A 79 0.20 -16.44 0.27
N ARG A 80 0.55 -17.66 0.68
CA ARG A 80 1.72 -17.86 1.51
C ARG A 80 3.00 -17.46 0.78
N GLU A 81 3.74 -16.52 1.36
CA GLU A 81 4.98 -16.04 0.76
C GLU A 81 6.18 -16.44 1.62
N GLU A 82 7.38 -16.31 1.05
CA GLU A 82 8.60 -16.64 1.77
C GLU A 82 9.81 -15.99 1.11
N ASN A 83 9.96 -14.69 1.29
CA ASN A 83 11.07 -13.95 0.71
C ASN A 83 11.27 -12.61 1.42
N LEU A 84 12.52 -12.17 1.51
CA LEU A 84 12.83 -10.91 2.17
C LEU A 84 12.74 -9.74 1.18
N VAL A 85 12.77 -10.07 -0.11
CA VAL A 85 12.70 -9.06 -1.16
C VAL A 85 11.47 -8.17 -0.99
N SER A 86 10.49 -8.65 -0.23
CA SER A 86 9.27 -7.89 0.03
C SER A 86 9.61 -6.44 0.39
N ALA A 87 10.42 -6.28 1.42
CA ALA A 87 10.84 -4.95 1.85
C ALA A 87 11.77 -4.36 0.80
N PHE A 88 12.71 -5.17 0.33
CA PHE A 88 13.66 -4.77 -0.71
C PHE A 88 12.91 -4.09 -1.86
N SER A 89 11.61 -4.36 -1.91
CA SER A 89 10.76 -3.77 -2.92
C SER A 89 10.19 -2.45 -2.45
N TYR A 90 9.45 -2.49 -1.34
CA TYR A 90 8.83 -1.31 -0.77
C TYR A 90 9.88 -0.42 -0.11
N PHE A 91 10.52 -0.94 0.95
CA PHE A 91 11.58 -0.20 1.63
C PHE A 91 12.57 0.27 0.58
N ASP A 92 13.18 -0.68 -0.12
CA ASP A 92 14.08 -0.32 -1.21
C ASP A 92 13.21 -0.06 -2.41
N LYS A 93 12.46 1.02 -2.34
CA LYS A 93 11.52 1.37 -3.37
C LYS A 93 12.16 1.42 -4.76
N ASP A 94 13.49 1.47 -4.82
CA ASP A 94 14.15 1.45 -6.11
C ASP A 94 14.59 0.03 -6.45
N GLY A 95 14.79 -0.79 -5.41
CA GLY A 95 15.20 -2.17 -5.61
C GLY A 95 16.61 -2.31 -6.15
N SER A 96 17.21 -1.23 -6.62
CA SER A 96 18.56 -1.25 -7.16
C SER A 96 19.51 -1.92 -6.19
N GLY A 97 19.14 -1.91 -4.91
CA GLY A 97 19.97 -2.52 -3.89
C GLY A 97 20.28 -1.58 -2.75
N TYR A 98 19.85 -0.33 -2.88
CA TYR A 98 20.12 0.67 -1.85
C TYR A 98 18.83 1.34 -1.37
N ILE A 99 18.80 1.66 -0.08
CA ILE A 99 17.66 2.35 0.52
C ILE A 99 18.16 3.53 1.35
N THR A 100 18.04 4.73 0.83
CA THR A 100 18.49 5.90 1.59
C THR A 100 17.44 6.32 2.59
N LEU A 101 17.84 7.03 3.64
CA LEU A 101 16.92 7.46 4.70
C LEU A 101 15.56 7.80 4.12
N ASP A 102 15.55 8.44 2.96
CA ASP A 102 14.31 8.80 2.30
C ASP A 102 13.49 7.54 2.04
N GLU A 103 14.08 6.59 1.31
CA GLU A 103 13.42 5.32 1.01
C GLU A 103 13.03 4.56 2.28
N ILE A 104 13.98 4.43 3.22
CA ILE A 104 13.71 3.74 4.48
C ILE A 104 12.51 4.34 5.19
N GLN A 105 12.67 5.60 5.60
CA GLN A 105 11.62 6.33 6.31
C GLN A 105 10.34 6.38 5.47
N GLN A 106 10.40 7.06 4.32
CA GLN A 106 9.23 7.20 3.45
C GLN A 106 8.47 5.89 3.31
N ALA A 107 9.19 4.77 3.37
CA ALA A 107 8.54 3.47 3.27
C ALA A 107 7.43 3.38 4.31
N CYS A 108 7.82 3.39 5.58
CA CYS A 108 6.87 3.33 6.69
C CYS A 108 5.93 4.52 6.66
N LYS A 109 4.64 4.27 6.85
CA LYS A 109 3.62 5.33 6.84
C LYS A 109 3.41 5.95 8.23
N ASP A 110 3.25 5.09 9.24
CA ASP A 110 3.01 5.55 10.61
C ASP A 110 4.30 6.00 11.28
N PHE A 111 5.41 5.85 10.57
CA PHE A 111 6.73 6.20 11.09
C PHE A 111 6.78 7.58 11.75
N GLY A 112 5.89 8.49 11.34
CA GLY A 112 5.91 9.82 11.94
C GLY A 112 7.25 10.48 11.71
N LEU A 113 7.82 10.26 10.52
CA LEU A 113 9.14 10.77 10.15
C LEU A 113 9.45 12.10 10.81
N ASP A 114 10.60 12.14 11.49
CA ASP A 114 11.04 13.35 12.17
C ASP A 114 12.54 13.32 12.43
N ASP A 115 13.07 14.40 13.00
CA ASP A 115 14.50 14.51 13.29
C ASP A 115 14.86 13.97 14.67
N ILE A 116 13.86 13.65 15.48
CA ILE A 116 14.13 13.15 16.82
C ILE A 116 14.30 11.63 16.87
N HIS A 117 13.25 10.87 16.55
CA HIS A 117 13.31 9.42 16.58
C HIS A 117 13.68 8.83 15.21
N ILE A 118 12.78 9.00 14.26
CA ILE A 118 12.96 8.48 12.90
C ILE A 118 14.32 8.88 12.32
N ASP A 119 14.92 9.92 12.88
CA ASP A 119 16.23 10.37 12.43
C ASP A 119 17.30 9.44 12.97
N ASP A 120 17.28 9.21 14.28
CA ASP A 120 18.23 8.32 14.91
C ASP A 120 18.09 6.93 14.29
N MET A 121 16.93 6.72 13.67
CA MET A 121 16.60 5.50 12.99
C MET A 121 17.46 5.33 11.74
N ILE A 122 17.59 6.40 10.97
CA ILE A 122 18.43 6.40 9.78
C ILE A 122 19.79 5.90 10.18
N LYS A 123 20.20 6.36 11.34
CA LYS A 123 21.47 5.97 11.92
C LYS A 123 21.31 4.68 12.72
N GLU A 124 20.06 4.32 12.98
CA GLU A 124 19.73 3.10 13.73
C GLU A 124 19.72 1.90 12.79
N ILE A 125 19.54 2.17 11.51
CA ILE A 125 19.52 1.12 10.50
C ILE A 125 20.82 1.17 9.73
N ASP A 126 21.34 2.38 9.57
CA ASP A 126 22.60 2.60 8.88
C ASP A 126 23.69 1.76 9.49
N GLN A 127 23.94 0.61 8.90
CA GLN A 127 24.94 -0.30 9.38
C GLN A 127 26.31 0.00 8.78
N ASP A 128 26.39 0.87 7.78
CA ASP A 128 27.69 1.12 7.15
C ASP A 128 28.12 2.58 7.08
N ASN A 129 27.21 3.55 6.92
CA ASN A 129 27.65 4.96 6.87
C ASN A 129 26.56 6.04 6.66
N ASP A 130 26.01 6.02 5.45
CA ASP A 130 25.08 7.03 4.94
C ASP A 130 23.74 7.18 5.66
N GLY A 131 23.23 6.16 6.33
CA GLY A 131 21.92 6.29 6.91
C GLY A 131 20.95 5.71 5.92
N GLN A 132 21.42 4.64 5.30
CA GLN A 132 20.72 3.95 4.28
C GLN A 132 20.89 2.47 4.50
N ILE A 133 20.11 1.70 3.79
CA ILE A 133 20.17 0.30 3.89
C ILE A 133 20.24 -0.34 2.53
N ASP A 134 21.20 -1.24 2.40
CA ASP A 134 21.43 -1.95 1.16
C ASP A 134 20.86 -3.35 1.27
N TYR A 135 20.68 -3.99 0.12
CA TYR A 135 20.14 -5.33 0.07
C TYR A 135 20.79 -6.22 1.13
N GLY A 136 22.08 -6.02 1.36
CA GLY A 136 22.75 -6.80 2.37
C GLY A 136 22.51 -6.21 3.74
N GLU A 137 22.45 -4.89 3.81
CA GLU A 137 22.21 -4.21 5.07
C GLU A 137 20.86 -4.62 5.63
N PHE A 138 19.78 -4.40 4.86
CA PHE A 138 18.45 -4.78 5.34
C PHE A 138 18.44 -6.25 5.73
N ALA A 139 19.12 -7.05 4.92
CA ALA A 139 19.18 -8.49 5.14
C ALA A 139 19.92 -8.84 6.44
N ALA A 140 20.79 -7.95 6.88
CA ALA A 140 21.56 -8.16 8.10
C ALA A 140 20.83 -7.64 9.35
N MET A 141 20.28 -6.43 9.24
CA MET A 141 19.59 -5.82 10.37
C MET A 141 18.42 -6.67 10.84
N MET A 142 17.80 -7.41 9.91
CA MET A 142 16.68 -8.27 10.25
C MET A 142 17.19 -9.63 10.70
N ARG A 143 18.35 -10.02 10.19
CA ARG A 143 18.96 -11.29 10.53
C ARG A 143 20.32 -11.06 11.21
N LYS A 144 21.36 -11.75 10.72
CA LYS A 144 22.70 -11.61 11.26
C LYS A 144 23.75 -11.95 10.21
N ARG A 145 23.47 -11.53 8.98
CA ARG A 145 24.38 -11.78 7.86
C ARG A 145 25.55 -10.81 7.87
N LYS A 146 25.54 -9.88 8.82
CA LYS A 146 26.60 -8.89 8.93
C LYS A 146 27.83 -9.48 9.63
N GLY A 147 29.01 -9.19 9.10
CA GLY A 147 30.23 -9.70 9.69
C GLY A 147 30.49 -9.09 11.05
N ASN A 148 30.45 -7.76 11.12
CA ASN A 148 30.67 -7.05 12.37
C ASN A 148 29.58 -6.01 12.60
N GLY A 149 29.20 -5.82 13.86
CA GLY A 149 28.16 -4.87 14.18
C GLY A 149 28.48 -3.46 13.69
N GLY A 150 29.76 -3.21 13.44
CA GLY A 150 30.18 -1.90 12.98
C GLY A 150 29.76 -1.63 11.55
N ILE A 151 29.90 -2.63 10.68
CA ILE A 151 29.53 -2.47 9.28
C ILE A 151 28.54 -3.54 8.82
N GLY A 152 27.52 -3.08 8.10
CA GLY A 152 26.51 -3.98 7.58
C GLY A 152 26.96 -4.65 6.30
N ARG A 153 26.09 -4.66 5.30
CA ARG A 153 26.45 -5.28 4.03
C ARG A 153 26.15 -4.37 2.85
N ARG A 154 27.05 -3.44 2.57
CA ARG A 154 26.90 -2.53 1.45
C ARG A 154 27.88 -2.91 0.33
N THR A 155 27.47 -2.67 -0.91
CA THR A 155 28.31 -3.01 -2.07
C THR A 155 29.67 -2.32 -1.97
N MET A 156 29.75 -1.27 -1.16
CA MET A 156 31.00 -0.53 -0.99
C MET A 156 32.05 -1.39 -0.29
N ARG A 157 31.63 -2.15 0.71
CA ARG A 157 32.54 -3.01 1.46
C ARG A 157 32.74 -4.34 0.74
N LYS A 158 31.68 -5.13 0.65
CA LYS A 158 31.72 -6.42 -0.01
C LYS A 158 30.34 -6.84 -0.49
N THR A 159 30.28 -7.34 -1.72
CA THR A 159 29.01 -7.78 -2.31
C THR A 159 29.13 -9.19 -2.88
N LEU A 160 29.96 -10.01 -2.24
CA LEU A 160 30.18 -11.38 -2.69
C LEU A 160 29.25 -12.34 -1.96
N ASN A 161 28.07 -12.58 -2.53
CA ASN A 161 27.10 -13.48 -1.93
C ASN A 161 26.00 -13.84 -2.92
N LEU A 162 26.11 -15.04 -3.50
CA LEU A 162 25.12 -15.52 -4.46
C LEU A 162 24.82 -17.00 -4.21
N ARG A 163 23.96 -17.26 -3.23
CA ARG A 163 23.58 -18.62 -2.88
C ARG A 163 22.12 -18.67 -2.43
N ASP A 164 21.37 -19.62 -3.00
CA ASP A 164 19.96 -19.78 -2.65
C ASP A 164 19.80 -20.15 -1.17
N ALA A 165 19.24 -19.23 -0.39
CA ALA A 165 19.03 -19.45 1.02
C ALA A 165 17.57 -19.23 1.41
N LEU A 166 17.19 -19.79 2.56
CA LEU A 166 15.81 -19.66 3.04
C LEU A 166 15.79 -19.14 4.48
N GLY A 167 16.94 -18.67 4.95
CA GLY A 167 17.02 -18.15 6.31
C GLY A 167 17.46 -19.20 7.30
N LEU A 168 16.88 -19.16 8.49
CA LEU A 168 17.22 -20.12 9.54
C LEU A 168 16.30 -21.35 9.47
N VAL A 169 16.56 -22.32 10.33
CA VAL A 169 15.77 -23.54 10.37
C VAL A 169 14.47 -23.33 11.16
N ASP A 170 13.36 -23.80 10.59
CA ASP A 170 12.06 -23.67 11.24
C ASP A 170 11.51 -25.04 11.64
N ASN A 171 10.34 -25.04 12.28
CA ASN A 171 9.71 -26.28 12.72
C ASN A 171 8.66 -26.73 11.71
N GLY A 172 8.88 -26.41 10.44
CA GLY A 172 7.95 -26.78 9.40
C GLY A 172 8.57 -26.73 8.02
N SER A 173 8.52 -27.85 7.31
CA SER A 173 9.10 -27.93 5.97
C SER A 173 8.00 -28.11 4.92
N ASN A 174 6.84 -28.59 5.35
CA ASN A 174 5.73 -28.81 4.44
C ASN A 174 4.40 -28.44 5.09
N GLN A 175 3.45 -27.99 4.28
CA GLN A 175 2.14 -27.59 4.78
C GLN A 175 1.20 -28.80 4.82
N VAL A 176 0.74 -29.15 6.01
CA VAL A 176 -0.17 -30.27 6.19
C VAL A 176 -1.45 -29.84 6.91
N ILE A 177 -2.59 -30.12 6.28
CA ILE A 177 -3.88 -29.76 6.86
C ILE A 177 -4.30 -30.76 7.93
N GLU A 178 -4.93 -30.27 8.99
CA GLU A 178 -5.38 -31.12 10.08
C GLU A 178 -6.64 -31.89 9.69
N GLY A 179 -6.47 -33.18 9.37
CA GLY A 179 -7.59 -34.00 8.97
C GLY A 179 -7.41 -35.45 9.38
N TYR A 180 -6.16 -35.88 9.49
CA TYR A 180 -5.86 -37.26 9.87
C TYR A 180 -5.43 -37.33 11.33
N PHE A 181 -5.51 -36.20 12.02
CA PHE A 181 -5.13 -36.13 13.43
C PHE A 181 -6.37 -36.15 14.32
N LYS A 182 -7.40 -36.87 13.88
CA LYS A 182 -8.65 -36.97 14.64
C LYS A 182 -9.27 -35.60 14.84
CA CA B . -0.55 4.66 -19.57
CA CA C . 8.54 -1.47 -13.54
CA CA D . 17.60 2.46 -4.40
CA CA E . 24.38 2.90 4.61
N ALA A 1 -21.85 -3.23 -22.19
CA ALA A 1 -20.40 -3.27 -22.50
C ALA A 1 -19.86 -4.69 -22.43
N GLU A 2 -20.63 -5.58 -21.81
CA GLU A 2 -20.23 -6.98 -21.68
C GLU A 2 -21.10 -7.89 -22.54
N ARG A 3 -20.70 -9.16 -22.66
CA ARG A 3 -21.44 -10.12 -23.45
C ARG A 3 -21.76 -11.36 -22.63
N LEU A 4 -20.71 -11.99 -22.08
CA LEU A 4 -20.88 -13.20 -21.28
C LEU A 4 -19.69 -13.36 -20.34
N SER A 5 -18.49 -13.43 -20.91
CA SER A 5 -17.28 -13.59 -20.11
C SER A 5 -16.80 -12.25 -19.58
N GLU A 6 -16.33 -12.25 -18.34
CA GLU A 6 -15.84 -11.03 -17.70
C GLU A 6 -14.62 -10.49 -18.44
N GLU A 7 -14.35 -9.20 -18.26
CA GLU A 7 -13.22 -8.55 -18.91
C GLU A 7 -11.90 -8.89 -18.20
N GLU A 8 -11.85 -8.64 -16.89
CA GLU A 8 -10.65 -8.91 -16.12
C GLU A 8 -10.21 -10.36 -16.25
N ILE A 9 -11.17 -11.25 -16.52
CA ILE A 9 -10.87 -12.67 -16.68
C ILE A 9 -10.18 -12.93 -18.02
N GLY A 10 -10.86 -12.58 -19.10
CA GLY A 10 -10.31 -12.78 -20.42
C GLY A 10 -9.91 -11.47 -21.09
N GLY A 11 -8.62 -11.32 -21.36
CA GLY A 11 -8.12 -10.11 -21.98
C GLY A 11 -7.41 -9.20 -21.00
N LEU A 12 -6.44 -9.75 -20.29
CA LEU A 12 -5.67 -8.99 -19.30
C LEU A 12 -4.57 -8.18 -19.98
N LYS A 13 -4.21 -8.56 -21.20
CA LYS A 13 -3.19 -7.85 -21.95
C LYS A 13 -3.80 -6.54 -22.46
N GLU A 14 -4.99 -6.66 -23.03
CA GLU A 14 -5.72 -5.51 -23.51
C GLU A 14 -6.17 -4.68 -22.32
N LEU A 15 -6.17 -5.32 -21.16
CA LEU A 15 -6.55 -4.66 -19.92
C LEU A 15 -5.35 -3.90 -19.36
N PHE A 16 -4.18 -4.50 -19.48
CA PHE A 16 -2.95 -3.88 -19.02
C PHE A 16 -2.78 -2.56 -19.73
N LYS A 17 -3.06 -2.56 -21.03
CA LYS A 17 -2.97 -1.36 -21.83
C LYS A 17 -4.21 -0.54 -21.61
N MET A 18 -5.25 -1.20 -21.09
CA MET A 18 -6.50 -0.50 -20.80
C MET A 18 -6.20 0.52 -19.72
N ILE A 19 -5.26 0.16 -18.85
CA ILE A 19 -4.84 1.00 -17.75
C ILE A 19 -4.03 2.20 -18.25
N ASP A 20 -2.89 1.89 -18.88
CA ASP A 20 -2.00 2.89 -19.39
C ASP A 20 -2.35 3.25 -20.83
N THR A 21 -3.62 3.48 -21.03
CA THR A 21 -4.17 3.80 -22.34
C THR A 21 -3.79 5.20 -22.82
N ASP A 22 -3.36 6.05 -21.90
CA ASP A 22 -2.99 7.42 -22.25
C ASP A 22 -1.49 7.65 -22.19
N ASN A 23 -0.76 6.69 -21.61
CA ASN A 23 0.69 6.83 -21.48
C ASN A 23 1.40 6.41 -22.77
N SER A 24 1.72 5.11 -22.86
CA SER A 24 2.42 4.59 -24.03
C SER A 24 2.58 3.08 -23.92
N GLY A 25 1.89 2.46 -22.97
CA GLY A 25 2.00 1.04 -22.76
C GLY A 25 2.71 0.70 -21.46
N THR A 26 2.79 1.68 -20.57
CA THR A 26 3.41 1.51 -19.26
C THR A 26 2.55 2.13 -18.18
N ILE A 27 2.51 1.48 -17.04
CA ILE A 27 1.67 1.94 -15.95
C ILE A 27 2.43 2.64 -14.84
N THR A 28 2.33 3.95 -14.81
CA THR A 28 2.98 4.71 -13.77
C THR A 28 1.94 5.12 -12.75
N PHE A 29 2.42 5.45 -11.56
CA PHE A 29 1.55 5.83 -10.44
C PHE A 29 0.31 6.60 -10.92
N ASP A 30 0.47 7.40 -11.97
CA ASP A 30 -0.64 8.17 -12.53
C ASP A 30 -1.62 7.27 -13.29
N GLU A 31 -1.09 6.44 -14.20
CA GLU A 31 -1.93 5.51 -14.98
C GLU A 31 -2.31 4.31 -14.15
N LEU A 32 -1.62 4.13 -13.03
CA LEU A 32 -1.90 3.02 -12.14
C LEU A 32 -3.36 3.06 -11.74
N LYS A 33 -3.78 4.25 -11.34
CA LYS A 33 -5.15 4.50 -10.92
C LYS A 33 -6.05 4.76 -12.12
N ASP A 34 -5.62 5.66 -13.00
CA ASP A 34 -6.39 6.02 -14.19
C ASP A 34 -7.07 4.80 -14.81
N GLY A 35 -6.33 3.70 -14.95
CA GLY A 35 -6.87 2.49 -15.55
C GLY A 35 -8.17 2.01 -14.92
N LEU A 36 -8.20 1.90 -13.60
CA LEU A 36 -9.41 1.43 -12.92
C LEU A 36 -10.48 2.51 -12.86
N LYS A 37 -10.11 3.69 -12.38
CA LYS A 37 -11.06 4.79 -12.30
C LYS A 37 -11.68 5.07 -13.67
N ARG A 38 -11.03 4.54 -14.70
CA ARG A 38 -11.51 4.69 -16.07
C ARG A 38 -12.50 3.58 -16.41
N VAL A 39 -12.21 2.37 -15.93
CA VAL A 39 -13.08 1.23 -16.18
C VAL A 39 -14.38 1.34 -15.41
N GLY A 40 -14.44 2.29 -14.47
CA GLY A 40 -15.63 2.48 -13.67
C GLY A 40 -15.40 2.19 -12.20
N SER A 41 -14.20 1.73 -11.88
CA SER A 41 -13.84 1.40 -10.51
C SER A 41 -13.47 2.65 -9.72
N GLU A 42 -13.56 2.57 -8.40
CA GLU A 42 -13.23 3.70 -7.54
C GLU A 42 -12.16 3.32 -6.53
N LEU A 43 -10.94 3.78 -6.80
CA LEU A 43 -9.79 3.51 -5.97
C LEU A 43 -9.21 4.77 -5.36
N MET A 44 -8.33 4.62 -4.37
CA MET A 44 -7.67 5.75 -3.74
C MET A 44 -6.16 5.63 -3.95
N GLU A 45 -5.47 6.76 -3.90
CA GLU A 45 -4.01 6.78 -4.11
C GLU A 45 -3.29 5.66 -3.37
N SER A 46 -3.43 5.59 -2.04
CA SER A 46 -2.75 4.55 -1.26
C SER A 46 -2.94 3.15 -1.83
N GLU A 47 -4.04 2.93 -2.56
CA GLU A 47 -4.30 1.63 -3.15
C GLU A 47 -3.37 1.41 -4.34
N ILE A 48 -3.03 2.51 -5.01
CA ILE A 48 -2.14 2.47 -6.15
C ILE A 48 -0.79 1.92 -5.74
N LYS A 49 -0.08 2.64 -4.88
CA LYS A 49 1.22 2.21 -4.40
C LYS A 49 1.11 0.82 -3.80
N ASP A 50 -0.04 0.57 -3.17
CA ASP A 50 -0.30 -0.71 -2.54
C ASP A 50 -0.08 -1.88 -3.51
N LEU A 51 -0.83 -1.89 -4.59
CA LEU A 51 -0.71 -2.96 -5.58
C LEU A 51 0.64 -2.95 -6.27
N MET A 52 1.39 -1.85 -6.15
CA MET A 52 2.70 -1.75 -6.78
C MET A 52 3.76 -2.47 -5.93
N ASP A 53 4.01 -1.94 -4.76
CA ASP A 53 5.01 -2.53 -3.87
C ASP A 53 4.62 -3.96 -3.49
N ALA A 54 3.33 -4.27 -3.61
CA ALA A 54 2.84 -5.60 -3.26
C ALA A 54 2.83 -6.53 -4.47
N ALA A 55 2.43 -6.02 -5.64
CA ALA A 55 2.35 -6.84 -6.85
C ALA A 55 3.39 -6.43 -7.89
N ASP A 56 3.54 -5.13 -8.12
CA ASP A 56 4.52 -4.67 -9.12
C ASP A 56 5.87 -5.30 -8.83
N ILE A 57 6.17 -6.37 -9.56
CA ILE A 57 7.41 -7.13 -9.41
C ILE A 57 8.61 -6.24 -9.16
N ASP A 58 8.61 -5.07 -9.76
CA ASP A 58 9.73 -4.16 -9.63
C ASP A 58 9.28 -2.73 -9.34
N LYS A 59 8.32 -2.62 -8.41
CA LYS A 59 7.74 -1.33 -8.04
C LYS A 59 8.74 -0.18 -8.18
N SER A 60 8.73 0.41 -9.36
CA SER A 60 9.60 1.54 -9.68
C SER A 60 8.73 2.70 -10.16
N GLY A 61 7.44 2.59 -9.86
CA GLY A 61 6.48 3.61 -10.24
C GLY A 61 5.99 3.43 -11.67
N THR A 62 6.25 2.25 -12.23
CA THR A 62 5.84 1.93 -13.59
C THR A 62 5.64 0.42 -13.74
N ILE A 63 4.48 0.00 -14.23
CA ILE A 63 4.19 -1.40 -14.39
C ILE A 63 4.09 -1.79 -15.86
N ASP A 64 4.73 -2.89 -16.20
CA ASP A 64 4.71 -3.40 -17.56
C ASP A 64 3.80 -4.62 -17.64
N TYR A 65 3.47 -5.04 -18.85
CA TYR A 65 2.58 -6.18 -19.06
C TYR A 65 2.79 -7.26 -18.02
N GLY A 66 4.05 -7.62 -17.80
CA GLY A 66 4.35 -8.65 -16.83
C GLY A 66 3.97 -8.25 -15.43
N GLU A 67 4.58 -7.16 -14.95
CA GLU A 67 4.29 -6.65 -13.61
C GLU A 67 2.79 -6.49 -13.39
N PHE A 68 2.07 -6.22 -14.48
CA PHE A 68 0.63 -6.03 -14.42
C PHE A 68 -0.05 -7.29 -13.95
N ILE A 69 0.35 -8.39 -14.54
CA ILE A 69 -0.23 -9.68 -14.22
C ILE A 69 -0.02 -10.00 -12.75
N ALA A 70 0.94 -9.33 -12.11
CA ALA A 70 1.20 -9.53 -10.71
C ALA A 70 0.03 -9.02 -9.88
N ALA A 71 -0.75 -8.13 -10.50
CA ALA A 71 -1.94 -7.58 -9.87
C ALA A 71 -2.98 -8.67 -9.72
N THR A 72 -2.99 -9.59 -10.67
CA THR A 72 -3.90 -10.72 -10.64
C THR A 72 -3.35 -11.73 -9.64
N VAL A 73 -2.07 -11.56 -9.32
CA VAL A 73 -1.37 -12.39 -8.36
C VAL A 73 -1.51 -11.78 -6.98
N HIS A 74 -1.94 -10.53 -6.96
CA HIS A 74 -2.16 -9.79 -5.73
C HIS A 74 -3.20 -10.49 -4.90
N LEU A 75 -4.25 -10.93 -5.57
CA LEU A 75 -5.31 -11.67 -4.92
C LEU A 75 -4.80 -13.07 -4.66
N ASN A 76 -3.61 -13.34 -5.18
CA ASN A 76 -2.97 -14.63 -5.02
C ASN A 76 -1.65 -14.50 -4.27
N LYS A 77 -1.73 -14.30 -2.96
CA LYS A 77 -0.54 -14.15 -2.14
C LYS A 77 -0.38 -15.34 -1.20
N LEU A 78 -0.46 -16.55 -1.76
CA LEU A 78 -0.31 -17.76 -0.97
C LEU A 78 1.09 -17.82 -0.38
N GLU A 79 1.95 -16.93 -0.84
CA GLU A 79 3.33 -16.87 -0.37
C GLU A 79 3.54 -15.66 0.53
N ARG A 80 4.72 -15.60 1.17
CA ARG A 80 5.04 -14.49 2.07
C ARG A 80 6.22 -13.68 1.51
N GLU A 81 6.20 -12.38 1.80
CA GLU A 81 7.26 -11.49 1.34
C GLU A 81 7.72 -10.57 2.47
N GLU A 82 9.00 -10.22 2.47
CA GLU A 82 9.55 -9.34 3.50
C GLU A 82 10.89 -8.74 3.08
N ASN A 83 11.02 -7.42 3.25
CA ASN A 83 12.24 -6.72 2.89
C ASN A 83 12.42 -5.49 3.79
N LEU A 84 13.50 -4.75 3.56
CA LEU A 84 13.80 -3.56 4.35
C LEU A 84 13.18 -2.31 3.73
N VAL A 85 13.66 -1.95 2.54
CA VAL A 85 13.17 -0.77 1.85
C VAL A 85 11.74 -0.95 1.38
N SER A 86 11.33 -2.21 1.17
CA SER A 86 9.97 -2.51 0.75
C SER A 86 8.98 -1.88 1.72
N ALA A 87 9.45 -1.65 2.94
CA ALA A 87 8.63 -1.03 3.97
C ALA A 87 8.71 0.48 3.82
N PHE A 88 9.92 1.00 3.75
CA PHE A 88 10.16 2.44 3.59
C PHE A 88 9.13 3.02 2.62
N SER A 89 8.80 2.23 1.61
CA SER A 89 7.83 2.64 0.61
C SER A 89 6.41 2.26 1.02
N TYR A 90 6.21 0.97 1.29
CA TYR A 90 4.89 0.48 1.68
C TYR A 90 4.55 0.85 3.12
N PHE A 91 5.31 0.34 4.08
CA PHE A 91 5.07 0.65 5.49
C PHE A 91 5.17 2.16 5.68
N ASP A 92 6.38 2.70 5.47
CA ASP A 92 6.58 4.14 5.56
C ASP A 92 5.99 4.82 4.33
N LYS A 93 4.68 4.62 4.17
CA LYS A 93 3.94 5.15 3.03
C LYS A 93 4.23 6.62 2.79
N ASP A 94 4.31 7.40 3.85
CA ASP A 94 4.56 8.83 3.73
C ASP A 94 5.99 9.12 3.33
N GLY A 95 6.89 8.16 3.58
CA GLY A 95 8.28 8.35 3.24
C GLY A 95 8.77 9.69 3.75
N SER A 96 8.93 9.75 5.06
CA SER A 96 9.43 10.93 5.74
C SER A 96 10.50 10.48 6.71
N GLY A 97 10.63 9.16 6.78
CA GLY A 97 11.62 8.54 7.62
C GLY A 97 11.02 7.88 8.86
N TYR A 98 9.70 7.88 8.94
CA TYR A 98 9.00 7.27 10.07
C TYR A 98 7.69 6.59 9.62
N ILE A 99 7.26 5.65 10.44
CA ILE A 99 6.03 4.89 10.19
C ILE A 99 5.17 4.81 11.45
N THR A 100 4.10 5.58 11.50
CA THR A 100 3.23 5.54 12.66
C THR A 100 2.47 4.22 12.69
N LEU A 101 2.16 3.72 13.89
CA LEU A 101 1.47 2.44 14.05
C LEU A 101 0.46 2.21 12.93
N ASP A 102 -0.24 3.26 12.54
CA ASP A 102 -1.22 3.16 11.47
C ASP A 102 -0.56 2.59 10.23
N GLU A 103 0.52 3.24 9.79
CA GLU A 103 1.27 2.80 8.63
C GLU A 103 1.81 1.39 8.81
N ILE A 104 2.39 1.11 9.99
CA ILE A 104 2.94 -0.22 10.28
C ILE A 104 1.86 -1.29 10.09
N GLN A 105 0.85 -1.23 10.95
CA GLN A 105 -0.24 -2.18 10.93
C GLN A 105 -0.95 -2.19 9.57
N GLN A 106 -1.60 -1.07 9.24
CA GLN A 106 -2.33 -0.96 7.97
C GLN A 106 -1.57 -1.55 6.81
N ALA A 107 -0.24 -1.44 6.83
CA ALA A 107 0.57 -1.99 5.76
C ALA A 107 0.28 -3.47 5.58
N CYS A 108 0.64 -4.26 6.58
CA CYS A 108 0.44 -5.71 6.55
C CYS A 108 -0.99 -6.07 6.15
N LYS A 109 -1.12 -7.04 5.23
CA LYS A 109 -2.44 -7.47 4.74
C LYS A 109 -3.04 -8.61 5.58
N ASP A 110 -2.34 -9.74 5.63
CA ASP A 110 -2.80 -10.92 6.37
C ASP A 110 -2.64 -10.74 7.88
N PHE A 111 -2.05 -9.62 8.28
CA PHE A 111 -1.78 -9.33 9.69
C PHE A 111 -2.97 -9.59 10.60
N GLY A 112 -4.20 -9.47 10.11
CA GLY A 112 -5.34 -9.70 10.98
C GLY A 112 -5.36 -8.69 12.12
N LEU A 113 -5.02 -7.44 11.79
CA LEU A 113 -4.92 -6.34 12.77
C LEU A 113 -5.92 -6.49 13.91
N ASP A 114 -5.38 -6.36 15.13
CA ASP A 114 -6.18 -6.47 16.33
C ASP A 114 -5.52 -5.75 17.50
N ASP A 115 -6.21 -5.71 18.64
CA ASP A 115 -5.71 -5.04 19.83
C ASP A 115 -4.88 -5.96 20.71
N ILE A 116 -4.84 -7.25 20.39
CA ILE A 116 -4.10 -8.19 21.21
C ILE A 116 -2.60 -8.26 20.86
N HIS A 117 -2.27 -8.73 19.66
CA HIS A 117 -0.87 -8.87 19.26
C HIS A 117 -0.35 -7.65 18.53
N ILE A 118 -0.84 -7.44 17.32
CA ILE A 118 -0.42 -6.34 16.48
C ILE A 118 -0.47 -5.00 17.20
N ASP A 119 -1.26 -4.96 18.27
CA ASP A 119 -1.39 -3.75 19.07
C ASP A 119 -0.14 -3.59 19.93
N ASP A 120 0.19 -4.66 20.65
CA ASP A 120 1.39 -4.65 21.49
C ASP A 120 2.60 -4.54 20.58
N MET A 121 2.37 -4.84 19.29
CA MET A 121 3.37 -4.77 18.26
C MET A 121 3.81 -3.33 18.06
N ILE A 122 2.83 -2.43 18.08
CA ILE A 122 3.09 -1.01 17.96
C ILE A 122 4.09 -0.66 19.02
N LYS A 123 3.87 -1.29 20.15
CA LYS A 123 4.71 -1.14 21.31
C LYS A 123 5.88 -2.13 21.25
N GLU A 124 5.77 -3.10 20.36
CA GLU A 124 6.77 -4.15 20.21
C GLU A 124 7.80 -3.83 19.12
N ILE A 125 7.50 -2.85 18.28
CA ILE A 125 8.42 -2.48 17.21
C ILE A 125 9.00 -1.10 17.47
N ASP A 126 8.18 -0.22 18.03
CA ASP A 126 8.59 1.15 18.35
C ASP A 126 9.94 1.17 19.07
N GLN A 127 10.84 2.01 18.55
CA GLN A 127 12.18 2.12 19.13
C GLN A 127 12.26 3.15 20.25
N ASP A 128 11.35 4.14 20.29
CA ASP A 128 11.45 5.16 21.34
C ASP A 128 10.14 5.54 22.07
N ASN A 129 8.98 5.52 21.40
CA ASN A 129 7.74 5.87 22.11
C ASN A 129 6.44 5.83 21.30
N ASP A 130 6.43 6.54 20.16
CA ASP A 130 5.23 6.72 19.34
C ASP A 130 4.67 5.44 18.71
N GLY A 131 5.16 4.27 19.07
CA GLY A 131 4.61 3.08 18.46
C GLY A 131 4.72 3.21 16.95
N GLN A 132 5.83 3.81 16.56
CA GLN A 132 6.12 4.09 15.20
C GLN A 132 7.47 3.55 14.86
N ILE A 133 7.79 3.54 13.60
CA ILE A 133 9.04 3.03 13.18
C ILE A 133 9.66 3.94 12.16
N ASP A 134 10.88 4.28 12.38
CA ASP A 134 11.59 5.13 11.46
C ASP A 134 12.52 4.28 10.61
N TYR A 135 13.00 4.84 9.53
CA TYR A 135 13.89 4.12 8.64
C TYR A 135 15.00 3.43 9.41
N GLY A 136 15.39 4.03 10.52
CA GLY A 136 16.43 3.43 11.34
C GLY A 136 15.86 2.41 12.29
N GLU A 137 14.59 2.59 12.64
CA GLU A 137 13.91 1.67 13.54
C GLU A 137 13.55 0.38 12.81
N PHE A 138 12.84 0.50 11.68
CA PHE A 138 12.44 -0.69 10.93
C PHE A 138 13.66 -1.46 10.46
N ALA A 139 14.78 -0.76 10.35
CA ALA A 139 16.01 -1.38 9.89
C ALA A 139 16.78 -2.04 11.04
N ALA A 140 16.69 -1.45 12.23
CA ALA A 140 17.38 -1.97 13.41
C ALA A 140 16.56 -3.01 14.18
N MET A 141 15.23 -2.90 14.10
CA MET A 141 14.34 -3.79 14.82
C MET A 141 14.50 -5.24 14.36
N MET A 142 15.21 -5.45 13.26
CA MET A 142 15.43 -6.79 12.73
C MET A 142 16.91 -7.11 12.63
N ARG A 143 17.73 -6.08 12.54
CA ARG A 143 19.17 -6.25 12.43
C ARG A 143 19.85 -6.03 13.79
N LYS A 144 21.17 -5.88 13.76
CA LYS A 144 21.94 -5.66 14.98
C LYS A 144 21.68 -4.27 15.57
N ARG A 145 22.50 -3.90 16.55
CA ARG A 145 22.37 -2.61 17.21
C ARG A 145 23.43 -1.63 16.69
N LYS A 146 23.13 -1.02 15.54
CA LYS A 146 24.06 -0.07 14.93
C LYS A 146 23.90 1.32 15.53
N GLY A 147 24.98 1.81 16.15
CA GLY A 147 24.95 3.12 16.77
C GLY A 147 25.47 4.20 15.84
N ASN A 148 25.96 3.78 14.67
CA ASN A 148 26.50 4.71 13.68
C ASN A 148 25.43 5.69 13.22
N GLY A 149 25.87 6.81 12.64
CA GLY A 149 24.94 7.83 12.17
C GLY A 149 24.06 7.35 11.03
N GLY A 150 24.62 6.52 10.15
CA GLY A 150 23.88 6.01 9.02
C GLY A 150 22.46 5.57 9.37
N ILE A 151 22.28 5.05 10.58
CA ILE A 151 20.98 4.59 11.03
C ILE A 151 20.05 5.79 11.28
N GLY A 152 18.89 5.55 11.90
CA GLY A 152 17.96 6.64 12.15
C GLY A 152 17.07 6.37 13.34
N ARG A 153 17.18 5.19 13.91
CA ARG A 153 16.38 4.82 15.07
C ARG A 153 16.59 5.82 16.20
N ARG A 154 15.52 6.11 16.92
CA ARG A 154 15.57 7.07 18.01
C ARG A 154 16.23 6.48 19.26
N THR A 155 17.47 6.89 19.47
CA THR A 155 18.27 6.45 20.61
C THR A 155 19.52 7.32 20.66
N MET A 156 19.88 7.82 19.49
CA MET A 156 21.02 8.70 19.28
C MET A 156 21.02 9.13 17.82
N ARG A 157 19.80 9.37 17.32
CA ARG A 157 19.56 9.77 15.93
C ARG A 157 20.63 10.76 15.45
N LYS A 158 20.91 10.71 14.15
CA LYS A 158 21.89 11.61 13.54
C LYS A 158 21.57 11.81 12.06
N THR A 159 20.97 12.96 11.75
CA THR A 159 20.61 13.29 10.38
C THR A 159 20.93 14.75 10.05
N LEU A 160 22.16 14.99 9.61
CA LEU A 160 22.59 16.34 9.27
C LEU A 160 23.93 16.30 8.51
N ASN A 161 24.10 15.25 7.71
CA ASN A 161 25.32 15.08 6.93
C ASN A 161 25.05 15.32 5.45
N LEU A 162 26.08 15.15 4.63
CA LEU A 162 25.96 15.35 3.19
C LEU A 162 25.47 14.07 2.52
N ARG A 163 24.31 14.15 1.89
CA ARG A 163 23.73 13.00 1.21
C ARG A 163 24.22 12.92 -0.23
N ASP A 164 25.11 11.97 -0.49
CA ASP A 164 25.66 11.78 -1.83
C ASP A 164 25.67 10.30 -2.20
N ALA A 165 25.11 9.98 -3.37
CA ALA A 165 25.05 8.60 -3.84
C ALA A 165 26.44 7.98 -3.92
N LEU A 166 26.48 6.65 -3.89
CA LEU A 166 27.75 5.92 -3.96
C LEU A 166 28.18 5.71 -5.40
N GLY A 167 27.47 6.37 -6.33
CA GLY A 167 27.79 6.25 -7.73
C GLY A 167 27.20 5.01 -8.36
N LEU A 168 26.14 5.19 -9.15
CA LEU A 168 25.47 4.09 -9.81
C LEU A 168 25.71 4.12 -11.32
N VAL A 169 26.07 2.98 -11.89
CA VAL A 169 26.33 2.90 -13.32
C VAL A 169 25.04 3.05 -14.12
N ASP A 170 24.93 4.14 -14.87
CA ASP A 170 23.75 4.41 -15.67
C ASP A 170 24.04 4.18 -17.16
N ASN A 171 24.96 3.28 -17.45
CA ASN A 171 25.32 2.96 -18.83
C ASN A 171 24.85 1.55 -19.20
N GLY A 172 24.66 0.71 -18.20
CA GLY A 172 24.23 -0.65 -18.44
C GLY A 172 25.35 -1.66 -18.30
N SER A 173 25.00 -2.91 -18.01
CA SER A 173 25.99 -3.97 -17.86
C SER A 173 25.40 -5.33 -18.17
N ASN A 174 24.08 -5.36 -18.37
CA ASN A 174 23.39 -6.61 -18.68
C ASN A 174 22.94 -6.63 -20.13
N GLN A 175 23.56 -7.51 -20.93
CA GLN A 175 23.22 -7.63 -22.34
C GLN A 175 22.08 -8.60 -22.56
N VAL A 176 20.89 -8.07 -22.81
CA VAL A 176 19.71 -8.90 -23.05
C VAL A 176 19.68 -9.40 -24.49
N ILE A 177 19.42 -10.69 -24.65
CA ILE A 177 19.37 -11.30 -25.98
C ILE A 177 17.96 -11.82 -26.29
N GLU A 178 17.48 -11.49 -27.48
CA GLU A 178 16.16 -11.91 -27.91
C GLU A 178 16.21 -12.53 -29.31
N GLY A 179 15.60 -13.70 -29.46
CA GLY A 179 15.59 -14.38 -30.74
C GLY A 179 14.83 -13.61 -31.79
N TYR A 180 14.89 -14.09 -33.03
CA TYR A 180 14.21 -13.44 -34.15
C TYR A 180 12.80 -14.00 -34.32
N PHE A 181 12.68 -15.02 -35.17
CA PHE A 181 11.39 -15.65 -35.43
C PHE A 181 11.56 -16.89 -36.31
N LYS A 182 12.81 -17.19 -36.67
CA LYS A 182 13.12 -18.34 -37.50
C LYS A 182 13.19 -19.62 -36.67
CA CA B . 0.16 4.67 -18.61
CA CA C . 8.76 -1.04 -13.72
CA CA D . 5.48 8.95 7.91
CA CA E . 8.92 5.24 17.48
N ALA A 1 -24.10 -12.20 -29.24
CA ALA A 1 -24.47 -12.75 -27.92
C ALA A 1 -24.05 -14.21 -27.79
N GLU A 2 -23.46 -14.74 -28.86
CA GLU A 2 -23.01 -16.13 -28.86
C GLU A 2 -21.70 -16.28 -28.10
N ARG A 3 -20.66 -15.61 -28.57
CA ARG A 3 -19.35 -15.66 -27.94
C ARG A 3 -19.09 -14.42 -27.09
N LEU A 4 -20.18 -13.85 -26.57
CA LEU A 4 -20.08 -12.65 -25.75
C LEU A 4 -19.97 -13.02 -24.27
N SER A 5 -18.73 -13.13 -23.78
CA SER A 5 -18.48 -13.46 -22.38
C SER A 5 -17.67 -12.37 -21.69
N GLU A 6 -17.39 -12.58 -20.41
CA GLU A 6 -16.62 -11.61 -19.63
C GLU A 6 -15.23 -11.41 -20.23
N GLU A 7 -14.80 -10.16 -20.29
CA GLU A 7 -13.49 -9.83 -20.85
C GLU A 7 -12.38 -10.07 -19.83
N GLU A 8 -12.72 -9.91 -18.56
CA GLU A 8 -11.75 -10.12 -17.48
C GLU A 8 -11.24 -11.55 -17.47
N ILE A 9 -12.03 -12.47 -18.00
CA ILE A 9 -11.66 -13.87 -18.04
C ILE A 9 -10.69 -14.14 -19.19
N GLY A 10 -10.87 -13.42 -20.29
CA GLY A 10 -9.99 -13.59 -21.44
C GLY A 10 -9.65 -12.27 -22.11
N GLY A 11 -8.42 -11.82 -21.90
CA GLY A 11 -7.98 -10.56 -22.50
C GLY A 11 -7.29 -9.65 -21.51
N LEU A 12 -6.66 -10.24 -20.50
CA LEU A 12 -5.94 -9.48 -19.48
C LEU A 12 -4.84 -8.65 -20.11
N LYS A 13 -4.25 -9.15 -21.20
CA LYS A 13 -3.20 -8.41 -21.88
C LYS A 13 -3.79 -7.10 -22.38
N GLU A 14 -4.99 -7.19 -22.93
CA GLU A 14 -5.70 -6.01 -23.41
C GLU A 14 -6.02 -5.12 -22.21
N LEU A 15 -6.16 -5.75 -21.04
CA LEU A 15 -6.45 -5.03 -19.82
C LEU A 15 -5.22 -4.25 -19.37
N PHE A 16 -4.04 -4.79 -19.67
CA PHE A 16 -2.79 -4.11 -19.32
C PHE A 16 -2.67 -2.82 -20.10
N LYS A 17 -2.90 -2.92 -21.40
CA LYS A 17 -2.83 -1.77 -22.27
C LYS A 17 -4.06 -0.93 -22.08
N MET A 18 -5.05 -1.57 -21.45
CA MET A 18 -6.30 -0.89 -21.13
C MET A 18 -5.99 0.16 -20.07
N ILE A 19 -5.06 -0.17 -19.19
CA ILE A 19 -4.65 0.75 -18.15
C ILE A 19 -4.02 1.98 -18.78
N ASP A 20 -2.97 1.75 -19.57
CA ASP A 20 -2.27 2.81 -20.25
C ASP A 20 -2.98 3.22 -21.52
N THR A 21 -3.92 4.13 -21.38
CA THR A 21 -4.69 4.62 -22.50
C THR A 21 -4.00 5.79 -23.19
N ASP A 22 -3.16 6.53 -22.46
CA ASP A 22 -2.51 7.70 -23.05
C ASP A 22 -1.04 7.90 -22.66
N ASN A 23 -0.48 7.09 -21.75
CA ASN A 23 0.91 7.32 -21.36
C ASN A 23 1.91 6.85 -22.42
N SER A 24 2.21 5.56 -22.47
CA SER A 24 3.18 5.05 -23.44
C SER A 24 3.26 3.52 -23.49
N GLY A 25 2.47 2.87 -22.66
CA GLY A 25 2.51 1.42 -22.60
C GLY A 25 3.11 0.96 -21.29
N THR A 26 3.01 1.85 -20.31
CA THR A 26 3.50 1.60 -18.96
C THR A 26 2.51 2.15 -17.97
N ILE A 27 2.41 1.48 -16.82
CA ILE A 27 1.46 1.89 -15.81
C ILE A 27 2.13 2.60 -14.65
N THR A 28 1.99 3.90 -14.59
CA THR A 28 2.61 4.63 -13.51
C THR A 28 1.58 5.00 -12.47
N PHE A 29 2.05 5.34 -11.28
CA PHE A 29 1.18 5.67 -10.15
C PHE A 29 -0.08 6.40 -10.63
N ASP A 30 0.08 7.24 -11.65
CA ASP A 30 -1.05 7.97 -12.22
C ASP A 30 -1.91 7.04 -13.08
N GLU A 31 -1.27 6.33 -14.01
CA GLU A 31 -1.98 5.40 -14.88
C GLU A 31 -2.44 4.17 -14.11
N LEU A 32 -1.88 3.96 -12.93
CA LEU A 32 -2.22 2.84 -12.11
C LEU A 32 -3.70 2.86 -11.79
N LYS A 33 -4.14 3.98 -11.22
CA LYS A 33 -5.53 4.16 -10.87
C LYS A 33 -6.36 4.47 -12.11
N ASP A 34 -5.77 5.17 -13.06
CA ASP A 34 -6.46 5.53 -14.29
C ASP A 34 -7.18 4.33 -14.92
N GLY A 35 -6.42 3.27 -15.23
CA GLY A 35 -7.00 2.10 -15.86
C GLY A 35 -8.06 1.38 -15.03
N LEU A 36 -8.06 1.57 -13.72
CA LEU A 36 -9.04 0.92 -12.86
C LEU A 36 -10.24 1.83 -12.60
N LYS A 37 -9.97 3.12 -12.40
CA LYS A 37 -11.03 4.08 -12.17
C LYS A 37 -11.80 4.30 -13.45
N ARG A 38 -11.20 3.85 -14.56
CA ARG A 38 -11.81 3.97 -15.88
C ARG A 38 -12.68 2.76 -16.15
N VAL A 39 -12.24 1.59 -15.68
CA VAL A 39 -12.98 0.36 -15.89
C VAL A 39 -14.21 0.27 -14.98
N GLY A 40 -14.22 1.10 -13.93
CA GLY A 40 -15.33 1.09 -13.01
C GLY A 40 -14.92 0.78 -11.58
N SER A 41 -13.80 1.36 -11.16
CA SER A 41 -13.30 1.14 -9.81
C SER A 41 -12.97 2.48 -9.14
N GLU A 42 -12.82 2.45 -7.82
CA GLU A 42 -12.50 3.68 -7.08
C GLU A 42 -11.52 3.41 -5.93
N LEU A 43 -10.27 3.81 -6.15
CA LEU A 43 -9.21 3.64 -5.17
C LEU A 43 -8.57 4.98 -4.83
N MET A 44 -7.80 5.03 -3.76
CA MET A 44 -7.09 6.23 -3.38
C MET A 44 -5.60 5.98 -3.53
N GLU A 45 -4.79 7.04 -3.55
CA GLU A 45 -3.35 6.88 -3.72
C GLU A 45 -2.81 5.77 -2.83
N SER A 46 -2.88 5.94 -1.51
CA SER A 46 -2.36 4.94 -0.57
C SER A 46 -2.70 3.51 -0.98
N GLU A 47 -3.74 3.33 -1.80
CA GLU A 47 -4.13 2.01 -2.26
C GLU A 47 -3.26 1.61 -3.47
N ILE A 48 -3.14 2.53 -4.41
CA ILE A 48 -2.31 2.30 -5.60
C ILE A 48 -0.93 1.84 -5.17
N LYS A 49 -0.25 2.71 -4.45
CA LYS A 49 1.09 2.42 -3.95
C LYS A 49 1.13 1.06 -3.31
N ASP A 50 0.01 0.66 -2.69
CA ASP A 50 -0.07 -0.63 -2.04
C ASP A 50 0.03 -1.71 -3.08
N LEU A 51 -0.68 -1.52 -4.18
CA LEU A 51 -0.67 -2.45 -5.29
C LEU A 51 0.72 -2.51 -5.92
N MET A 52 1.48 -1.43 -5.79
CA MET A 52 2.82 -1.37 -6.35
C MET A 52 3.85 -2.08 -5.48
N ASP A 53 4.07 -1.53 -4.31
CA ASP A 53 5.04 -2.10 -3.40
C ASP A 53 4.67 -3.52 -3.02
N ALA A 54 3.41 -3.87 -3.18
CA ALA A 54 2.95 -5.20 -2.85
C ALA A 54 3.00 -6.15 -4.06
N ALA A 55 2.54 -5.65 -5.22
CA ALA A 55 2.48 -6.47 -6.43
C ALA A 55 3.48 -6.05 -7.50
N ASP A 56 3.66 -4.74 -7.70
CA ASP A 56 4.59 -4.24 -8.71
C ASP A 56 5.94 -4.94 -8.57
N ILE A 57 6.06 -6.10 -9.23
CA ILE A 57 7.28 -6.92 -9.17
C ILE A 57 8.54 -6.10 -9.39
N ASP A 58 8.40 -4.95 -10.03
CA ASP A 58 9.56 -4.10 -10.31
C ASP A 58 9.28 -2.65 -9.95
N LYS A 59 8.65 -2.45 -8.78
CA LYS A 59 8.29 -1.12 -8.30
C LYS A 59 9.28 -0.05 -8.73
N SER A 60 9.00 0.52 -9.88
CA SER A 60 9.80 1.59 -10.47
C SER A 60 8.89 2.76 -10.80
N GLY A 61 7.72 2.73 -10.18
CA GLY A 61 6.73 3.76 -10.40
C GLY A 61 5.87 3.47 -11.62
N THR A 62 6.08 2.29 -12.21
CA THR A 62 5.31 1.90 -13.39
C THR A 62 5.22 0.38 -13.50
N ILE A 63 4.13 -0.09 -14.11
CA ILE A 63 3.91 -1.51 -14.28
C ILE A 63 3.86 -1.89 -15.76
N ASP A 64 4.52 -2.99 -16.09
CA ASP A 64 4.54 -3.47 -17.46
C ASP A 64 3.65 -4.69 -17.60
N TYR A 65 3.38 -5.09 -18.85
CA TYR A 65 2.53 -6.23 -19.13
C TYR A 65 2.72 -7.34 -18.10
N GLY A 66 3.97 -7.69 -17.86
CA GLY A 66 4.27 -8.75 -16.91
C GLY A 66 3.82 -8.40 -15.50
N GLU A 67 4.38 -7.32 -14.96
CA GLU A 67 4.04 -6.88 -13.61
C GLU A 67 2.53 -6.72 -13.47
N PHE A 68 1.86 -6.47 -14.59
CA PHE A 68 0.41 -6.31 -14.59
C PHE A 68 -0.27 -7.58 -14.18
N ILE A 69 0.12 -8.66 -14.83
CA ILE A 69 -0.46 -9.97 -14.57
C ILE A 69 -0.23 -10.38 -13.12
N ALA A 70 1.01 -10.28 -12.67
CA ALA A 70 1.34 -10.64 -11.28
C ALA A 70 0.55 -9.78 -10.31
N ALA A 71 0.26 -8.55 -10.75
CA ALA A 71 -0.50 -7.62 -9.93
C ALA A 71 -1.97 -8.02 -9.83
N THR A 72 -2.55 -8.39 -10.98
CA THR A 72 -3.95 -8.79 -11.01
C THR A 72 -4.17 -10.08 -10.23
N VAL A 73 -3.15 -10.93 -10.21
CA VAL A 73 -3.23 -12.20 -9.50
C VAL A 73 -2.80 -12.03 -8.05
N HIS A 74 -2.13 -10.93 -7.77
CA HIS A 74 -1.68 -10.63 -6.41
C HIS A 74 -2.87 -10.17 -5.60
N LEU A 75 -3.67 -9.31 -6.22
CA LEU A 75 -4.89 -8.82 -5.60
C LEU A 75 -5.91 -9.95 -5.58
N ASN A 76 -5.63 -10.98 -6.37
CA ASN A 76 -6.50 -12.13 -6.45
C ASN A 76 -6.11 -13.16 -5.40
N LYS A 77 -6.47 -12.88 -4.15
CA LYS A 77 -6.17 -13.78 -3.05
C LYS A 77 -7.27 -13.72 -2.00
N LEU A 78 -8.51 -13.70 -2.47
CA LEU A 78 -9.66 -13.67 -1.57
C LEU A 78 -9.74 -14.93 -0.73
N GLU A 79 -8.84 -15.87 -1.00
CA GLU A 79 -8.79 -17.13 -0.27
C GLU A 79 -8.60 -16.90 1.22
N ARG A 80 -7.37 -16.66 1.64
CA ARG A 80 -7.06 -16.43 3.05
C ARG A 80 -6.13 -15.23 3.23
N GLU A 81 -6.64 -14.19 3.89
CA GLU A 81 -5.86 -12.98 4.15
C GLU A 81 -6.64 -12.01 5.02
N GLU A 82 -6.01 -11.52 6.09
CA GLU A 82 -6.65 -10.59 6.99
C GLU A 82 -5.68 -10.07 8.06
N ASN A 83 -4.40 -10.40 7.90
CA ASN A 83 -3.40 -9.95 8.87
C ASN A 83 -1.97 -10.10 8.33
N LEU A 84 -1.44 -11.32 8.37
CA LEU A 84 -0.09 -11.59 7.91
C LEU A 84 0.11 -11.16 6.46
N VAL A 85 -0.95 -11.21 5.67
CA VAL A 85 -0.89 -10.83 4.26
C VAL A 85 -0.32 -9.41 4.09
N SER A 86 -0.44 -8.61 5.15
CA SER A 86 0.08 -7.24 5.12
C SER A 86 1.56 -7.26 4.78
N ALA A 87 2.27 -8.18 5.42
CA ALA A 87 3.70 -8.34 5.19
C ALA A 87 3.93 -9.05 3.87
N PHE A 88 3.32 -10.22 3.72
CA PHE A 88 3.41 -11.01 2.50
C PHE A 88 3.33 -10.11 1.26
N SER A 89 2.69 -8.96 1.41
CA SER A 89 2.57 -8.01 0.32
C SER A 89 3.72 -6.99 0.29
N TYR A 90 3.82 -6.15 1.33
CA TYR A 90 4.86 -5.12 1.38
C TYR A 90 6.21 -5.71 1.82
N PHE A 91 6.16 -6.58 2.81
CA PHE A 91 7.38 -7.27 3.26
C PHE A 91 7.85 -8.10 2.09
N ASP A 92 7.03 -9.08 1.72
CA ASP A 92 7.31 -9.87 0.53
C ASP A 92 6.89 -9.02 -0.65
N LYS A 93 7.67 -7.99 -0.89
CA LYS A 93 7.41 -7.01 -1.94
C LYS A 93 6.97 -7.64 -3.25
N ASP A 94 7.71 -8.63 -3.72
CA ASP A 94 7.38 -9.28 -4.97
C ASP A 94 6.06 -10.05 -4.84
N GLY A 95 5.73 -10.40 -3.60
CA GLY A 95 4.50 -11.13 -3.32
C GLY A 95 4.32 -12.33 -4.21
N SER A 96 5.33 -13.19 -4.21
CA SER A 96 5.30 -14.42 -4.98
C SER A 96 5.57 -15.57 -4.02
N GLY A 97 5.51 -15.23 -2.74
CA GLY A 97 5.75 -16.17 -1.68
C GLY A 97 7.23 -16.30 -1.39
N TYR A 98 7.98 -15.28 -1.77
CA TYR A 98 9.41 -15.27 -1.57
C TYR A 98 9.96 -13.88 -1.23
N ILE A 99 10.78 -13.84 -0.18
CA ILE A 99 11.42 -12.58 0.25
C ILE A 99 12.91 -12.80 0.42
N THR A 100 13.71 -12.36 -0.54
CA THR A 100 15.15 -12.54 -0.45
C THR A 100 15.76 -11.59 0.57
N LEU A 101 16.99 -11.88 0.97
CA LEU A 101 17.71 -11.05 1.91
C LEU A 101 17.48 -9.58 1.61
N ASP A 102 17.39 -9.25 0.32
CA ASP A 102 17.17 -7.87 -0.10
C ASP A 102 15.77 -7.41 0.31
N GLU A 103 14.77 -8.21 -0.06
CA GLU A 103 13.38 -7.90 0.27
C GLU A 103 13.16 -7.96 1.79
N ILE A 104 14.11 -8.57 2.48
CA ILE A 104 14.06 -8.71 3.93
C ILE A 104 14.66 -7.49 4.63
N GLN A 105 15.96 -7.28 4.40
CA GLN A 105 16.68 -6.15 5.00
C GLN A 105 15.92 -4.84 4.77
N GLN A 106 15.57 -4.57 3.52
CA GLN A 106 14.84 -3.36 3.17
C GLN A 106 13.50 -3.29 3.88
N ALA A 107 12.90 -4.45 4.13
CA ALA A 107 11.61 -4.51 4.80
C ALA A 107 11.69 -3.88 6.19
N CYS A 108 12.90 -3.81 6.72
CA CYS A 108 13.13 -3.22 8.05
C CYS A 108 14.01 -1.98 7.94
N LYS A 109 13.49 -0.93 7.31
CA LYS A 109 14.23 0.31 7.14
C LYS A 109 14.21 1.14 8.42
N ASP A 110 13.08 1.15 9.11
CA ASP A 110 12.94 1.90 10.35
C ASP A 110 13.79 1.27 11.45
N PHE A 111 14.25 0.06 11.19
CA PHE A 111 15.08 -0.68 12.14
C PHE A 111 16.50 -0.13 12.21
N GLY A 112 17.10 0.09 11.05
CA GLY A 112 18.46 0.57 11.02
C GLY A 112 19.39 -0.55 10.63
N LEU A 113 18.92 -1.38 9.70
CA LEU A 113 19.64 -2.56 9.22
C LEU A 113 21.15 -2.36 9.21
N ASP A 114 21.84 -3.42 9.63
CA ASP A 114 23.29 -3.43 9.69
C ASP A 114 23.82 -4.85 9.54
N ASP A 115 25.03 -4.98 8.98
CA ASP A 115 25.66 -6.27 8.77
C ASP A 115 25.81 -7.04 10.08
N ILE A 116 25.53 -6.39 11.20
CA ILE A 116 25.65 -7.03 12.51
C ILE A 116 24.38 -7.79 12.92
N HIS A 117 23.28 -7.06 13.12
CA HIS A 117 22.02 -7.68 13.55
C HIS A 117 21.13 -8.08 12.39
N ILE A 118 20.59 -7.10 11.69
CA ILE A 118 19.69 -7.33 10.57
C ILE A 118 20.26 -8.33 9.56
N ASP A 119 21.58 -8.43 9.54
CA ASP A 119 22.26 -9.34 8.63
C ASP A 119 22.12 -10.77 9.15
N ASP A 120 22.36 -10.96 10.44
CA ASP A 120 22.22 -12.26 11.06
C ASP A 120 20.77 -12.71 10.94
N MET A 121 19.91 -11.72 10.75
CA MET A 121 18.48 -11.93 10.58
C MET A 121 18.20 -12.69 9.29
N ILE A 122 19.02 -12.46 8.28
CA ILE A 122 18.90 -13.16 7.01
C ILE A 122 19.03 -14.63 7.28
N LYS A 123 19.99 -14.92 8.13
CA LYS A 123 20.27 -16.27 8.55
C LYS A 123 19.39 -16.64 9.74
N GLU A 124 18.76 -15.62 10.31
CA GLU A 124 17.89 -15.80 11.47
C GLU A 124 16.48 -16.16 11.06
N ILE A 125 16.11 -15.80 9.83
CA ILE A 125 14.77 -16.06 9.34
C ILE A 125 14.74 -17.02 8.16
N ASP A 126 15.90 -17.27 7.55
CA ASP A 126 15.95 -18.16 6.42
C ASP A 126 15.95 -19.61 6.90
N GLN A 127 14.95 -19.94 7.71
CA GLN A 127 14.83 -21.28 8.24
C GLN A 127 14.64 -22.29 7.11
N ASP A 128 14.43 -21.80 5.89
CA ASP A 128 14.20 -22.70 4.78
C ASP A 128 15.37 -22.79 3.78
N ASN A 129 16.14 -21.71 3.55
CA ASN A 129 17.28 -21.84 2.62
C ASN A 129 18.12 -20.55 2.34
N ASP A 130 17.73 -19.91 1.25
CA ASP A 130 18.39 -18.75 0.62
C ASP A 130 18.47 -17.42 1.40
N GLY A 131 18.49 -17.38 2.72
CA GLY A 131 18.57 -16.07 3.35
C GLY A 131 17.38 -15.25 2.91
N GLN A 132 16.26 -15.95 2.81
CA GLN A 132 15.03 -15.36 2.35
C GLN A 132 13.90 -15.83 3.21
N ILE A 133 12.75 -15.22 3.06
CA ILE A 133 11.59 -15.58 3.82
C ILE A 133 10.42 -15.70 2.87
N ASP A 134 9.80 -16.83 2.89
CA ASP A 134 8.67 -17.07 2.03
C ASP A 134 7.40 -16.94 2.82
N TYR A 135 6.29 -16.84 2.12
CA TYR A 135 5.00 -16.71 2.78
C TYR A 135 4.91 -17.68 3.95
N GLY A 136 5.60 -18.81 3.82
CA GLY A 136 5.61 -19.78 4.88
C GLY A 136 6.67 -19.48 5.91
N GLU A 137 7.84 -19.02 5.45
CA GLU A 137 8.92 -18.68 6.36
C GLU A 137 8.45 -17.57 7.29
N PHE A 138 7.92 -16.50 6.69
CA PHE A 138 7.44 -15.38 7.49
C PHE A 138 6.29 -15.80 8.37
N ALA A 139 5.22 -16.25 7.74
CA ALA A 139 4.01 -16.67 8.45
C ALA A 139 4.31 -17.62 9.62
N ALA A 140 5.35 -18.45 9.48
CA ALA A 140 5.69 -19.39 10.55
C ALA A 140 6.67 -18.81 11.57
N MET A 141 7.85 -18.37 11.09
CA MET A 141 8.89 -17.83 11.96
C MET A 141 8.32 -16.83 12.98
N MET A 142 7.29 -16.08 12.57
CA MET A 142 6.69 -15.09 13.47
C MET A 142 5.61 -15.72 14.34
N ARG A 143 4.92 -16.72 13.79
CA ARG A 143 3.85 -17.39 14.52
C ARG A 143 4.38 -18.65 15.20
N LYS A 144 3.45 -19.49 15.66
CA LYS A 144 3.81 -20.73 16.34
C LYS A 144 4.56 -21.67 15.41
N ARG A 145 4.97 -22.81 15.95
CA ARG A 145 5.70 -23.82 15.17
C ARG A 145 4.80 -25.03 14.91
N LYS A 146 3.50 -24.78 14.86
CA LYS A 146 2.52 -25.85 14.62
C LYS A 146 2.72 -26.49 13.25
N GLY A 147 3.17 -27.75 13.25
CA GLY A 147 3.39 -28.46 12.02
C GLY A 147 2.11 -28.75 11.26
N ASN A 148 0.97 -28.65 11.95
CA ASN A 148 -0.32 -28.91 11.34
C ASN A 148 -0.52 -28.03 10.11
N GLY A 149 -1.47 -28.40 9.26
CA GLY A 149 -1.75 -27.65 8.04
C GLY A 149 -1.99 -26.17 8.30
N GLY A 150 -2.20 -25.80 9.56
CA GLY A 150 -2.43 -24.42 9.90
C GLY A 150 -1.19 -23.56 9.72
N ILE A 151 -0.07 -24.20 9.40
CA ILE A 151 1.20 -23.50 9.19
C ILE A 151 1.24 -22.89 7.79
N GLY A 152 2.44 -22.64 7.25
CA GLY A 152 2.58 -22.07 5.93
C GLY A 152 3.87 -22.51 5.28
N ARG A 153 4.90 -22.60 6.11
CA ARG A 153 6.22 -23.03 5.67
C ARG A 153 6.14 -24.42 5.07
N ARG A 154 7.23 -24.89 4.46
CA ARG A 154 7.23 -26.20 3.83
C ARG A 154 7.16 -27.31 4.87
N THR A 155 6.32 -28.31 4.60
CA THR A 155 6.12 -29.44 5.51
C THR A 155 7.44 -29.95 6.05
N MET A 156 8.49 -29.91 5.24
CA MET A 156 9.80 -30.37 5.65
C MET A 156 10.53 -29.27 6.43
N ARG A 157 9.87 -28.72 7.45
CA ARG A 157 10.46 -27.67 8.26
C ARG A 157 10.34 -27.99 9.74
N LYS A 158 9.12 -27.93 10.26
CA LYS A 158 8.87 -28.21 11.66
C LYS A 158 7.45 -28.73 11.88
N THR A 159 7.36 -30.00 12.26
CA THR A 159 6.06 -30.63 12.50
C THR A 159 5.71 -30.60 13.99
N LEU A 160 4.50 -31.04 14.32
CA LEU A 160 4.05 -31.06 15.71
C LEU A 160 3.68 -32.47 16.15
N ASN A 161 4.31 -32.93 17.22
CA ASN A 161 4.05 -34.27 17.75
C ASN A 161 4.41 -34.33 19.24
N LEU A 162 3.55 -33.75 20.08
CA LEU A 162 3.78 -33.72 21.51
C LEU A 162 2.61 -34.37 22.26
N ARG A 163 2.70 -34.41 23.57
CA ARG A 163 1.65 -35.00 24.40
C ARG A 163 0.58 -33.96 24.72
N ASP A 164 -0.30 -33.71 23.76
CA ASP A 164 -1.37 -32.73 23.93
C ASP A 164 -2.65 -33.42 24.43
N ALA A 165 -3.55 -32.63 25.01
CA ALA A 165 -4.81 -33.15 25.52
C ALA A 165 -5.64 -33.79 24.41
N LEU A 166 -5.82 -35.11 24.50
CA LEU A 166 -6.59 -35.84 23.51
C LEU A 166 -7.83 -36.46 24.16
N GLY A 167 -7.74 -36.73 25.45
CA GLY A 167 -8.86 -37.33 26.16
C GLY A 167 -9.43 -36.39 27.21
N LEU A 168 -9.91 -35.23 26.76
CA LEU A 168 -10.48 -34.24 27.67
C LEU A 168 -11.99 -34.45 27.81
N VAL A 169 -12.53 -34.06 28.96
CA VAL A 169 -13.95 -34.21 29.23
C VAL A 169 -14.77 -33.19 28.44
N ASP A 170 -15.97 -33.58 28.05
CA ASP A 170 -16.85 -32.70 27.29
C ASP A 170 -17.97 -32.14 28.18
N ASN A 171 -18.02 -30.82 28.29
CA ASN A 171 -19.03 -30.16 29.10
C ASN A 171 -20.37 -30.10 28.36
N GLY A 172 -20.33 -30.32 27.06
CA GLY A 172 -21.54 -30.29 26.27
C GLY A 172 -21.45 -29.32 25.10
N SER A 173 -20.48 -28.42 25.16
CA SER A 173 -20.29 -27.44 24.10
C SER A 173 -18.90 -26.80 24.21
N ASN A 174 -18.25 -26.65 23.07
CA ASN A 174 -16.91 -26.05 23.02
C ASN A 174 -17.01 -24.54 22.77
N GLN A 175 -17.75 -23.85 23.65
CA GLN A 175 -17.92 -22.41 23.52
C GLN A 175 -16.61 -21.68 23.82
N VAL A 176 -15.91 -21.28 22.77
CA VAL A 176 -14.64 -20.58 22.92
C VAL A 176 -14.86 -19.16 23.45
N ILE A 177 -13.97 -18.73 24.33
CA ILE A 177 -14.07 -17.39 24.92
C ILE A 177 -13.50 -16.34 23.98
N GLU A 178 -14.36 -15.41 23.54
CA GLU A 178 -13.94 -14.35 22.63
C GLU A 178 -13.92 -13.01 23.34
N GLY A 179 -13.01 -12.14 22.93
CA GLY A 179 -12.90 -10.82 23.53
C GLY A 179 -11.74 -10.02 22.96
N TYR A 180 -11.42 -8.90 23.61
CA TYR A 180 -10.33 -8.05 23.17
C TYR A 180 -9.33 -7.81 24.29
N PHE A 181 -8.28 -8.63 24.34
CA PHE A 181 -7.26 -8.50 25.37
C PHE A 181 -5.86 -8.50 24.75
N LYS A 182 -4.85 -8.34 25.59
CA LYS A 182 -3.46 -8.33 25.13
C LYS A 182 -3.24 -7.23 24.09
CA CA B . 2.43 4.45 -20.43
CA CA C . 8.48 -1.54 -13.35
CA CA D . 9.58 -12.44 -4.22
CA CA E . 15.32 -18.87 2.62
N ALA A 1 -19.06 -8.74 -24.84
CA ALA A 1 -20.16 -9.67 -24.47
C ALA A 1 -19.88 -11.07 -25.01
N GLU A 2 -18.98 -11.15 -25.99
CA GLU A 2 -18.62 -12.43 -26.58
C GLU A 2 -17.11 -12.56 -26.73
N ARG A 3 -16.64 -13.78 -26.93
CA ARG A 3 -15.20 -14.04 -27.09
C ARG A 3 -14.92 -14.67 -28.45
N LEU A 4 -13.67 -15.08 -28.65
CA LEU A 4 -13.28 -15.70 -29.91
C LEU A 4 -12.01 -16.53 -29.74
N SER A 5 -11.45 -16.52 -28.52
CA SER A 5 -10.23 -17.28 -28.24
C SER A 5 -10.06 -17.50 -26.74
N GLU A 6 -9.93 -16.42 -25.99
CA GLU A 6 -9.75 -16.51 -24.55
C GLU A 6 -10.59 -15.48 -23.82
N GLU A 7 -11.63 -15.95 -23.12
CA GLU A 7 -12.51 -15.07 -22.37
C GLU A 7 -11.99 -14.86 -20.95
N GLU A 8 -11.64 -15.96 -20.29
CA GLU A 8 -11.12 -15.92 -18.93
C GLU A 8 -9.61 -15.72 -18.94
N ILE A 9 -8.91 -16.61 -19.61
CA ILE A 9 -7.45 -16.53 -19.70
C ILE A 9 -7.03 -15.28 -20.46
N GLY A 10 -7.91 -14.80 -21.32
CA GLY A 10 -7.61 -13.60 -22.09
C GLY A 10 -8.37 -12.38 -21.60
N GLY A 11 -7.93 -11.21 -22.05
CA GLY A 11 -8.56 -9.98 -21.64
C GLY A 11 -7.66 -9.18 -20.74
N LEU A 12 -6.75 -9.87 -20.07
CA LEU A 12 -5.81 -9.23 -19.16
C LEU A 12 -4.76 -8.44 -19.93
N LYS A 13 -4.40 -8.94 -21.11
CA LYS A 13 -3.41 -8.26 -21.93
C LYS A 13 -3.98 -6.91 -22.37
N GLU A 14 -5.19 -6.96 -22.93
CA GLU A 14 -5.87 -5.75 -23.36
C GLU A 14 -6.20 -4.90 -22.14
N LEU A 15 -6.16 -5.54 -20.97
CA LEU A 15 -6.42 -4.85 -19.71
C LEU A 15 -5.19 -4.10 -19.27
N PHE A 16 -4.05 -4.74 -19.45
CA PHE A 16 -2.79 -4.13 -19.10
C PHE A 16 -2.63 -2.82 -19.85
N LYS A 17 -2.97 -2.87 -21.13
CA LYS A 17 -2.91 -1.71 -21.99
C LYS A 17 -4.14 -0.86 -21.76
N MET A 18 -5.12 -1.46 -21.08
CA MET A 18 -6.35 -0.74 -20.77
C MET A 18 -6.01 0.35 -19.77
N ILE A 19 -5.19 0.01 -18.79
CA ILE A 19 -4.78 0.97 -17.79
C ILE A 19 -4.02 2.10 -18.48
N ASP A 20 -2.94 1.74 -19.16
CA ASP A 20 -2.14 2.69 -19.89
C ASP A 20 -2.85 3.11 -21.16
N THR A 21 -3.71 4.09 -20.99
CA THR A 21 -4.53 4.60 -22.07
C THR A 21 -3.85 5.74 -22.83
N ASP A 22 -2.90 6.41 -22.19
CA ASP A 22 -2.24 7.55 -22.84
C ASP A 22 -0.72 7.61 -22.63
N ASN A 23 -0.16 6.74 -21.80
CA ASN A 23 1.29 6.80 -21.56
C ASN A 23 2.07 6.36 -22.79
N SER A 24 2.31 5.05 -22.89
CA SER A 24 3.07 4.49 -24.02
C SER A 24 3.17 2.97 -23.91
N GLY A 25 2.39 2.39 -23.02
CA GLY A 25 2.44 0.96 -22.80
C GLY A 25 3.06 0.64 -21.46
N THR A 26 2.84 1.57 -20.53
CA THR A 26 3.35 1.43 -19.17
C THR A 26 2.37 2.00 -18.17
N ILE A 27 2.41 1.47 -16.95
CA ILE A 27 1.50 1.88 -15.91
C ILE A 27 2.20 2.57 -14.75
N THR A 28 2.10 3.87 -14.69
CA THR A 28 2.73 4.60 -13.61
C THR A 28 1.72 4.99 -12.56
N PHE A 29 2.21 5.28 -11.35
CA PHE A 29 1.37 5.64 -10.21
C PHE A 29 0.13 6.43 -10.64
N ASP A 30 0.28 7.26 -11.67
CA ASP A 30 -0.84 8.05 -12.17
C ASP A 30 -1.77 7.18 -13.03
N GLU A 31 -1.17 6.39 -13.92
CA GLU A 31 -1.92 5.49 -14.78
C GLU A 31 -2.46 4.30 -14.01
N LEU A 32 -1.81 3.98 -12.89
CA LEU A 32 -2.21 2.87 -12.07
C LEU A 32 -3.70 2.96 -11.75
N LYS A 33 -4.09 4.09 -11.21
CA LYS A 33 -5.48 4.37 -10.87
C LYS A 33 -6.26 4.76 -12.12
N ASP A 34 -5.62 5.53 -12.98
CA ASP A 34 -6.25 5.98 -14.21
C ASP A 34 -6.94 4.83 -14.95
N GLY A 35 -6.31 3.65 -14.90
CA GLY A 35 -6.87 2.49 -15.57
C GLY A 35 -7.72 1.61 -14.66
N LEU A 36 -7.19 1.26 -13.50
CA LEU A 36 -7.93 0.43 -12.55
C LEU A 36 -9.24 1.09 -12.20
N LYS A 37 -9.14 2.36 -11.79
CA LYS A 37 -10.30 3.14 -11.41
C LYS A 37 -11.18 3.44 -12.62
N ARG A 38 -10.67 3.10 -13.82
CA ARG A 38 -11.40 3.32 -15.07
C ARG A 38 -12.44 2.22 -15.32
N VAL A 39 -12.14 0.99 -14.88
CA VAL A 39 -13.06 -0.12 -15.08
C VAL A 39 -14.23 -0.06 -14.11
N GLY A 40 -14.26 0.97 -13.28
CA GLY A 40 -15.33 1.12 -12.31
C GLY A 40 -14.81 1.04 -10.88
N SER A 41 -13.50 1.07 -10.73
CA SER A 41 -12.88 1.00 -9.43
C SER A 41 -12.65 2.39 -8.86
N GLU A 42 -12.55 2.48 -7.55
CA GLU A 42 -12.33 3.76 -6.90
C GLU A 42 -11.38 3.61 -5.70
N LEU A 43 -10.15 4.03 -5.89
CA LEU A 43 -9.13 3.94 -4.86
C LEU A 43 -8.41 5.28 -4.70
N MET A 44 -7.67 5.42 -3.60
CA MET A 44 -6.91 6.63 -3.35
C MET A 44 -5.45 6.32 -3.60
N GLU A 45 -4.61 7.35 -3.72
CA GLU A 45 -3.19 7.14 -3.98
C GLU A 45 -2.60 6.09 -3.05
N SER A 46 -2.64 6.34 -1.73
CA SER A 46 -2.10 5.40 -0.75
C SER A 46 -2.60 3.97 -1.00
N GLU A 47 -3.66 3.84 -1.78
CA GLU A 47 -4.21 2.53 -2.12
C GLU A 47 -3.57 2.01 -3.40
N ILE A 48 -3.54 2.87 -4.42
CA ILE A 48 -2.90 2.54 -5.68
C ILE A 48 -1.52 1.99 -5.39
N LYS A 49 -0.76 2.84 -4.72
CA LYS A 49 0.58 2.53 -4.30
C LYS A 49 0.69 1.10 -3.81
N ASP A 50 -0.37 0.61 -3.18
CA ASP A 50 -0.39 -0.75 -2.67
C ASP A 50 -0.30 -1.75 -3.82
N LEU A 51 -1.15 -1.58 -4.80
CA LEU A 51 -1.17 -2.45 -5.98
C LEU A 51 0.20 -2.48 -6.65
N MET A 52 0.90 -1.36 -6.59
CA MET A 52 2.20 -1.24 -7.23
C MET A 52 3.35 -1.69 -6.31
N ASP A 53 3.56 -0.94 -5.25
CA ASP A 53 4.63 -1.23 -4.31
C ASP A 53 4.52 -2.62 -3.71
N ALA A 54 3.30 -3.08 -3.49
CA ALA A 54 3.09 -4.39 -2.89
C ALA A 54 2.96 -5.53 -3.91
N ALA A 55 2.68 -5.21 -5.17
CA ALA A 55 2.53 -6.25 -6.18
C ALA A 55 3.47 -6.06 -7.37
N ASP A 56 3.59 -4.83 -7.86
CA ASP A 56 4.47 -4.56 -9.01
C ASP A 56 5.86 -5.15 -8.75
N ILE A 57 6.11 -6.29 -9.38
CA ILE A 57 7.39 -7.01 -9.24
C ILE A 57 8.58 -6.12 -9.46
N ASP A 58 8.35 -4.97 -10.08
CA ASP A 58 9.44 -4.04 -10.38
C ASP A 58 9.13 -2.63 -9.91
N LYS A 59 8.58 -2.51 -8.71
CA LYS A 59 8.20 -1.21 -8.16
C LYS A 59 9.14 -0.10 -8.61
N SER A 60 8.81 0.47 -9.76
CA SER A 60 9.55 1.56 -10.37
C SER A 60 8.59 2.68 -10.69
N GLY A 61 7.43 2.63 -10.05
CA GLY A 61 6.40 3.62 -10.30
C GLY A 61 5.82 3.43 -11.68
N THR A 62 6.02 2.22 -12.22
CA THR A 62 5.56 1.86 -13.55
C THR A 62 5.37 0.35 -13.66
N ILE A 63 4.23 -0.07 -14.21
CA ILE A 63 3.93 -1.48 -14.34
C ILE A 63 3.90 -1.89 -15.81
N ASP A 64 4.53 -3.01 -16.10
CA ASP A 64 4.59 -3.54 -17.46
C ASP A 64 3.69 -4.75 -17.59
N TYR A 65 3.47 -5.17 -18.84
CA TYR A 65 2.60 -6.30 -19.14
C TYR A 65 2.71 -7.39 -18.08
N GLY A 66 3.94 -7.73 -17.73
CA GLY A 66 4.14 -8.76 -16.73
C GLY A 66 3.79 -8.29 -15.34
N GLU A 67 4.39 -7.17 -14.93
CA GLU A 67 4.12 -6.60 -13.62
C GLU A 67 2.62 -6.43 -13.42
N PHE A 68 1.91 -6.33 -14.54
CA PHE A 68 0.46 -6.17 -14.53
C PHE A 68 -0.22 -7.44 -14.04
N ILE A 69 -0.06 -8.50 -14.83
CA ILE A 69 -0.66 -9.78 -14.55
C ILE A 69 -0.44 -10.19 -13.10
N ALA A 70 0.79 -10.07 -12.63
CA ALA A 70 1.10 -10.42 -11.25
C ALA A 70 0.26 -9.60 -10.28
N ALA A 71 0.26 -8.29 -10.49
CA ALA A 71 -0.48 -7.37 -9.64
C ALA A 71 -1.97 -7.74 -9.55
N THR A 72 -2.52 -8.29 -10.64
CA THR A 72 -3.92 -8.67 -10.67
C THR A 72 -4.15 -10.06 -10.09
N VAL A 73 -3.50 -11.07 -10.69
CA VAL A 73 -3.62 -12.46 -10.24
C VAL A 73 -3.36 -12.58 -8.73
N HIS A 74 -2.77 -11.54 -8.16
CA HIS A 74 -2.47 -11.52 -6.73
C HIS A 74 -3.76 -11.24 -5.97
N LEU A 75 -4.47 -10.20 -6.39
CA LEU A 75 -5.72 -9.84 -5.77
C LEU A 75 -6.80 -10.78 -6.27
N ASN A 76 -6.48 -11.49 -7.35
CA ASN A 76 -7.40 -12.43 -7.96
C ASN A 76 -6.79 -13.83 -8.06
N LYS A 77 -7.04 -14.64 -7.04
CA LYS A 77 -6.52 -16.01 -6.99
C LYS A 77 -7.23 -16.82 -5.92
N LEU A 78 -7.03 -18.13 -5.95
CA LEU A 78 -7.66 -19.03 -4.97
C LEU A 78 -6.90 -19.02 -3.64
N GLU A 79 -6.41 -17.85 -3.25
CA GLU A 79 -5.68 -17.72 -2.00
C GLU A 79 -6.17 -16.53 -1.19
N ARG A 80 -5.81 -16.49 0.08
CA ARG A 80 -6.21 -15.40 0.97
C ARG A 80 -5.00 -14.78 1.66
N GLU A 81 -5.14 -13.53 2.09
CA GLU A 81 -4.06 -12.83 2.76
C GLU A 81 -3.85 -13.38 4.18
N GLU A 82 -2.60 -13.35 4.63
CA GLU A 82 -2.26 -13.84 5.97
C GLU A 82 -1.78 -12.69 6.85
N ASN A 83 -0.87 -12.99 7.78
CA ASN A 83 -0.34 -11.97 8.68
C ASN A 83 1.14 -11.72 8.41
N LEU A 84 1.83 -12.75 7.97
CA LEU A 84 3.26 -12.64 7.66
C LEU A 84 3.46 -11.98 6.30
N VAL A 85 2.49 -12.16 5.41
CA VAL A 85 2.55 -11.59 4.07
C VAL A 85 2.78 -10.08 4.12
N SER A 86 2.50 -9.46 5.27
CA SER A 86 2.68 -8.03 5.44
C SER A 86 4.01 -7.56 4.86
N ALA A 87 5.09 -8.24 5.24
CA ALA A 87 6.42 -7.91 4.75
C ALA A 87 6.59 -8.40 3.31
N PHE A 88 6.28 -9.67 3.09
CA PHE A 88 6.36 -10.28 1.78
C PHE A 88 5.79 -9.34 0.72
N SER A 89 4.87 -8.50 1.17
CA SER A 89 4.22 -7.53 0.31
C SER A 89 5.00 -6.21 0.27
N TYR A 90 5.20 -5.58 1.43
CA TYR A 90 5.92 -4.32 1.48
C TYR A 90 7.42 -4.52 1.53
N PHE A 91 7.94 -5.31 2.49
CA PHE A 91 9.38 -5.57 2.55
C PHE A 91 9.81 -6.16 1.23
N ASP A 92 9.31 -7.37 0.92
CA ASP A 92 9.59 -8.00 -0.36
C ASP A 92 8.81 -7.26 -1.43
N LYS A 93 9.15 -5.99 -1.60
CA LYS A 93 8.49 -5.11 -2.52
C LYS A 93 8.41 -5.71 -3.91
N ASP A 94 9.47 -6.37 -4.35
CA ASP A 94 9.45 -6.96 -5.67
C ASP A 94 8.52 -8.16 -5.70
N GLY A 95 8.31 -8.79 -4.53
CA GLY A 95 7.44 -9.94 -4.47
C GLY A 95 7.68 -10.91 -5.58
N SER A 96 8.87 -11.49 -5.60
CA SER A 96 9.24 -12.50 -6.57
C SER A 96 9.53 -13.75 -5.76
N GLY A 97 9.14 -13.63 -4.49
CA GLY A 97 9.29 -14.67 -3.52
C GLY A 97 10.52 -14.50 -2.66
N TYR A 98 11.22 -13.38 -2.84
CA TYR A 98 12.41 -13.13 -2.06
C TYR A 98 12.90 -11.69 -2.11
N ILE A 99 13.44 -11.26 -0.96
CA ILE A 99 13.98 -9.92 -0.75
C ILE A 99 15.50 -9.97 -0.79
N THR A 100 16.14 -8.97 -1.38
CA THR A 100 17.59 -8.94 -1.44
C THR A 100 18.14 -7.84 -0.55
N LEU A 101 19.41 -7.95 -0.19
CA LEU A 101 20.07 -6.96 0.66
C LEU A 101 19.61 -5.55 0.30
N ASP A 102 19.41 -5.31 -1.00
CA ASP A 102 18.97 -4.00 -1.48
C ASP A 102 17.61 -3.64 -0.89
N GLU A 103 16.62 -4.48 -1.16
CA GLU A 103 15.27 -4.25 -0.66
C GLU A 103 15.26 -4.24 0.86
N ILE A 104 16.27 -4.86 1.45
CA ILE A 104 16.40 -4.92 2.90
C ILE A 104 16.87 -3.59 3.47
N GLN A 105 18.07 -3.17 3.06
CA GLN A 105 18.66 -1.93 3.53
C GLN A 105 17.71 -0.76 3.26
N GLN A 106 16.96 -0.84 2.17
CA GLN A 106 16.02 0.21 1.81
C GLN A 106 14.72 0.08 2.61
N ALA A 107 14.38 -1.15 2.98
CA ALA A 107 13.18 -1.43 3.74
C ALA A 107 13.27 -0.81 5.14
N CYS A 108 14.43 -0.25 5.46
CA CYS A 108 14.66 0.37 6.75
C CYS A 108 14.88 1.87 6.59
N LYS A 109 13.80 2.61 6.39
CA LYS A 109 13.88 4.06 6.21
C LYS A 109 14.03 4.78 7.55
N ASP A 110 13.13 4.49 8.48
CA ASP A 110 13.15 5.12 9.80
C ASP A 110 14.23 4.49 10.68
N PHE A 111 14.71 3.32 10.29
CA PHE A 111 15.75 2.62 11.04
C PHE A 111 17.05 3.40 11.08
N GLY A 112 17.58 3.73 9.90
CA GLY A 112 18.85 4.44 9.85
C GLY A 112 19.92 3.58 9.21
N LEU A 113 19.51 2.84 8.18
CA LEU A 113 20.39 1.92 7.46
C LEU A 113 21.82 2.42 7.40
N ASP A 114 22.73 1.58 7.89
CA ASP A 114 24.15 1.89 7.91
C ASP A 114 24.98 0.60 7.81
N ASP A 115 26.28 0.77 7.69
CA ASP A 115 27.20 -0.37 7.57
C ASP A 115 27.46 -1.04 8.91
N ILE A 116 26.96 -0.45 9.99
CA ILE A 116 27.19 -1.01 11.32
C ILE A 116 26.21 -2.14 11.66
N HIS A 117 24.92 -1.84 11.78
CA HIS A 117 23.93 -2.85 12.14
C HIS A 117 23.28 -3.51 10.94
N ILE A 118 22.48 -2.75 10.22
CA ILE A 118 21.76 -3.26 9.07
C ILE A 118 22.67 -3.93 8.04
N ASP A 119 23.97 -3.64 8.10
CA ASP A 119 24.93 -4.24 7.17
C ASP A 119 25.13 -5.71 7.47
N ASP A 120 25.69 -6.02 8.64
CA ASP A 120 25.90 -7.41 9.03
C ASP A 120 24.54 -8.10 9.07
N MET A 121 23.50 -7.27 9.13
CA MET A 121 22.12 -7.70 9.16
C MET A 121 21.80 -8.47 7.89
N ILE A 122 22.45 -8.05 6.80
CA ILE A 122 22.31 -8.70 5.50
C ILE A 122 22.75 -10.12 5.67
N LYS A 123 23.84 -10.27 6.38
CA LYS A 123 24.39 -11.56 6.68
C LYS A 123 23.75 -12.14 7.93
N GLU A 124 23.03 -11.27 8.65
CA GLU A 124 22.36 -11.68 9.88
C GLU A 124 21.03 -12.36 9.57
N ILE A 125 20.47 -12.04 8.40
CA ILE A 125 19.20 -12.62 7.99
C ILE A 125 19.41 -13.54 6.80
N ASP A 126 20.54 -13.36 6.13
CA ASP A 126 20.87 -14.21 4.99
C ASP A 126 21.10 -15.63 5.44
N GLN A 127 20.01 -16.35 5.57
CA GLN A 127 20.05 -17.73 6.03
C GLN A 127 20.32 -18.71 4.90
N ASP A 128 20.31 -18.24 3.64
CA ASP A 128 20.52 -19.17 2.53
C ASP A 128 21.64 -18.79 1.55
N ASN A 129 21.94 -17.49 1.35
CA ASN A 129 23.03 -17.16 0.41
C ASN A 129 23.34 -15.66 0.20
N ASP A 130 22.59 -15.06 -0.73
CA ASP A 130 22.76 -13.68 -1.21
C ASP A 130 22.55 -12.51 -0.24
N GLY A 131 22.71 -12.66 1.07
CA GLY A 131 22.47 -11.51 1.91
C GLY A 131 21.09 -11.00 1.63
N GLN A 132 20.21 -11.96 1.43
CA GLN A 132 18.85 -11.68 1.08
C GLN A 132 17.92 -12.44 1.99
N ILE A 133 16.66 -12.08 1.96
CA ILE A 133 15.66 -12.71 2.77
C ILE A 133 14.49 -13.11 1.92
N ASP A 134 14.23 -14.39 1.81
CA ASP A 134 13.12 -14.85 1.00
C ASP A 134 11.94 -15.17 1.89
N TYR A 135 10.77 -15.32 1.27
CA TYR A 135 9.56 -15.61 2.02
C TYR A 135 9.83 -16.71 3.03
N GLY A 136 10.84 -17.51 2.76
CA GLY A 136 11.22 -18.55 3.66
C GLY A 136 12.09 -18.02 4.79
N GLU A 137 13.00 -17.11 4.43
CA GLU A 137 13.89 -16.50 5.42
C GLU A 137 13.13 -15.57 6.35
N PHE A 138 12.46 -14.57 5.77
CA PHE A 138 11.74 -13.62 6.60
C PHE A 138 10.71 -14.30 7.49
N ALA A 139 9.88 -15.13 6.87
CA ALA A 139 8.84 -15.83 7.61
C ALA A 139 9.42 -16.73 8.70
N ALA A 140 10.70 -17.06 8.57
CA ALA A 140 11.38 -17.91 9.55
C ALA A 140 12.03 -17.09 10.66
N MET A 141 12.83 -16.10 10.26
CA MET A 141 13.54 -15.23 11.19
C MET A 141 12.60 -14.38 12.03
N MET A 142 11.31 -14.64 11.94
CA MET A 142 10.31 -13.90 12.69
C MET A 142 9.60 -14.80 13.70
N ARG A 143 10.03 -16.06 13.78
CA ARG A 143 9.44 -17.02 14.70
C ARG A 143 10.51 -17.71 15.53
N LYS A 144 11.11 -18.76 14.98
CA LYS A 144 12.15 -19.51 15.68
C LYS A 144 13.40 -19.66 14.82
N ARG A 145 13.29 -20.45 13.75
CA ARG A 145 14.41 -20.66 12.86
C ARG A 145 13.94 -21.15 11.48
N LYS A 146 13.07 -22.17 11.47
CA LYS A 146 12.56 -22.71 10.23
C LYS A 146 11.45 -23.73 10.49
N GLY A 147 10.43 -23.74 9.62
CA GLY A 147 9.33 -24.67 9.78
C GLY A 147 9.77 -26.11 9.62
N ASN A 148 10.35 -26.42 8.47
CA ASN A 148 10.82 -27.77 8.19
C ASN A 148 12.24 -27.97 8.73
N GLY A 149 12.37 -28.85 9.70
CA GLY A 149 13.67 -29.11 10.29
C GLY A 149 14.68 -29.61 9.28
N GLY A 150 14.20 -30.03 8.11
CA GLY A 150 15.07 -30.51 7.07
C GLY A 150 15.41 -29.43 6.05
N ILE A 151 14.38 -28.72 5.59
CA ILE A 151 14.56 -27.67 4.61
C ILE A 151 15.21 -26.43 5.22
N GLY A 152 14.38 -25.45 5.57
CA GLY A 152 14.88 -24.23 6.16
C GLY A 152 14.34 -22.98 5.47
N ARG A 153 15.23 -22.09 5.09
CA ARG A 153 14.83 -20.86 4.42
C ARG A 153 15.82 -20.48 3.31
N ARG A 154 15.62 -21.09 2.15
CA ARG A 154 16.46 -20.85 0.99
C ARG A 154 15.62 -20.49 -0.24
N THR A 155 16.19 -19.67 -1.11
CA THR A 155 15.50 -19.26 -2.33
C THR A 155 15.28 -20.46 -3.25
N MET A 156 16.22 -21.39 -3.22
CA MET A 156 16.14 -22.60 -4.04
C MET A 156 16.72 -23.80 -3.30
N ARG A 157 16.19 -24.05 -2.10
CA ARG A 157 16.65 -25.17 -1.28
C ARG A 157 16.52 -26.49 -2.04
N LYS A 158 17.62 -27.24 -2.10
CA LYS A 158 17.63 -28.52 -2.80
C LYS A 158 18.70 -29.44 -2.22
N THR A 159 18.42 -30.74 -2.22
CA THR A 159 19.36 -31.73 -1.69
C THR A 159 20.67 -31.72 -2.48
N LEU A 160 20.67 -32.41 -3.62
CA LEU A 160 21.85 -32.50 -4.47
C LEU A 160 21.50 -33.09 -5.83
N ASN A 161 21.51 -32.26 -6.86
CA ASN A 161 21.19 -32.70 -8.21
C ASN A 161 21.90 -31.83 -9.25
N LEU A 162 21.18 -30.85 -9.79
CA LEU A 162 21.75 -29.96 -10.80
C LEU A 162 21.50 -28.50 -10.44
N ARG A 163 21.79 -27.60 -11.38
CA ARG A 163 21.61 -26.17 -11.15
C ARG A 163 20.14 -25.78 -11.34
N ASP A 164 19.54 -26.24 -12.43
CA ASP A 164 18.15 -25.93 -12.73
C ASP A 164 17.25 -27.12 -12.44
N ALA A 165 16.10 -26.87 -11.82
CA ALA A 165 15.16 -27.94 -11.49
C ALA A 165 13.91 -27.82 -12.34
N LEU A 166 13.48 -28.96 -12.89
CA LEU A 166 12.29 -28.99 -13.73
C LEU A 166 11.27 -29.98 -13.15
N GLY A 167 11.63 -30.61 -12.05
CA GLY A 167 10.76 -31.57 -11.41
C GLY A 167 11.49 -32.46 -10.43
N LEU A 168 10.83 -33.52 -9.98
CA LEU A 168 11.45 -34.45 -9.04
C LEU A 168 12.20 -35.55 -9.78
N VAL A 169 13.48 -35.30 -10.03
CA VAL A 169 14.33 -36.26 -10.73
C VAL A 169 15.51 -36.69 -9.88
N ASP A 170 15.75 -37.99 -9.81
CA ASP A 170 16.86 -38.53 -9.02
C ASP A 170 17.67 -39.52 -9.84
N ASN A 171 16.96 -40.44 -10.51
CA ASN A 171 17.61 -41.45 -11.33
C ASN A 171 17.84 -40.95 -12.75
N GLY A 172 18.34 -39.72 -12.87
CA GLY A 172 18.58 -39.15 -14.17
C GLY A 172 20.06 -38.91 -14.43
N SER A 173 20.36 -37.86 -15.21
CA SER A 173 21.75 -37.53 -15.53
C SER A 173 22.42 -36.83 -14.36
N ASN A 174 23.61 -36.30 -14.60
CA ASN A 174 24.37 -35.60 -13.57
C ASN A 174 25.36 -34.63 -14.20
N GLN A 175 25.06 -34.17 -15.41
CA GLN A 175 25.92 -33.24 -16.12
C GLN A 175 25.57 -31.79 -15.78
N VAL A 176 26.45 -31.12 -15.05
CA VAL A 176 26.22 -29.73 -14.66
C VAL A 176 26.38 -28.80 -15.86
N ILE A 177 25.47 -27.84 -15.99
CA ILE A 177 25.51 -26.89 -17.09
C ILE A 177 26.02 -25.53 -16.65
N GLU A 178 26.69 -24.83 -17.56
CA GLU A 178 27.24 -23.51 -17.26
C GLU A 178 27.24 -22.65 -18.52
N GLY A 179 26.69 -21.43 -18.41
CA GLY A 179 26.64 -20.54 -19.54
C GLY A 179 25.36 -20.69 -20.34
N TYR A 180 24.40 -19.81 -20.09
CA TYR A 180 23.11 -19.87 -20.77
C TYR A 180 23.00 -18.81 -21.86
N PHE A 181 24.04 -17.96 -21.96
CA PHE A 181 24.05 -16.90 -22.97
C PHE A 181 25.46 -16.36 -23.17
N LYS A 182 26.41 -16.92 -22.44
CA LYS A 182 27.80 -16.50 -22.53
C LYS A 182 27.96 -15.02 -22.14
CA CA B . -0.22 4.93 -19.30
CA CA C . 8.94 -1.05 -12.84
CA CA D . 12.59 -9.58 -5.17
CA CA E . 19.90 -14.99 1.01
N ALA A 1 -20.41 -19.63 -8.43
CA ALA A 1 -19.40 -18.67 -8.92
C ALA A 1 -18.04 -19.35 -9.09
N GLU A 2 -18.04 -20.67 -9.07
CA GLU A 2 -16.81 -21.44 -9.23
C GLU A 2 -16.90 -22.37 -10.44
N ARG A 3 -17.43 -21.84 -11.54
CA ARG A 3 -17.57 -22.60 -12.77
C ARG A 3 -17.76 -21.68 -13.97
N LEU A 4 -18.09 -20.42 -13.69
CA LEU A 4 -18.30 -19.43 -14.74
C LEU A 4 -17.11 -18.47 -14.84
N SER A 5 -16.23 -18.73 -15.80
CA SER A 5 -15.05 -17.90 -16.00
C SER A 5 -15.44 -16.55 -16.60
N GLU A 6 -14.49 -15.61 -16.59
CA GLU A 6 -14.72 -14.28 -17.13
C GLU A 6 -13.68 -13.94 -18.18
N GLU A 7 -13.60 -12.67 -18.55
CA GLU A 7 -12.63 -12.21 -19.55
C GLU A 7 -11.22 -12.25 -18.99
N GLU A 8 -11.11 -12.42 -17.67
CA GLU A 8 -9.80 -12.47 -17.02
C GLU A 8 -8.92 -13.57 -17.61
N ILE A 9 -9.55 -14.63 -18.11
CA ILE A 9 -8.81 -15.73 -18.70
C ILE A 9 -8.32 -15.39 -20.10
N GLY A 10 -9.09 -14.55 -20.80
CA GLY A 10 -8.72 -14.15 -22.14
C GLY A 10 -9.04 -12.69 -22.43
N GLY A 11 -8.00 -11.86 -22.51
CA GLY A 11 -8.20 -10.45 -22.78
C GLY A 11 -7.54 -9.56 -21.75
N LEU A 12 -6.67 -10.15 -20.93
CA LEU A 12 -5.96 -9.40 -19.90
C LEU A 12 -4.84 -8.56 -20.50
N LYS A 13 -4.23 -9.08 -21.56
CA LYS A 13 -3.16 -8.35 -22.23
C LYS A 13 -3.71 -7.03 -22.73
N GLU A 14 -4.92 -7.08 -23.27
CA GLU A 14 -5.60 -5.90 -23.76
C GLU A 14 -5.96 -5.02 -22.57
N LEU A 15 -6.14 -5.67 -21.41
CA LEU A 15 -6.47 -4.96 -20.18
C LEU A 15 -5.25 -4.19 -19.69
N PHE A 16 -4.06 -4.74 -19.92
CA PHE A 16 -2.82 -4.09 -19.52
C PHE A 16 -2.67 -2.79 -20.29
N LYS A 17 -2.82 -2.90 -21.60
CA LYS A 17 -2.70 -1.74 -22.46
C LYS A 17 -3.95 -0.90 -22.29
N MET A 18 -4.96 -1.52 -21.68
CA MET A 18 -6.21 -0.85 -21.41
C MET A 18 -5.98 0.19 -20.32
N ILE A 19 -4.90 0.01 -19.57
CA ILE A 19 -4.54 0.91 -18.49
C ILE A 19 -3.82 2.14 -19.03
N ASP A 20 -2.67 1.91 -19.65
CA ASP A 20 -1.86 2.98 -20.21
C ASP A 20 -2.29 3.34 -21.63
N THR A 21 -3.46 3.96 -21.73
CA THR A 21 -4.00 4.34 -23.03
C THR A 21 -3.51 5.72 -23.47
N ASP A 22 -2.79 6.43 -22.61
CA ASP A 22 -2.32 7.77 -22.94
C ASP A 22 -0.83 7.97 -22.63
N ASN A 23 -0.29 7.20 -21.70
CA ASN A 23 1.09 7.34 -21.30
C ASN A 23 2.06 6.85 -22.38
N SER A 24 2.21 5.54 -22.52
CA SER A 24 3.13 4.99 -23.51
C SER A 24 3.06 3.47 -23.59
N GLY A 25 2.27 2.86 -22.72
CA GLY A 25 2.19 1.43 -22.67
C GLY A 25 2.82 0.92 -21.40
N THR A 26 2.73 1.78 -20.38
CA THR A 26 3.27 1.50 -19.06
C THR A 26 2.35 2.09 -18.00
N ILE A 27 2.25 1.42 -16.87
CA ILE A 27 1.35 1.87 -15.82
C ILE A 27 2.07 2.55 -14.69
N THR A 28 1.97 3.86 -14.65
CA THR A 28 2.60 4.63 -13.60
C THR A 28 1.57 5.08 -12.57
N PHE A 29 2.07 5.52 -11.43
CA PHE A 29 1.25 5.97 -10.31
C PHE A 29 -0.04 6.66 -10.78
N ASP A 30 0.02 7.36 -11.90
CA ASP A 30 -1.15 8.04 -12.45
C ASP A 30 -2.07 7.06 -13.17
N GLU A 31 -1.52 6.30 -14.10
CA GLU A 31 -2.29 5.32 -14.86
C GLU A 31 -2.64 4.11 -14.01
N LEU A 32 -1.96 3.97 -12.87
CA LEU A 32 -2.23 2.87 -11.98
C LEU A 32 -3.72 2.85 -11.64
N LYS A 33 -4.19 3.98 -11.12
CA LYS A 33 -5.59 4.17 -10.77
C LYS A 33 -6.41 4.40 -12.02
N ASP A 34 -5.91 5.22 -12.93
CA ASP A 34 -6.62 5.51 -14.17
C ASP A 34 -7.18 4.22 -14.76
N GLY A 35 -6.29 3.32 -15.17
CA GLY A 35 -6.70 2.06 -15.76
C GLY A 35 -7.50 1.19 -14.81
N LEU A 36 -7.00 0.97 -13.60
CA LEU A 36 -7.71 0.14 -12.64
C LEU A 36 -9.07 0.72 -12.30
N LYS A 37 -9.06 1.89 -11.69
CA LYS A 37 -10.27 2.60 -11.30
C LYS A 37 -11.22 2.75 -12.50
N ARG A 38 -10.67 2.69 -13.71
CA ARG A 38 -11.46 2.82 -14.93
C ARG A 38 -12.56 1.78 -15.02
N VAL A 39 -12.23 0.53 -14.69
CA VAL A 39 -13.20 -0.56 -14.76
C VAL A 39 -14.23 -0.49 -13.63
N GLY A 40 -14.39 0.70 -13.04
CA GLY A 40 -15.34 0.87 -11.96
C GLY A 40 -14.69 0.84 -10.59
N SER A 41 -13.44 0.36 -10.55
CA SER A 41 -12.70 0.29 -9.32
C SER A 41 -12.51 1.66 -8.70
N GLU A 42 -12.31 1.70 -7.38
CA GLU A 42 -12.13 2.97 -6.68
C GLU A 42 -11.02 2.84 -5.63
N LEU A 43 -9.88 3.45 -5.92
CA LEU A 43 -8.74 3.41 -5.03
C LEU A 43 -8.25 4.82 -4.69
N MET A 44 -7.41 4.92 -3.66
CA MET A 44 -6.84 6.18 -3.25
C MET A 44 -5.34 6.16 -3.56
N GLU A 45 -4.69 7.31 -3.56
CA GLU A 45 -3.26 7.35 -3.89
C GLU A 45 -2.47 6.32 -3.10
N SER A 46 -2.39 6.45 -1.77
CA SER A 46 -1.65 5.51 -0.95
C SER A 46 -2.00 4.06 -1.28
N GLU A 47 -3.17 3.86 -1.88
CA GLU A 47 -3.60 2.52 -2.26
C GLU A 47 -2.91 2.13 -3.57
N ILE A 48 -2.88 3.07 -4.51
CA ILE A 48 -2.21 2.85 -5.78
C ILE A 48 -0.77 2.46 -5.50
N LYS A 49 -0.13 3.32 -4.74
CA LYS A 49 1.24 3.13 -4.31
C LYS A 49 1.38 1.83 -3.55
N ASP A 50 0.30 1.44 -2.89
CA ASP A 50 0.30 0.21 -2.10
C ASP A 50 0.41 -0.98 -3.03
N LEU A 51 -0.49 -1.04 -4.00
CA LEU A 51 -0.52 -2.12 -4.97
C LEU A 51 0.83 -2.25 -5.67
N MET A 52 1.53 -1.15 -5.85
CA MET A 52 2.82 -1.17 -6.53
C MET A 52 3.91 -1.81 -5.69
N ASP A 53 4.26 -1.18 -4.59
CA ASP A 53 5.33 -1.68 -3.75
C ASP A 53 4.94 -3.02 -3.12
N ALA A 54 3.65 -3.31 -3.10
CA ALA A 54 3.17 -4.57 -2.54
C ALA A 54 3.07 -5.66 -3.59
N ALA A 55 2.71 -5.28 -4.83
CA ALA A 55 2.56 -6.26 -5.90
C ALA A 55 3.52 -6.03 -7.06
N ASP A 56 3.70 -4.77 -7.49
CA ASP A 56 4.60 -4.47 -8.60
C ASP A 56 5.93 -5.19 -8.39
N ILE A 57 6.09 -6.32 -9.08
CA ILE A 57 7.30 -7.14 -8.96
C ILE A 57 8.57 -6.31 -9.14
N ASP A 58 8.44 -5.18 -9.82
CA ASP A 58 9.59 -4.31 -10.07
C ASP A 58 9.24 -2.88 -9.71
N LYS A 59 8.62 -2.70 -8.54
CA LYS A 59 8.18 -1.40 -8.06
C LYS A 59 9.09 -0.26 -8.52
N SER A 60 8.72 0.31 -9.66
CA SER A 60 9.42 1.44 -10.25
C SER A 60 8.41 2.54 -10.53
N GLY A 61 7.27 2.44 -9.86
CA GLY A 61 6.19 3.40 -10.05
C GLY A 61 5.60 3.25 -11.43
N THR A 62 5.86 2.08 -12.03
CA THR A 62 5.40 1.75 -13.36
C THR A 62 5.10 0.25 -13.45
N ILE A 63 4.06 -0.11 -14.19
CA ILE A 63 3.69 -1.50 -14.33
C ILE A 63 3.55 -1.89 -15.80
N ASP A 64 4.25 -2.95 -16.17
CA ASP A 64 4.21 -3.47 -17.53
C ASP A 64 3.36 -4.73 -17.59
N TYR A 65 3.03 -5.17 -18.79
CA TYR A 65 2.20 -6.35 -18.97
C TYR A 65 2.48 -7.40 -17.90
N GLY A 66 3.75 -7.69 -17.67
CA GLY A 66 4.13 -8.65 -16.66
C GLY A 66 3.65 -8.23 -15.28
N GLU A 67 4.14 -7.09 -14.81
CA GLU A 67 3.77 -6.57 -13.50
C GLU A 67 2.26 -6.40 -13.38
N PHE A 68 1.59 -6.25 -14.52
CA PHE A 68 0.14 -6.08 -14.55
C PHE A 68 -0.56 -7.33 -14.05
N ILE A 69 -0.21 -8.45 -14.67
CA ILE A 69 -0.80 -9.73 -14.34
C ILE A 69 -0.51 -10.10 -12.89
N ALA A 70 0.74 -9.93 -12.47
CA ALA A 70 1.15 -10.26 -11.11
C ALA A 70 0.51 -9.30 -10.10
N ALA A 71 -0.10 -8.23 -10.61
CA ALA A 71 -0.76 -7.23 -9.76
C ALA A 71 -2.24 -7.51 -9.61
N THR A 72 -2.94 -7.61 -10.73
CA THR A 72 -4.38 -7.87 -10.72
C THR A 72 -4.69 -9.25 -10.17
N VAL A 73 -4.00 -10.27 -10.67
CA VAL A 73 -4.21 -11.65 -10.22
C VAL A 73 -3.91 -11.78 -8.73
N HIS A 74 -3.22 -10.81 -8.18
CA HIS A 74 -2.90 -10.81 -6.75
C HIS A 74 -4.19 -10.67 -5.96
N LEU A 75 -5.03 -9.76 -6.40
CA LEU A 75 -6.32 -9.52 -5.78
C LEU A 75 -7.39 -10.30 -6.53
N ASN A 76 -6.98 -10.87 -7.67
CA ASN A 76 -7.88 -11.66 -8.50
C ASN A 76 -7.52 -13.14 -8.42
N LYS A 77 -8.08 -13.82 -7.43
CA LYS A 77 -7.81 -15.25 -7.26
C LYS A 77 -9.11 -16.04 -7.16
N LEU A 78 -9.68 -16.10 -5.97
CA LEU A 78 -10.93 -16.82 -5.74
C LEU A 78 -12.09 -15.85 -5.47
N GLU A 79 -11.88 -14.97 -4.50
CA GLU A 79 -12.90 -13.99 -4.14
C GLU A 79 -12.27 -12.83 -3.35
N ARG A 80 -12.87 -11.66 -3.45
CA ARG A 80 -12.36 -10.48 -2.74
C ARG A 80 -12.27 -10.74 -1.24
N GLU A 81 -11.06 -10.64 -0.71
CA GLU A 81 -10.82 -10.87 0.71
C GLU A 81 -9.38 -10.51 1.07
N GLU A 82 -8.47 -10.82 0.14
CA GLU A 82 -7.04 -10.54 0.34
C GLU A 82 -6.71 -9.10 -0.08
N ASN A 83 -7.68 -8.20 0.06
CA ASN A 83 -7.47 -6.80 -0.31
C ASN A 83 -6.93 -6.01 0.87
N LEU A 84 -7.36 -6.35 2.08
CA LEU A 84 -6.91 -5.66 3.28
C LEU A 84 -5.49 -6.07 3.65
N VAL A 85 -5.22 -7.37 3.60
CA VAL A 85 -3.90 -7.89 3.93
C VAL A 85 -2.82 -7.26 3.05
N SER A 86 -3.23 -6.71 1.91
CA SER A 86 -2.30 -6.09 0.97
C SER A 86 -1.43 -5.05 1.69
N ALA A 87 -2.06 -3.98 2.15
CA ALA A 87 -1.34 -2.93 2.86
C ALA A 87 -0.89 -3.44 4.21
N PHE A 88 -1.72 -4.32 4.80
CA PHE A 88 -1.41 -4.94 6.08
C PHE A 88 0.03 -5.44 6.07
N SER A 89 0.55 -5.65 4.88
CA SER A 89 1.92 -6.10 4.71
C SER A 89 2.88 -4.91 4.63
N TYR A 90 2.48 -3.88 3.87
CA TYR A 90 3.31 -2.70 3.71
C TYR A 90 3.13 -1.75 4.90
N PHE A 91 1.93 -1.23 5.07
CA PHE A 91 1.64 -0.34 6.19
C PHE A 91 1.96 -1.06 7.49
N ASP A 92 1.27 -2.17 7.75
CA ASP A 92 1.56 -2.98 8.93
C ASP A 92 2.77 -3.84 8.62
N LYS A 93 3.86 -3.14 8.36
CA LYS A 93 5.12 -3.75 7.98
C LYS A 93 5.45 -4.99 8.80
N ASP A 94 5.10 -4.98 10.07
CA ASP A 94 5.40 -6.12 10.93
C ASP A 94 4.27 -7.14 10.93
N GLY A 95 3.05 -6.70 10.59
CA GLY A 95 1.94 -7.60 10.57
C GLY A 95 1.83 -8.32 11.90
N SER A 96 1.37 -7.57 12.88
CA SER A 96 1.15 -8.06 14.22
C SER A 96 -0.31 -7.81 14.55
N GLY A 97 -0.94 -7.14 13.60
CA GLY A 97 -2.34 -6.81 13.69
C GLY A 97 -2.59 -5.34 13.91
N TYR A 98 -1.53 -4.60 14.20
CA TYR A 98 -1.65 -3.16 14.41
C TYR A 98 -0.48 -2.38 13.84
N ILE A 99 -0.72 -1.10 13.61
CA ILE A 99 0.27 -0.18 13.04
C ILE A 99 0.34 1.10 13.85
N THR A 100 1.38 1.25 14.65
CA THR A 100 1.52 2.46 15.43
C THR A 100 1.83 3.60 14.48
N LEU A 101 1.37 4.80 14.83
CA LEU A 101 1.58 5.98 14.00
C LEU A 101 2.95 5.96 13.31
N ASP A 102 3.96 5.44 14.00
CA ASP A 102 5.30 5.35 13.43
C ASP A 102 5.30 4.58 12.11
N GLU A 103 4.74 3.37 12.13
CA GLU A 103 4.67 2.54 10.94
C GLU A 103 3.88 3.21 9.81
N ILE A 104 2.91 4.05 10.18
CA ILE A 104 2.12 4.75 9.17
C ILE A 104 2.93 5.90 8.57
N GLN A 105 3.31 6.84 9.43
CA GLN A 105 4.07 7.99 9.02
C GLN A 105 5.30 7.54 8.23
N GLN A 106 5.79 6.36 8.56
CA GLN A 106 6.94 5.80 7.86
C GLN A 106 6.60 5.57 6.39
N ALA A 107 5.40 5.03 6.15
CA ALA A 107 4.93 4.76 4.80
C ALA A 107 5.10 5.97 3.90
N CYS A 108 4.35 7.03 4.22
CA CYS A 108 4.40 8.27 3.44
C CYS A 108 5.82 8.50 2.92
N LYS A 109 5.99 8.47 1.60
CA LYS A 109 7.31 8.61 0.99
C LYS A 109 7.71 10.05 0.73
N ASP A 110 6.92 10.77 -0.06
CA ASP A 110 7.22 12.15 -0.39
C ASP A 110 7.37 12.98 0.88
N PHE A 111 6.90 12.40 1.97
CA PHE A 111 6.96 13.04 3.27
C PHE A 111 7.93 12.29 4.18
N GLY A 112 7.72 10.99 4.23
CA GLY A 112 8.49 10.09 5.07
C GLY A 112 8.00 10.14 6.49
N LEU A 113 7.34 11.25 6.81
CA LEU A 113 6.67 11.46 8.08
C LEU A 113 6.10 12.89 8.09
N ASP A 114 5.31 13.22 7.07
CA ASP A 114 4.74 14.57 6.93
C ASP A 114 4.44 15.23 8.27
N ASP A 115 5.34 16.10 8.72
CA ASP A 115 5.17 16.78 9.99
C ASP A 115 3.86 17.57 10.03
N ILE A 116 3.29 17.82 8.86
CA ILE A 116 2.04 18.58 8.77
C ILE A 116 0.82 17.65 8.78
N HIS A 117 0.85 16.62 7.94
CA HIS A 117 -0.26 15.69 7.83
C HIS A 117 -0.24 14.68 8.98
N ILE A 118 0.95 14.23 9.35
CA ILE A 118 1.13 13.24 10.40
C ILE A 118 0.14 13.40 11.55
N ASP A 119 0.18 14.54 12.22
CA ASP A 119 -0.67 14.79 13.37
C ASP A 119 -2.11 14.42 13.08
N ASP A 120 -2.69 15.08 12.09
CA ASP A 120 -4.07 14.81 11.71
C ASP A 120 -4.19 13.42 11.10
N MET A 121 -3.06 12.84 10.69
CA MET A 121 -3.00 11.53 10.07
C MET A 121 -3.14 10.40 11.07
N ILE A 122 -2.32 10.45 12.10
CA ILE A 122 -2.35 9.48 13.17
C ILE A 122 -3.77 9.39 13.63
N LYS A 123 -4.39 10.55 13.67
CA LYS A 123 -5.77 10.69 14.05
C LYS A 123 -6.70 10.49 12.84
N GLU A 124 -6.13 10.63 11.64
CA GLU A 124 -6.89 10.49 10.39
C GLU A 124 -7.12 9.03 10.01
N ILE A 125 -6.35 8.14 10.60
CA ILE A 125 -6.46 6.73 10.27
C ILE A 125 -6.92 5.95 11.50
N ASP A 126 -6.49 6.41 12.66
CA ASP A 126 -6.85 5.78 13.94
C ASP A 126 -8.34 5.81 14.21
N GLN A 127 -8.98 4.64 14.20
CA GLN A 127 -10.41 4.56 14.46
C GLN A 127 -10.77 4.39 15.94
N ASP A 128 -9.79 4.14 16.82
CA ASP A 128 -10.17 3.91 18.23
C ASP A 128 -9.36 4.66 19.29
N ASN A 129 -8.05 4.92 19.10
CA ASN A 129 -7.30 5.62 20.16
C ASN A 129 -5.82 5.94 19.89
N ASP A 130 -5.01 4.88 19.92
CA ASP A 130 -3.56 4.99 19.85
C ASP A 130 -2.99 5.57 18.55
N GLY A 131 -3.80 6.19 17.70
CA GLY A 131 -3.22 6.73 16.49
C GLY A 131 -2.51 5.63 15.75
N GLN A 132 -3.14 4.47 15.82
CA GLN A 132 -2.62 3.27 15.25
C GLN A 132 -3.66 2.64 14.39
N ILE A 133 -3.24 1.67 13.61
CA ILE A 133 -4.14 0.99 12.73
C ILE A 133 -4.07 -0.50 12.95
N ASP A 134 -5.22 -1.06 13.23
CA ASP A 134 -5.36 -2.49 13.45
C ASP A 134 -5.96 -3.13 12.23
N TYR A 135 -5.75 -4.43 12.08
CA TYR A 135 -6.29 -5.15 10.94
C TYR A 135 -7.76 -4.80 10.76
N GLY A 136 -8.41 -4.45 11.86
CA GLY A 136 -9.80 -4.04 11.80
C GLY A 136 -9.91 -2.57 11.47
N GLU A 137 -9.00 -1.77 12.03
CA GLU A 137 -8.98 -0.34 11.77
C GLU A 137 -8.70 -0.10 10.29
N PHE A 138 -7.57 -0.61 9.81
CA PHE A 138 -7.23 -0.47 8.39
C PHE A 138 -8.39 -0.94 7.54
N ALA A 139 -9.27 -1.73 8.14
CA ALA A 139 -10.42 -2.27 7.44
C ALA A 139 -11.56 -1.25 7.37
N ALA A 140 -11.71 -0.46 8.42
CA ALA A 140 -12.76 0.56 8.47
C ALA A 140 -12.34 1.82 7.72
N MET A 141 -11.08 2.21 7.85
CA MET A 141 -10.56 3.40 7.20
C MET A 141 -10.78 3.35 5.70
N MET A 142 -10.99 2.15 5.18
CA MET A 142 -11.23 1.94 3.76
C MET A 142 -12.72 1.96 3.45
N ARG A 143 -13.44 0.97 3.99
CA ARG A 143 -14.87 0.87 3.77
C ARG A 143 -15.63 1.91 4.58
N LYS A 144 -16.29 1.47 5.65
CA LYS A 144 -17.06 2.38 6.51
C LYS A 144 -16.95 1.96 7.97
N ARG A 145 -17.80 2.56 8.80
CA ARG A 145 -17.81 2.25 10.23
C ARG A 145 -18.85 1.18 10.54
N LYS A 146 -19.60 0.78 9.52
CA LYS A 146 -20.65 -0.22 9.68
C LYS A 146 -21.08 -0.78 8.33
N GLY A 147 -20.10 -1.18 7.52
CA GLY A 147 -20.40 -1.72 6.20
C GLY A 147 -20.68 -3.21 6.23
N ASN A 148 -19.86 -3.94 6.97
CA ASN A 148 -20.02 -5.39 7.07
C ASN A 148 -19.57 -5.90 8.43
N GLY A 149 -20.07 -7.07 8.83
CA GLY A 149 -19.71 -7.66 10.10
C GLY A 149 -18.26 -8.12 10.13
N GLY A 150 -17.59 -8.04 8.99
CA GLY A 150 -16.21 -8.46 8.91
C GLY A 150 -15.29 -7.61 9.78
N ILE A 151 -15.86 -6.57 10.39
CA ILE A 151 -15.10 -5.67 11.26
C ILE A 151 -14.16 -6.42 12.19
N GLY A 152 -13.07 -5.77 12.55
CA GLY A 152 -12.10 -6.36 13.44
C GLY A 152 -11.46 -5.31 14.32
N ARG A 153 -11.95 -4.08 14.19
CA ARG A 153 -11.46 -2.96 14.95
C ARG A 153 -11.50 -3.28 16.44
N ARG A 154 -10.87 -2.44 17.24
CA ARG A 154 -10.84 -2.64 18.68
C ARG A 154 -12.21 -2.35 19.31
N THR A 155 -12.51 -3.06 20.40
CA THR A 155 -13.78 -2.92 21.11
C THR A 155 -14.31 -1.49 21.11
N MET A 156 -13.40 -0.51 21.09
CA MET A 156 -13.80 0.89 21.08
C MET A 156 -14.25 1.33 19.68
N ARG A 157 -15.11 0.53 19.07
CA ARG A 157 -15.63 0.83 17.74
C ARG A 157 -17.14 1.04 17.77
N LYS A 158 -17.75 0.74 18.92
CA LYS A 158 -19.19 0.88 19.09
C LYS A 158 -19.61 2.34 18.98
N THR A 159 -18.66 3.25 19.18
CA THR A 159 -18.92 4.68 19.10
C THR A 159 -18.97 5.14 17.65
N LEU A 160 -20.09 5.77 17.27
CA LEU A 160 -20.26 6.26 15.90
C LEU A 160 -21.04 7.57 15.90
N ASN A 161 -21.02 8.27 14.77
CA ASN A 161 -21.73 9.53 14.62
C ASN A 161 -22.84 9.40 13.58
N LEU A 162 -23.89 10.19 13.75
CA LEU A 162 -25.02 10.16 12.84
C LEU A 162 -25.28 11.54 12.22
N ARG A 163 -24.38 12.48 12.48
CA ARG A 163 -24.50 13.83 11.93
C ARG A 163 -23.92 13.89 10.53
N ASP A 164 -23.19 12.85 10.14
CA ASP A 164 -22.58 12.79 8.82
C ASP A 164 -23.50 12.06 7.84
N ALA A 165 -23.62 12.60 6.63
CA ALA A 165 -24.47 12.01 5.61
C ALA A 165 -23.70 11.00 4.76
N LEU A 166 -24.36 9.93 4.36
CA LEU A 166 -23.74 8.89 3.55
C LEU A 166 -23.31 9.46 2.20
N GLY A 167 -23.93 10.56 1.80
CA GLY A 167 -23.60 11.20 0.54
C GLY A 167 -24.44 12.42 0.26
N LEU A 168 -24.15 13.11 -0.83
CA LEU A 168 -24.89 14.31 -1.19
C LEU A 168 -26.29 13.95 -1.71
N VAL A 169 -27.30 14.69 -1.23
CA VAL A 169 -28.66 14.43 -1.63
C VAL A 169 -28.88 14.78 -3.10
N ASP A 170 -29.54 13.88 -3.82
CA ASP A 170 -29.80 14.09 -5.24
C ASP A 170 -31.12 14.83 -5.43
N ASN A 171 -31.03 16.15 -5.57
CA ASN A 171 -32.21 16.99 -5.76
C ASN A 171 -32.23 17.61 -7.15
N GLY A 172 -31.57 16.96 -8.10
CA GLY A 172 -31.51 17.47 -9.45
C GLY A 172 -31.41 16.35 -10.48
N SER A 173 -32.22 15.31 -10.29
CA SER A 173 -32.21 14.18 -11.21
C SER A 173 -33.51 13.38 -11.10
N ASN A 174 -34.20 13.24 -12.22
CA ASN A 174 -35.46 12.50 -12.25
C ASN A 174 -35.35 11.28 -13.18
N GLN A 175 -34.15 10.73 -13.27
CA GLN A 175 -33.91 9.57 -14.11
C GLN A 175 -34.65 8.35 -13.58
N VAL A 176 -35.74 7.99 -14.26
CA VAL A 176 -36.54 6.84 -13.85
C VAL A 176 -35.97 5.54 -14.42
N ILE A 177 -35.52 4.66 -13.54
CA ILE A 177 -34.96 3.38 -13.96
C ILE A 177 -35.92 2.23 -13.68
N GLU A 178 -35.89 1.21 -14.52
CA GLU A 178 -36.77 0.06 -14.36
C GLU A 178 -36.16 -0.98 -13.42
N GLY A 179 -36.88 -1.32 -12.36
CA GLY A 179 -36.40 -2.29 -11.40
C GLY A 179 -37.49 -3.23 -10.94
N TYR A 180 -37.20 -4.02 -9.91
CA TYR A 180 -38.16 -4.97 -9.37
C TYR A 180 -39.28 -4.24 -8.61
N PHE A 181 -38.95 -3.09 -8.04
CA PHE A 181 -39.93 -2.30 -7.29
C PHE A 181 -41.08 -1.88 -8.19
N LYS A 182 -40.81 -1.02 -9.15
CA LYS A 182 -41.83 -0.53 -10.07
C LYS A 182 -41.20 0.03 -11.34
CA CA B . 2.26 4.36 -20.37
CA CA C . 8.57 -1.01 -12.44
CA CA D . 3.02 -4.04 13.49
CA CA E . -5.39 3.26 17.23
N ALA A 1 -23.04 -5.52 -8.88
CA ALA A 1 -22.52 -6.79 -9.45
C ALA A 1 -22.14 -7.78 -8.35
N GLU A 2 -23.08 -8.67 -8.03
CA GLU A 2 -22.85 -9.67 -6.99
C GLU A 2 -22.79 -11.07 -7.59
N ARG A 3 -22.38 -11.14 -8.86
CA ARG A 3 -22.28 -12.41 -9.56
C ARG A 3 -21.14 -13.27 -9.02
N LEU A 4 -20.78 -14.31 -9.76
CA LEU A 4 -19.71 -15.22 -9.35
C LEU A 4 -18.52 -15.10 -10.29
N SER A 5 -18.68 -15.61 -11.51
CA SER A 5 -17.61 -15.56 -12.50
C SER A 5 -17.33 -14.13 -12.93
N GLU A 6 -16.16 -13.90 -13.52
CA GLU A 6 -15.78 -12.57 -13.97
C GLU A 6 -15.22 -12.61 -15.39
N GLU A 7 -15.64 -11.65 -16.21
CA GLU A 7 -15.19 -11.56 -17.59
C GLU A 7 -13.88 -10.77 -17.68
N GLU A 8 -13.70 -9.86 -16.73
CA GLU A 8 -12.49 -9.04 -16.69
C GLU A 8 -11.23 -9.89 -16.53
N ILE A 9 -11.39 -11.05 -15.91
CA ILE A 9 -10.25 -11.95 -15.69
C ILE A 9 -9.59 -12.35 -17.00
N GLY A 10 -10.31 -12.18 -18.11
CA GLY A 10 -9.76 -12.52 -19.40
C GLY A 10 -9.35 -11.29 -20.19
N GLY A 11 -8.50 -11.50 -21.19
CA GLY A 11 -8.04 -10.38 -21.99
C GLY A 11 -7.20 -9.41 -21.18
N LEU A 12 -6.52 -9.94 -20.17
CA LEU A 12 -5.68 -9.14 -19.30
C LEU A 12 -4.59 -8.43 -20.08
N LYS A 13 -4.24 -8.97 -21.24
CA LYS A 13 -3.23 -8.35 -22.09
C LYS A 13 -3.78 -7.04 -22.64
N GLU A 14 -4.95 -7.12 -23.27
CA GLU A 14 -5.61 -5.94 -23.80
C GLU A 14 -5.98 -5.04 -22.63
N LEU A 15 -6.10 -5.65 -21.45
CA LEU A 15 -6.44 -4.94 -20.24
C LEU A 15 -5.23 -4.15 -19.76
N PHE A 16 -4.04 -4.75 -19.91
CA PHE A 16 -2.81 -4.10 -19.50
C PHE A 16 -2.62 -2.81 -20.29
N LYS A 17 -2.81 -2.91 -21.60
CA LYS A 17 -2.66 -1.74 -22.46
C LYS A 17 -3.88 -0.86 -22.29
N MET A 18 -4.89 -1.43 -21.65
CA MET A 18 -6.12 -0.71 -21.38
C MET A 18 -5.86 0.27 -20.24
N ILE A 19 -4.76 0.03 -19.51
CA ILE A 19 -4.38 0.85 -18.38
C ILE A 19 -3.61 2.08 -18.84
N ASP A 20 -2.47 1.81 -19.47
CA ASP A 20 -1.58 2.85 -19.97
C ASP A 20 -2.07 3.48 -21.26
N THR A 21 -3.25 4.06 -21.21
CA THR A 21 -3.83 4.72 -22.37
C THR A 21 -3.37 6.17 -22.45
N ASP A 22 -2.64 6.62 -21.42
CA ASP A 22 -2.16 8.00 -21.38
C ASP A 22 -0.64 8.10 -21.47
N ASN A 23 0.07 7.07 -21.01
CA ASN A 23 1.53 7.10 -21.04
C ASN A 23 2.07 6.69 -22.40
N SER A 24 2.31 5.39 -22.56
CA SER A 24 2.85 4.86 -23.81
C SER A 24 2.94 3.34 -23.78
N GLY A 25 2.20 2.73 -22.87
CA GLY A 25 2.25 1.29 -22.72
C GLY A 25 2.88 0.91 -21.40
N THR A 26 2.83 1.85 -20.46
CA THR A 26 3.38 1.65 -19.12
C THR A 26 2.42 2.21 -18.08
N ILE A 27 2.34 1.52 -16.96
CA ILE A 27 1.43 1.92 -15.90
C ILE A 27 2.12 2.63 -14.76
N THR A 28 1.97 3.94 -14.72
CA THR A 28 2.57 4.73 -13.66
C THR A 28 1.50 5.14 -12.66
N PHE A 29 1.95 5.60 -11.50
CA PHE A 29 1.07 6.01 -10.41
C PHE A 29 -0.23 6.64 -10.91
N ASP A 30 -0.17 7.36 -12.03
CA ASP A 30 -1.36 7.99 -12.61
C ASP A 30 -2.18 6.97 -13.37
N GLU A 31 -1.52 6.20 -14.23
CA GLU A 31 -2.17 5.16 -15.02
C GLU A 31 -2.52 3.95 -14.16
N LEU A 32 -1.95 3.89 -12.97
CA LEU A 32 -2.21 2.78 -12.07
C LEU A 32 -3.69 2.71 -11.77
N LYS A 33 -4.23 3.83 -11.27
CA LYS A 33 -5.65 3.95 -10.97
C LYS A 33 -6.43 4.08 -12.27
N ASP A 34 -5.96 4.97 -13.13
CA ASP A 34 -6.60 5.22 -14.41
C ASP A 34 -7.13 3.94 -15.06
N GLY A 35 -6.22 3.01 -15.39
CA GLY A 35 -6.59 1.78 -16.04
C GLY A 35 -7.76 1.03 -15.43
N LEU A 36 -7.84 0.98 -14.10
CA LEU A 36 -8.92 0.26 -13.43
C LEU A 36 -10.05 1.21 -13.07
N LYS A 37 -9.70 2.24 -12.31
CA LYS A 37 -10.63 3.26 -11.86
C LYS A 37 -11.46 3.81 -13.02
N ARG A 38 -10.98 3.58 -14.25
CA ARG A 38 -11.67 4.06 -15.45
C ARG A 38 -13.01 3.35 -15.67
N VAL A 39 -13.06 2.06 -15.38
CA VAL A 39 -14.29 1.28 -15.59
C VAL A 39 -15.30 1.50 -14.48
N GLY A 40 -15.21 2.65 -13.80
CA GLY A 40 -16.14 2.95 -12.73
C GLY A 40 -15.54 2.76 -11.35
N SER A 41 -14.50 1.93 -11.27
CA SER A 41 -13.83 1.67 -10.01
C SER A 41 -13.28 2.96 -9.43
N GLU A 42 -13.09 2.97 -8.12
CA GLU A 42 -12.58 4.15 -7.43
C GLU A 42 -11.53 3.79 -6.40
N LEU A 43 -10.27 4.13 -6.69
CA LEU A 43 -9.17 3.83 -5.79
C LEU A 43 -8.57 5.10 -5.23
N MET A 44 -7.77 4.96 -4.18
CA MET A 44 -7.10 6.08 -3.54
C MET A 44 -5.60 5.92 -3.77
N GLU A 45 -4.85 7.01 -3.69
CA GLU A 45 -3.42 6.95 -3.90
C GLU A 45 -2.78 5.78 -3.18
N SER A 46 -2.80 5.78 -1.84
CA SER A 46 -2.20 4.69 -1.07
C SER A 46 -2.51 3.31 -1.65
N GLU A 47 -3.66 3.16 -2.31
CA GLU A 47 -4.02 1.89 -2.91
C GLU A 47 -3.12 1.62 -4.12
N ILE A 48 -2.87 2.68 -4.88
CA ILE A 48 -2.01 2.61 -6.05
C ILE A 48 -0.61 2.14 -5.65
N LYS A 49 0.04 2.93 -4.79
CA LYS A 49 1.37 2.59 -4.32
C LYS A 49 1.35 1.21 -3.67
N ASP A 50 0.18 0.84 -3.16
CA ASP A 50 0.01 -0.45 -2.52
C ASP A 50 0.16 -1.56 -3.54
N LEU A 51 -0.49 -1.38 -4.69
CA LEU A 51 -0.42 -2.36 -5.77
C LEU A 51 0.99 -2.39 -6.36
N MET A 52 1.73 -1.31 -6.14
CA MET A 52 3.09 -1.21 -6.65
C MET A 52 4.05 -2.09 -5.84
N ASP A 53 3.90 -2.06 -4.53
CA ASP A 53 4.78 -2.85 -3.66
C ASP A 53 4.22 -4.26 -3.48
N ALA A 54 2.91 -4.40 -3.67
CA ALA A 54 2.26 -5.70 -3.50
C ALA A 54 2.20 -6.48 -4.81
N ALA A 55 2.22 -5.77 -5.95
CA ALA A 55 2.13 -6.44 -7.24
C ALA A 55 3.25 -6.04 -8.20
N ASP A 56 3.56 -4.75 -8.29
CA ASP A 56 4.61 -4.29 -9.19
C ASP A 56 5.94 -4.97 -8.85
N ILE A 57 6.21 -6.07 -9.55
CA ILE A 57 7.43 -6.85 -9.35
C ILE A 57 8.67 -5.98 -9.42
N ASP A 58 8.52 -4.80 -10.02
CA ASP A 58 9.63 -3.86 -10.16
C ASP A 58 9.22 -2.47 -9.71
N LYS A 59 8.53 -2.41 -8.57
CA LYS A 59 8.01 -1.17 -8.01
C LYS A 59 8.92 0.03 -8.31
N SER A 60 8.67 0.64 -9.45
CA SER A 60 9.40 1.82 -9.90
C SER A 60 8.40 2.91 -10.27
N GLY A 61 7.18 2.75 -9.78
CA GLY A 61 6.12 3.70 -10.09
C GLY A 61 5.59 3.51 -11.49
N THR A 62 5.92 2.36 -12.07
CA THR A 62 5.51 2.01 -13.43
C THR A 62 5.30 0.49 -13.51
N ILE A 63 4.29 0.08 -14.27
CA ILE A 63 3.99 -1.33 -14.41
C ILE A 63 3.86 -1.77 -15.87
N ASP A 64 4.50 -2.87 -16.20
CA ASP A 64 4.47 -3.42 -17.55
C ASP A 64 3.60 -4.65 -17.61
N TYR A 65 3.29 -5.10 -18.83
CA TYR A 65 2.44 -6.26 -19.06
C TYR A 65 2.64 -7.32 -17.98
N GLY A 66 3.90 -7.59 -17.66
CA GLY A 66 4.18 -8.59 -16.65
C GLY A 66 3.79 -8.10 -15.27
N GLU A 67 4.33 -6.96 -14.87
CA GLU A 67 4.03 -6.37 -13.57
C GLU A 67 2.52 -6.16 -13.42
N PHE A 68 1.82 -6.15 -14.55
CA PHE A 68 0.38 -5.97 -14.57
C PHE A 68 -0.31 -7.18 -13.97
N ILE A 69 -0.07 -8.32 -14.61
CA ILE A 69 -0.66 -9.57 -14.18
C ILE A 69 -0.24 -9.89 -12.75
N ALA A 70 0.93 -9.36 -12.36
CA ALA A 70 1.44 -9.56 -11.01
C ALA A 70 0.47 -8.96 -10.00
N ALA A 71 -0.51 -8.24 -10.51
CA ALA A 71 -1.54 -7.62 -9.67
C ALA A 71 -2.75 -8.52 -9.60
N THR A 72 -2.97 -9.29 -10.67
CA THR A 72 -4.08 -10.22 -10.73
C THR A 72 -3.72 -11.50 -9.97
N VAL A 73 -2.44 -11.61 -9.62
CA VAL A 73 -1.96 -12.77 -8.88
C VAL A 73 -1.95 -12.44 -7.38
N HIS A 74 -2.07 -11.16 -7.08
CA HIS A 74 -2.07 -10.68 -5.71
C HIS A 74 -3.38 -11.06 -5.02
N LEU A 75 -4.50 -10.71 -5.64
CA LEU A 75 -5.79 -11.06 -5.09
C LEU A 75 -5.87 -12.58 -5.04
N ASN A 76 -4.95 -13.19 -5.79
CA ASN A 76 -4.81 -14.63 -5.87
C ASN A 76 -4.01 -15.13 -4.67
N LYS A 77 -3.89 -16.45 -4.55
CA LYS A 77 -3.15 -17.04 -3.42
C LYS A 77 -2.01 -16.14 -3.00
N LEU A 78 -1.85 -15.99 -1.69
CA LEU A 78 -0.82 -15.13 -1.09
C LEU A 78 0.48 -15.13 -1.90
N GLU A 79 0.49 -14.35 -3.00
CA GLU A 79 1.67 -14.27 -3.85
C GLU A 79 2.44 -12.98 -3.57
N ARG A 80 3.22 -12.98 -2.50
CA ARG A 80 4.01 -11.81 -2.10
C ARG A 80 5.46 -12.21 -1.82
N GLU A 81 6.37 -11.25 -1.92
CA GLU A 81 7.79 -11.51 -1.67
C GLU A 81 8.38 -10.53 -0.67
N GLU A 82 9.69 -10.62 -0.46
CA GLU A 82 10.40 -9.74 0.48
C GLU A 82 10.49 -8.32 -0.07
N ASN A 83 10.79 -7.37 0.82
CA ASN A 83 10.91 -5.97 0.44
C ASN A 83 11.48 -5.14 1.58
N LEU A 84 12.68 -4.59 1.39
CA LEU A 84 13.33 -3.78 2.41
C LEU A 84 12.96 -2.31 2.25
N VAL A 85 13.41 -1.71 1.14
CA VAL A 85 13.13 -0.30 0.88
C VAL A 85 11.71 -0.12 0.38
N SER A 86 11.20 -1.11 -0.35
CA SER A 86 9.84 -1.06 -0.86
C SER A 86 8.89 -0.80 0.30
N ALA A 87 9.37 -1.12 1.50
CA ALA A 87 8.61 -0.89 2.71
C ALA A 87 8.66 0.58 3.08
N PHE A 88 9.88 1.12 3.21
CA PHE A 88 10.05 2.53 3.52
C PHE A 88 9.19 3.37 2.58
N SER A 89 8.83 2.77 1.46
CA SER A 89 7.99 3.43 0.47
C SER A 89 6.51 3.18 0.80
N TYR A 90 6.17 1.91 1.06
CA TYR A 90 4.80 1.52 1.38
C TYR A 90 4.49 1.75 2.85
N PHE A 91 5.19 1.01 3.73
CA PHE A 91 4.99 1.16 5.18
C PHE A 91 5.28 2.59 5.57
N ASP A 92 6.53 3.03 5.37
CA ASP A 92 6.89 4.42 5.66
C ASP A 92 6.31 5.28 4.55
N LYS A 93 4.99 5.29 4.47
CA LYS A 93 4.25 6.01 3.45
C LYS A 93 4.75 7.43 3.28
N ASP A 94 5.00 8.13 4.39
CA ASP A 94 5.47 9.49 4.31
C ASP A 94 6.93 9.53 3.89
N GLY A 95 7.64 8.42 4.12
CA GLY A 95 9.05 8.34 3.75
C GLY A 95 9.92 9.30 4.54
N SER A 96 9.29 10.21 5.28
CA SER A 96 10.00 11.21 6.07
C SER A 96 11.07 10.55 6.93
N GLY A 97 10.96 9.24 7.08
CA GLY A 97 11.95 8.52 7.85
C GLY A 97 11.35 7.58 8.89
N TYR A 98 10.17 7.92 9.40
CA TYR A 98 9.54 7.09 10.42
C TYR A 98 8.24 6.47 9.94
N ILE A 99 7.81 5.46 10.68
CA ILE A 99 6.55 4.77 10.42
C ILE A 99 5.79 4.61 11.73
N THR A 100 4.79 5.42 11.95
CA THR A 100 4.02 5.30 13.19
C THR A 100 3.14 4.07 13.11
N LEU A 101 2.87 3.44 14.26
CA LEU A 101 2.05 2.23 14.29
C LEU A 101 0.96 2.27 13.24
N ASP A 102 0.37 3.44 13.06
CA ASP A 102 -0.67 3.61 12.05
C ASP A 102 -0.15 3.17 10.70
N GLU A 103 0.91 3.85 10.24
CA GLU A 103 1.53 3.51 8.96
C GLU A 103 1.85 2.02 8.88
N ILE A 104 2.48 1.49 9.93
CA ILE A 104 2.84 0.07 9.97
C ILE A 104 1.62 -0.82 9.74
N GLN A 105 0.71 -0.75 10.69
CA GLN A 105 -0.50 -1.53 10.68
C GLN A 105 -1.39 -1.22 9.48
N GLN A 106 -1.90 0.02 9.41
CA GLN A 106 -2.77 0.44 8.31
C GLN A 106 -2.24 -0.05 6.97
N ALA A 107 -0.93 -0.04 6.82
CA ALA A 107 -0.29 -0.48 5.58
C ALA A 107 -0.85 -1.82 5.13
N CYS A 108 -0.75 -2.81 5.99
CA CYS A 108 -1.24 -4.15 5.71
C CYS A 108 -2.73 -4.11 5.38
N LYS A 109 -3.14 -4.76 4.29
CA LYS A 109 -4.55 -4.77 3.89
C LYS A 109 -5.32 -5.94 4.52
N ASP A 110 -4.73 -7.13 4.42
CA ASP A 110 -5.34 -8.36 4.93
C ASP A 110 -5.04 -8.59 6.41
N PHE A 111 -4.29 -7.67 7.01
CA PHE A 111 -3.87 -7.81 8.41
C PHE A 111 -4.99 -8.25 9.37
N GLY A 112 -5.81 -7.33 9.87
CA GLY A 112 -6.83 -7.72 10.83
C GLY A 112 -6.44 -7.21 12.21
N LEU A 113 -5.90 -5.99 12.26
CA LEU A 113 -5.40 -5.38 13.50
C LEU A 113 -6.16 -5.83 14.73
N ASP A 114 -5.40 -6.20 15.76
CA ASP A 114 -5.96 -6.64 17.02
C ASP A 114 -5.00 -6.35 18.17
N ASP A 115 -5.46 -6.57 19.39
CA ASP A 115 -4.64 -6.32 20.58
C ASP A 115 -3.55 -7.37 20.76
N ILE A 116 -3.75 -8.54 20.17
CA ILE A 116 -2.77 -9.62 20.30
C ILE A 116 -1.50 -9.36 19.50
N HIS A 117 -1.62 -9.31 18.17
CA HIS A 117 -0.45 -9.10 17.32
C HIS A 117 -0.21 -7.64 16.99
N ILE A 118 -1.07 -7.07 16.18
CA ILE A 118 -0.93 -5.69 15.73
C ILE A 118 -0.61 -4.71 16.86
N ASP A 119 -1.44 -4.67 17.89
CA ASP A 119 -1.20 -3.74 18.99
C ASP A 119 0.14 -4.01 19.66
N ASP A 120 0.37 -5.27 19.99
CA ASP A 120 1.63 -5.67 20.61
C ASP A 120 2.78 -5.50 19.63
N MET A 121 2.44 -5.44 18.34
CA MET A 121 3.38 -5.28 17.26
C MET A 121 3.97 -3.88 17.28
N ILE A 122 3.11 -2.90 17.58
CA ILE A 122 3.53 -1.52 17.70
C ILE A 122 4.71 -1.47 18.63
N LYS A 123 4.54 -2.18 19.73
CA LYS A 123 5.57 -2.28 20.74
C LYS A 123 6.52 -3.42 20.43
N GLU A 124 6.12 -4.28 19.51
CA GLU A 124 6.92 -5.45 19.12
C GLU A 124 7.94 -5.10 18.04
N ILE A 125 7.72 -3.98 17.38
CA ILE A 125 8.60 -3.56 16.31
C ILE A 125 9.34 -2.28 16.70
N ASP A 126 8.67 -1.43 17.48
CA ASP A 126 9.27 -0.18 17.94
C ASP A 126 10.49 -0.42 18.81
N GLN A 127 11.66 -0.06 18.30
CA GLN A 127 12.90 -0.23 19.03
C GLN A 127 13.24 0.95 19.94
N ASP A 128 12.51 2.08 19.84
CA ASP A 128 12.90 3.22 20.66
C ASP A 128 11.78 3.92 21.46
N ASN A 129 10.52 3.96 20.98
CA ASN A 129 9.49 4.63 21.78
C ASN A 129 8.06 4.66 21.21
N ASP A 130 7.85 5.49 20.19
CA ASP A 130 6.51 5.75 19.62
C ASP A 130 5.82 4.56 18.96
N GLY A 131 6.22 3.33 19.23
CA GLY A 131 5.53 2.23 18.61
C GLY A 131 5.53 2.42 17.12
N GLN A 132 6.65 2.94 16.65
CA GLN A 132 6.84 3.25 15.29
C GLN A 132 8.15 2.69 14.83
N ILE A 133 8.34 2.68 13.53
CA ILE A 133 9.53 2.17 12.98
C ILE A 133 10.20 3.20 12.11
N ASP A 134 11.47 3.36 12.33
CA ASP A 134 12.27 4.32 11.59
C ASP A 134 13.06 3.62 10.51
N TYR A 135 13.49 4.39 9.53
CA TYR A 135 14.24 3.85 8.41
C TYR A 135 15.35 2.94 8.89
N GLY A 136 15.90 3.24 10.07
CA GLY A 136 16.93 2.39 10.62
C GLY A 136 16.32 1.25 11.39
N GLU A 137 15.18 1.53 12.02
CA GLU A 137 14.46 0.54 12.80
C GLU A 137 13.96 -0.59 11.91
N PHE A 138 13.15 -0.27 10.89
CA PHE A 138 12.62 -1.30 10.01
C PHE A 138 13.74 -2.14 9.43
N ALA A 139 14.85 -1.49 9.11
CA ALA A 139 15.99 -2.17 8.53
C ALA A 139 16.66 -3.09 9.56
N ALA A 140 16.42 -2.82 10.84
CA ALA A 140 17.00 -3.61 11.91
C ALA A 140 16.12 -4.80 12.29
N MET A 141 14.84 -4.54 12.53
CA MET A 141 13.90 -5.60 12.93
C MET A 141 13.90 -6.75 11.92
N MET A 142 14.38 -6.47 10.71
CA MET A 142 14.44 -7.49 9.67
C MET A 142 15.84 -8.06 9.55
N ARG A 143 16.85 -7.22 9.78
CA ARG A 143 18.24 -7.64 9.69
C ARG A 143 18.86 -7.67 11.11
N LYS A 144 20.11 -7.23 11.24
CA LYS A 144 20.79 -7.23 12.53
C LYS A 144 21.09 -5.81 12.98
N ARG A 145 22.14 -5.21 12.41
CA ARG A 145 22.53 -3.85 12.76
C ARG A 145 22.80 -3.01 11.51
N LYS A 146 21.89 -3.08 10.55
CA LYS A 146 22.01 -2.33 9.31
C LYS A 146 21.07 -1.12 9.30
N GLY A 147 20.98 -0.44 10.44
CA GLY A 147 20.09 0.71 10.53
C GLY A 147 20.44 1.77 9.51
N ASN A 148 21.60 2.40 9.67
CA ASN A 148 22.05 3.42 8.74
C ASN A 148 23.57 3.57 8.75
N GLY A 149 24.14 4.10 7.67
CA GLY A 149 25.58 4.29 7.61
C GLY A 149 26.06 5.02 8.84
N GLY A 150 25.19 5.88 9.35
CA GLY A 150 25.46 6.61 10.57
C GLY A 150 24.84 5.89 11.75
N ILE A 151 23.52 5.82 11.75
CA ILE A 151 22.76 5.13 12.79
C ILE A 151 21.27 5.14 12.46
N GLY A 152 20.56 4.12 12.92
CA GLY A 152 19.14 4.03 12.67
C GLY A 152 18.31 4.06 13.95
N ARG A 153 17.80 2.89 14.35
CA ARG A 153 16.99 2.78 15.55
C ARG A 153 17.65 3.51 16.72
N ARG A 154 17.17 4.71 16.99
CA ARG A 154 17.71 5.52 18.09
C ARG A 154 16.62 6.02 19.02
N THR A 155 16.87 5.96 20.31
CA THR A 155 15.91 6.42 21.31
C THR A 155 15.60 7.90 21.11
N MET A 156 16.61 8.65 20.67
CA MET A 156 16.46 10.08 20.43
C MET A 156 17.39 10.53 19.32
N ARG A 157 17.02 10.21 18.08
CA ARG A 157 17.83 10.58 16.92
C ARG A 157 17.51 11.99 16.45
N LYS A 158 17.25 12.89 17.40
CA LYS A 158 16.95 14.27 17.09
C LYS A 158 17.07 15.15 18.32
N THR A 159 17.33 16.44 18.11
CA THR A 159 17.48 17.39 19.21
C THR A 159 17.19 18.81 18.76
N LEU A 160 17.13 19.01 17.44
CA LEU A 160 16.86 20.33 16.88
C LEU A 160 15.70 20.28 15.90
N ASN A 161 14.99 21.40 15.77
CA ASN A 161 13.84 21.49 14.87
C ASN A 161 14.28 21.25 13.43
N LEU A 162 13.53 20.40 12.73
CA LEU A 162 13.83 20.09 11.34
C LEU A 162 13.25 21.15 10.41
N ARG A 163 12.97 20.77 9.17
CA ARG A 163 12.41 21.69 8.19
C ARG A 163 11.15 22.35 8.73
N ASP A 164 11.07 23.68 8.60
CA ASP A 164 9.92 24.43 9.07
C ASP A 164 8.63 23.94 8.42
N ALA A 165 7.62 23.70 9.24
CA ALA A 165 6.32 23.23 8.74
C ALA A 165 5.18 24.06 9.32
N LEU A 166 4.17 24.32 8.51
CA LEU A 166 3.02 25.12 8.94
C LEU A 166 1.72 24.34 8.70
N GLY A 167 1.84 23.06 8.40
CA GLY A 167 0.67 22.23 8.16
C GLY A 167 0.65 21.66 6.76
N LEU A 168 0.82 20.34 6.67
CA LEU A 168 0.82 19.66 5.38
C LEU A 168 -0.60 19.57 4.82
N VAL A 169 -0.72 19.03 3.60
CA VAL A 169 -2.01 18.89 2.96
C VAL A 169 -2.89 17.90 3.71
N ASP A 170 -4.17 18.23 3.85
CA ASP A 170 -5.12 17.37 4.55
C ASP A 170 -5.88 16.49 3.57
N ASN A 171 -5.56 15.19 3.58
CA ASN A 171 -6.20 14.24 2.68
C ASN A 171 -7.46 13.66 3.32
N GLY A 172 -8.12 14.46 4.15
CA GLY A 172 -9.34 14.01 4.81
C GLY A 172 -10.57 14.72 4.30
N SER A 173 -11.09 15.65 5.09
CA SER A 173 -12.27 16.41 4.71
C SER A 173 -12.00 17.91 4.79
N ASN A 174 -13.07 18.70 4.81
CA ASN A 174 -12.94 20.16 4.89
C ASN A 174 -12.66 20.60 6.32
N GLN A 175 -11.87 21.66 6.47
CA GLN A 175 -11.53 22.18 7.78
C GLN A 175 -12.63 23.09 8.32
N VAL A 176 -13.37 22.59 9.31
CA VAL A 176 -14.46 23.36 9.90
C VAL A 176 -13.93 24.26 11.02
N ILE A 177 -14.45 25.48 11.06
CA ILE A 177 -14.03 26.45 12.08
C ILE A 177 -15.13 26.66 13.11
N GLU A 178 -14.75 26.65 14.38
CA GLU A 178 -15.70 26.83 15.47
C GLU A 178 -15.06 27.55 16.65
N GLY A 179 -15.69 28.63 17.09
CA GLY A 179 -15.16 29.40 18.21
C GLY A 179 -16.23 30.24 18.89
N TYR A 180 -15.98 30.61 20.14
CA TYR A 180 -16.93 31.41 20.90
C TYR A 180 -16.49 32.88 20.93
N PHE A 181 -15.24 33.12 20.53
CA PHE A 181 -14.69 34.47 20.50
C PHE A 181 -15.50 35.37 19.57
N LYS A 182 -16.16 34.75 18.59
CA LYS A 182 -16.97 35.50 17.64
C LYS A 182 -18.40 34.95 17.58
CA CA B . -0.12 5.06 -19.56
CA CA C . 8.57 -0.98 -13.82
CA CA D . 6.35 9.14 8.23
CA CA E . 10.04 4.40 17.27
N ALA A 1 -11.95 -17.29 -10.36
CA ALA A 1 -10.66 -16.71 -10.80
C ALA A 1 -10.70 -16.35 -12.29
N GLU A 2 -10.87 -17.37 -13.14
CA GLU A 2 -10.92 -17.16 -14.57
C GLU A 2 -12.36 -16.97 -15.05
N ARG A 3 -13.20 -16.48 -14.16
CA ARG A 3 -14.60 -16.25 -14.48
C ARG A 3 -14.90 -14.76 -14.63
N LEU A 4 -13.83 -13.96 -14.71
CA LEU A 4 -13.97 -12.52 -14.85
C LEU A 4 -13.96 -12.09 -16.32
N SER A 5 -12.76 -11.83 -16.85
CA SER A 5 -12.62 -11.42 -18.24
C SER A 5 -11.54 -12.21 -18.96
N GLU A 6 -10.92 -13.15 -18.24
CA GLU A 6 -9.87 -13.99 -18.81
C GLU A 6 -10.43 -15.33 -19.26
N GLU A 7 -10.91 -15.38 -20.51
CA GLU A 7 -11.49 -16.60 -21.06
C GLU A 7 -10.45 -17.49 -21.73
N GLU A 8 -9.84 -17.01 -22.81
CA GLU A 8 -8.84 -17.81 -23.52
C GLU A 8 -7.42 -17.58 -23.01
N ILE A 9 -6.85 -16.42 -23.32
CA ILE A 9 -5.48 -16.12 -22.87
C ILE A 9 -5.48 -15.39 -21.55
N GLY A 10 -5.89 -14.13 -21.59
CA GLY A 10 -5.92 -13.33 -20.38
C GLY A 10 -6.69 -12.03 -20.54
N GLY A 11 -7.74 -11.85 -19.76
CA GLY A 11 -8.49 -10.62 -19.84
C GLY A 11 -7.68 -9.48 -19.26
N LEU A 12 -6.48 -9.83 -18.79
CA LEU A 12 -5.56 -8.87 -18.20
C LEU A 12 -4.73 -8.18 -19.27
N LYS A 13 -4.50 -8.85 -20.40
CA LYS A 13 -3.72 -8.24 -21.47
C LYS A 13 -4.37 -6.92 -21.87
N GLU A 14 -5.66 -6.99 -22.16
CA GLU A 14 -6.41 -5.79 -22.51
C GLU A 14 -6.50 -4.90 -21.29
N LEU A 15 -6.79 -5.51 -20.15
CA LEU A 15 -6.89 -4.79 -18.88
C LEU A 15 -5.60 -4.07 -18.57
N PHE A 16 -4.50 -4.54 -19.15
CA PHE A 16 -3.19 -3.94 -18.93
C PHE A 16 -3.05 -2.65 -19.71
N LYS A 17 -3.24 -2.76 -21.02
CA LYS A 17 -3.13 -1.59 -21.89
C LYS A 17 -4.33 -0.70 -21.64
N MET A 18 -5.30 -1.26 -20.93
CA MET A 18 -6.50 -0.54 -20.57
C MET A 18 -6.15 0.50 -19.53
N ILE A 19 -5.24 0.15 -18.63
CA ILE A 19 -4.80 1.07 -17.59
C ILE A 19 -4.07 2.26 -18.23
N ASP A 20 -3.02 1.96 -18.97
CA ASP A 20 -2.24 2.97 -19.65
C ASP A 20 -2.93 3.37 -20.96
N THR A 21 -4.14 3.89 -20.81
CA THR A 21 -4.95 4.31 -21.95
C THR A 21 -4.42 5.59 -22.60
N ASP A 22 -3.54 6.30 -21.91
CA ASP A 22 -3.01 7.55 -22.45
C ASP A 22 -1.50 7.70 -22.21
N ASN A 23 -0.95 6.91 -21.31
CA ASN A 23 0.47 7.01 -20.98
C ASN A 23 1.36 6.67 -22.18
N SER A 24 1.57 5.37 -22.40
CA SER A 24 2.39 4.91 -23.52
C SER A 24 2.42 3.39 -23.61
N GLY A 25 1.67 2.75 -22.72
CA GLY A 25 1.66 1.29 -22.68
C GLY A 25 2.35 0.79 -21.42
N THR A 26 2.58 1.73 -20.51
CA THR A 26 3.21 1.44 -19.23
C THR A 26 2.32 1.97 -18.12
N ILE A 27 2.41 1.36 -16.95
CA ILE A 27 1.57 1.77 -15.85
C ILE A 27 2.32 2.46 -14.73
N THR A 28 2.20 3.77 -14.68
CA THR A 28 2.85 4.52 -13.62
C THR A 28 1.84 4.93 -12.58
N PHE A 29 2.30 5.13 -11.36
CA PHE A 29 1.43 5.49 -10.23
C PHE A 29 0.26 6.39 -10.66
N ASP A 30 0.45 7.16 -11.73
CA ASP A 30 -0.61 8.04 -12.24
C ASP A 30 -1.64 7.26 -13.07
N GLU A 31 -1.14 6.31 -13.88
CA GLU A 31 -2.00 5.49 -14.71
C GLU A 31 -2.50 4.25 -13.96
N LEU A 32 -1.69 3.78 -13.01
CA LEU A 32 -2.03 2.62 -12.20
C LEU A 32 -3.51 2.67 -11.84
N LYS A 33 -3.92 3.82 -11.35
CA LYS A 33 -5.30 4.06 -10.97
C LYS A 33 -6.17 4.31 -12.19
N ASP A 34 -5.60 5.01 -13.17
CA ASP A 34 -6.31 5.34 -14.39
C ASP A 34 -7.03 4.12 -14.96
N GLY A 35 -6.50 2.94 -14.66
CA GLY A 35 -7.12 1.71 -15.13
C GLY A 35 -8.57 1.58 -14.71
N LEU A 36 -8.85 1.77 -13.43
CA LEU A 36 -10.21 1.67 -12.92
C LEU A 36 -10.88 3.03 -12.92
N LYS A 37 -10.09 4.09 -12.77
CA LYS A 37 -10.64 5.43 -12.80
C LYS A 37 -11.38 5.63 -14.09
N ARG A 38 -10.71 5.26 -15.17
CA ARG A 38 -11.25 5.39 -16.49
C ARG A 38 -12.54 4.59 -16.62
N VAL A 39 -12.57 3.42 -15.99
CA VAL A 39 -13.73 2.52 -16.06
C VAL A 39 -14.92 3.09 -15.30
N GLY A 40 -14.66 3.98 -14.35
CA GLY A 40 -15.75 4.58 -13.58
C GLY A 40 -15.51 4.51 -12.09
N SER A 41 -14.75 3.51 -11.64
CA SER A 41 -14.45 3.33 -10.23
C SER A 41 -13.62 4.49 -9.70
N GLU A 42 -13.72 4.73 -8.39
CA GLU A 42 -12.96 5.81 -7.76
C GLU A 42 -12.15 5.30 -6.57
N LEU A 43 -10.86 5.13 -6.81
CA LEU A 43 -9.93 4.65 -5.81
C LEU A 43 -8.94 5.74 -5.38
N MET A 44 -8.23 5.50 -4.29
CA MET A 44 -7.26 6.46 -3.78
C MET A 44 -5.83 5.98 -4.04
N GLU A 45 -4.87 6.90 -3.89
CA GLU A 45 -3.46 6.58 -4.12
C GLU A 45 -3.01 5.35 -3.33
N SER A 46 -3.02 5.43 -2.00
CA SER A 46 -2.58 4.32 -1.14
C SER A 46 -3.10 2.96 -1.61
N GLU A 47 -4.12 2.96 -2.46
CA GLU A 47 -4.68 1.72 -2.99
C GLU A 47 -3.87 1.29 -4.22
N ILE A 48 -3.53 2.27 -5.03
CA ILE A 48 -2.71 2.06 -6.22
C ILE A 48 -1.41 1.41 -5.84
N LYS A 49 -0.80 2.01 -4.84
CA LYS A 49 0.47 1.55 -4.29
C LYS A 49 0.35 0.10 -3.80
N ASP A 50 -0.88 -0.30 -3.51
CA ASP A 50 -1.14 -1.67 -3.05
C ASP A 50 -1.04 -2.64 -4.23
N LEU A 51 -1.28 -2.11 -5.41
CA LEU A 51 -1.20 -2.91 -6.63
C LEU A 51 0.20 -2.85 -7.20
N MET A 52 0.86 -1.72 -6.98
CA MET A 52 2.21 -1.51 -7.47
C MET A 52 3.26 -2.01 -6.50
N ASP A 53 3.34 -1.38 -5.35
CA ASP A 53 4.33 -1.77 -4.35
C ASP A 53 4.04 -3.14 -3.76
N ALA A 54 2.77 -3.44 -3.52
CA ALA A 54 2.41 -4.73 -2.93
C ALA A 54 2.23 -5.85 -3.96
N ALA A 55 2.19 -5.51 -5.25
CA ALA A 55 2.02 -6.54 -6.27
C ALA A 55 3.08 -6.47 -7.37
N ASP A 56 3.38 -5.27 -7.86
CA ASP A 56 4.38 -5.12 -8.91
C ASP A 56 5.68 -5.78 -8.48
N ILE A 57 6.25 -6.57 -9.38
CA ILE A 57 7.49 -7.28 -9.11
C ILE A 57 8.69 -6.38 -9.31
N ASP A 58 8.46 -5.26 -9.96
CA ASP A 58 9.52 -4.31 -10.26
C ASP A 58 9.16 -2.90 -9.81
N LYS A 59 8.33 -2.81 -8.77
CA LYS A 59 7.84 -1.54 -8.26
C LYS A 59 8.87 -0.42 -8.43
N SER A 60 8.77 0.24 -9.58
CA SER A 60 9.62 1.36 -9.93
C SER A 60 8.74 2.53 -10.34
N GLY A 61 7.47 2.46 -9.93
CA GLY A 61 6.51 3.49 -10.27
C GLY A 61 5.95 3.30 -11.67
N THR A 62 6.17 2.11 -12.23
CA THR A 62 5.71 1.77 -13.58
C THR A 62 5.54 0.27 -13.73
N ILE A 63 4.37 -0.16 -14.20
CA ILE A 63 4.09 -1.57 -14.38
C ILE A 63 3.99 -1.91 -15.86
N ASP A 64 4.60 -3.03 -16.22
CA ASP A 64 4.61 -3.50 -17.59
C ASP A 64 3.64 -4.66 -17.75
N TYR A 65 3.37 -5.04 -18.99
CA TYR A 65 2.45 -6.13 -19.27
C TYR A 65 2.66 -7.28 -18.30
N GLY A 66 3.92 -7.55 -17.96
CA GLY A 66 4.20 -8.61 -17.03
C GLY A 66 3.87 -8.23 -15.60
N GLU A 67 4.49 -7.15 -15.12
CA GLU A 67 4.24 -6.65 -13.78
C GLU A 67 2.74 -6.53 -13.53
N PHE A 68 1.97 -6.46 -14.62
CA PHE A 68 0.52 -6.35 -14.54
C PHE A 68 -0.08 -7.65 -14.04
N ILE A 69 0.21 -8.72 -14.76
CA ILE A 69 -0.32 -10.04 -14.42
C ILE A 69 0.23 -10.47 -13.07
N ALA A 70 1.50 -10.20 -12.84
CA ALA A 70 2.17 -10.53 -11.58
C ALA A 70 1.62 -9.65 -10.46
N ALA A 71 0.78 -8.69 -10.85
CA ALA A 71 0.15 -7.78 -9.90
C ALA A 71 -1.18 -8.35 -9.42
N THR A 72 -1.82 -9.14 -10.27
CA THR A 72 -3.10 -9.75 -9.94
C THR A 72 -2.90 -11.16 -9.40
N VAL A 73 -2.20 -12.00 -10.16
CA VAL A 73 -1.94 -13.38 -9.77
C VAL A 73 -1.23 -13.42 -8.42
N HIS A 74 -0.70 -12.28 -8.01
CA HIS A 74 -0.02 -12.15 -6.73
C HIS A 74 -1.04 -12.28 -5.63
N LEU A 75 -2.12 -11.53 -5.80
CA LEU A 75 -3.23 -11.57 -4.88
C LEU A 75 -3.85 -12.95 -4.93
N ASN A 76 -3.46 -13.71 -5.95
CA ASN A 76 -3.95 -15.06 -6.14
C ASN A 76 -2.81 -16.07 -6.08
N LYS A 77 -2.35 -16.33 -4.87
CA LYS A 77 -1.27 -17.28 -4.62
C LYS A 77 -1.38 -17.84 -3.21
N LEU A 78 -0.24 -18.24 -2.64
CA LEU A 78 -0.22 -18.76 -1.29
C LEU A 78 -0.36 -17.61 -0.30
N GLU A 79 -1.60 -17.28 0.06
CA GLU A 79 -1.89 -16.19 1.00
C GLU A 79 -0.93 -16.16 2.18
N ARG A 80 -0.30 -17.31 2.47
CA ARG A 80 0.64 -17.41 3.57
C ARG A 80 1.65 -16.25 3.54
N GLU A 81 2.20 -15.92 4.71
CA GLU A 81 3.17 -14.84 4.81
C GLU A 81 4.32 -15.02 3.82
N GLU A 82 4.94 -13.91 3.44
CA GLU A 82 6.05 -13.93 2.50
C GLU A 82 7.39 -13.95 3.23
N ASN A 83 8.44 -13.49 2.54
CA ASN A 83 9.77 -13.45 3.14
C ASN A 83 9.95 -12.24 4.06
N LEU A 84 11.20 -11.93 4.39
CA LEU A 84 11.50 -10.81 5.28
C LEU A 84 11.71 -9.52 4.49
N VAL A 85 12.16 -9.64 3.24
CA VAL A 85 12.39 -8.46 2.40
C VAL A 85 11.07 -7.85 1.93
N SER A 86 10.00 -8.65 1.98
CA SER A 86 8.68 -8.19 1.57
C SER A 86 8.35 -6.85 2.22
N ALA A 87 8.91 -6.64 3.41
CA ALA A 87 8.70 -5.40 4.14
C ALA A 87 9.65 -4.32 3.63
N PHE A 88 10.94 -4.66 3.59
CA PHE A 88 11.97 -3.74 3.10
C PHE A 88 11.47 -3.04 1.84
N SER A 89 10.57 -3.70 1.13
CA SER A 89 9.99 -3.15 -0.08
C SER A 89 8.74 -2.33 0.24
N TYR A 90 7.76 -2.98 0.87
CA TYR A 90 6.50 -2.31 1.23
C TYR A 90 6.67 -1.42 2.46
N PHE A 91 6.99 -2.03 3.60
CA PHE A 91 7.20 -1.28 4.84
C PHE A 91 8.27 -0.22 4.60
N ASP A 92 9.48 -0.68 4.26
CA ASP A 92 10.58 0.24 3.93
C ASP A 92 10.31 0.81 2.54
N LYS A 93 9.18 1.50 2.41
CA LYS A 93 8.73 2.07 1.15
C LYS A 93 9.84 2.84 0.46
N ASP A 94 10.61 3.60 1.23
CA ASP A 94 11.70 4.38 0.65
C ASP A 94 12.92 3.50 0.40
N GLY A 95 13.00 2.36 1.08
CA GLY A 95 14.13 1.46 0.90
C GLY A 95 15.45 2.05 1.35
N SER A 96 15.42 3.34 1.73
CA SER A 96 16.62 4.05 2.17
C SER A 96 17.27 3.32 3.34
N GLY A 97 16.58 2.31 3.85
CA GLY A 97 17.12 1.54 4.95
C GLY A 97 16.40 1.81 6.25
N TYR A 98 15.42 2.70 6.23
CA TYR A 98 14.68 3.05 7.43
C TYR A 98 13.18 3.20 7.18
N ILE A 99 12.43 2.99 8.25
CA ILE A 99 10.97 3.14 8.25
C ILE A 99 10.57 3.96 9.45
N THR A 100 10.25 5.23 9.29
CA THR A 100 9.88 6.04 10.43
C THR A 100 8.40 5.92 10.73
N LEU A 101 8.02 6.35 11.94
CA LEU A 101 6.62 6.30 12.39
C LEU A 101 5.65 6.58 11.24
N ASP A 102 6.01 7.50 10.35
CA ASP A 102 5.15 7.83 9.22
C ASP A 102 4.96 6.61 8.33
N GLU A 103 6.07 6.02 7.90
CA GLU A 103 6.03 4.84 7.05
C GLU A 103 5.36 3.66 7.77
N ILE A 104 5.51 3.61 9.09
CA ILE A 104 4.94 2.55 9.89
C ILE A 104 3.42 2.70 10.06
N GLN A 105 3.03 3.76 10.75
CA GLN A 105 1.63 4.04 11.01
C GLN A 105 0.81 4.07 9.74
N GLN A 106 1.43 4.50 8.64
CA GLN A 106 0.75 4.55 7.34
C GLN A 106 0.59 3.13 6.79
N ALA A 107 1.67 2.36 6.83
CA ALA A 107 1.67 0.98 6.36
C ALA A 107 0.75 0.11 7.21
N CYS A 108 0.16 0.69 8.24
CA CYS A 108 -0.73 -0.03 9.13
C CYS A 108 -1.99 0.79 9.43
N LYS A 109 -2.50 1.48 8.42
CA LYS A 109 -3.70 2.30 8.59
C LYS A 109 -4.91 1.42 8.85
N ASP A 110 -4.82 0.16 8.42
CA ASP A 110 -5.91 -0.79 8.60
C ASP A 110 -5.87 -1.37 10.01
N PHE A 111 -4.83 -1.05 10.76
CA PHE A 111 -4.67 -1.53 12.12
C PHE A 111 -5.29 -0.55 13.12
N GLY A 112 -6.10 0.37 12.62
CA GLY A 112 -6.72 1.34 13.50
C GLY A 112 -5.73 2.37 14.00
N LEU A 113 -4.81 2.76 13.12
CA LEU A 113 -3.77 3.74 13.47
C LEU A 113 -4.27 4.79 14.44
N ASP A 114 -3.66 4.80 15.62
CA ASP A 114 -3.99 5.76 16.66
C ASP A 114 -2.82 5.99 17.60
N ASP A 115 -3.05 6.80 18.63
CA ASP A 115 -2.02 7.12 19.60
C ASP A 115 -1.92 6.06 20.69
N ILE A 116 -2.85 5.12 20.68
CA ILE A 116 -2.88 4.06 21.70
C ILE A 116 -1.94 2.90 21.36
N HIS A 117 -2.23 2.19 20.27
CA HIS A 117 -1.41 1.03 19.88
C HIS A 117 -0.30 1.41 18.92
N ILE A 118 -0.68 1.77 17.71
CA ILE A 118 0.27 2.12 16.66
C ILE A 118 1.29 3.15 17.12
N ASP A 119 0.95 3.90 18.17
CA ASP A 119 1.85 4.91 18.71
C ASP A 119 2.94 4.23 19.51
N ASP A 120 2.53 3.53 20.57
CA ASP A 120 3.47 2.78 21.39
C ASP A 120 4.21 1.79 20.51
N MET A 121 3.62 1.57 19.33
CA MET A 121 4.15 0.67 18.33
C MET A 121 5.44 1.24 17.76
N ILE A 122 5.38 2.53 17.42
CA ILE A 122 6.54 3.26 16.93
C ILE A 122 7.71 3.00 17.84
N LYS A 123 7.38 3.01 19.11
CA LYS A 123 8.34 2.75 20.17
C LYS A 123 8.46 1.26 20.42
N GLU A 124 7.43 0.53 20.01
CA GLU A 124 7.38 -0.92 20.17
C GLU A 124 8.29 -1.61 19.17
N ILE A 125 8.69 -0.88 18.13
CA ILE A 125 9.54 -1.41 17.09
C ILE A 125 10.87 -0.68 17.05
N ASP A 126 10.83 0.62 17.34
CA ASP A 126 12.03 1.44 17.35
C ASP A 126 13.06 0.82 18.27
N GLN A 127 13.93 0.01 17.69
CA GLN A 127 14.96 -0.67 18.44
C GLN A 127 16.20 0.19 18.68
N ASP A 128 16.31 1.36 18.03
CA ASP A 128 17.50 2.18 18.24
C ASP A 128 17.21 3.66 18.54
N ASN A 129 16.12 4.26 18.02
CA ASN A 129 15.90 5.69 18.34
C ASN A 129 14.60 6.37 17.80
N ASP A 130 14.64 6.75 16.52
CA ASP A 130 13.58 7.54 15.85
C ASP A 130 12.20 6.90 15.70
N GLY A 131 11.78 5.98 16.57
CA GLY A 131 10.45 5.44 16.41
C GLY A 131 10.32 4.90 15.02
N GLN A 132 11.40 4.30 14.56
CA GLN A 132 11.47 3.79 13.23
C GLN A 132 12.08 2.43 13.21
N ILE A 133 11.92 1.78 12.09
CA ILE A 133 12.45 0.48 11.87
C ILE A 133 13.35 0.56 10.67
N ASP A 134 14.57 0.14 10.84
CA ASP A 134 15.50 0.16 9.75
C ASP A 134 15.66 -1.26 9.24
N TYR A 135 16.24 -1.42 8.07
CA TYR A 135 16.42 -2.74 7.52
C TYR A 135 17.08 -3.64 8.56
N GLY A 136 17.79 -3.01 9.50
CA GLY A 136 18.40 -3.78 10.55
C GLY A 136 17.37 -4.16 11.59
N GLU A 137 16.53 -3.19 11.96
CA GLU A 137 15.48 -3.41 12.93
C GLU A 137 14.48 -4.46 12.45
N PHE A 138 13.79 -4.16 11.34
CA PHE A 138 12.78 -5.08 10.84
C PHE A 138 13.34 -6.47 10.59
N ALA A 139 14.60 -6.53 10.19
CA ALA A 139 15.23 -7.82 9.91
C ALA A 139 15.62 -8.54 11.21
N ALA A 140 15.79 -7.77 12.27
CA ALA A 140 16.17 -8.32 13.57
C ALA A 140 14.96 -8.69 14.42
N MET A 141 14.02 -7.76 14.57
CA MET A 141 12.82 -7.96 15.34
C MET A 141 12.13 -9.28 14.97
N MET A 142 12.39 -9.77 13.77
CA MET A 142 11.81 -11.03 13.30
C MET A 142 12.83 -12.16 13.37
N ARG A 143 14.11 -11.79 13.40
CA ARG A 143 15.19 -12.77 13.47
C ARG A 143 16.13 -12.46 14.62
N LYS A 144 15.55 -12.12 15.78
CA LYS A 144 16.32 -11.80 16.97
C LYS A 144 17.15 -13.00 17.44
N ARG A 145 16.45 -14.11 17.71
CA ARG A 145 17.09 -15.33 18.18
C ARG A 145 18.32 -15.65 17.34
N LYS A 146 18.31 -15.19 16.08
CA LYS A 146 19.43 -15.43 15.18
C LYS A 146 20.54 -14.44 15.45
N GLY A 147 21.28 -14.68 16.53
CA GLY A 147 22.39 -13.81 16.90
C GLY A 147 23.50 -13.76 15.86
N ASN A 148 23.36 -14.58 14.82
CA ASN A 148 24.35 -14.66 13.75
C ASN A 148 24.76 -13.26 13.27
N GLY A 149 25.95 -13.18 12.70
CA GLY A 149 26.46 -11.90 12.21
C GLY A 149 25.65 -11.35 11.06
N GLY A 150 24.66 -12.12 10.58
CA GLY A 150 23.85 -11.67 9.48
C GLY A 150 22.99 -10.46 9.83
N ILE A 151 23.02 -10.05 11.09
CA ILE A 151 22.25 -8.91 11.55
C ILE A 151 22.73 -7.63 10.84
N GLY A 152 22.09 -6.50 11.12
CA GLY A 152 22.48 -5.26 10.49
C GLY A 152 22.15 -4.06 11.34
N ARG A 153 21.21 -4.22 12.27
CA ARG A 153 20.81 -3.14 13.15
C ARG A 153 21.91 -2.86 14.18
N ARG A 154 21.75 -1.75 14.88
CA ARG A 154 22.72 -1.35 15.89
C ARG A 154 22.60 -2.21 17.13
N THR A 155 23.73 -2.42 17.81
CA THR A 155 23.79 -3.24 19.02
C THR A 155 22.67 -2.93 20.01
N MET A 156 22.03 -1.77 19.87
CA MET A 156 20.95 -1.39 20.77
C MET A 156 19.67 -2.17 20.48
N ARG A 157 19.79 -3.23 19.69
CA ARG A 157 18.64 -4.07 19.35
C ARG A 157 18.39 -5.12 20.43
N LYS A 158 18.66 -4.75 21.68
CA LYS A 158 18.46 -5.66 22.80
C LYS A 158 17.00 -6.12 22.90
N THR A 159 16.73 -7.00 23.85
CA THR A 159 15.39 -7.53 24.04
C THR A 159 14.39 -6.39 24.30
N LEU A 160 13.14 -6.62 23.91
CA LEU A 160 12.10 -5.61 24.09
C LEU A 160 11.99 -5.19 25.55
N ASN A 161 12.60 -4.05 25.89
CA ASN A 161 12.57 -3.55 27.25
C ASN A 161 12.60 -2.02 27.27
N LEU A 162 11.44 -1.40 27.05
CA LEU A 162 11.34 0.05 27.05
C LEU A 162 10.46 0.53 28.19
N ARG A 163 9.16 0.26 28.10
CA ARG A 163 8.20 0.67 29.12
C ARG A 163 7.17 -0.43 29.37
N ASP A 164 7.33 -1.13 30.49
CA ASP A 164 6.43 -2.21 30.85
C ASP A 164 5.80 -1.96 32.22
N ALA A 165 4.48 -2.07 32.29
CA ALA A 165 3.76 -1.84 33.54
C ALA A 165 3.90 -3.05 34.47
N LEU A 166 4.37 -2.78 35.69
CA LEU A 166 4.55 -3.84 36.68
C LEU A 166 3.86 -3.47 37.98
N GLY A 167 3.41 -2.24 38.08
CA GLY A 167 2.73 -1.77 39.28
C GLY A 167 2.27 -0.33 39.17
N LEU A 168 2.80 0.53 40.04
CA LEU A 168 2.45 1.94 40.02
C LEU A 168 3.61 2.79 39.53
N VAL A 169 3.51 3.27 38.29
CA VAL A 169 4.55 4.09 37.70
C VAL A 169 4.10 5.54 37.57
N ASP A 170 5.02 6.47 37.79
CA ASP A 170 4.71 7.90 37.70
C ASP A 170 4.45 8.29 36.24
N ASN A 171 3.40 9.06 36.03
CA ASN A 171 3.04 9.52 34.68
C ASN A 171 3.46 10.96 34.47
N GLY A 172 3.21 11.81 35.46
CA GLY A 172 3.57 13.21 35.37
C GLY A 172 5.06 13.41 35.24
N SER A 173 5.46 14.34 34.38
CA SER A 173 6.88 14.63 34.16
C SER A 173 7.13 16.13 34.19
N ASN A 174 8.34 16.53 33.82
CA ASN A 174 8.72 17.93 33.80
C ASN A 174 9.54 18.26 32.55
N GLN A 175 10.40 17.31 32.16
CA GLN A 175 11.24 17.49 30.98
C GLN A 175 11.28 16.22 30.14
N VAL A 176 12.07 16.23 29.08
CA VAL A 176 12.18 15.07 28.20
C VAL A 176 13.29 14.13 28.67
N ILE A 177 12.98 12.83 28.69
CA ILE A 177 13.96 11.82 29.11
C ILE A 177 14.34 10.92 27.95
N GLU A 178 15.60 11.02 27.53
CA GLU A 178 16.11 10.21 26.43
C GLU A 178 17.28 9.34 26.87
N GLY A 179 17.47 8.22 26.19
CA GLY A 179 18.56 7.32 26.52
C GLY A 179 19.91 7.90 26.16
N TYR A 180 20.98 7.30 26.69
CA TYR A 180 22.33 7.76 26.42
C TYR A 180 23.15 6.67 25.75
N PHE A 181 23.80 7.02 24.64
CA PHE A 181 24.61 6.06 23.89
C PHE A 181 26.03 5.98 24.47
N LYS A 182 26.92 5.34 23.73
CA LYS A 182 28.31 5.19 24.16
C LYS A 182 29.26 5.81 23.14
CA CA B . 2.23 4.21 -20.51
CA CA C . 8.08 -1.24 -11.99
CA CA D . 12.75 4.47 4.02
CA CA E . 14.82 3.70 14.92
N ALA A 1 -21.52 -23.17 -9.30
CA ALA A 1 -20.40 -24.14 -9.24
C ALA A 1 -19.13 -23.56 -9.86
N GLU A 2 -19.11 -22.24 -10.02
CA GLU A 2 -17.96 -21.55 -10.59
C GLU A 2 -17.59 -20.32 -9.78
N ARG A 3 -17.54 -20.48 -8.45
CA ARG A 3 -17.20 -19.38 -7.56
C ARG A 3 -15.69 -19.33 -7.32
N LEU A 4 -14.97 -20.27 -7.93
CA LEU A 4 -13.53 -20.34 -7.77
C LEU A 4 -12.83 -19.20 -8.51
N SER A 5 -13.35 -18.84 -9.68
CA SER A 5 -12.77 -17.76 -10.47
C SER A 5 -13.85 -16.80 -10.95
N GLU A 6 -13.43 -15.66 -11.50
CA GLU A 6 -14.36 -14.64 -11.99
C GLU A 6 -13.91 -14.12 -13.35
N GLU A 7 -14.46 -12.98 -13.75
CA GLU A 7 -14.11 -12.37 -15.04
C GLU A 7 -12.78 -11.66 -14.95
N GLU A 8 -12.28 -11.47 -13.73
CA GLU A 8 -11.00 -10.80 -13.52
C GLU A 8 -9.87 -11.49 -14.27
N ILE A 9 -9.96 -12.81 -14.38
CA ILE A 9 -8.95 -13.60 -15.06
C ILE A 9 -8.91 -13.28 -16.56
N GLY A 10 -10.03 -12.78 -17.07
CA GLY A 10 -10.11 -12.45 -18.49
C GLY A 10 -10.04 -10.95 -18.74
N GLY A 11 -9.70 -10.57 -19.97
CA GLY A 11 -9.60 -9.17 -20.31
C GLY A 11 -8.54 -8.45 -19.51
N LEU A 12 -7.55 -9.20 -19.04
CA LEU A 12 -6.47 -8.63 -18.24
C LEU A 12 -5.35 -8.12 -19.13
N LYS A 13 -4.89 -8.95 -20.07
CA LYS A 13 -3.82 -8.53 -20.98
C LYS A 13 -4.22 -7.21 -21.62
N GLU A 14 -5.50 -7.09 -21.94
CA GLU A 14 -6.03 -5.86 -22.51
C GLU A 14 -6.04 -4.80 -21.42
N LEU A 15 -6.61 -5.18 -20.28
CA LEU A 15 -6.68 -4.28 -19.13
C LEU A 15 -5.33 -3.63 -18.86
N PHE A 16 -4.25 -4.36 -19.13
CA PHE A 16 -2.91 -3.83 -18.92
C PHE A 16 -2.69 -2.57 -19.75
N LYS A 17 -2.99 -2.68 -21.03
CA LYS A 17 -2.83 -1.57 -21.95
C LYS A 17 -4.00 -0.63 -21.80
N MET A 18 -5.04 -1.13 -21.16
CA MET A 18 -6.21 -0.35 -20.89
C MET A 18 -5.86 0.70 -19.85
N ILE A 19 -4.88 0.37 -19.01
CA ILE A 19 -4.40 1.25 -17.97
C ILE A 19 -3.64 2.44 -18.55
N ASP A 20 -2.58 2.16 -19.29
CA ASP A 20 -1.73 3.18 -19.89
C ASP A 20 -2.35 3.72 -21.17
N THR A 21 -3.63 4.00 -21.09
CA THR A 21 -4.39 4.52 -22.19
C THR A 21 -3.92 5.92 -22.57
N ASP A 22 -3.02 6.48 -21.77
CA ASP A 22 -2.52 7.82 -22.02
C ASP A 22 -0.99 7.90 -21.90
N ASN A 23 -0.35 6.82 -21.47
CA ASN A 23 1.09 6.82 -21.31
C ASN A 23 1.81 6.35 -22.56
N SER A 24 2.12 5.05 -22.61
CA SER A 24 2.82 4.47 -23.74
C SER A 24 3.01 2.97 -23.59
N GLY A 25 2.28 2.38 -22.66
CA GLY A 25 2.41 0.95 -22.42
C GLY A 25 3.06 0.66 -21.08
N THR A 26 3.08 1.65 -20.21
CA THR A 26 3.64 1.51 -18.87
C THR A 26 2.58 1.93 -17.87
N ILE A 27 2.71 1.48 -16.63
CA ILE A 27 1.70 1.81 -15.65
C ILE A 27 2.24 2.52 -14.43
N THR A 28 2.06 3.81 -14.39
CA THR A 28 2.52 4.58 -13.25
C THR A 28 1.35 4.94 -12.37
N PHE A 29 1.66 5.20 -11.11
CA PHE A 29 0.67 5.53 -10.10
C PHE A 29 -0.51 6.33 -10.68
N ASP A 30 -0.22 7.23 -11.61
CA ASP A 30 -1.28 8.04 -12.24
C ASP A 30 -2.13 7.19 -13.18
N GLU A 31 -1.48 6.36 -13.98
CA GLU A 31 -2.19 5.47 -14.92
C GLU A 31 -2.75 4.25 -14.22
N LEU A 32 -2.11 3.84 -13.12
CA LEU A 32 -2.54 2.68 -12.37
C LEU A 32 -4.03 2.80 -12.06
N LYS A 33 -4.40 3.91 -11.43
CA LYS A 33 -5.79 4.17 -11.09
C LYS A 33 -6.56 4.62 -12.32
N ASP A 34 -5.89 5.41 -13.13
CA ASP A 34 -6.47 5.93 -14.36
C ASP A 34 -7.27 4.86 -15.10
N GLY A 35 -6.72 3.64 -15.14
CA GLY A 35 -7.39 2.53 -15.82
C GLY A 35 -8.77 2.22 -15.31
N LEU A 36 -8.96 2.30 -14.00
CA LEU A 36 -10.24 2.00 -13.40
C LEU A 36 -11.15 3.23 -13.32
N LYS A 37 -10.59 4.36 -12.89
CA LYS A 37 -11.38 5.58 -12.82
C LYS A 37 -11.91 5.93 -14.20
N ARG A 38 -11.24 5.40 -15.22
CA ARG A 38 -11.62 5.62 -16.61
C ARG A 38 -12.79 4.71 -16.98
N VAL A 39 -12.72 3.46 -16.51
CA VAL A 39 -13.76 2.48 -16.81
C VAL A 39 -15.00 2.68 -15.95
N GLY A 40 -14.88 3.51 -14.90
CA GLY A 40 -16.01 3.76 -14.03
C GLY A 40 -15.67 3.62 -12.55
N SER A 41 -14.95 2.57 -12.20
CA SER A 41 -14.57 2.32 -10.82
C SER A 41 -13.88 3.53 -10.20
N GLU A 42 -13.83 3.56 -8.87
CA GLU A 42 -13.21 4.68 -8.15
C GLU A 42 -12.29 4.19 -7.04
N LEU A 43 -10.97 4.27 -7.28
CA LEU A 43 -9.98 3.85 -6.30
C LEU A 43 -9.27 5.04 -5.69
N MET A 44 -8.55 4.81 -4.60
CA MET A 44 -7.82 5.86 -3.92
C MET A 44 -6.31 5.69 -4.11
N GLU A 45 -5.56 6.73 -3.79
CA GLU A 45 -4.11 6.71 -3.93
C GLU A 45 -3.47 5.55 -3.18
N SER A 46 -3.65 5.48 -1.86
CA SER A 46 -3.07 4.41 -1.06
C SER A 46 -3.46 3.03 -1.58
N GLU A 47 -4.51 2.99 -2.39
CA GLU A 47 -4.96 1.73 -2.97
C GLU A 47 -4.08 1.40 -4.16
N ILE A 48 -3.89 2.40 -5.02
CA ILE A 48 -3.04 2.24 -6.19
C ILE A 48 -1.65 1.82 -5.76
N LYS A 49 -1.09 2.57 -4.83
CA LYS A 49 0.24 2.29 -4.29
C LYS A 49 0.39 0.82 -3.94
N ASP A 50 -0.71 0.21 -3.50
CA ASP A 50 -0.72 -1.20 -3.11
C ASP A 50 -0.32 -2.10 -4.27
N LEU A 51 -0.88 -1.83 -5.45
CA LEU A 51 -0.59 -2.63 -6.63
C LEU A 51 0.86 -2.46 -7.10
N MET A 52 1.54 -1.43 -6.60
CA MET A 52 2.93 -1.19 -6.98
C MET A 52 3.91 -1.95 -6.10
N ASP A 53 3.94 -1.61 -4.82
CA ASP A 53 4.86 -2.25 -3.89
C ASP A 53 4.46 -3.68 -3.56
N ALA A 54 3.15 -3.92 -3.46
CA ALA A 54 2.65 -5.25 -3.12
C ALA A 54 2.36 -6.12 -4.34
N ALA A 55 2.32 -5.53 -5.53
CA ALA A 55 2.03 -6.31 -6.74
C ALA A 55 3.06 -6.14 -7.83
N ASP A 56 3.49 -4.90 -8.09
CA ASP A 56 4.48 -4.67 -9.13
C ASP A 56 5.78 -5.39 -8.80
N ILE A 57 6.00 -6.50 -9.48
CA ILE A 57 7.18 -7.34 -9.27
C ILE A 57 8.46 -6.51 -9.15
N ASP A 58 8.47 -5.34 -9.76
CA ASP A 58 9.64 -4.47 -9.75
C ASP A 58 9.27 -3.03 -9.44
N LYS A 59 8.40 -2.83 -8.45
CA LYS A 59 7.94 -1.50 -8.06
C LYS A 59 8.98 -0.42 -8.29
N SER A 60 8.83 0.24 -9.42
CA SER A 60 9.70 1.33 -9.81
C SER A 60 8.86 2.56 -10.14
N GLY A 61 7.57 2.47 -9.80
CA GLY A 61 6.65 3.56 -10.05
C GLY A 61 5.75 3.30 -11.24
N THR A 62 6.12 2.30 -12.06
CA THR A 62 5.34 1.94 -13.24
C THR A 62 5.31 0.42 -13.41
N ILE A 63 4.21 -0.08 -13.98
CA ILE A 63 4.05 -1.50 -14.19
C ILE A 63 4.15 -1.85 -15.67
N ASP A 64 4.76 -2.99 -15.94
CA ASP A 64 4.91 -3.45 -17.31
C ASP A 64 3.95 -4.61 -17.57
N TYR A 65 3.77 -4.96 -18.84
CA TYR A 65 2.87 -6.04 -19.23
C TYR A 65 2.95 -7.21 -18.28
N GLY A 66 4.17 -7.65 -17.99
CA GLY A 66 4.35 -8.78 -17.10
C GLY A 66 3.95 -8.48 -15.67
N GLU A 67 4.60 -7.47 -15.07
CA GLU A 67 4.29 -7.07 -13.70
C GLU A 67 2.78 -6.99 -13.49
N PHE A 68 2.07 -6.62 -14.54
CA PHE A 68 0.61 -6.51 -14.48
C PHE A 68 -0.01 -7.88 -14.27
N ILE A 69 0.34 -8.80 -15.16
CA ILE A 69 -0.17 -10.15 -15.10
C ILE A 69 0.15 -10.79 -13.76
N ALA A 70 1.44 -10.99 -13.51
CA ALA A 70 1.89 -11.60 -12.26
C ALA A 70 1.15 -11.01 -11.08
N ALA A 71 1.09 -9.69 -11.04
CA ALA A 71 0.42 -8.96 -9.96
C ALA A 71 -0.91 -9.62 -9.55
N THR A 72 -1.69 -10.06 -10.53
CA THR A 72 -2.99 -10.68 -10.25
C THR A 72 -2.84 -12.05 -9.60
N VAL A 73 -1.79 -12.78 -9.96
CA VAL A 73 -1.53 -14.10 -9.40
C VAL A 73 -0.56 -14.00 -8.22
N HIS A 74 0.08 -12.85 -8.13
CA HIS A 74 1.06 -12.57 -7.09
C HIS A 74 0.35 -12.12 -5.82
N LEU A 75 -0.55 -11.16 -5.98
CA LEU A 75 -1.32 -10.68 -4.84
C LEU A 75 -2.05 -11.86 -4.25
N ASN A 76 -2.10 -12.95 -5.01
CA ASN A 76 -2.75 -14.17 -4.58
C ASN A 76 -1.70 -15.27 -4.33
N LYS A 77 -1.00 -15.15 -3.21
CA LYS A 77 0.03 -16.13 -2.82
C LYS A 77 0.29 -16.06 -1.32
N LEU A 78 1.31 -15.29 -0.93
CA LEU A 78 1.67 -15.12 0.46
C LEU A 78 2.67 -13.97 0.61
N GLU A 79 2.19 -12.76 0.35
CA GLU A 79 3.04 -11.57 0.44
C GLU A 79 3.52 -11.36 1.87
N ARG A 80 4.74 -11.79 2.14
CA ARG A 80 5.31 -11.64 3.47
C ARG A 80 6.29 -10.47 3.51
N GLU A 81 6.34 -9.78 4.65
CA GLU A 81 7.23 -8.63 4.82
C GLU A 81 8.59 -9.07 5.33
N GLU A 82 9.59 -8.21 5.16
CA GLU A 82 10.94 -8.51 5.62
C GLU A 82 11.19 -7.94 7.02
N ASN A 83 11.56 -6.66 7.06
CA ASN A 83 11.82 -5.99 8.33
C ASN A 83 10.53 -5.45 8.94
N LEU A 84 10.66 -4.58 9.94
CA LEU A 84 9.50 -4.01 10.61
C LEU A 84 9.03 -2.71 9.95
N VAL A 85 9.98 -1.85 9.59
CA VAL A 85 9.65 -0.57 8.97
C VAL A 85 8.78 -0.75 7.73
N SER A 86 8.95 -1.87 7.03
CA SER A 86 8.16 -2.15 5.85
C SER A 86 6.67 -2.11 6.20
N ALA A 87 6.35 -2.60 7.39
CA ALA A 87 4.98 -2.60 7.87
C ALA A 87 4.63 -1.26 8.47
N PHE A 88 5.52 -0.75 9.33
CA PHE A 88 5.33 0.55 9.97
C PHE A 88 4.82 1.55 8.95
N SER A 89 5.20 1.32 7.69
CA SER A 89 4.76 2.18 6.61
C SER A 89 3.45 1.67 6.00
N TYR A 90 3.39 0.37 5.72
CA TYR A 90 2.20 -0.23 5.12
C TYR A 90 1.17 -0.61 6.19
N PHE A 91 1.53 -1.55 7.07
CA PHE A 91 0.62 -1.96 8.15
C PHE A 91 0.24 -0.74 8.97
N ASP A 92 1.26 -0.04 9.49
CA ASP A 92 1.04 1.18 10.23
C ASP A 92 0.78 2.28 9.22
N LYS A 93 -0.21 2.03 8.37
CA LYS A 93 -0.58 2.94 7.29
C LYS A 93 -0.74 4.37 7.78
N ASP A 94 -1.30 4.52 8.98
CA ASP A 94 -1.47 5.86 9.52
C ASP A 94 -0.13 6.40 10.01
N GLY A 95 0.80 5.49 10.31
CA GLY A 95 2.11 5.89 10.78
C GLY A 95 2.01 6.96 11.83
N SER A 96 1.58 6.54 13.00
CA SER A 96 1.45 7.39 14.16
C SER A 96 2.11 6.66 15.32
N GLY A 97 2.07 5.33 15.21
CA GLY A 97 2.69 4.48 16.19
C GLY A 97 1.80 3.32 16.59
N TYR A 98 0.67 3.16 15.91
CA TYR A 98 -0.26 2.08 16.20
C TYR A 98 -1.03 1.66 14.96
N ILE A 99 -1.59 0.45 15.02
CA ILE A 99 -2.39 -0.10 13.94
C ILE A 99 -3.67 -0.71 14.51
N THR A 100 -4.78 -0.01 14.37
CA THR A 100 -6.04 -0.53 14.88
C THR A 100 -6.54 -1.67 14.02
N LEU A 101 -7.28 -2.60 14.61
CA LEU A 101 -7.80 -3.76 13.90
C LEU A 101 -8.18 -3.44 12.45
N ASP A 102 -8.67 -2.23 12.22
CA ASP A 102 -9.04 -1.81 10.87
C ASP A 102 -7.81 -1.83 9.97
N GLU A 103 -6.74 -1.16 10.42
CA GLU A 103 -5.50 -1.10 9.67
C GLU A 103 -4.78 -2.46 9.68
N ILE A 104 -4.98 -3.23 10.75
CA ILE A 104 -4.38 -4.55 10.86
C ILE A 104 -4.98 -5.50 9.86
N GLN A 105 -6.27 -5.78 10.01
CA GLN A 105 -6.97 -6.67 9.11
C GLN A 105 -6.83 -6.20 7.67
N GLN A 106 -6.89 -4.90 7.45
CA GLN A 106 -6.74 -4.34 6.11
C GLN A 106 -5.33 -4.61 5.58
N ALA A 107 -4.36 -4.63 6.50
CA ALA A 107 -2.97 -4.87 6.15
C ALA A 107 -2.74 -6.25 5.59
N CYS A 108 -3.78 -7.07 5.56
CA CYS A 108 -3.65 -8.44 5.03
C CYS A 108 -4.29 -8.53 3.66
N LYS A 109 -3.47 -8.86 2.66
CA LYS A 109 -3.93 -8.98 1.29
C LYS A 109 -4.44 -10.38 0.96
N ASP A 110 -3.56 -11.36 1.06
CA ASP A 110 -3.90 -12.75 0.74
C ASP A 110 -4.45 -13.51 1.94
N PHE A 111 -4.47 -12.87 3.11
CA PHE A 111 -4.97 -13.52 4.31
C PHE A 111 -6.46 -13.82 4.21
N GLY A 112 -7.15 -13.14 3.29
CA GLY A 112 -8.57 -13.38 3.14
C GLY A 112 -9.33 -13.00 4.39
N LEU A 113 -8.92 -11.90 5.03
CA LEU A 113 -9.52 -11.45 6.28
C LEU A 113 -11.00 -11.75 6.39
N ASP A 114 -11.44 -11.96 7.63
CA ASP A 114 -12.82 -12.26 7.92
C ASP A 114 -13.14 -11.99 9.39
N ASP A 115 -14.38 -12.20 9.78
CA ASP A 115 -14.80 -11.96 11.15
C ASP A 115 -14.62 -13.20 12.03
N ILE A 116 -14.29 -14.33 11.42
CA ILE A 116 -14.11 -15.57 12.17
C ILE A 116 -12.67 -15.79 12.59
N HIS A 117 -11.75 -15.83 11.63
CA HIS A 117 -10.34 -16.07 11.93
C HIS A 117 -9.55 -14.78 12.15
N ILE A 118 -9.38 -14.01 11.07
CA ILE A 118 -8.62 -12.77 11.14
C ILE A 118 -9.14 -11.84 12.24
N ASP A 119 -10.38 -12.06 12.67
CA ASP A 119 -10.96 -11.25 13.74
C ASP A 119 -10.20 -11.53 15.03
N ASP A 120 -9.90 -12.80 15.26
CA ASP A 120 -9.15 -13.23 16.43
C ASP A 120 -7.71 -12.77 16.27
N MET A 121 -7.30 -12.62 15.01
CA MET A 121 -5.97 -12.18 14.65
C MET A 121 -5.69 -10.82 15.27
N ILE A 122 -6.76 -10.04 15.44
CA ILE A 122 -6.66 -8.74 16.07
C ILE A 122 -6.12 -8.94 17.45
N LYS A 123 -6.66 -9.96 18.07
CA LYS A 123 -6.26 -10.35 19.40
C LYS A 123 -5.07 -11.31 19.34
N GLU A 124 -4.81 -11.82 18.14
CA GLU A 124 -3.70 -12.73 17.91
C GLU A 124 -2.39 -11.98 17.74
N ILE A 125 -2.49 -10.76 17.27
CA ILE A 125 -1.33 -9.92 17.05
C ILE A 125 -1.17 -8.92 18.18
N ASP A 126 -2.28 -8.47 18.74
CA ASP A 126 -2.24 -7.53 19.84
C ASP A 126 -2.06 -8.28 21.16
N GLN A 127 -0.81 -8.57 21.47
CA GLN A 127 -0.47 -9.28 22.69
C GLN A 127 -0.28 -8.34 23.87
N ASP A 128 -0.25 -7.04 23.60
CA ASP A 128 -0.01 -6.07 24.66
C ASP A 128 -1.03 -4.92 24.71
N ASN A 129 -1.75 -4.65 23.63
CA ASN A 129 -2.67 -3.50 23.67
C ASN A 129 -4.17 -3.82 23.57
N ASP A 130 -4.86 -3.16 22.63
CA ASP A 130 -6.32 -3.25 22.50
C ASP A 130 -6.86 -3.87 21.20
N GLY A 131 -6.11 -4.74 20.52
CA GLY A 131 -6.59 -5.27 19.26
C GLY A 131 -6.03 -4.43 18.15
N GLN A 132 -4.79 -4.04 18.38
CA GLN A 132 -4.06 -3.18 17.48
C GLN A 132 -2.59 -3.44 17.66
N ILE A 133 -1.79 -2.89 16.77
CA ILE A 133 -0.40 -3.08 16.84
C ILE A 133 0.33 -1.78 16.71
N ASP A 134 1.18 -1.54 17.66
CA ASP A 134 1.95 -0.33 17.67
C ASP A 134 3.35 -0.62 17.20
N TYR A 135 4.03 0.41 16.78
CA TYR A 135 5.40 0.26 16.29
C TYR A 135 6.20 -0.71 17.15
N GLY A 136 5.93 -0.73 18.45
CA GLY A 136 6.63 -1.64 19.30
C GLY A 136 6.01 -3.01 19.26
N GLU A 137 4.69 -3.03 19.14
CA GLU A 137 3.94 -4.27 19.07
C GLU A 137 4.35 -5.05 17.83
N PHE A 138 4.23 -4.44 16.65
CA PHE A 138 4.58 -5.13 15.41
C PHE A 138 6.06 -5.50 15.42
N ALA A 139 6.88 -4.62 15.95
CA ALA A 139 8.31 -4.87 16.00
C ALA A 139 8.59 -6.15 16.78
N ALA A 140 7.77 -6.41 17.79
CA ALA A 140 7.91 -7.62 18.61
C ALA A 140 7.07 -8.78 18.05
N MET A 141 5.99 -8.46 17.32
CA MET A 141 5.16 -9.51 16.73
C MET A 141 6.09 -10.42 15.96
N MET A 142 7.18 -9.80 15.51
CA MET A 142 8.28 -10.46 14.85
C MET A 142 9.39 -10.52 15.89
N ARG A 143 10.48 -9.77 15.68
CA ARG A 143 11.54 -9.71 16.67
C ARG A 143 12.63 -8.74 16.27
N LYS A 144 13.20 -8.11 17.30
CA LYS A 144 14.25 -7.14 17.12
C LYS A 144 15.09 -7.05 18.39
N ARG A 145 14.52 -6.43 19.43
CA ARG A 145 15.21 -6.28 20.71
C ARG A 145 14.63 -7.26 21.74
N LYS A 146 13.30 -7.33 21.79
CA LYS A 146 12.61 -8.23 22.70
C LYS A 146 11.87 -9.31 21.93
N GLY A 147 12.23 -10.57 22.18
CA GLY A 147 11.60 -11.67 21.48
C GLY A 147 10.37 -12.22 22.19
N ASN A 148 10.08 -11.71 23.39
CA ASN A 148 8.93 -12.16 24.16
C ASN A 148 7.69 -12.24 23.26
N GLY A 149 7.22 -13.46 23.02
CA GLY A 149 6.05 -13.65 22.18
C GLY A 149 4.75 -13.35 22.89
N GLY A 150 4.80 -13.32 24.23
CA GLY A 150 3.61 -13.04 25.01
C GLY A 150 3.27 -11.56 25.04
N ILE A 151 4.27 -10.72 24.76
CA ILE A 151 4.07 -9.27 24.77
C ILE A 151 4.78 -8.62 23.62
N GLY A 152 4.27 -7.48 23.21
CA GLY A 152 4.92 -6.75 22.18
C GLY A 152 5.73 -5.64 22.78
N ARG A 153 5.60 -4.43 22.27
CA ARG A 153 6.33 -3.31 22.84
C ARG A 153 5.48 -2.04 22.82
N ARG A 154 4.58 -1.92 23.80
CA ARG A 154 3.75 -0.73 23.91
C ARG A 154 4.14 0.07 25.15
N THR A 155 4.05 1.39 25.05
CA THR A 155 4.40 2.28 26.16
C THR A 155 3.78 1.79 27.47
N MET A 156 2.53 1.33 27.39
CA MET A 156 1.84 0.84 28.58
C MET A 156 1.62 -0.67 28.48
N ARG A 157 2.64 -1.43 28.88
CA ARG A 157 2.57 -2.88 28.84
C ARG A 157 1.65 -3.42 29.92
N LYS A 158 0.88 -4.45 29.58
CA LYS A 158 -0.05 -5.07 30.52
C LYS A 158 -0.55 -6.42 29.99
N THR A 159 -0.55 -7.42 30.86
CA THR A 159 -1.00 -8.76 30.47
C THR A 159 -2.45 -8.98 30.88
N LEU A 160 -3.36 -8.81 29.93
CA LEU A 160 -4.78 -8.99 30.19
C LEU A 160 -5.49 -9.56 28.96
N ASN A 161 -5.76 -10.86 28.99
CA ASN A 161 -6.42 -11.52 27.87
C ASN A 161 -6.80 -12.96 28.25
N LEU A 162 -7.99 -13.37 27.86
CA LEU A 162 -8.47 -14.72 28.14
C LEU A 162 -7.97 -15.71 27.11
N ARG A 163 -7.72 -16.95 27.54
CA ARG A 163 -7.23 -17.99 26.65
C ARG A 163 -8.39 -18.75 26.02
N ASP A 164 -8.25 -19.09 24.74
CA ASP A 164 -9.29 -19.82 24.02
C ASP A 164 -9.54 -21.18 24.67
N ALA A 165 -10.79 -21.42 25.03
CA ALA A 165 -11.17 -22.69 25.66
C ALA A 165 -10.83 -23.88 24.75
N LEU A 166 -10.00 -24.78 25.26
CA LEU A 166 -9.60 -25.96 24.51
C LEU A 166 -10.67 -27.04 24.57
N GLY A 167 -11.49 -27.00 25.62
CA GLY A 167 -12.54 -27.98 25.77
C GLY A 167 -13.91 -27.34 25.94
N LEU A 168 -14.53 -27.56 27.10
CA LEU A 168 -15.85 -27.01 27.39
C LEU A 168 -15.78 -25.49 27.54
N VAL A 169 -16.90 -24.83 27.31
CA VAL A 169 -16.98 -23.37 27.42
C VAL A 169 -17.70 -22.96 28.70
N ASP A 170 -17.14 -21.98 29.40
CA ASP A 170 -17.72 -21.49 30.64
C ASP A 170 -17.98 -19.99 30.56
N ASN A 171 -18.26 -19.38 31.71
CA ASN A 171 -18.52 -17.95 31.77
C ASN A 171 -17.26 -17.18 32.18
N GLY A 172 -16.58 -17.68 33.21
CA GLY A 172 -15.36 -17.04 33.68
C GLY A 172 -15.64 -15.69 34.32
N SER A 173 -14.57 -14.97 34.67
CA SER A 173 -14.71 -13.66 35.29
C SER A 173 -13.50 -12.78 34.95
N ASN A 174 -12.42 -12.98 35.68
CA ASN A 174 -11.20 -12.21 35.45
C ASN A 174 -10.01 -12.86 36.16
N GLN A 175 -9.62 -14.03 35.68
CA GLN A 175 -8.51 -14.76 36.26
C GLN A 175 -7.35 -14.88 35.28
N VAL A 176 -6.36 -13.99 35.43
CA VAL A 176 -5.20 -13.98 34.55
C VAL A 176 -4.36 -15.24 34.73
N ILE A 177 -3.87 -15.78 33.62
CA ILE A 177 -3.05 -16.98 33.65
C ILE A 177 -1.67 -16.72 33.06
N GLU A 178 -0.67 -16.57 33.93
CA GLU A 178 0.69 -16.31 33.50
C GLU A 178 1.53 -17.57 33.60
N GLY A 179 1.81 -18.19 32.45
CA GLY A 179 2.61 -19.40 32.44
C GLY A 179 2.70 -20.02 31.05
N TYR A 180 3.51 -19.40 30.19
CA TYR A 180 3.69 -19.88 28.82
C TYR A 180 4.88 -20.84 28.75
N PHE A 181 5.10 -21.58 29.83
CA PHE A 181 6.19 -22.53 29.89
C PHE A 181 5.87 -23.80 29.10
N LYS A 182 4.71 -24.38 29.38
CA LYS A 182 4.27 -25.60 28.70
C LYS A 182 3.13 -25.30 27.74
CA CA B . 0.51 4.73 -18.26
CA CA C . 8.44 -1.79 -12.34
CA CA D . -1.84 4.33 12.95
CA CA E . -0.81 -3.98 21.12
N ALA A 1 -11.75 -7.31 -31.89
CA ALA A 1 -12.24 -8.62 -32.38
C ALA A 1 -11.26 -9.74 -32.05
N GLU A 2 -10.31 -9.45 -31.16
CA GLU A 2 -9.32 -10.43 -30.75
C GLU A 2 -9.66 -11.01 -29.37
N ARG A 3 -10.42 -12.09 -29.35
CA ARG A 3 -10.82 -12.73 -28.11
C ARG A 3 -10.46 -14.21 -28.12
N LEU A 4 -9.50 -14.57 -28.97
CA LEU A 4 -9.06 -15.96 -29.09
C LEU A 4 -7.54 -16.07 -29.01
N SER A 5 -6.91 -15.02 -28.47
CA SER A 5 -5.46 -14.99 -28.35
C SER A 5 -5.02 -15.52 -26.98
N GLU A 6 -5.82 -15.22 -25.96
CA GLU A 6 -5.52 -15.67 -24.60
C GLU A 6 -6.66 -16.52 -24.04
N GLU A 7 -6.75 -17.74 -24.51
CA GLU A 7 -7.79 -18.67 -24.07
C GLU A 7 -7.32 -19.45 -22.84
N GLU A 8 -6.03 -19.40 -22.56
CA GLU A 8 -5.47 -20.13 -21.43
C GLU A 8 -5.79 -19.45 -20.09
N ILE A 9 -5.17 -18.32 -19.81
CA ILE A 9 -5.41 -17.63 -18.54
C ILE A 9 -6.55 -16.60 -18.64
N GLY A 10 -6.30 -15.49 -19.32
CA GLY A 10 -7.30 -14.46 -19.46
C GLY A 10 -6.91 -13.41 -20.49
N GLY A 11 -7.88 -12.59 -20.89
CA GLY A 11 -7.59 -11.53 -21.83
C GLY A 11 -6.92 -10.35 -21.13
N LEU A 12 -6.27 -10.66 -20.01
CA LEU A 12 -5.58 -9.68 -19.18
C LEU A 12 -4.61 -8.81 -19.97
N LYS A 13 -4.17 -9.28 -21.13
CA LYS A 13 -3.26 -8.48 -21.95
C LYS A 13 -3.94 -7.16 -22.30
N GLU A 14 -5.15 -7.26 -22.82
CA GLU A 14 -5.93 -6.09 -23.16
C GLU A 14 -6.19 -5.28 -21.90
N LEU A 15 -6.29 -5.98 -20.77
CA LEU A 15 -6.52 -5.35 -19.48
C LEU A 15 -5.31 -4.53 -19.05
N PHE A 16 -4.13 -4.97 -19.47
CA PHE A 16 -2.90 -4.27 -19.14
C PHE A 16 -2.85 -2.92 -19.85
N LYS A 17 -3.10 -2.97 -21.15
CA LYS A 17 -3.10 -1.77 -21.96
C LYS A 17 -4.37 -1.00 -21.68
N MET A 18 -5.29 -1.67 -21.02
CA MET A 18 -6.55 -1.07 -20.63
C MET A 18 -6.27 0.02 -19.61
N ILE A 19 -5.20 -0.15 -18.85
CA ILE A 19 -4.81 0.84 -17.85
C ILE A 19 -4.05 2.00 -18.49
N ASP A 20 -2.98 1.70 -19.22
CA ASP A 20 -2.18 2.72 -19.88
C ASP A 20 -2.79 3.12 -21.20
N THR A 21 -3.99 3.67 -21.10
CA THR A 21 -4.74 4.09 -22.27
C THR A 21 -4.31 5.47 -22.77
N ASP A 22 -3.50 6.18 -21.98
CA ASP A 22 -3.07 7.51 -22.37
C ASP A 22 -1.59 7.79 -22.06
N ASN A 23 -0.95 6.92 -21.28
CA ASN A 23 0.45 7.14 -20.94
C ASN A 23 1.36 6.87 -22.14
N SER A 24 1.67 5.60 -22.37
CA SER A 24 2.52 5.21 -23.48
C SER A 24 2.62 3.69 -23.58
N GLY A 25 1.85 3.00 -22.74
CA GLY A 25 1.87 1.57 -22.69
C GLY A 25 2.50 1.06 -21.41
N THR A 26 2.49 1.94 -20.40
CA THR A 26 3.04 1.62 -19.09
C THR A 26 2.13 2.19 -18.01
N ILE A 27 2.12 1.52 -16.86
CA ILE A 27 1.27 1.92 -15.76
C ILE A 27 2.03 2.62 -14.65
N THR A 28 1.90 3.92 -14.57
CA THR A 28 2.58 4.67 -13.53
C THR A 28 1.60 5.09 -12.46
N PHE A 29 2.12 5.46 -11.29
CA PHE A 29 1.29 5.87 -10.16
C PHE A 29 0.02 6.62 -10.60
N ASP A 30 0.14 7.41 -11.66
CA ASP A 30 -1.00 8.16 -12.18
C ASP A 30 -1.92 7.24 -12.99
N GLU A 31 -1.34 6.35 -13.79
CA GLU A 31 -2.11 5.41 -14.60
C GLU A 31 -2.64 4.27 -13.77
N LEU A 32 -1.90 3.92 -12.72
CA LEU A 32 -2.27 2.83 -11.83
C LEU A 32 -3.76 2.87 -11.57
N LYS A 33 -4.21 4.06 -11.22
CA LYS A 33 -5.61 4.33 -10.93
C LYS A 33 -6.40 4.63 -12.20
N ASP A 34 -5.73 5.22 -13.19
CA ASP A 34 -6.37 5.58 -14.44
C ASP A 34 -7.22 4.42 -14.98
N GLY A 35 -6.65 3.22 -14.97
CA GLY A 35 -7.37 2.06 -15.47
C GLY A 35 -8.61 1.74 -14.67
N LEU A 36 -8.54 1.93 -13.35
CA LEU A 36 -9.67 1.65 -12.48
C LEU A 36 -10.78 2.68 -12.64
N LYS A 37 -10.45 3.95 -12.42
CA LYS A 37 -11.43 5.02 -12.56
C LYS A 37 -11.99 5.03 -13.94
N ARG A 38 -11.21 4.55 -14.88
CA ARG A 38 -11.62 4.55 -16.24
C ARG A 38 -12.91 3.76 -16.40
N VAL A 39 -12.92 2.55 -15.85
CA VAL A 39 -14.08 1.67 -15.93
C VAL A 39 -15.17 2.09 -14.93
N GLY A 40 -14.80 2.95 -13.98
CA GLY A 40 -15.74 3.42 -12.99
C GLY A 40 -15.32 3.11 -11.57
N SER A 41 -14.40 2.16 -11.41
CA SER A 41 -13.91 1.78 -10.09
C SER A 41 -13.34 2.98 -9.35
N GLU A 42 -13.35 2.93 -8.02
CA GLU A 42 -12.83 4.04 -7.22
C GLU A 42 -11.88 3.56 -6.13
N LEU A 43 -10.59 3.77 -6.36
CA LEU A 43 -9.54 3.38 -5.44
C LEU A 43 -8.79 4.61 -4.93
N MET A 44 -7.98 4.43 -3.89
CA MET A 44 -7.20 5.53 -3.31
C MET A 44 -5.72 5.36 -3.63
N GLU A 45 -4.94 6.43 -3.44
CA GLU A 45 -3.51 6.40 -3.71
C GLU A 45 -2.82 5.21 -3.05
N SER A 46 -2.95 5.06 -1.74
CA SER A 46 -2.31 3.95 -1.04
C SER A 46 -2.54 2.61 -1.73
N GLU A 47 -3.62 2.50 -2.51
CA GLU A 47 -3.89 1.26 -3.23
C GLU A 47 -2.89 1.12 -4.35
N ILE A 48 -2.55 2.25 -4.95
CA ILE A 48 -1.58 2.32 -6.03
C ILE A 48 -0.19 1.93 -5.53
N LYS A 49 0.29 2.72 -4.57
CA LYS A 49 1.60 2.49 -3.99
C LYS A 49 1.71 1.08 -3.46
N ASP A 50 0.58 0.53 -3.02
CA ASP A 50 0.54 -0.82 -2.49
C ASP A 50 0.72 -1.83 -3.61
N LEU A 51 0.02 -1.60 -4.71
CA LEU A 51 0.11 -2.48 -5.87
C LEU A 51 1.50 -2.41 -6.49
N MET A 52 2.25 -1.36 -6.14
CA MET A 52 3.59 -1.17 -6.66
C MET A 52 4.65 -1.93 -5.86
N ASP A 53 4.77 -1.61 -4.59
CA ASP A 53 5.78 -2.26 -3.75
C ASP A 53 5.37 -3.67 -3.36
N ALA A 54 4.09 -3.86 -3.06
CA ALA A 54 3.59 -5.16 -2.65
C ALA A 54 3.28 -6.08 -3.84
N ALA A 55 3.12 -5.52 -5.04
CA ALA A 55 2.80 -6.35 -6.20
C ALA A 55 3.73 -6.14 -7.39
N ASP A 56 4.06 -4.89 -7.71
CA ASP A 56 4.92 -4.62 -8.85
C ASP A 56 6.28 -5.27 -8.64
N ILE A 57 6.52 -6.35 -9.40
CA ILE A 57 7.75 -7.11 -9.32
C ILE A 57 8.98 -6.21 -9.39
N ASP A 58 8.80 -5.06 -10.00
CA ASP A 58 9.90 -4.11 -10.18
C ASP A 58 9.51 -2.70 -9.74
N LYS A 59 8.85 -2.60 -8.58
CA LYS A 59 8.37 -1.32 -8.07
C LYS A 59 9.27 -0.16 -8.45
N SER A 60 8.93 0.46 -9.57
CA SER A 60 9.65 1.61 -10.09
C SER A 60 8.64 2.73 -10.36
N GLY A 61 7.42 2.51 -9.88
CA GLY A 61 6.35 3.47 -10.09
C GLY A 61 5.73 3.33 -11.46
N THR A 62 5.97 2.19 -12.09
CA THR A 62 5.45 1.90 -13.41
C THR A 62 5.30 0.39 -13.61
N ILE A 63 4.11 -0.06 -14.02
CA ILE A 63 3.87 -1.47 -14.23
C ILE A 63 3.77 -1.81 -15.71
N ASP A 64 4.47 -2.86 -16.11
CA ASP A 64 4.46 -3.31 -17.49
C ASP A 64 3.63 -4.58 -17.62
N TYR A 65 3.32 -4.96 -18.87
CA TYR A 65 2.52 -6.15 -19.15
C TYR A 65 2.80 -7.27 -18.14
N GLY A 66 4.07 -7.57 -17.91
CA GLY A 66 4.42 -8.61 -16.98
C GLY A 66 4.03 -8.29 -15.55
N GLU A 67 4.65 -7.24 -15.00
CA GLU A 67 4.36 -6.82 -13.65
C GLU A 67 2.86 -6.67 -13.42
N PHE A 68 2.13 -6.40 -14.51
CA PHE A 68 0.69 -6.25 -14.44
C PHE A 68 0.03 -7.52 -13.98
N ILE A 69 0.22 -8.57 -14.76
CA ILE A 69 -0.37 -9.87 -14.49
C ILE A 69 0.00 -10.37 -13.09
N ALA A 70 1.28 -10.34 -12.77
CA ALA A 70 1.74 -10.80 -11.45
C ALA A 70 1.16 -9.94 -10.34
N ALA A 71 0.58 -8.81 -10.71
CA ALA A 71 -0.02 -7.90 -9.75
C ALA A 71 -1.52 -8.15 -9.59
N THR A 72 -2.23 -8.13 -10.71
CA THR A 72 -3.67 -8.34 -10.70
C THR A 72 -4.06 -9.71 -10.14
N VAL A 73 -3.41 -10.76 -10.62
CA VAL A 73 -3.70 -12.12 -10.18
C VAL A 73 -3.69 -12.25 -8.66
N HIS A 74 -2.88 -11.43 -8.01
CA HIS A 74 -2.79 -11.45 -6.55
C HIS A 74 -4.06 -10.84 -5.96
N LEU A 75 -4.51 -9.77 -6.59
CA LEU A 75 -5.73 -9.10 -6.18
C LEU A 75 -6.91 -9.71 -6.91
N ASN A 76 -6.62 -10.75 -7.69
CA ASN A 76 -7.63 -11.44 -8.47
C ASN A 76 -8.16 -12.64 -7.71
N LYS A 77 -8.99 -12.38 -6.71
CA LYS A 77 -9.59 -13.44 -5.91
C LYS A 77 -11.00 -13.03 -5.52
N LEU A 78 -11.17 -11.75 -5.18
CA LEU A 78 -12.46 -11.20 -4.81
C LEU A 78 -12.78 -9.99 -5.68
N GLU A 79 -13.71 -10.15 -6.60
CA GLU A 79 -14.12 -9.09 -7.51
C GLU A 79 -14.29 -7.76 -6.78
N ARG A 80 -14.76 -7.84 -5.54
CA ARG A 80 -14.97 -6.65 -4.73
C ARG A 80 -13.78 -6.40 -3.81
N GLU A 81 -12.93 -5.45 -4.20
CA GLU A 81 -11.75 -5.12 -3.42
C GLU A 81 -11.95 -3.84 -2.61
N GLU A 82 -13.18 -3.59 -2.20
CA GLU A 82 -13.51 -2.40 -1.42
C GLU A 82 -12.99 -2.53 0.01
N ASN A 83 -11.80 -1.99 0.25
CA ASN A 83 -11.21 -2.05 1.58
C ASN A 83 -10.15 -0.97 1.78
N LEU A 84 -10.31 -0.17 2.83
CA LEU A 84 -9.39 0.91 3.14
C LEU A 84 -8.09 0.35 3.73
N VAL A 85 -8.16 -0.90 4.18
CA VAL A 85 -7.01 -1.57 4.79
C VAL A 85 -5.74 -1.41 3.97
N SER A 86 -5.88 -1.06 2.69
CA SER A 86 -4.73 -0.89 1.79
C SER A 86 -3.52 -0.32 2.53
N ALA A 87 -3.62 0.92 3.01
CA ALA A 87 -2.53 1.54 3.74
C ALA A 87 -2.42 0.92 5.12
N PHE A 88 -3.57 0.63 5.71
CA PHE A 88 -3.63 0.02 7.04
C PHE A 88 -2.61 -1.10 7.16
N SER A 89 -2.21 -1.66 6.02
CA SER A 89 -1.24 -2.74 6.00
C SER A 89 0.18 -2.17 5.93
N TYR A 90 0.37 -1.16 5.08
CA TYR A 90 1.67 -0.53 4.93
C TYR A 90 1.86 0.50 6.05
N PHE A 91 1.02 1.52 6.07
CA PHE A 91 1.06 2.56 7.09
C PHE A 91 0.99 1.90 8.47
N ASP A 92 -0.12 1.21 8.75
CA ASP A 92 -0.26 0.48 10.02
C ASP A 92 0.51 -0.83 9.89
N LYS A 93 1.76 -0.69 9.44
CA LYS A 93 2.65 -1.82 9.20
C LYS A 93 2.47 -2.93 10.21
N ASP A 94 2.68 -2.63 11.49
CA ASP A 94 2.53 -3.65 12.52
C ASP A 94 1.06 -3.75 12.92
N GLY A 95 0.31 -2.69 12.64
CA GLY A 95 -1.08 -2.66 12.94
C GLY A 95 -1.39 -3.17 14.32
N SER A 96 -1.30 -2.25 15.25
CA SER A 96 -1.65 -2.50 16.63
C SER A 96 -3.02 -1.89 16.77
N GLY A 97 -3.31 -1.09 15.74
CA GLY A 97 -4.56 -0.39 15.60
C GLY A 97 -4.32 1.09 15.45
N TYR A 98 -3.06 1.47 15.56
CA TYR A 98 -2.63 2.86 15.42
C TYR A 98 -1.23 2.92 14.83
N ILE A 99 -0.85 4.13 14.38
CA ILE A 99 0.45 4.37 13.76
C ILE A 99 1.10 5.59 14.36
N THR A 100 2.09 5.39 15.21
CA THR A 100 2.78 6.51 15.83
C THR A 100 3.66 7.19 14.78
N LEU A 101 3.80 8.51 14.90
CA LEU A 101 4.58 9.30 13.95
C LEU A 101 5.79 8.53 13.41
N ASP A 102 6.33 7.62 14.21
CA ASP A 102 7.47 6.82 13.76
C ASP A 102 7.11 6.06 12.49
N GLU A 103 6.04 5.27 12.55
CA GLU A 103 5.59 4.50 11.39
C GLU A 103 5.01 5.41 10.32
N ILE A 104 4.41 6.53 10.74
CA ILE A 104 3.83 7.48 9.80
C ILE A 104 4.91 8.06 8.90
N GLN A 105 5.99 8.53 9.52
CA GLN A 105 7.09 9.12 8.80
C GLN A 105 7.91 8.08 8.03
N GLN A 106 8.30 6.99 8.70
CA GLN A 106 9.07 5.93 8.05
C GLN A 106 8.35 5.40 6.81
N ALA A 107 7.04 5.23 6.93
CA ALA A 107 6.22 4.74 5.82
C ALA A 107 6.24 5.70 4.64
N CYS A 108 6.91 6.84 4.83
CA CYS A 108 7.00 7.85 3.79
C CYS A 108 8.46 8.10 3.41
N LYS A 109 9.10 7.11 2.80
CA LYS A 109 10.49 7.22 2.41
C LYS A 109 10.63 8.00 1.10
N ASP A 110 9.67 7.80 0.19
CA ASP A 110 9.70 8.49 -1.09
C ASP A 110 8.97 9.82 -1.01
N PHE A 111 8.37 10.10 0.15
CA PHE A 111 7.65 11.35 0.36
C PHE A 111 8.61 12.46 0.78
N GLY A 112 9.91 12.16 0.77
CA GLY A 112 10.89 13.15 1.17
C GLY A 112 11.04 13.21 2.67
N LEU A 113 10.97 12.05 3.33
CA LEU A 113 11.08 11.96 4.79
C LEU A 113 12.04 13.01 5.34
N ASP A 114 11.45 14.04 5.95
CA ASP A 114 12.23 15.13 6.52
C ASP A 114 11.40 15.90 7.55
N ASP A 115 12.09 16.57 8.47
CA ASP A 115 11.44 17.34 9.52
C ASP A 115 10.64 18.52 8.95
N ILE A 116 10.78 18.78 7.66
CA ILE A 116 10.07 19.88 7.03
C ILE A 116 8.62 19.52 6.71
N HIS A 117 8.43 18.56 5.81
CA HIS A 117 7.10 18.12 5.41
C HIS A 117 6.58 16.96 6.24
N ILE A 118 7.20 15.80 6.08
CA ILE A 118 6.79 14.59 6.78
C ILE A 118 6.59 14.84 8.28
N ASP A 119 7.18 15.91 8.79
CA ASP A 119 7.03 16.25 10.20
C ASP A 119 5.68 16.91 10.44
N ASP A 120 5.44 18.01 9.74
CA ASP A 120 4.16 18.70 9.84
C ASP A 120 3.07 17.72 9.39
N MET A 121 3.54 16.67 8.70
CA MET A 121 2.70 15.62 8.20
C MET A 121 2.05 14.87 9.37
N ILE A 122 2.86 14.62 10.38
CA ILE A 122 2.40 13.97 11.60
C ILE A 122 1.24 14.77 12.13
N LYS A 123 1.45 16.07 12.22
CA LYS A 123 0.43 16.97 12.68
C LYS A 123 -0.58 17.20 11.55
N GLU A 124 -0.20 16.78 10.34
CA GLU A 124 -1.05 16.94 9.16
C GLU A 124 -2.06 15.81 9.05
N ILE A 125 -1.72 14.67 9.64
CA ILE A 125 -2.58 13.50 9.61
C ILE A 125 -3.18 13.30 10.98
N ASP A 126 -2.58 13.98 11.95
CA ASP A 126 -3.00 13.91 13.34
C ASP A 126 -4.25 14.76 13.59
N GLN A 127 -5.41 14.20 13.29
CA GLN A 127 -6.65 14.91 13.49
C GLN A 127 -7.21 14.67 14.90
N ASP A 128 -6.62 13.73 15.67
CA ASP A 128 -7.16 13.47 17.01
C ASP A 128 -6.19 13.79 18.15
N ASN A 129 -4.87 13.58 18.00
CA ASN A 129 -3.95 13.91 19.10
C ASN A 129 -2.44 13.65 18.88
N ASP A 130 -2.05 12.40 19.11
CA ASP A 130 -0.65 11.93 19.12
C ASP A 130 0.14 11.95 17.80
N GLY A 131 -0.28 12.66 16.75
CA GLY A 131 0.53 12.61 15.55
C GLY A 131 0.70 11.18 15.12
N GLN A 132 -0.38 10.45 15.27
CA GLN A 132 -0.44 9.05 14.95
C GLN A 132 -1.69 8.78 14.19
N ILE A 133 -1.78 7.60 13.61
CA ILE A 133 -2.93 7.26 12.85
C ILE A 133 -3.50 5.92 13.28
N ASP A 134 -4.76 5.96 13.61
CA ASP A 134 -5.49 4.79 14.07
C ASP A 134 -6.39 4.24 12.98
N TYR A 135 -6.65 2.94 13.01
CA TYR A 135 -7.51 2.31 12.04
C TYR A 135 -8.73 3.19 11.74
N GLY A 136 -9.30 3.77 12.78
CA GLY A 136 -10.44 4.65 12.60
C GLY A 136 -9.98 6.04 12.23
N GLU A 137 -8.79 6.40 12.69
CA GLU A 137 -8.20 7.70 12.39
C GLU A 137 -7.84 7.76 10.92
N PHE A 138 -6.97 6.85 10.46
CA PHE A 138 -6.59 6.81 9.05
C PHE A 138 -7.84 6.82 8.19
N ALA A 139 -8.96 6.47 8.80
CA ALA A 139 -10.23 6.42 8.11
C ALA A 139 -10.81 7.83 7.94
N ALA A 140 -10.67 8.65 8.98
CA ALA A 140 -11.15 10.03 8.95
C ALA A 140 -10.08 10.99 8.42
N MET A 141 -8.83 10.52 8.34
CA MET A 141 -7.74 11.36 7.88
C MET A 141 -8.03 11.96 6.51
N MET A 142 -8.84 11.25 5.71
CA MET A 142 -9.21 11.72 4.39
C MET A 142 -10.62 12.30 4.41
N ARG A 143 -11.39 11.91 5.42
CA ARG A 143 -12.75 12.39 5.59
C ARG A 143 -13.08 12.56 7.07
N LYS A 144 -12.51 13.60 7.68
CA LYS A 144 -12.72 13.86 9.10
C LYS A 144 -13.94 14.75 9.32
N ARG A 145 -13.74 16.07 9.24
CA ARG A 145 -14.83 17.00 9.44
C ARG A 145 -15.72 17.08 8.20
N LYS A 146 -15.69 16.01 7.40
CA LYS A 146 -16.49 15.96 6.18
C LYS A 146 -17.98 16.12 6.51
N GLY A 147 -18.65 15.01 6.81
CA GLY A 147 -20.06 15.05 7.14
C GLY A 147 -20.35 15.95 8.33
N ASN A 148 -19.78 15.62 9.47
CA ASN A 148 -19.98 16.42 10.69
C ASN A 148 -18.64 16.69 11.36
N GLY A 149 -18.22 17.96 11.33
CA GLY A 149 -16.96 18.34 11.93
C GLY A 149 -16.90 18.06 13.42
N GLY A 150 -18.06 17.97 14.05
CA GLY A 150 -18.13 17.72 15.48
C GLY A 150 -17.23 16.58 15.94
N ILE A 151 -16.92 15.65 15.03
CA ILE A 151 -16.07 14.51 15.37
C ILE A 151 -14.80 14.50 14.51
N GLY A 152 -14.73 13.53 13.60
CA GLY A 152 -13.57 13.41 12.73
C GLY A 152 -12.79 12.16 13.06
N ARG A 153 -11.48 12.29 13.28
CA ARG A 153 -10.67 11.14 13.62
C ARG A 153 -10.61 10.99 15.14
N ARG A 154 -10.85 9.77 15.59
CA ARG A 154 -10.85 9.46 17.02
C ARG A 154 -10.01 8.22 17.28
N THR A 155 -9.40 8.14 18.46
CA THR A 155 -8.58 7.00 18.83
C THR A 155 -9.30 5.68 18.53
N MET A 156 -10.62 5.77 18.34
CA MET A 156 -11.42 4.59 18.03
C MET A 156 -12.76 4.98 17.40
N ARG A 157 -12.81 5.00 16.07
CA ARG A 157 -14.03 5.33 15.34
C ARG A 157 -14.66 4.09 14.72
N LYS A 158 -15.99 4.01 14.79
CA LYS A 158 -16.72 2.87 14.24
C LYS A 158 -16.99 3.05 12.75
N THR A 159 -17.65 2.07 12.15
CA THR A 159 -17.98 2.13 10.72
C THR A 159 -19.36 2.74 10.52
N LEU A 160 -19.57 3.34 9.35
CA LEU A 160 -20.85 3.97 9.03
C LEU A 160 -21.35 3.55 7.65
N ASN A 161 -22.42 4.21 7.19
CA ASN A 161 -22.99 3.91 5.88
C ASN A 161 -22.11 4.47 4.76
N LEU A 162 -22.37 4.03 3.53
CA LEU A 162 -21.61 4.49 2.37
C LEU A 162 -22.26 5.72 1.76
N ARG A 163 -21.56 6.31 0.79
CA ARG A 163 -22.07 7.51 0.11
C ARG A 163 -22.13 7.29 -1.40
N ASP A 164 -22.98 8.06 -2.07
CA ASP A 164 -23.12 7.95 -3.52
C ASP A 164 -22.49 9.16 -4.21
N ALA A 165 -21.34 8.94 -4.85
CA ALA A 165 -20.63 9.99 -5.55
C ALA A 165 -21.53 10.68 -6.58
N LEU A 166 -21.15 11.91 -6.94
CA LEU A 166 -21.92 12.68 -7.92
C LEU A 166 -21.10 12.91 -9.19
N GLY A 167 -19.94 12.30 -9.25
CA GLY A 167 -19.07 12.44 -10.41
C GLY A 167 -19.07 11.21 -11.28
N LEU A 168 -19.69 11.32 -12.45
CA LEU A 168 -19.76 10.21 -13.40
C LEU A 168 -18.77 10.40 -14.54
N VAL A 169 -18.02 9.34 -14.84
CA VAL A 169 -17.03 9.39 -15.92
C VAL A 169 -17.71 9.53 -17.28
N ASP A 170 -16.99 10.10 -18.24
CA ASP A 170 -17.53 10.30 -19.58
C ASP A 170 -16.40 10.54 -20.58
N ASN A 171 -16.47 9.86 -21.73
CA ASN A 171 -15.46 10.00 -22.77
C ASN A 171 -16.01 10.74 -23.98
N GLY A 172 -17.32 10.92 -24.02
CA GLY A 172 -17.95 11.60 -25.14
C GLY A 172 -17.89 10.80 -26.43
N SER A 173 -17.42 11.43 -27.49
CA SER A 173 -17.32 10.76 -28.79
C SER A 173 -15.92 10.92 -29.38
N ASN A 174 -15.53 9.96 -30.22
CA ASN A 174 -14.21 9.98 -30.84
C ASN A 174 -14.23 9.19 -32.15
N GLN A 175 -13.57 9.73 -33.17
CA GLN A 175 -13.50 9.08 -34.47
C GLN A 175 -12.52 7.91 -34.45
N VAL A 176 -13.01 6.73 -34.76
CA VAL A 176 -12.18 5.53 -34.79
C VAL A 176 -11.91 5.07 -36.22
N ILE A 177 -10.63 5.04 -36.60
CA ILE A 177 -10.24 4.61 -37.93
C ILE A 177 -9.96 3.12 -37.97
N GLU A 178 -10.65 2.43 -38.88
CA GLU A 178 -10.48 0.98 -39.02
C GLU A 178 -9.33 0.66 -39.98
N GLY A 179 -8.40 -0.17 -39.51
CA GLY A 179 -7.26 -0.54 -40.32
C GLY A 179 -6.59 -1.82 -39.85
N TYR A 180 -5.86 -2.47 -40.75
CA TYR A 180 -5.16 -3.71 -40.41
C TYR A 180 -4.17 -3.50 -39.28
N PHE A 181 -3.72 -2.26 -39.11
CA PHE A 181 -2.76 -1.93 -38.05
C PHE A 181 -3.31 -0.84 -37.14
N LYS A 182 -3.80 -1.25 -35.98
CA LYS A 182 -4.37 -0.30 -35.01
C LYS A 182 -3.31 0.71 -34.57
CA CA B . -0.77 4.68 -19.14
CA CA C . 8.80 -1.37 -13.74
CA CA D . 0.93 0.33 14.90
CA CA E . -3.42 10.21 16.92
#